data_4MY9
#
_entry.id   4MY9
#
_cell.length_a   84.930
_cell.length_b   89.883
_cell.length_c   104.621
_cell.angle_alpha   98.70
_cell.angle_beta   90.32
_cell.angle_gamma   96.46
#
_symmetry.space_group_name_H-M   'P 1'
#
loop_
_entity.id
_entity.type
_entity.pdbx_description
1 polymer "Inosine-5'-monophosphate dehydrogenase"
2 non-polymer 'INOSINIC ACID'
3 non-polymer N-(naphthalen-2-yl)-2-[2-(pyridin-2-yl)-1H-benzimidazol-1-yl]acetamide
4 non-polymer 'MALONATE ION'
5 water water
#
_entity_poly.entity_id   1
_entity_poly.type   'polypeptide(L)'
_entity_poly.pdbx_seq_one_letter_code
;MHHHHHHSSGVDLGTENLYFQSNAMWESKFVKEGLTFDDVLLVPAKSDVLPREVSVKTVLSESLQLNIPLISAGMDTVTE
ADMAIAMARQGGLGIIHKNMSIEQQAEQVDKVKRSGGLLVGAAVGVTADAMTRIDALVKASVDAIVLDTAHGHSQGVIDK
VKEVRAKYPSLNIIAGNVATAEATKALIEAGANVVKVGIGPGSICTTRVVAGVGVPQLTAVYDCATEARKHGIPVIADGG
IKYSGDMVKALAAGAHVVMLGSMFAGVAESPGETEIYQGRQFKVYRGMGSVGAMEKGSKDRYFQEGNKKLVPEGIEGRVP
YKGPLADTVHQLVGGLRAGMGYCGAQDLEFLRENAQFIRMSGAGLLESHPHHVQITKEAPNYSL
;
_entity_poly.pdbx_strand_id   A,B,C,D,E,F,G,H
#
loop_
_chem_comp.id
_chem_comp.type
_chem_comp.name
_chem_comp.formula
C91 non-polymer N-(naphthalen-2-yl)-2-[2-(pyridin-2-yl)-1H-benzimidazol-1-yl]acetamide 'C24 H18 N4 O'
IMP non-polymer 'INOSINIC ACID' 'C10 H13 N4 O8 P'
MLI non-polymer 'MALONATE ION' 'C3 H2 O4 -2'
#
# COMPACT_ATOMS: atom_id res chain seq x y z
N SER A 22 -45.50 -39.83 21.93
CA SER A 22 -45.64 -38.41 22.22
C SER A 22 -45.05 -37.55 21.10
N ASN A 23 -45.67 -36.40 20.86
CA ASN A 23 -45.25 -35.50 19.79
C ASN A 23 -44.57 -34.25 20.36
N ALA A 24 -44.22 -34.31 21.64
CA ALA A 24 -43.69 -33.14 22.36
C ALA A 24 -42.37 -32.65 21.80
N MET A 25 -41.40 -33.56 21.65
CA MET A 25 -40.08 -33.20 21.16
C MET A 25 -40.12 -32.63 19.75
N TRP A 26 -41.11 -33.05 18.97
CA TRP A 26 -41.28 -32.55 17.61
C TRP A 26 -41.80 -31.12 17.62
N GLU A 27 -42.72 -30.84 18.53
CA GLU A 27 -43.41 -29.56 18.58
C GLU A 27 -42.62 -28.47 19.30
N SER A 28 -41.60 -28.86 20.06
CA SER A 28 -40.81 -27.90 20.81
C SER A 28 -39.49 -27.56 20.13
N LYS A 29 -39.30 -28.09 18.91
CA LYS A 29 -38.06 -27.90 18.16
C LYS A 29 -37.61 -26.45 18.04
N PHE A 30 -38.54 -25.56 17.70
CA PHE A 30 -38.20 -24.17 17.44
C PHE A 30 -38.74 -23.19 18.48
N VAL A 31 -38.98 -23.66 19.70
CA VAL A 31 -39.56 -22.82 20.74
C VAL A 31 -38.57 -21.80 21.32
N LYS A 32 -37.38 -22.25 21.70
CA LYS A 32 -36.39 -21.42 22.38
C LYS A 32 -35.85 -20.23 21.56
N GLU A 33 -35.48 -19.15 22.27
CA GLU A 33 -34.85 -17.99 21.67
C GLU A 33 -33.57 -17.61 22.43
N GLY A 34 -32.58 -17.10 21.72
CA GLY A 34 -31.29 -16.81 22.32
C GLY A 34 -30.80 -15.39 22.12
N LEU A 35 -30.03 -14.90 23.09
CA LEU A 35 -29.51 -13.53 23.04
C LEU A 35 -27.99 -13.54 23.19
N THR A 36 -27.31 -12.69 22.43
CA THR A 36 -25.88 -12.48 22.61
C THR A 36 -25.66 -11.06 23.09
N PHE A 37 -24.39 -10.73 23.37
CA PHE A 37 -24.02 -9.41 23.87
C PHE A 37 -24.58 -8.25 23.03
N ASP A 38 -24.48 -8.37 21.72
CA ASP A 38 -24.85 -7.28 20.82
C ASP A 38 -26.36 -7.18 20.63
N ASP A 39 -27.10 -7.97 21.39
CA ASP A 39 -28.56 -7.92 21.38
C ASP A 39 -29.12 -7.07 22.52
N VAL A 40 -28.27 -6.74 23.49
CA VAL A 40 -28.74 -6.10 24.70
C VAL A 40 -27.89 -4.92 25.16
N LEU A 41 -28.47 -4.16 26.08
CA LEU A 41 -27.75 -3.12 26.82
C LEU A 41 -28.12 -3.25 28.28
N LEU A 42 -27.19 -2.87 29.14
CA LEU A 42 -27.46 -2.83 30.58
C LEU A 42 -28.11 -1.49 30.92
N VAL A 43 -29.20 -1.57 31.68
CA VAL A 43 -29.99 -0.37 32.01
C VAL A 43 -29.40 0.39 33.19
N PRO A 44 -29.12 1.69 33.00
CA PRO A 44 -28.59 2.54 34.06
C PRO A 44 -29.55 2.60 35.25
N ALA A 45 -29.00 2.56 36.47
CA ALA A 45 -29.81 2.59 37.67
C ALA A 45 -29.22 3.55 38.71
N LYS A 46 -29.98 3.79 39.78
CA LYS A 46 -29.52 4.64 40.88
C LYS A 46 -28.16 4.18 41.40
N SER A 47 -27.23 5.10 41.55
CA SER A 47 -25.88 4.76 41.95
C SER A 47 -25.34 5.64 43.07
N ASP A 48 -25.02 5.02 44.19
CA ASP A 48 -24.42 5.73 45.31
C ASP A 48 -22.91 5.56 45.28
N VAL A 49 -22.41 4.98 44.19
CA VAL A 49 -20.99 4.62 44.14
C VAL A 49 -20.30 5.16 42.88
N LEU A 50 -19.03 5.51 43.02
CA LEU A 50 -18.21 5.95 41.89
C LEU A 50 -17.40 4.76 41.36
N PRO A 51 -17.07 4.78 40.07
CA PRO A 51 -16.28 3.70 39.45
C PRO A 51 -14.99 3.36 40.23
N ARG A 52 -14.34 4.36 40.79
CA ARG A 52 -13.10 4.12 41.53
C ARG A 52 -13.34 3.46 42.88
N GLU A 53 -14.60 3.42 43.31
CA GLU A 53 -14.93 2.91 44.63
C GLU A 53 -15.44 1.46 44.63
N VAL A 54 -15.97 1.00 43.51
CA VAL A 54 -16.51 -0.35 43.45
C VAL A 54 -15.43 -1.41 43.66
N SER A 55 -15.85 -2.60 44.07
CA SER A 55 -14.93 -3.71 44.27
C SER A 55 -15.13 -4.75 43.17
N VAL A 56 -14.05 -5.08 42.47
CA VAL A 56 -14.14 -6.05 41.38
C VAL A 56 -13.59 -7.42 41.80
N LYS A 57 -13.33 -7.57 43.09
CA LYS A 57 -12.83 -8.85 43.61
C LYS A 57 -13.91 -9.92 43.49
N THR A 58 -13.49 -11.18 43.43
CA THR A 58 -14.43 -12.28 43.26
C THR A 58 -13.93 -13.62 43.81
N VAL A 59 -14.86 -14.42 44.30
CA VAL A 59 -14.54 -15.69 44.93
C VAL A 59 -15.11 -16.86 44.13
N LEU A 60 -14.25 -17.77 43.70
CA LEU A 60 -14.69 -18.98 43.02
C LEU A 60 -14.76 -20.14 44.00
N SER A 61 -13.88 -20.10 45.01
CA SER A 61 -13.86 -21.05 46.10
C SER A 61 -12.97 -20.46 47.17
N GLU A 62 -13.00 -21.04 48.37
CA GLU A 62 -12.22 -20.52 49.50
C GLU A 62 -10.72 -20.48 49.20
N SER A 63 -10.25 -21.42 48.40
CA SER A 63 -8.83 -21.50 48.08
C SER A 63 -8.49 -20.81 46.77
N LEU A 64 -9.49 -20.22 46.12
CA LEU A 64 -9.28 -19.59 44.82
C LEU A 64 -10.02 -18.26 44.70
N GLN A 65 -9.38 -17.19 45.17
CA GLN A 65 -9.97 -15.86 45.15
C GLN A 65 -9.17 -14.92 44.26
N LEU A 66 -9.87 -14.19 43.40
CA LEU A 66 -9.23 -13.32 42.42
C LEU A 66 -9.57 -11.85 42.65
N ASN A 67 -8.59 -10.98 42.48
CA ASN A 67 -8.81 -9.55 42.63
C ASN A 67 -9.54 -8.93 41.43
N ILE A 68 -9.39 -9.56 40.28
CA ILE A 68 -10.12 -9.15 39.07
C ILE A 68 -10.77 -10.37 38.43
N PRO A 69 -11.97 -10.19 37.87
CA PRO A 69 -12.73 -11.32 37.30
C PRO A 69 -12.25 -11.72 35.91
N LEU A 70 -10.97 -12.01 35.78
CA LEU A 70 -10.38 -12.32 34.47
C LEU A 70 -9.53 -13.59 34.50
N ILE A 71 -9.78 -14.46 33.52
CA ILE A 71 -8.95 -15.65 33.34
C ILE A 71 -8.50 -15.73 31.89
N SER A 72 -7.21 -15.98 31.67
CA SER A 72 -6.69 -16.16 30.32
C SER A 72 -6.91 -17.60 29.84
N ALA A 73 -7.42 -17.74 28.62
CA ALA A 73 -7.80 -19.04 28.07
C ALA A 73 -6.65 -20.04 28.01
N GLY A 74 -6.99 -21.31 28.21
CA GLY A 74 -6.01 -22.38 28.14
C GLY A 74 -5.77 -22.81 26.71
N MET A 75 -5.08 -21.95 25.96
CA MET A 75 -4.81 -22.19 24.55
C MET A 75 -3.32 -22.04 24.29
N ASP A 76 -2.80 -22.76 23.30
CA ASP A 76 -1.35 -22.76 23.06
C ASP A 76 -0.82 -21.42 22.53
N THR A 77 -1.72 -20.58 22.04
CA THR A 77 -1.35 -19.25 21.57
C THR A 77 -1.81 -18.18 22.56
N VAL A 78 -2.24 -18.60 23.75
CA VAL A 78 -2.72 -17.64 24.74
C VAL A 78 -1.99 -17.70 26.08
N THR A 79 -1.88 -18.89 26.67
CA THR A 79 -1.36 -18.97 28.04
C THR A 79 -0.26 -20.00 28.28
N GLU A 80 0.92 -19.50 28.60
CA GLU A 80 1.97 -20.33 29.19
C GLU A 80 2.47 -19.63 30.45
N ALA A 81 3.60 -20.09 30.99
CA ALA A 81 4.09 -19.61 32.28
C ALA A 81 4.19 -18.07 32.37
N ASP A 82 4.78 -17.46 31.35
CA ASP A 82 4.94 -16.00 31.33
C ASP A 82 3.59 -15.29 31.39
N MET A 83 2.58 -15.91 30.79
CA MET A 83 1.24 -15.35 30.77
C MET A 83 0.54 -15.56 32.09
N ALA A 84 0.68 -16.76 32.64
CA ALA A 84 0.04 -17.10 33.92
C ALA A 84 0.58 -16.25 35.05
N ILE A 85 1.88 -16.00 35.03
CA ILE A 85 2.51 -15.18 36.05
C ILE A 85 2.02 -13.74 35.97
N ALA A 86 1.96 -13.20 34.76
CA ALA A 86 1.49 -11.83 34.55
C ALA A 86 0.03 -11.66 34.95
N MET A 87 -0.81 -12.63 34.58
CA MET A 87 -2.23 -12.60 34.93
C MET A 87 -2.43 -12.59 36.45
N ALA A 88 -1.72 -13.48 37.12
CA ALA A 88 -1.81 -13.60 38.58
C ALA A 88 -1.41 -12.30 39.28
N ARG A 89 -0.30 -11.71 38.85
CA ARG A 89 0.19 -10.46 39.43
C ARG A 89 -0.82 -9.32 39.24
N GLN A 90 -1.62 -9.42 38.19
CA GLN A 90 -2.67 -8.44 37.94
C GLN A 90 -3.90 -8.71 38.77
N GLY A 91 -3.90 -9.85 39.47
CA GLY A 91 -5.03 -10.23 40.31
C GLY A 91 -5.97 -11.18 39.60
N GLY A 92 -5.52 -11.73 38.48
CA GLY A 92 -6.32 -12.64 37.69
C GLY A 92 -5.78 -14.06 37.74
N LEU A 93 -6.20 -14.88 36.77
CA LEU A 93 -5.76 -16.26 36.71
C LEU A 93 -5.39 -16.67 35.29
N GLY A 94 -4.42 -17.57 35.17
CA GLY A 94 -4.03 -18.10 33.89
C GLY A 94 -4.14 -19.62 33.87
N ILE A 95 -4.61 -20.16 32.76
CA ILE A 95 -4.72 -21.60 32.59
C ILE A 95 -3.69 -22.11 31.60
N ILE A 96 -2.70 -22.86 32.08
CA ILE A 96 -1.68 -23.44 31.21
C ILE A 96 -2.35 -24.45 30.28
N HIS A 97 -2.11 -24.32 28.97
CA HIS A 97 -2.73 -25.22 28.01
C HIS A 97 -2.14 -26.62 28.09
N LYS A 98 -2.81 -27.58 27.44
CA LYS A 98 -2.43 -28.99 27.55
C LYS A 98 -1.66 -29.52 26.34
N ASN A 99 -1.36 -28.65 25.38
CA ASN A 99 -0.58 -29.07 24.21
C ASN A 99 0.91 -29.13 24.51
N MET A 100 1.26 -29.92 25.53
CA MET A 100 2.65 -30.15 25.90
C MET A 100 2.68 -31.43 26.73
N SER A 101 3.87 -32.00 26.91
CA SER A 101 4.00 -33.22 27.70
C SER A 101 3.58 -32.96 29.14
N ILE A 102 3.20 -34.03 29.85
CA ILE A 102 2.82 -33.93 31.25
C ILE A 102 3.95 -33.30 32.07
N GLU A 103 5.17 -33.73 31.81
CA GLU A 103 6.35 -33.20 32.50
C GLU A 103 6.53 -31.71 32.26
N GLN A 104 6.26 -31.27 31.04
CA GLN A 104 6.39 -29.86 30.68
C GLN A 104 5.35 -29.00 31.39
N GLN A 105 4.09 -29.44 31.33
CA GLN A 105 3.00 -28.72 31.97
C GLN A 105 3.19 -28.67 33.48
N ALA A 106 3.66 -29.77 34.05
CA ALA A 106 3.97 -29.81 35.47
C ALA A 106 5.07 -28.81 35.81
N GLU A 107 6.04 -28.67 34.91
CA GLU A 107 7.13 -27.71 35.07
C GLU A 107 6.63 -26.27 35.00
N GLN A 108 5.75 -26.00 34.03
CA GLN A 108 5.17 -24.67 33.85
C GLN A 108 4.42 -24.22 35.10
N VAL A 109 3.68 -25.15 35.70
CA VAL A 109 2.94 -24.87 36.92
C VAL A 109 3.90 -24.55 38.05
N ASP A 110 4.95 -25.35 38.18
CA ASP A 110 5.93 -25.17 39.23
C ASP A 110 6.63 -23.81 39.11
N LYS A 111 6.88 -23.40 37.86
CA LYS A 111 7.51 -22.10 37.61
C LYS A 111 6.64 -20.96 38.09
N VAL A 112 5.36 -21.00 37.76
CA VAL A 112 4.44 -19.94 38.18
C VAL A 112 4.27 -19.97 39.69
N LYS A 113 4.16 -21.17 40.25
CA LYS A 113 3.98 -21.32 41.69
C LYS A 113 5.18 -20.83 42.50
N ARG A 114 6.38 -20.92 41.92
CA ARG A 114 7.59 -20.51 42.61
C ARG A 114 7.93 -19.05 42.35
N SER A 115 7.13 -18.39 41.53
CA SER A 115 7.35 -16.98 41.20
C SER A 115 6.60 -16.04 42.14
N GLY A 116 6.71 -16.31 43.44
CA GLY A 116 6.08 -15.47 44.45
C GLY A 116 4.83 -16.08 45.04
N GLY A 117 4.59 -17.35 44.75
CA GLY A 117 3.40 -18.03 45.23
C GLY A 117 2.14 -17.50 44.60
N LEU A 118 2.01 -17.72 43.29
CA LEU A 118 0.89 -17.18 42.53
C LEU A 118 -0.13 -18.25 42.16
N LEU A 119 -1.38 -17.84 41.98
CA LEU A 119 -2.43 -18.75 41.57
C LEU A 119 -2.24 -19.16 40.11
N VAL A 120 -2.38 -20.46 39.84
CA VAL A 120 -2.21 -20.97 38.49
C VAL A 120 -3.08 -22.20 38.24
N GLY A 121 -3.74 -22.22 37.08
CA GLY A 121 -4.56 -23.34 36.68
C GLY A 121 -3.96 -24.07 35.49
N ALA A 122 -4.42 -25.29 35.26
CA ALA A 122 -3.93 -26.10 34.15
C ALA A 122 -5.05 -26.88 33.48
N ALA A 123 -5.04 -26.90 32.16
CA ALA A 123 -6.07 -27.59 31.40
C ALA A 123 -5.75 -29.07 31.19
N VAL A 124 -6.74 -29.91 31.40
CA VAL A 124 -6.61 -31.35 31.20
C VAL A 124 -7.76 -31.84 30.34
N GLY A 125 -7.46 -32.71 29.38
CA GLY A 125 -8.48 -33.25 28.50
C GLY A 125 -9.05 -34.57 28.98
N VAL A 126 -10.13 -35.01 28.34
CA VAL A 126 -10.76 -36.28 28.69
C VAL A 126 -10.12 -37.43 27.90
N THR A 127 -8.94 -37.84 28.34
CA THR A 127 -8.22 -38.94 27.72
C THR A 127 -7.90 -40.01 28.75
N ALA A 128 -7.33 -41.11 28.31
CA ALA A 128 -6.98 -42.20 29.21
C ALA A 128 -5.91 -41.78 30.20
N ASP A 129 -4.98 -40.93 29.75
CA ASP A 129 -3.87 -40.50 30.58
C ASP A 129 -4.21 -39.27 31.41
N ALA A 130 -5.50 -38.98 31.55
CA ALA A 130 -5.96 -37.82 32.30
C ALA A 130 -5.45 -37.83 33.75
N MET A 131 -5.67 -38.95 34.44
CA MET A 131 -5.28 -39.07 35.84
C MET A 131 -3.78 -38.92 36.06
N THR A 132 -2.99 -39.43 35.12
CA THR A 132 -1.54 -39.32 35.19
C THR A 132 -1.10 -37.86 35.18
N ARG A 133 -1.66 -37.10 34.24
CA ARG A 133 -1.31 -35.68 34.09
C ARG A 133 -1.76 -34.88 35.30
N ILE A 134 -2.95 -35.19 35.81
CA ILE A 134 -3.50 -34.50 36.97
C ILE A 134 -2.65 -34.75 38.23
N ASP A 135 -2.12 -35.96 38.37
CA ASP A 135 -1.25 -36.28 39.49
C ASP A 135 -0.02 -35.39 39.50
N ALA A 136 0.56 -35.16 38.32
CA ALA A 136 1.76 -34.34 38.20
C ALA A 136 1.48 -32.89 38.54
N LEU A 137 0.38 -32.37 37.99
CA LEU A 137 -0.02 -30.99 38.22
C LEU A 137 -0.29 -30.74 39.70
N VAL A 138 -0.96 -31.69 40.36
CA VAL A 138 -1.22 -31.60 41.80
C VAL A 138 0.10 -31.65 42.57
N LYS A 139 1.01 -32.51 42.12
CA LYS A 139 2.34 -32.62 42.70
C LYS A 139 3.10 -31.29 42.56
N ALA A 140 2.81 -30.56 41.49
CA ALA A 140 3.41 -29.26 41.26
C ALA A 140 2.65 -28.15 41.97
N SER A 141 1.68 -28.55 42.79
CA SER A 141 0.86 -27.63 43.58
C SER A 141 -0.01 -26.70 42.73
N VAL A 142 -0.74 -27.27 41.78
CA VAL A 142 -1.65 -26.49 40.96
C VAL A 142 -2.89 -26.16 41.78
N ASP A 143 -3.51 -25.02 41.52
CA ASP A 143 -4.65 -24.57 42.31
C ASP A 143 -5.98 -25.03 41.71
N ALA A 144 -6.08 -24.98 40.39
CA ALA A 144 -7.29 -25.39 39.70
C ALA A 144 -6.97 -26.29 38.50
N ILE A 145 -7.77 -27.34 38.34
CA ILE A 145 -7.69 -28.18 37.15
C ILE A 145 -8.85 -27.83 36.24
N VAL A 146 -8.55 -27.57 34.97
CA VAL A 146 -9.60 -27.30 33.99
C VAL A 146 -9.84 -28.52 33.11
N LEU A 147 -10.90 -29.26 33.42
CA LEU A 147 -11.30 -30.39 32.58
C LEU A 147 -11.97 -29.86 31.32
N ASP A 148 -11.18 -29.72 30.27
CA ASP A 148 -11.62 -29.07 29.04
C ASP A 148 -12.04 -30.08 27.98
N THR A 149 -13.28 -29.96 27.53
CA THR A 149 -13.79 -30.79 26.44
C THR A 149 -14.73 -29.96 25.57
N ALA A 150 -14.95 -30.42 24.34
CA ALA A 150 -15.85 -29.73 23.42
C ALA A 150 -17.28 -29.82 23.93
N HIS A 151 -17.63 -30.98 24.46
CA HIS A 151 -19.00 -31.24 24.90
C HIS A 151 -19.03 -31.60 26.38
N GLY A 152 -19.29 -30.59 27.22
CA GLY A 152 -19.32 -30.79 28.65
C GLY A 152 -20.42 -31.74 29.10
N HIS A 153 -21.49 -31.82 28.32
CA HIS A 153 -22.60 -32.70 28.65
C HIS A 153 -22.40 -34.10 28.10
N SER A 154 -21.15 -34.50 27.90
CA SER A 154 -20.83 -35.85 27.45
C SER A 154 -20.64 -36.75 28.66
N GLN A 155 -20.98 -38.03 28.50
CA GLN A 155 -20.88 -38.97 29.60
C GLN A 155 -19.44 -39.17 30.04
N GLY A 156 -18.52 -39.14 29.09
CA GLY A 156 -17.11 -39.32 29.38
C GLY A 156 -16.59 -38.26 30.34
N VAL A 157 -17.07 -37.03 30.17
CA VAL A 157 -16.65 -35.91 30.99
C VAL A 157 -17.14 -36.09 32.42
N ILE A 158 -18.42 -36.45 32.56
CA ILE A 158 -19.03 -36.66 33.88
C ILE A 158 -18.23 -37.68 34.68
N ASP A 159 -17.90 -38.79 34.05
CA ASP A 159 -17.16 -39.86 34.70
C ASP A 159 -15.78 -39.41 35.14
N LYS A 160 -15.11 -38.66 34.28
CA LYS A 160 -13.76 -38.19 34.58
C LYS A 160 -13.79 -37.21 35.75
N VAL A 161 -14.82 -36.37 35.80
CA VAL A 161 -15.00 -35.46 36.92
C VAL A 161 -15.22 -36.24 38.21
N LYS A 162 -16.03 -37.29 38.13
CA LYS A 162 -16.31 -38.11 39.31
C LYS A 162 -15.06 -38.80 39.83
N GLU A 163 -14.23 -39.31 38.92
CA GLU A 163 -12.98 -39.97 39.30
C GLU A 163 -12.05 -39.01 40.04
N VAL A 164 -11.88 -37.82 39.49
CA VAL A 164 -10.97 -36.84 40.05
C VAL A 164 -11.44 -36.34 41.41
N ARG A 165 -12.74 -36.09 41.53
CA ARG A 165 -13.32 -35.68 42.80
C ARG A 165 -13.08 -36.75 43.87
N ALA A 166 -13.13 -38.01 43.45
CA ALA A 166 -12.93 -39.12 44.38
C ALA A 166 -11.51 -39.17 44.91
N LYS A 167 -10.52 -38.96 44.04
CA LYS A 167 -9.12 -39.03 44.42
C LYS A 167 -8.62 -37.73 45.07
N TYR A 168 -9.14 -36.61 44.60
CA TYR A 168 -8.73 -35.30 45.13
C TYR A 168 -9.93 -34.50 45.64
N PRO A 169 -10.44 -34.86 46.83
CA PRO A 169 -11.67 -34.27 47.38
C PRO A 169 -11.58 -32.76 47.59
N SER A 170 -10.36 -32.23 47.71
CA SER A 170 -10.18 -30.81 48.00
C SER A 170 -9.67 -30.00 46.81
N LEU A 171 -9.37 -30.70 45.71
CA LEU A 171 -8.86 -30.03 44.51
C LEU A 171 -9.94 -29.28 43.74
N ASN A 172 -9.62 -28.05 43.33
CA ASN A 172 -10.52 -27.26 42.51
C ASN A 172 -10.68 -27.86 41.11
N ILE A 173 -11.91 -28.22 40.76
CA ILE A 173 -12.19 -28.77 39.45
C ILE A 173 -13.09 -27.84 38.64
N ILE A 174 -12.57 -27.35 37.53
CA ILE A 174 -13.35 -26.52 36.62
C ILE A 174 -13.69 -27.33 35.37
N ALA A 175 -14.97 -27.46 35.08
CA ALA A 175 -15.41 -28.32 33.98
C ALA A 175 -16.28 -27.59 32.97
N GLY A 176 -16.07 -27.90 31.69
CA GLY A 176 -16.83 -27.32 30.60
C GLY A 176 -16.39 -27.96 29.30
N ASN A 177 -16.95 -27.51 28.18
CA ASN A 177 -17.91 -26.42 28.18
C ASN A 177 -19.35 -26.89 28.01
N VAL A 178 -20.26 -26.15 28.63
CA VAL A 178 -21.68 -26.44 28.56
C VAL A 178 -22.45 -25.18 28.16
N ALA A 179 -23.71 -25.34 27.78
CA ALA A 179 -24.52 -24.20 27.37
C ALA A 179 -25.96 -24.30 27.84
N THR A 180 -26.27 -25.35 28.59
CA THR A 180 -27.62 -25.53 29.13
C THR A 180 -27.60 -25.73 30.64
N ALA A 181 -28.78 -25.63 31.26
CA ALA A 181 -28.91 -25.83 32.69
C ALA A 181 -28.74 -27.30 33.05
N GLU A 182 -29.32 -28.16 32.22
CA GLU A 182 -29.27 -29.61 32.42
C GLU A 182 -27.82 -30.08 32.46
N ALA A 183 -27.01 -29.57 31.52
CA ALA A 183 -25.59 -29.87 31.47
C ALA A 183 -24.88 -29.36 32.70
N THR A 184 -25.21 -28.13 33.10
CA THR A 184 -24.63 -27.51 34.29
C THR A 184 -24.97 -28.28 35.57
N LYS A 185 -26.22 -28.71 35.70
CA LYS A 185 -26.62 -29.52 36.83
C LYS A 185 -25.82 -30.84 36.88
N ALA A 186 -25.54 -31.41 35.71
CA ALA A 186 -24.86 -32.69 35.62
C ALA A 186 -23.41 -32.62 36.10
N LEU A 187 -22.71 -31.55 35.72
CA LEU A 187 -21.32 -31.38 36.13
C LEU A 187 -21.20 -31.03 37.61
N ILE A 188 -22.17 -30.30 38.14
CA ILE A 188 -22.18 -29.94 39.56
C ILE A 188 -22.37 -31.20 40.42
N GLU A 189 -23.32 -32.04 40.05
CA GLU A 189 -23.56 -33.29 40.76
C GLU A 189 -22.39 -34.26 40.64
N ALA A 190 -21.60 -34.13 39.59
CA ALA A 190 -20.45 -35.00 39.37
C ALA A 190 -19.27 -34.64 40.28
N GLY A 191 -19.21 -33.38 40.71
CA GLY A 191 -18.19 -32.95 41.65
C GLY A 191 -17.44 -31.69 41.26
N ALA A 192 -17.87 -31.05 40.19
CA ALA A 192 -17.24 -29.80 39.75
C ALA A 192 -17.69 -28.64 40.62
N ASN A 193 -16.75 -27.83 41.07
CA ASN A 193 -17.09 -26.66 41.86
C ASN A 193 -17.04 -25.34 41.07
N VAL A 194 -16.60 -25.43 39.81
CA VAL A 194 -16.71 -24.31 38.88
C VAL A 194 -17.16 -24.83 37.51
N VAL A 195 -18.11 -24.14 36.89
CA VAL A 195 -18.62 -24.54 35.58
C VAL A 195 -18.34 -23.47 34.52
N LYS A 196 -17.63 -23.86 33.47
CA LYS A 196 -17.28 -22.94 32.39
C LYS A 196 -18.28 -23.06 31.23
N VAL A 197 -18.77 -21.92 30.77
CA VAL A 197 -19.88 -21.89 29.82
C VAL A 197 -19.48 -21.30 28.47
N GLY A 198 -19.85 -21.99 27.40
CA GLY A 198 -19.59 -21.49 26.06
C GLY A 198 -19.44 -22.57 25.01
N ILE A 199 -20.47 -22.69 24.16
CA ILE A 199 -20.39 -23.59 23.01
C ILE A 199 -20.55 -22.76 21.75
N GLY A 200 -19.43 -22.51 21.08
CA GLY A 200 -19.43 -21.77 19.83
C GLY A 200 -19.21 -20.26 19.75
N PRO A 201 -19.20 -19.52 20.89
CA PRO A 201 -19.16 -18.08 20.65
C PRO A 201 -17.75 -17.58 20.32
N GLY A 202 -16.76 -18.47 20.41
CA GLY A 202 -15.37 -18.11 20.23
C GLY A 202 -15.06 -17.40 18.93
N SER A 203 -14.27 -16.35 19.01
CA SER A 203 -13.85 -15.56 17.85
C SER A 203 -13.13 -16.44 16.85
N ILE A 204 -12.53 -17.49 17.38
CA ILE A 204 -11.69 -18.41 16.65
C ILE A 204 -12.48 -19.67 16.25
N CYS A 205 -13.69 -19.78 16.78
CA CYS A 205 -14.50 -21.00 16.67
C CYS A 205 -15.35 -21.14 15.40
N THR A 206 -15.52 -22.38 14.95
CA THR A 206 -16.41 -22.67 13.82
C THR A 206 -17.41 -23.78 14.12
N THR A 207 -17.44 -24.21 15.38
CA THR A 207 -18.33 -25.30 15.82
C THR A 207 -19.79 -25.10 15.40
N ARG A 208 -20.29 -23.89 15.56
CA ARG A 208 -21.67 -23.61 15.14
C ARG A 208 -21.79 -23.67 13.62
N VAL A 209 -20.70 -23.37 12.92
CA VAL A 209 -20.74 -23.36 11.47
C VAL A 209 -20.60 -24.78 10.89
N VAL A 210 -19.73 -25.58 11.48
CA VAL A 210 -19.45 -26.92 10.95
C VAL A 210 -20.34 -28.02 11.54
N ALA A 211 -20.75 -27.86 12.80
CA ALA A 211 -21.61 -28.84 13.44
C ALA A 211 -23.04 -28.35 13.53
N GLY A 212 -23.23 -27.04 13.42
CA GLY A 212 -24.55 -26.45 13.49
C GLY A 212 -25.05 -26.36 14.92
N VAL A 213 -24.13 -26.53 15.87
CA VAL A 213 -24.48 -26.66 17.27
C VAL A 213 -24.00 -25.48 18.12
N GLY A 214 -24.88 -24.99 18.99
CA GLY A 214 -24.49 -23.95 19.94
C GLY A 214 -25.65 -23.26 20.63
N VAL A 215 -25.33 -22.35 21.53
CA VAL A 215 -26.32 -21.51 22.20
C VAL A 215 -25.72 -20.11 22.34
N PRO A 216 -26.44 -19.08 21.84
CA PRO A 216 -26.00 -17.68 21.96
C PRO A 216 -25.48 -17.39 23.37
N GLN A 217 -24.26 -16.88 23.44
CA GLN A 217 -23.48 -16.87 24.69
C GLN A 217 -24.13 -16.22 25.92
N LEU A 218 -24.83 -15.10 25.73
CA LEU A 218 -25.43 -14.42 26.87
C LEU A 218 -26.55 -15.25 27.48
N THR A 219 -27.42 -15.79 26.62
CA THR A 219 -28.47 -16.70 27.06
C THR A 219 -27.86 -17.95 27.68
N ALA A 220 -26.74 -18.41 27.13
CA ALA A 220 -26.04 -19.57 27.68
C ALA A 220 -25.60 -19.31 29.12
N VAL A 221 -24.87 -18.22 29.31
CA VAL A 221 -24.39 -17.81 30.63
C VAL A 221 -25.56 -17.66 31.61
N TYR A 222 -26.66 -17.07 31.14
CA TYR A 222 -27.81 -16.81 31.99
C TYR A 222 -28.56 -18.10 32.35
N ASP A 223 -28.66 -19.02 31.41
CA ASP A 223 -29.32 -20.29 31.67
C ASP A 223 -28.51 -21.14 32.65
N CYS A 224 -27.20 -21.13 32.48
CA CYS A 224 -26.32 -21.94 33.32
C CYS A 224 -26.17 -21.35 34.71
N ALA A 225 -26.14 -20.02 34.80
CA ALA A 225 -26.08 -19.34 36.08
C ALA A 225 -27.33 -19.62 36.91
N THR A 226 -28.49 -19.59 36.24
CA THR A 226 -29.77 -19.89 36.87
C THR A 226 -29.72 -21.23 37.61
N GLU A 227 -29.15 -22.25 36.97
CA GLU A 227 -29.02 -23.55 37.60
C GLU A 227 -27.96 -23.52 38.70
N ALA A 228 -26.81 -22.94 38.37
CA ALA A 228 -25.66 -22.93 39.28
C ALA A 228 -25.87 -22.07 40.54
N ARG A 229 -26.76 -21.09 40.46
CA ARG A 229 -27.08 -20.26 41.62
C ARG A 229 -27.70 -21.10 42.73
N LYS A 230 -28.47 -22.11 42.34
CA LYS A 230 -29.17 -22.97 43.28
C LYS A 230 -28.21 -23.85 44.08
N HIS A 231 -26.96 -23.94 43.62
CA HIS A 231 -25.98 -24.82 44.25
C HIS A 231 -24.80 -24.04 44.81
N GLY A 232 -24.80 -22.72 44.62
CA GLY A 232 -23.69 -21.90 45.05
C GLY A 232 -22.43 -22.20 44.26
N ILE A 233 -22.61 -22.57 43.00
CA ILE A 233 -21.48 -22.84 42.11
C ILE A 233 -21.26 -21.66 41.17
N PRO A 234 -20.05 -21.10 41.18
CA PRO A 234 -19.73 -20.00 40.27
C PRO A 234 -19.64 -20.48 38.82
N VAL A 235 -19.85 -19.56 37.89
CA VAL A 235 -19.87 -19.88 36.47
C VAL A 235 -18.90 -18.97 35.72
N ILE A 236 -18.18 -19.54 34.76
CA ILE A 236 -17.27 -18.78 33.92
C ILE A 236 -17.88 -18.54 32.55
N ALA A 237 -17.84 -17.29 32.09
CA ALA A 237 -18.30 -16.96 30.75
C ALA A 237 -17.13 -17.00 29.78
N ASP A 238 -17.12 -18.01 28.92
CA ASP A 238 -15.95 -18.31 28.10
C ASP A 238 -16.17 -18.07 26.60
N GLY A 239 -15.54 -17.02 26.08
CA GLY A 239 -15.59 -16.74 24.66
C GLY A 239 -16.64 -15.73 24.25
N GLY A 240 -16.46 -15.12 23.08
CA GLY A 240 -17.45 -14.23 22.53
C GLY A 240 -17.25 -12.78 22.91
N ILE A 241 -16.32 -12.55 23.84
CA ILE A 241 -16.08 -11.20 24.33
C ILE A 241 -15.06 -10.46 23.48
N LYS A 242 -15.50 -9.38 22.84
CA LYS A 242 -14.63 -8.61 21.94
C LYS A 242 -14.43 -7.19 22.45
N TYR A 243 -15.32 -6.73 23.31
CA TYR A 243 -15.16 -5.43 23.94
C TYR A 243 -15.36 -5.59 25.43
N SER A 244 -14.87 -4.64 26.20
CA SER A 244 -14.96 -4.69 27.66
C SER A 244 -16.41 -4.69 28.13
N GLY A 245 -17.28 -4.05 27.36
CA GLY A 245 -18.70 -3.98 27.69
C GLY A 245 -19.36 -5.34 27.67
N ASP A 246 -18.85 -6.23 26.83
CA ASP A 246 -19.33 -7.60 26.75
C ASP A 246 -19.06 -8.33 28.07
N MET A 247 -17.89 -8.05 28.64
CA MET A 247 -17.52 -8.62 29.93
C MET A 247 -18.48 -8.15 31.02
N VAL A 248 -18.84 -6.88 30.99
CA VAL A 248 -19.78 -6.33 31.95
C VAL A 248 -21.13 -7.03 31.80
N LYS A 249 -21.56 -7.20 30.55
CA LYS A 249 -22.82 -7.87 30.27
C LYS A 249 -22.80 -9.34 30.73
N ALA A 250 -21.67 -10.00 30.51
CA ALA A 250 -21.52 -11.41 30.90
C ALA A 250 -21.58 -11.57 32.41
N LEU A 251 -20.88 -10.71 33.13
CA LEU A 251 -20.89 -10.72 34.58
C LEU A 251 -22.27 -10.39 35.13
N ALA A 252 -22.95 -9.45 34.48
CA ALA A 252 -24.29 -9.05 34.91
C ALA A 252 -25.32 -10.11 34.59
N ALA A 253 -24.98 -11.02 33.68
CA ALA A 253 -25.89 -12.10 33.30
C ALA A 253 -25.75 -13.33 34.20
N GLY A 254 -24.86 -13.26 35.19
CA GLY A 254 -24.75 -14.32 36.17
C GLY A 254 -23.39 -14.98 36.31
N ALA A 255 -22.43 -14.53 35.51
CA ALA A 255 -21.08 -15.08 35.58
C ALA A 255 -20.29 -14.47 36.73
N HIS A 256 -19.44 -15.29 37.35
CA HIS A 256 -18.54 -14.80 38.40
C HIS A 256 -17.29 -14.22 37.77
N VAL A 257 -16.81 -14.89 36.73
CA VAL A 257 -15.58 -14.52 36.04
C VAL A 257 -15.79 -14.78 34.55
N VAL A 258 -15.12 -14.00 33.70
CA VAL A 258 -15.10 -14.31 32.27
C VAL A 258 -13.73 -14.86 31.86
N MET A 259 -13.70 -15.59 30.76
CA MET A 259 -12.43 -16.09 30.22
C MET A 259 -12.21 -15.54 28.82
N LEU A 260 -11.00 -15.02 28.57
CA LEU A 260 -10.70 -14.36 27.30
C LEU A 260 -9.61 -15.08 26.50
N GLY A 261 -9.76 -15.04 25.18
CA GLY A 261 -8.75 -15.60 24.29
C GLY A 261 -8.11 -14.54 23.42
N SER A 262 -8.89 -13.95 22.51
CA SER A 262 -8.36 -13.01 21.52
C SER A 262 -7.83 -11.70 22.11
N MET A 263 -8.49 -11.19 23.14
CA MET A 263 -8.07 -9.93 23.75
C MET A 263 -6.78 -10.08 24.54
N PHE A 264 -6.39 -11.32 24.82
CA PHE A 264 -5.13 -11.61 25.50
C PHE A 264 -4.09 -12.16 24.53
N ALA A 265 -4.55 -12.53 23.33
CA ALA A 265 -3.70 -13.21 22.36
C ALA A 265 -2.53 -12.37 21.87
N GLY A 266 -2.75 -11.06 21.78
CA GLY A 266 -1.74 -10.16 21.23
C GLY A 266 -0.88 -9.43 22.23
N VAL A 267 -1.01 -9.77 23.52
CA VAL A 267 -0.18 -9.13 24.54
C VAL A 267 1.23 -9.71 24.52
N ALA A 268 2.17 -9.00 25.12
CA ALA A 268 3.58 -9.38 25.08
C ALA A 268 3.89 -10.71 25.79
N GLU A 269 3.13 -11.02 26.84
CA GLU A 269 3.40 -12.19 27.65
C GLU A 269 2.80 -13.49 27.08
N SER A 270 1.90 -13.35 26.12
CA SER A 270 1.30 -14.50 25.47
C SER A 270 2.35 -15.20 24.61
N PRO A 271 2.19 -16.53 24.42
CA PRO A 271 3.18 -17.31 23.66
C PRO A 271 3.27 -16.87 22.22
N GLY A 272 4.39 -17.18 21.57
CA GLY A 272 4.57 -16.84 20.17
C GLY A 272 5.30 -15.51 20.00
N GLU A 273 6.23 -15.48 19.06
CA GLU A 273 6.98 -14.27 18.76
C GLU A 273 6.11 -13.33 17.93
N THR A 274 6.38 -12.03 18.05
CA THR A 274 5.67 -11.04 17.25
C THR A 274 6.09 -11.16 15.79
N GLU A 275 5.12 -11.31 14.89
CA GLU A 275 5.42 -11.39 13.46
C GLU A 275 5.03 -10.10 12.77
N ILE A 276 5.69 -9.82 11.65
CA ILE A 276 5.41 -8.60 10.89
C ILE A 276 4.59 -8.91 9.64
N TYR A 277 3.42 -8.29 9.54
CA TYR A 277 2.58 -8.41 8.37
C TYR A 277 2.21 -7.03 7.84
N GLN A 278 2.75 -6.70 6.67
CA GLN A 278 2.55 -5.40 6.04
C GLN A 278 2.97 -4.24 6.96
N GLY A 279 4.16 -4.34 7.54
CA GLY A 279 4.68 -3.31 8.40
C GLY A 279 4.22 -3.46 9.84
N ARG A 280 2.91 -3.55 10.02
CA ARG A 280 2.33 -3.71 11.35
C ARG A 280 2.77 -5.03 11.98
N GLN A 281 2.90 -5.03 13.31
CA GLN A 281 3.31 -6.23 14.02
C GLN A 281 2.12 -6.99 14.61
N PHE A 282 2.03 -8.27 14.26
CA PHE A 282 0.92 -9.11 14.69
C PHE A 282 1.38 -10.27 15.57
N LYS A 283 0.41 -11.06 16.02
CA LYS A 283 0.70 -12.23 16.85
C LYS A 283 -0.29 -13.35 16.52
N VAL A 284 0.23 -14.56 16.31
CA VAL A 284 -0.59 -15.70 15.92
C VAL A 284 -1.62 -16.07 16.97
N TYR A 285 -2.87 -16.21 16.54
CA TYR A 285 -3.95 -16.70 17.40
C TYR A 285 -4.79 -17.72 16.63
N ARG A 286 -4.91 -18.92 17.19
CA ARG A 286 -5.59 -20.01 16.48
C ARG A 286 -6.45 -20.85 17.41
N GLY A 287 -7.45 -21.51 16.84
CA GLY A 287 -8.33 -22.35 17.62
C GLY A 287 -7.62 -23.60 18.08
N MET A 288 -7.99 -24.10 19.26
CA MET A 288 -7.41 -25.32 19.78
C MET A 288 -7.82 -26.52 18.91
N GLY A 289 -8.95 -26.38 18.22
CA GLY A 289 -9.44 -27.40 17.33
C GLY A 289 -9.16 -27.08 15.87
N SER A 290 -8.20 -26.21 15.63
CA SER A 290 -7.77 -25.89 14.26
C SER A 290 -6.77 -26.94 13.79
N VAL A 291 -6.55 -26.98 12.48
CA VAL A 291 -5.64 -27.97 11.89
C VAL A 291 -4.24 -27.90 12.51
N GLY A 292 -3.69 -26.70 12.62
CA GLY A 292 -2.36 -26.52 13.16
C GLY A 292 -2.23 -26.97 14.60
N ALA A 293 -3.24 -26.69 15.40
CA ALA A 293 -3.21 -27.01 16.83
C ALA A 293 -3.36 -28.51 17.08
N MET A 294 -4.30 -29.15 16.38
CA MET A 294 -4.56 -30.58 16.52
C MET A 294 -3.31 -31.43 16.28
N GLU A 295 -2.45 -30.98 15.37
CA GLU A 295 -1.21 -31.70 15.08
C GLU A 295 -0.22 -31.58 16.24
N LYS A 296 -0.23 -30.44 16.92
CA LYS A 296 0.62 -30.24 18.09
C LYS A 296 -0.13 -30.57 19.38
N LYS A 309 -9.00 -38.10 12.84
CA LYS A 309 -10.30 -38.51 12.33
C LYS A 309 -11.33 -37.37 12.43
N LEU A 310 -11.23 -36.57 13.48
CA LEU A 310 -12.15 -35.46 13.68
C LEU A 310 -11.80 -34.24 12.82
N VAL A 311 -12.81 -33.62 12.23
CA VAL A 311 -12.62 -32.44 11.38
C VAL A 311 -12.43 -31.19 12.22
N PRO A 312 -11.81 -30.15 11.66
CA PRO A 312 -11.52 -28.93 12.41
C PRO A 312 -12.78 -28.22 12.90
N GLU A 313 -12.71 -27.63 14.09
CA GLU A 313 -13.80 -26.82 14.61
C GLU A 313 -13.27 -25.44 15.01
N GLY A 314 -12.18 -25.04 14.38
CA GLY A 314 -11.58 -23.74 14.62
C GLY A 314 -10.74 -23.29 13.44
N ILE A 315 -10.32 -22.03 13.47
CA ILE A 315 -9.49 -21.50 12.40
C ILE A 315 -8.17 -20.92 12.92
N GLU A 316 -7.26 -20.65 12.00
CA GLU A 316 -5.97 -20.07 12.34
C GLU A 316 -5.89 -18.64 11.84
N GLY A 317 -5.37 -17.74 12.68
CA GLY A 317 -5.32 -16.34 12.34
C GLY A 317 -4.29 -15.53 13.10
N ARG A 318 -4.44 -14.21 13.04
CA ARG A 318 -3.50 -13.31 13.71
C ARG A 318 -4.20 -12.08 14.30
N VAL A 319 -3.70 -11.63 15.44
CA VAL A 319 -4.22 -10.43 16.09
C VAL A 319 -3.09 -9.41 16.26
N PRO A 320 -3.44 -8.12 16.29
CA PRO A 320 -2.44 -7.07 16.46
C PRO A 320 -1.72 -7.18 17.81
N TYR A 321 -0.44 -6.86 17.82
CA TYR A 321 0.35 -6.87 19.05
C TYR A 321 -0.09 -5.70 19.93
N LYS A 322 -0.41 -5.99 21.19
CA LYS A 322 -1.01 -5.00 22.08
C LYS A 322 -0.08 -4.54 23.22
N GLY A 323 1.15 -5.05 23.23
CA GLY A 323 2.10 -4.68 24.25
C GLY A 323 1.90 -5.45 25.54
N PRO A 324 2.28 -4.85 26.67
CA PRO A 324 2.17 -5.50 27.99
C PRO A 324 0.74 -5.82 28.36
N LEU A 325 0.54 -6.91 29.10
CA LEU A 325 -0.78 -7.34 29.56
C LEU A 325 -1.42 -6.25 30.41
N ALA A 326 -0.59 -5.55 31.19
CA ALA A 326 -1.04 -4.51 32.11
C ALA A 326 -1.91 -3.44 31.44
N ASP A 327 -1.59 -3.09 30.21
CA ASP A 327 -2.33 -2.06 29.49
C ASP A 327 -3.72 -2.56 29.08
N THR A 328 -3.81 -3.82 28.70
CA THR A 328 -5.08 -4.42 28.31
C THR A 328 -5.99 -4.60 29.53
N VAL A 329 -5.40 -5.09 30.62
CA VAL A 329 -6.14 -5.34 31.85
C VAL A 329 -6.74 -4.06 32.41
N HIS A 330 -5.96 -2.98 32.39
CA HIS A 330 -6.42 -1.68 32.88
C HIS A 330 -7.63 -1.17 32.11
N GLN A 331 -7.63 -1.36 30.79
CA GLN A 331 -8.76 -0.96 29.97
C GLN A 331 -10.00 -1.79 30.29
N LEU A 332 -9.80 -3.10 30.48
CA LEU A 332 -10.90 -4.01 30.79
C LEU A 332 -11.50 -3.70 32.16
N VAL A 333 -10.64 -3.64 33.18
CA VAL A 333 -11.09 -3.35 34.53
C VAL A 333 -11.78 -1.99 34.60
N GLY A 334 -11.19 -1.02 33.91
CA GLY A 334 -11.74 0.33 33.87
C GLY A 334 -13.09 0.38 33.20
N GLY A 335 -13.32 -0.51 32.24
CA GLY A 335 -14.60 -0.61 31.59
C GLY A 335 -15.63 -1.19 32.53
N LEU A 336 -15.19 -2.15 33.34
CA LEU A 336 -16.05 -2.79 34.32
C LEU A 336 -16.44 -1.81 35.42
N ARG A 337 -15.46 -1.04 35.89
CA ARG A 337 -15.70 -0.06 36.94
C ARG A 337 -16.73 0.97 36.50
N ALA A 338 -16.58 1.45 35.29
CA ALA A 338 -17.56 2.38 34.72
C ALA A 338 -18.92 1.71 34.64
N GLY A 339 -18.93 0.46 34.18
CA GLY A 339 -20.15 -0.31 34.06
C GLY A 339 -20.87 -0.49 35.38
N MET A 340 -20.12 -0.95 36.38
CA MET A 340 -20.69 -1.17 37.70
C MET A 340 -21.18 0.14 38.30
N GLY A 341 -20.51 1.23 37.93
CA GLY A 341 -20.89 2.55 38.40
C GLY A 341 -22.25 2.97 37.89
N TYR A 342 -22.52 2.70 36.62
CA TYR A 342 -23.82 3.03 36.02
C TYR A 342 -24.94 2.21 36.65
N CYS A 343 -24.62 0.99 37.06
CA CYS A 343 -25.64 0.07 37.56
C CYS A 343 -25.83 0.20 39.06
N GLY A 344 -24.99 1.00 39.71
CA GLY A 344 -25.06 1.18 41.15
C GLY A 344 -24.66 -0.06 41.90
N ALA A 345 -23.67 -0.78 41.36
CA ALA A 345 -23.18 -2.00 41.98
C ALA A 345 -21.93 -1.74 42.81
N GLN A 346 -22.01 -1.99 44.10
CA GLN A 346 -20.87 -1.83 44.99
C GLN A 346 -19.84 -2.93 44.71
N ASP A 347 -20.32 -4.16 44.56
CA ASP A 347 -19.47 -5.28 44.19
C ASP A 347 -20.11 -6.14 43.09
N LEU A 348 -19.42 -7.20 42.69
CA LEU A 348 -19.89 -8.03 41.59
C LEU A 348 -21.12 -8.86 41.96
N GLU A 349 -21.33 -9.08 43.25
CA GLU A 349 -22.52 -9.80 43.69
C GLU A 349 -23.80 -9.00 43.44
N PHE A 350 -23.75 -7.70 43.71
CA PHE A 350 -24.89 -6.82 43.46
C PHE A 350 -25.18 -6.76 41.96
N LEU A 351 -24.12 -6.78 41.16
CA LEU A 351 -24.26 -6.75 39.71
C LEU A 351 -25.05 -7.94 39.20
N ARG A 352 -24.65 -9.14 39.61
CA ARG A 352 -25.31 -10.37 39.18
C ARG A 352 -26.78 -10.42 39.58
N GLU A 353 -27.08 -9.89 40.77
CA GLU A 353 -28.40 -10.04 41.33
C GLU A 353 -29.39 -8.95 40.94
N ASN A 354 -28.89 -7.77 40.60
CA ASN A 354 -29.75 -6.61 40.39
C ASN A 354 -29.80 -6.05 38.97
N ALA A 355 -28.69 -6.13 38.24
CA ALA A 355 -28.58 -5.52 36.93
C ALA A 355 -29.62 -6.02 35.93
N GLN A 356 -30.30 -5.07 35.28
CA GLN A 356 -31.33 -5.38 34.30
C GLN A 356 -30.87 -5.00 32.90
N PHE A 357 -31.27 -5.78 31.91
CA PHE A 357 -30.91 -5.53 30.53
C PHE A 357 -32.09 -4.93 29.77
N ILE A 358 -31.80 -4.40 28.59
CA ILE A 358 -32.85 -4.04 27.65
C ILE A 358 -32.47 -4.55 26.25
N ARG A 359 -33.40 -5.24 25.61
CA ARG A 359 -33.14 -5.82 24.29
C ARG A 359 -33.29 -4.79 23.18
N MET A 360 -32.44 -4.90 22.16
CA MET A 360 -32.45 -3.94 21.06
C MET A 360 -32.24 -4.62 19.71
N SER A 361 -32.63 -3.93 18.65
CA SER A 361 -32.44 -4.44 17.29
C SER A 361 -31.04 -4.11 16.80
N GLY A 362 -30.74 -4.51 15.57
CA GLY A 362 -29.49 -4.16 14.92
C GLY A 362 -29.31 -2.66 14.79
N ALA A 363 -30.42 -1.95 14.59
CA ALA A 363 -30.40 -0.49 14.58
C ALA A 363 -29.94 0.05 15.94
N GLY A 364 -30.34 -0.65 17.00
CA GLY A 364 -29.89 -0.31 18.34
C GLY A 364 -28.40 -0.49 18.49
N LEU A 365 -27.86 -1.54 17.89
CA LEU A 365 -26.43 -1.81 17.95
C LEU A 365 -25.62 -0.73 17.22
N LEU A 366 -26.11 -0.31 16.06
CA LEU A 366 -25.43 0.71 15.27
C LEU A 366 -25.42 2.05 15.98
N GLU A 367 -26.47 2.32 16.75
CA GLU A 367 -26.53 3.52 17.57
C GLU A 367 -25.54 3.42 18.73
N SER A 368 -25.40 2.20 19.26
CA SER A 368 -24.52 1.95 20.40
C SER A 368 -23.05 2.22 20.07
N HIS A 369 -22.63 1.82 18.87
CA HIS A 369 -21.27 2.10 18.41
C HIS A 369 -21.17 3.52 17.89
N PRO A 370 -19.95 4.05 17.76
CA PRO A 370 -19.76 5.32 17.03
C PRO A 370 -20.33 5.20 15.63
N HIS A 371 -20.83 6.30 15.09
CA HIS A 371 -21.49 6.29 13.78
C HIS A 371 -21.50 7.67 13.16
N HIS A 372 -21.44 7.71 11.83
CA HIS A 372 -21.48 8.95 11.06
C HIS A 372 -20.37 9.94 11.44
N VAL A 373 -19.23 9.38 11.85
CA VAL A 373 -18.02 10.15 12.13
C VAL A 373 -16.82 9.44 11.51
N GLN A 374 -15.85 10.20 11.06
CA GLN A 374 -14.60 9.63 10.58
C GLN A 374 -13.61 9.53 11.73
N ILE A 375 -13.39 8.31 12.23
CA ILE A 375 -12.46 8.12 13.34
C ILE A 375 -11.04 8.45 12.87
N THR A 376 -10.39 9.36 13.58
CA THR A 376 -9.05 9.82 13.17
C THR A 376 -7.95 9.17 14.00
N LYS A 377 -8.20 8.97 15.28
CA LYS A 377 -7.25 8.30 16.15
C LYS A 377 -7.87 7.02 16.69
N GLU A 378 -7.10 6.23 17.41
CA GLU A 378 -7.61 4.98 17.96
C GLU A 378 -7.63 5.01 19.48
N ALA A 379 -8.82 4.84 20.05
CA ALA A 379 -8.99 4.79 21.49
C ALA A 379 -8.33 3.53 22.05
N PRO A 380 -7.76 3.61 23.26
CA PRO A 380 -7.09 2.47 23.89
C PRO A 380 -8.03 1.28 24.12
N ASN A 381 -9.34 1.51 24.05
CA ASN A 381 -10.30 0.47 24.33
C ASN A 381 -11.37 0.32 23.24
N TYR A 382 -11.06 0.83 22.05
CA TYR A 382 -11.95 0.66 20.91
C TYR A 382 -11.16 0.48 19.60
N SER A 383 -11.19 -0.74 19.07
CA SER A 383 -10.40 -1.13 17.90
C SER A 383 -8.92 -0.89 18.11
N ASN B 23 -33.77 -12.18 43.13
CA ASN B 23 -34.87 -13.12 43.25
C ASN B 23 -35.86 -12.96 42.11
N ALA B 24 -36.73 -11.97 42.23
CA ALA B 24 -37.67 -11.63 41.16
C ALA B 24 -36.98 -10.74 40.14
N MET B 25 -35.83 -10.19 40.53
CA MET B 25 -35.04 -9.36 39.65
C MET B 25 -34.28 -10.21 38.65
N TRP B 26 -34.07 -11.47 39.01
CA TRP B 26 -33.31 -12.41 38.19
C TRP B 26 -34.10 -12.81 36.94
N GLU B 27 -35.39 -13.03 37.09
CA GLU B 27 -36.23 -13.47 35.98
C GLU B 27 -36.65 -12.31 35.07
N SER B 28 -36.41 -11.08 35.51
CA SER B 28 -36.83 -9.92 34.75
C SER B 28 -35.68 -9.30 33.98
N LYS B 29 -34.51 -9.94 34.05
CA LYS B 29 -33.30 -9.41 33.41
C LYS B 29 -33.49 -9.03 31.95
N PHE B 30 -34.18 -9.87 31.19
CA PHE B 30 -34.27 -9.65 29.74
C PHE B 30 -35.69 -9.40 29.22
N VAL B 31 -36.57 -8.88 30.07
CA VAL B 31 -37.94 -8.61 29.66
C VAL B 31 -38.09 -7.29 28.90
N LYS B 32 -37.27 -6.30 29.26
CA LYS B 32 -37.39 -4.97 28.66
C LYS B 32 -36.96 -4.91 27.19
N GLU B 33 -37.66 -4.09 26.42
CA GLU B 33 -37.41 -3.95 24.99
C GLU B 33 -37.25 -2.47 24.62
N GLY B 34 -36.29 -2.18 23.76
CA GLY B 34 -36.00 -0.80 23.41
C GLY B 34 -35.93 -0.53 21.92
N LEU B 35 -36.48 0.62 21.51
CA LEU B 35 -36.46 1.04 20.11
C LEU B 35 -35.58 2.27 19.96
N THR B 36 -35.09 2.51 18.75
CA THR B 36 -34.45 3.78 18.44
C THR B 36 -35.02 4.35 17.13
N PHE B 37 -34.42 5.43 16.65
CA PHE B 37 -34.93 6.17 15.49
C PHE B 37 -35.13 5.28 14.26
N ASP B 38 -34.13 4.48 13.94
CA ASP B 38 -34.16 3.64 12.74
C ASP B 38 -35.08 2.42 12.89
N ASP B 39 -35.67 2.26 14.06
CA ASP B 39 -36.59 1.15 14.30
C ASP B 39 -38.02 1.52 13.94
N VAL B 40 -38.27 2.82 13.74
CA VAL B 40 -39.64 3.32 13.60
C VAL B 40 -39.83 4.34 12.48
N LEU B 41 -41.09 4.65 12.22
CA LEU B 41 -41.48 5.74 11.32
C LEU B 41 -42.71 6.43 11.91
N LEU B 42 -42.86 7.72 11.61
CA LEU B 42 -44.07 8.45 11.99
C LEU B 42 -45.20 8.20 11.00
N VAL B 43 -46.39 7.93 11.52
CA VAL B 43 -47.54 7.63 10.68
C VAL B 43 -48.30 8.89 10.30
N PRO B 44 -48.45 9.14 8.99
CA PRO B 44 -49.18 10.31 8.48
C PRO B 44 -50.66 10.29 8.88
N ALA B 45 -51.21 11.46 9.21
CA ALA B 45 -52.58 11.55 9.69
C ALA B 45 -53.33 12.72 9.06
N LYS B 46 -54.58 12.91 9.47
CA LYS B 46 -55.38 14.06 9.04
C LYS B 46 -54.63 15.37 9.29
N SER B 47 -54.65 16.25 8.30
CA SER B 47 -53.89 17.48 8.39
C SER B 47 -54.58 18.63 7.67
N ASP B 48 -54.97 19.65 8.43
CA ASP B 48 -55.53 20.87 7.86
C ASP B 48 -54.46 21.96 7.85
N VAL B 49 -53.27 21.60 8.28
CA VAL B 49 -52.19 22.58 8.43
C VAL B 49 -51.05 22.37 7.44
N LEU B 50 -50.53 23.47 6.89
CA LEU B 50 -49.39 23.43 6.01
C LEU B 50 -48.10 23.53 6.81
N PRO B 51 -47.01 22.94 6.31
CA PRO B 51 -45.69 23.07 6.94
C PRO B 51 -45.28 24.54 7.08
N ARG B 52 -45.74 25.38 6.16
CA ARG B 52 -45.50 26.82 6.23
C ARG B 52 -46.12 27.43 7.48
N GLU B 53 -47.21 26.83 7.95
CA GLU B 53 -48.04 27.46 8.98
C GLU B 53 -47.86 26.86 10.37
N VAL B 54 -47.03 25.85 10.50
CA VAL B 54 -46.86 25.20 11.79
C VAL B 54 -45.97 26.04 12.70
N SER B 55 -46.19 25.89 14.01
CA SER B 55 -45.38 26.58 15.01
C SER B 55 -44.34 25.63 15.59
N VAL B 56 -43.09 26.07 15.62
CA VAL B 56 -42.03 25.23 16.16
C VAL B 56 -41.45 25.81 17.46
N LYS B 57 -42.18 26.72 18.08
CA LYS B 57 -41.74 27.34 19.32
C LYS B 57 -41.92 26.39 20.50
N THR B 58 -41.13 26.60 21.56
CA THR B 58 -41.21 25.80 22.77
C THR B 58 -40.95 26.61 24.02
N VAL B 59 -41.58 26.21 25.11
CA VAL B 59 -41.33 26.82 26.40
C VAL B 59 -40.66 25.81 27.31
N LEU B 60 -39.41 26.07 27.68
CA LEU B 60 -38.69 25.19 28.59
C LEU B 60 -38.97 25.57 30.03
N SER B 61 -39.19 26.85 30.28
CA SER B 61 -39.47 27.34 31.62
C SER B 61 -40.07 28.74 31.56
N GLU B 62 -40.39 29.28 32.72
CA GLU B 62 -40.99 30.60 32.80
C GLU B 62 -40.10 31.67 32.16
N SER B 63 -38.80 31.46 32.25
CA SER B 63 -37.84 32.43 31.72
C SER B 63 -36.99 31.90 30.58
N LEU B 64 -37.37 30.75 30.03
CA LEU B 64 -36.63 30.18 28.90
C LEU B 64 -37.53 29.71 27.77
N GLN B 65 -37.52 30.44 26.66
CA GLN B 65 -38.38 30.11 25.52
C GLN B 65 -37.58 30.12 24.22
N LEU B 66 -37.61 28.99 23.51
CA LEU B 66 -36.88 28.89 22.25
C LEU B 66 -37.84 28.90 21.07
N ASN B 67 -37.46 29.59 20.01
CA ASN B 67 -38.28 29.65 18.81
C ASN B 67 -38.13 28.44 17.90
N ILE B 68 -36.97 27.80 17.97
CA ILE B 68 -36.76 26.52 17.30
C ILE B 68 -36.28 25.52 18.35
N PRO B 69 -36.58 24.23 18.13
CA PRO B 69 -36.33 23.21 19.15
C PRO B 69 -34.89 22.71 19.16
N LEU B 70 -33.95 23.58 18.81
CA LEU B 70 -32.56 23.17 18.67
C LEU B 70 -31.64 23.72 19.75
N ILE B 71 -30.80 22.86 20.28
CA ILE B 71 -29.72 23.26 21.17
C ILE B 71 -28.41 22.61 20.74
N SER B 72 -27.34 23.39 20.66
CA SER B 72 -26.03 22.84 20.31
C SER B 72 -25.30 22.34 21.56
N ALA B 73 -24.73 21.15 21.45
CA ALA B 73 -24.12 20.45 22.59
C ALA B 73 -23.00 21.23 23.25
N GLY B 74 -22.84 21.01 24.56
CA GLY B 74 -21.78 21.64 25.31
C GLY B 74 -20.48 20.88 25.22
N MET B 75 -19.94 20.81 24.01
CA MET B 75 -18.73 20.06 23.74
C MET B 75 -17.65 20.98 23.18
N ASP B 76 -16.40 20.71 23.51
CA ASP B 76 -15.31 21.60 23.12
C ASP B 76 -15.06 21.68 21.61
N THR B 77 -15.69 20.81 20.84
CA THR B 77 -15.62 20.89 19.39
C THR B 77 -16.96 21.24 18.76
N VAL B 78 -17.91 21.67 19.58
CA VAL B 78 -19.22 22.06 19.07
C VAL B 78 -19.60 23.51 19.40
N THR B 79 -19.55 23.88 20.66
CA THR B 79 -20.10 25.16 21.07
C THR B 79 -19.19 26.06 21.92
N GLU B 80 -18.91 27.24 21.40
CA GLU B 80 -18.31 28.31 22.18
C GLU B 80 -19.08 29.59 21.90
N ALA B 81 -18.47 30.73 22.18
CA ALA B 81 -19.16 32.00 22.04
C ALA B 81 -19.73 32.24 20.64
N ASP B 82 -18.91 32.02 19.61
CA ASP B 82 -19.33 32.25 18.23
C ASP B 82 -20.51 31.40 17.82
N MET B 83 -20.49 30.13 18.21
CA MET B 83 -21.59 29.22 17.92
C MET B 83 -22.84 29.63 18.68
N ALA B 84 -22.67 29.96 19.96
CA ALA B 84 -23.82 30.30 20.80
C ALA B 84 -24.56 31.54 20.30
N ILE B 85 -23.82 32.48 19.74
CA ILE B 85 -24.42 33.67 19.14
C ILE B 85 -25.26 33.28 17.92
N ALA B 86 -24.65 32.49 17.03
CA ALA B 86 -25.33 32.03 15.82
C ALA B 86 -26.55 31.15 16.10
N MET B 87 -26.46 30.31 17.14
CA MET B 87 -27.60 29.48 17.53
C MET B 87 -28.75 30.36 18.01
N ALA B 88 -28.43 31.33 18.86
CA ALA B 88 -29.43 32.20 19.44
C ALA B 88 -30.11 33.06 18.37
N ARG B 89 -29.35 33.50 17.38
CA ARG B 89 -29.88 34.32 16.31
C ARG B 89 -30.77 33.51 15.38
N GLN B 90 -30.77 32.19 15.53
CA GLN B 90 -31.60 31.32 14.72
C GLN B 90 -32.85 30.90 15.48
N GLY B 91 -32.90 31.25 16.76
CA GLY B 91 -34.04 30.93 17.61
C GLY B 91 -33.72 29.76 18.54
N GLY B 92 -32.48 29.31 18.51
CA GLY B 92 -32.08 28.16 19.31
C GLY B 92 -31.31 28.55 20.56
N LEU B 93 -30.53 27.59 21.07
CA LEU B 93 -29.74 27.83 22.27
C LEU B 93 -28.39 27.12 22.17
N GLY B 94 -27.35 27.75 22.70
CA GLY B 94 -26.02 27.17 22.70
C GLY B 94 -25.47 26.99 24.10
N ILE B 95 -24.97 25.79 24.39
CA ILE B 95 -24.36 25.52 25.69
C ILE B 95 -22.84 25.66 25.60
N ILE B 96 -22.29 26.71 26.18
CA ILE B 96 -20.85 26.88 26.22
C ILE B 96 -20.25 25.74 27.03
N HIS B 97 -19.23 25.08 26.48
CA HIS B 97 -18.64 23.92 27.12
C HIS B 97 -17.77 24.31 28.32
N LYS B 98 -17.49 23.33 29.18
CA LYS B 98 -16.79 23.60 30.44
C LYS B 98 -15.30 23.35 30.37
N ASN B 99 -14.79 22.97 29.19
CA ASN B 99 -13.36 22.73 29.02
C ASN B 99 -12.54 24.02 28.89
N MET B 100 -12.75 24.92 29.84
CA MET B 100 -12.02 26.18 29.90
C MET B 100 -12.07 26.68 31.34
N SER B 101 -11.30 27.71 31.64
CA SER B 101 -11.28 28.25 32.98
C SER B 101 -12.64 28.86 33.33
N ILE B 102 -12.90 29.01 34.63
CA ILE B 102 -14.11 29.65 35.11
C ILE B 102 -14.20 31.08 34.58
N GLU B 103 -13.07 31.78 34.58
CA GLU B 103 -12.99 33.13 34.07
C GLU B 103 -13.34 33.21 32.58
N GLN B 104 -12.76 32.32 31.79
CA GLN B 104 -12.98 32.31 30.34
C GLN B 104 -14.45 32.04 29.98
N GLN B 105 -15.05 31.06 30.63
CA GLN B 105 -16.43 30.70 30.34
C GLN B 105 -17.38 31.85 30.64
N ALA B 106 -17.15 32.55 31.74
CA ALA B 106 -17.95 33.69 32.12
C ALA B 106 -17.84 34.83 31.10
N GLU B 107 -16.66 34.99 30.52
CA GLU B 107 -16.44 36.02 29.51
C GLU B 107 -17.24 35.74 28.24
N GLN B 108 -17.35 34.46 27.89
CA GLN B 108 -18.06 34.06 26.69
C GLN B 108 -19.56 34.16 26.86
N VAL B 109 -20.06 33.79 28.04
CA VAL B 109 -21.47 33.95 28.36
C VAL B 109 -21.83 35.43 28.26
N ASP B 110 -20.99 36.27 28.85
CA ASP B 110 -21.15 37.71 28.78
C ASP B 110 -21.09 38.19 27.33
N LYS B 111 -20.22 37.58 26.53
CA LYS B 111 -20.06 37.96 25.13
C LYS B 111 -21.35 37.70 24.35
N VAL B 112 -21.96 36.55 24.58
CA VAL B 112 -23.22 36.21 23.91
C VAL B 112 -24.33 37.16 24.34
N LYS B 113 -24.34 37.50 25.63
CA LYS B 113 -25.36 38.39 26.17
C LYS B 113 -25.25 39.81 25.62
N ARG B 114 -24.04 40.33 25.53
CA ARG B 114 -23.80 41.67 24.98
C ARG B 114 -24.19 41.78 23.51
N SER B 115 -24.33 40.64 22.85
CA SER B 115 -24.60 40.59 21.41
C SER B 115 -26.06 40.81 21.04
N GLY B 116 -26.79 41.53 21.88
CA GLY B 116 -28.17 41.90 21.57
C GLY B 116 -29.25 41.25 22.41
N GLY B 117 -28.86 40.67 23.54
CA GLY B 117 -29.82 40.05 24.45
C GLY B 117 -30.12 38.62 24.07
N LEU B 118 -29.20 38.00 23.35
CA LEU B 118 -29.35 36.62 22.92
C LEU B 118 -29.30 35.66 24.10
N LEU B 119 -30.09 34.58 24.03
CA LEU B 119 -30.05 33.54 25.04
C LEU B 119 -28.72 32.79 24.99
N VAL B 120 -28.30 32.25 26.13
CA VAL B 120 -27.05 31.50 26.22
C VAL B 120 -27.03 30.60 27.45
N GLY B 121 -26.59 29.35 27.26
CA GLY B 121 -26.44 28.42 28.36
C GLY B 121 -24.98 28.11 28.62
N ALA B 122 -24.72 27.33 29.67
CA ALA B 122 -23.35 26.94 30.00
C ALA B 122 -23.34 25.65 30.80
N ALA B 123 -22.34 24.80 30.51
CA ALA B 123 -22.25 23.49 31.14
C ALA B 123 -21.33 23.50 32.36
N VAL B 124 -21.75 22.80 33.41
CA VAL B 124 -20.94 22.67 34.62
C VAL B 124 -20.87 21.20 35.02
N GLY B 125 -19.68 20.75 35.41
CA GLY B 125 -19.50 19.37 35.84
C GLY B 125 -19.73 19.23 37.33
N VAL B 126 -20.10 18.02 37.76
CA VAL B 126 -20.28 17.74 39.17
C VAL B 126 -18.91 17.64 39.85
N THR B 127 -18.39 18.78 40.29
CA THR B 127 -17.09 18.85 40.96
C THR B 127 -17.20 19.67 42.24
N ALA B 128 -16.09 19.80 42.97
CA ALA B 128 -16.08 20.55 44.22
C ALA B 128 -16.23 22.04 43.97
N ASP B 129 -15.62 22.53 42.91
CA ASP B 129 -15.66 23.95 42.58
C ASP B 129 -16.78 24.29 41.61
N ALA B 130 -17.83 23.47 41.60
CA ALA B 130 -18.97 23.70 40.74
C ALA B 130 -19.66 25.01 41.07
N MET B 131 -19.94 25.24 42.35
CA MET B 131 -20.59 26.46 42.80
C MET B 131 -19.81 27.71 42.38
N THR B 132 -18.48 27.62 42.46
CA THR B 132 -17.62 28.72 42.07
C THR B 132 -17.79 29.05 40.59
N ARG B 133 -17.86 28.02 39.75
CA ARG B 133 -18.11 28.22 38.33
C ARG B 133 -19.49 28.82 38.12
N ILE B 134 -20.48 28.24 38.80
CA ILE B 134 -21.86 28.69 38.71
C ILE B 134 -22.05 30.13 39.21
N ASP B 135 -21.30 30.50 40.25
CA ASP B 135 -21.34 31.86 40.77
C ASP B 135 -20.92 32.87 39.70
N ALA B 136 -19.83 32.57 39.00
CA ALA B 136 -19.33 33.46 37.96
C ALA B 136 -20.24 33.46 36.74
N LEU B 137 -20.95 32.36 36.53
CA LEU B 137 -21.87 32.24 35.40
C LEU B 137 -23.14 33.06 35.64
N VAL B 138 -23.61 33.07 36.88
CA VAL B 138 -24.80 33.84 37.24
C VAL B 138 -24.54 35.34 37.15
N LYS B 139 -23.37 35.77 37.60
CA LYS B 139 -22.96 37.17 37.50
C LYS B 139 -22.98 37.62 36.04
N ALA B 140 -22.61 36.71 35.14
CA ALA B 140 -22.55 37.01 33.71
C ALA B 140 -23.93 36.86 33.06
N SER B 141 -24.95 36.68 33.89
CA SER B 141 -26.34 36.57 33.44
C SER B 141 -26.64 35.39 32.52
N VAL B 142 -26.07 34.23 32.82
CA VAL B 142 -26.34 33.03 32.05
C VAL B 142 -27.83 32.66 32.19
N ASP B 143 -28.43 32.20 31.09
CA ASP B 143 -29.86 31.93 31.08
C ASP B 143 -30.21 30.52 31.57
N ALA B 144 -29.27 29.60 31.43
CA ALA B 144 -29.48 28.24 31.90
C ALA B 144 -28.16 27.55 32.19
N ILE B 145 -28.16 26.68 33.18
CA ILE B 145 -26.98 25.90 33.53
C ILE B 145 -27.24 24.42 33.28
N VAL B 146 -26.31 23.78 32.58
CA VAL B 146 -26.36 22.35 32.34
C VAL B 146 -25.42 21.60 33.27
N LEU B 147 -25.99 20.90 34.25
CA LEU B 147 -25.21 20.03 35.12
C LEU B 147 -24.97 18.69 34.44
N ASP B 148 -23.84 18.58 33.74
CA ASP B 148 -23.59 17.45 32.86
C ASP B 148 -22.71 16.38 33.51
N THR B 149 -23.27 15.18 33.66
CA THR B 149 -22.53 13.99 34.08
C THR B 149 -22.74 12.86 33.09
N ALA B 150 -21.95 11.80 33.24
CA ALA B 150 -22.12 10.60 32.45
C ALA B 150 -23.28 9.79 32.99
N HIS B 151 -23.46 9.84 34.30
CA HIS B 151 -24.54 9.13 34.97
C HIS B 151 -25.44 10.10 35.73
N GLY B 152 -26.58 10.42 35.14
CA GLY B 152 -27.49 11.39 35.74
C GLY B 152 -28.16 10.87 37.00
N HIS B 153 -28.21 9.55 37.14
CA HIS B 153 -28.85 8.93 38.29
C HIS B 153 -27.83 8.65 39.40
N SER B 154 -26.74 9.43 39.38
CA SER B 154 -25.73 9.35 40.43
C SER B 154 -26.16 10.21 41.62
N GLN B 155 -25.75 9.82 42.82
CA GLN B 155 -26.10 10.56 44.02
C GLN B 155 -25.44 11.93 44.05
N GLY B 156 -24.21 12.00 43.56
CA GLY B 156 -23.46 13.24 43.52
C GLY B 156 -24.16 14.33 42.72
N VAL B 157 -24.74 13.93 41.59
CA VAL B 157 -25.48 14.84 40.73
C VAL B 157 -26.75 15.30 41.41
N ILE B 158 -27.43 14.37 42.07
CA ILE B 158 -28.65 14.69 42.80
C ILE B 158 -28.36 15.69 43.92
N ASP B 159 -27.30 15.43 44.68
CA ASP B 159 -26.90 16.32 45.76
C ASP B 159 -26.50 17.70 45.24
N LYS B 160 -25.94 17.73 44.04
CA LYS B 160 -25.52 19.00 43.44
C LYS B 160 -26.72 19.84 43.05
N VAL B 161 -27.71 19.22 42.42
CA VAL B 161 -28.93 19.91 42.00
C VAL B 161 -29.64 20.57 43.19
N LYS B 162 -29.71 19.86 44.31
CA LYS B 162 -30.30 20.42 45.52
C LYS B 162 -29.48 21.59 46.03
N GLU B 163 -28.16 21.42 46.03
CA GLU B 163 -27.23 22.45 46.50
C GLU B 163 -27.30 23.71 45.64
N VAL B 164 -27.63 23.55 44.37
CA VAL B 164 -27.71 24.68 43.45
C VAL B 164 -29.08 25.32 43.48
N ARG B 165 -30.13 24.50 43.61
CA ARG B 165 -31.50 25.02 43.68
C ARG B 165 -31.69 25.87 44.94
N ALA B 166 -31.04 25.46 46.02
CA ALA B 166 -31.14 26.18 47.29
C ALA B 166 -30.59 27.60 47.18
N LYS B 167 -29.41 27.73 46.58
CA LYS B 167 -28.75 29.03 46.46
C LYS B 167 -29.37 29.91 45.37
N TYR B 168 -29.71 29.28 44.24
CA TYR B 168 -30.33 30.00 43.13
C TYR B 168 -31.70 29.44 42.79
N PRO B 169 -32.73 29.88 43.53
CA PRO B 169 -34.09 29.36 43.37
C PRO B 169 -34.71 29.75 42.03
N SER B 170 -34.11 30.73 41.38
CA SER B 170 -34.66 31.29 40.16
C SER B 170 -33.91 30.86 38.90
N LEU B 171 -32.82 30.13 39.10
CA LEU B 171 -31.96 29.73 37.99
C LEU B 171 -32.49 28.52 37.25
N ASN B 172 -32.55 28.62 35.93
CA ASN B 172 -32.88 27.47 35.10
C ASN B 172 -31.79 26.41 35.17
N ILE B 173 -32.11 25.26 35.75
CA ILE B 173 -31.16 24.17 35.88
C ILE B 173 -31.54 23.00 34.97
N ILE B 174 -30.62 22.60 34.11
CA ILE B 174 -30.80 21.44 33.26
C ILE B 174 -29.90 20.32 33.75
N ALA B 175 -30.48 19.15 34.00
CA ALA B 175 -29.72 18.03 34.55
C ALA B 175 -29.75 16.81 33.62
N GLY B 176 -28.67 16.04 33.65
CA GLY B 176 -28.55 14.85 32.81
C GLY B 176 -27.21 14.20 33.05
N ASN B 177 -26.94 13.09 32.36
CA ASN B 177 -27.89 12.49 31.43
C ASN B 177 -28.58 11.27 32.04
N VAL B 178 -29.85 11.08 31.68
CA VAL B 178 -30.61 9.93 32.18
C VAL B 178 -31.24 9.17 31.03
N ALA B 179 -31.80 8.00 31.35
CA ALA B 179 -32.43 7.15 30.34
C ALA B 179 -33.58 6.35 30.93
N THR B 180 -33.89 6.61 32.19
CA THR B 180 -34.99 5.91 32.86
C THR B 180 -35.96 6.86 33.55
N ALA B 181 -37.21 6.42 33.66
CA ALA B 181 -38.26 7.20 34.32
C ALA B 181 -37.92 7.50 35.77
N GLU B 182 -37.34 6.52 36.46
CA GLU B 182 -36.97 6.69 37.86
C GLU B 182 -35.92 7.77 38.04
N ALA B 183 -34.97 7.83 37.12
CA ALA B 183 -33.89 8.81 37.17
C ALA B 183 -34.40 10.23 36.94
N THR B 184 -35.36 10.36 36.02
CA THR B 184 -35.99 11.65 35.73
C THR B 184 -36.73 12.17 36.97
N LYS B 185 -37.42 11.27 37.66
CA LYS B 185 -38.15 11.61 38.87
C LYS B 185 -37.20 12.14 39.94
N ALA B 186 -36.02 11.54 40.04
CA ALA B 186 -35.04 11.93 41.03
C ALA B 186 -34.53 13.35 40.78
N LEU B 187 -34.19 13.63 39.53
CA LEU B 187 -33.67 14.95 39.15
C LEU B 187 -34.71 16.05 39.34
N ILE B 188 -35.94 15.78 38.91
CA ILE B 188 -37.03 16.76 39.02
C ILE B 188 -37.30 17.14 40.47
N GLU B 189 -37.37 16.13 41.33
CA GLU B 189 -37.63 16.35 42.75
C GLU B 189 -36.45 17.01 43.45
N ALA B 190 -35.28 16.97 42.83
CA ALA B 190 -34.08 17.54 43.42
C ALA B 190 -33.94 19.03 43.08
N GLY B 191 -34.72 19.51 42.13
CA GLY B 191 -34.70 20.92 41.78
C GLY B 191 -34.55 21.22 40.31
N ALA B 192 -34.14 20.22 39.53
CA ALA B 192 -33.99 20.40 38.09
C ALA B 192 -35.32 20.74 37.45
N ASN B 193 -35.35 21.75 36.59
CA ASN B 193 -36.58 22.11 35.88
C ASN B 193 -36.56 21.69 34.41
N VAL B 194 -35.43 21.16 33.98
CA VAL B 194 -35.29 20.54 32.66
C VAL B 194 -34.42 19.29 32.78
N VAL B 195 -34.85 18.19 32.17
CA VAL B 195 -34.11 16.93 32.24
C VAL B 195 -33.55 16.51 30.88
N LYS B 196 -32.25 16.20 30.82
CA LYS B 196 -31.61 15.85 29.55
C LYS B 196 -31.42 14.34 29.38
N VAL B 197 -32.04 13.79 28.34
CA VAL B 197 -32.07 12.35 28.12
C VAL B 197 -31.02 11.89 27.10
N GLY B 198 -30.34 10.78 27.41
CA GLY B 198 -29.41 10.17 26.47
C GLY B 198 -28.21 9.50 27.11
N ILE B 199 -28.19 8.18 27.11
CA ILE B 199 -27.03 7.44 27.58
C ILE B 199 -26.51 6.52 26.48
N GLY B 200 -25.45 6.96 25.81
CA GLY B 200 -24.84 6.19 24.76
C GLY B 200 -25.28 6.31 23.29
N PRO B 201 -26.22 7.23 22.95
CA PRO B 201 -26.53 7.19 21.52
C PRO B 201 -25.64 8.09 20.68
N GLY B 202 -24.71 8.80 21.32
CA GLY B 202 -23.85 9.77 20.65
C GLY B 202 -23.05 9.23 19.48
N SER B 203 -22.93 10.05 18.44
CA SER B 203 -22.17 9.67 17.24
C SER B 203 -20.72 9.37 17.56
N ILE B 204 -20.19 10.05 18.57
CA ILE B 204 -18.79 9.90 18.96
C ILE B 204 -18.62 9.06 20.22
N CYS B 205 -19.71 8.42 20.65
CA CYS B 205 -19.78 7.79 21.97
C CYS B 205 -19.52 6.28 21.97
N THR B 206 -18.71 5.82 22.92
CA THR B 206 -18.44 4.40 23.08
C THR B 206 -18.85 3.87 24.45
N THR B 207 -19.68 4.62 25.17
CA THR B 207 -20.13 4.23 26.51
C THR B 207 -20.73 2.83 26.51
N ARG B 208 -21.64 2.59 25.56
CA ARG B 208 -22.33 1.32 25.46
C ARG B 208 -21.39 0.17 25.07
N VAL B 209 -20.31 0.50 24.36
CA VAL B 209 -19.37 -0.52 23.90
C VAL B 209 -18.40 -0.94 24.99
N VAL B 210 -17.89 0.02 25.74
CA VAL B 210 -16.83 -0.24 26.71
C VAL B 210 -17.33 -0.47 28.13
N ALA B 211 -18.56 -0.03 28.42
CA ALA B 211 -19.15 -0.23 29.74
C ALA B 211 -20.38 -1.12 29.67
N GLY B 212 -20.94 -1.27 28.47
CA GLY B 212 -22.08 -2.13 28.24
C GLY B 212 -23.41 -1.55 28.69
N VAL B 213 -23.40 -0.28 29.07
CA VAL B 213 -24.56 0.36 29.66
C VAL B 213 -25.25 1.36 28.74
N GLY B 214 -26.57 1.27 28.63
CA GLY B 214 -27.33 2.23 27.86
C GLY B 214 -28.78 1.84 27.64
N VAL B 215 -29.54 2.78 27.07
CA VAL B 215 -30.92 2.54 26.69
C VAL B 215 -31.12 3.16 25.31
N PRO B 216 -31.68 2.39 24.37
CA PRO B 216 -31.96 2.90 23.01
C PRO B 216 -32.71 4.23 23.09
N GLN B 217 -32.17 5.25 22.42
CA GLN B 217 -32.55 6.64 22.66
C GLN B 217 -34.03 6.98 22.53
N LEU B 218 -34.70 6.43 21.52
CA LEU B 218 -36.10 6.75 21.31
C LEU B 218 -36.97 6.23 22.45
N THR B 219 -36.65 5.03 22.92
CA THR B 219 -37.31 4.45 24.08
C THR B 219 -36.93 5.23 25.34
N ALA B 220 -35.68 5.67 25.42
CA ALA B 220 -35.21 6.45 26.56
C ALA B 220 -35.98 7.77 26.65
N VAL B 221 -36.03 8.49 25.53
CA VAL B 221 -36.81 9.72 25.43
C VAL B 221 -38.25 9.48 25.85
N TYR B 222 -38.83 8.40 25.35
CA TYR B 222 -40.24 8.10 25.60
C TYR B 222 -40.52 7.76 27.06
N ASP B 223 -39.62 6.99 27.69
CA ASP B 223 -39.78 6.63 29.09
C ASP B 223 -39.59 7.83 30.02
N CYS B 224 -38.63 8.68 29.70
CA CYS B 224 -38.33 9.86 30.51
C CYS B 224 -39.40 10.94 30.35
N ALA B 225 -39.91 11.07 29.13
CA ALA B 225 -40.96 12.04 28.86
C ALA B 225 -42.25 11.64 29.56
N THR B 226 -42.47 10.34 29.70
CA THR B 226 -43.66 9.82 30.35
C THR B 226 -43.72 10.28 31.80
N GLU B 227 -42.57 10.19 32.48
CA GLU B 227 -42.48 10.59 33.89
C GLU B 227 -42.48 12.10 34.05
N ALA B 228 -41.71 12.79 33.22
CA ALA B 228 -41.59 14.24 33.30
C ALA B 228 -42.90 14.95 32.96
N ARG B 229 -43.75 14.29 32.19
CA ARG B 229 -45.04 14.83 31.80
C ARG B 229 -45.93 15.01 33.03
N LYS B 230 -45.79 14.10 33.98
CA LYS B 230 -46.60 14.11 35.20
C LYS B 230 -46.26 15.30 36.09
N HIS B 231 -45.09 15.90 35.87
CA HIS B 231 -44.59 16.95 36.75
C HIS B 231 -44.56 18.30 36.03
N GLY B 232 -44.93 18.30 34.75
CA GLY B 232 -44.87 19.51 33.95
C GLY B 232 -43.45 19.93 33.62
N ILE B 233 -42.56 18.95 33.47
CA ILE B 233 -41.17 19.23 33.20
C ILE B 233 -40.76 18.75 31.79
N PRO B 234 -40.08 19.62 31.03
CA PRO B 234 -39.64 19.28 29.66
C PRO B 234 -38.40 18.38 29.65
N VAL B 235 -38.33 17.48 28.67
CA VAL B 235 -37.12 16.69 28.48
C VAL B 235 -36.39 17.06 27.19
N ILE B 236 -35.07 16.99 27.24
CA ILE B 236 -34.24 17.24 26.07
C ILE B 236 -33.75 15.92 25.48
N ALA B 237 -33.97 15.72 24.19
CA ALA B 237 -33.43 14.55 23.50
C ALA B 237 -32.00 14.82 23.06
N ASP B 238 -31.04 14.24 23.76
CA ASP B 238 -29.62 14.54 23.53
C ASP B 238 -28.84 13.37 22.95
N GLY B 239 -28.48 13.48 21.67
CA GLY B 239 -27.63 12.51 21.02
C GLY B 239 -28.34 11.54 20.08
N GLY B 240 -27.59 10.97 19.14
CA GLY B 240 -28.09 9.93 18.27
C GLY B 240 -28.81 10.40 17.02
N ILE B 241 -28.98 11.72 16.90
CA ILE B 241 -29.67 12.30 15.75
C ILE B 241 -28.71 12.60 14.60
N LYS B 242 -28.94 11.94 13.47
CA LYS B 242 -28.04 12.03 12.32
C LYS B 242 -28.74 12.66 11.10
N TYR B 243 -30.06 12.51 11.04
CA TYR B 243 -30.86 13.16 10.01
C TYR B 243 -31.97 13.96 10.66
N SER B 244 -32.54 14.91 9.92
CA SER B 244 -33.57 15.79 10.46
C SER B 244 -34.82 15.01 10.89
N GLY B 245 -35.07 13.88 10.24
CA GLY B 245 -36.20 13.05 10.57
C GLY B 245 -36.09 12.44 11.95
N ASP B 246 -34.87 12.23 12.41
CA ASP B 246 -34.63 11.67 13.74
C ASP B 246 -35.07 12.66 14.81
N MET B 247 -34.93 13.94 14.49
CA MET B 247 -35.34 15.01 15.40
C MET B 247 -36.86 15.05 15.51
N VAL B 248 -37.54 14.87 14.39
CA VAL B 248 -39.00 14.88 14.39
C VAL B 248 -39.53 13.68 15.18
N LYS B 249 -38.85 12.54 15.05
CA LYS B 249 -39.20 11.35 15.80
C LYS B 249 -39.02 11.58 17.30
N ALA B 250 -37.94 12.25 17.66
CA ALA B 250 -37.60 12.51 19.05
C ALA B 250 -38.62 13.44 19.71
N LEU B 251 -39.00 14.50 19.00
CA LEU B 251 -40.00 15.43 19.48
C LEU B 251 -41.36 14.74 19.59
N ALA B 252 -41.65 13.86 18.64
CA ALA B 252 -42.90 13.10 18.65
C ALA B 252 -42.91 12.06 19.77
N ALA B 253 -41.72 11.67 20.23
CA ALA B 253 -41.60 10.69 21.29
C ALA B 253 -41.87 11.30 22.66
N GLY B 254 -41.88 12.63 22.73
CA GLY B 254 -42.18 13.31 23.98
C GLY B 254 -41.16 14.36 24.39
N ALA B 255 -40.12 14.55 23.59
CA ALA B 255 -39.09 15.55 23.90
C ALA B 255 -39.57 16.96 23.54
N HIS B 256 -39.17 17.93 24.36
CA HIS B 256 -39.49 19.33 24.09
C HIS B 256 -38.54 19.93 23.06
N VAL B 257 -37.25 19.63 23.24
CA VAL B 257 -36.21 20.07 22.32
C VAL B 257 -35.19 18.96 22.13
N VAL B 258 -34.29 19.16 21.17
CA VAL B 258 -33.25 18.18 20.93
C VAL B 258 -31.87 18.82 21.03
N MET B 259 -30.87 18.00 21.34
CA MET B 259 -29.49 18.47 21.41
C MET B 259 -28.66 17.80 20.32
N LEU B 260 -27.94 18.60 19.55
CA LEU B 260 -27.14 18.07 18.45
C LEU B 260 -25.66 18.38 18.62
N GLY B 261 -24.83 17.37 18.39
CA GLY B 261 -23.40 17.56 18.36
C GLY B 261 -22.86 17.36 16.96
N SER B 262 -23.14 16.19 16.39
CA SER B 262 -22.62 15.79 15.08
C SER B 262 -23.05 16.73 13.95
N MET B 263 -24.33 17.07 13.90
CA MET B 263 -24.86 17.88 12.81
C MET B 263 -24.47 19.36 12.90
N PHE B 264 -23.88 19.76 14.03
CA PHE B 264 -23.46 21.13 14.22
C PHE B 264 -21.95 21.28 14.17
N ALA B 265 -21.25 20.17 14.35
CA ALA B 265 -19.79 20.20 14.49
C ALA B 265 -19.07 20.56 13.19
N GLY B 266 -19.81 20.61 12.09
CA GLY B 266 -19.20 20.88 10.81
C GLY B 266 -19.47 22.26 10.26
N VAL B 267 -20.26 23.04 10.99
CA VAL B 267 -20.62 24.38 10.54
C VAL B 267 -19.50 25.38 10.80
N ALA B 268 -19.55 26.51 10.12
CA ALA B 268 -18.50 27.52 10.20
C ALA B 268 -18.29 28.06 11.62
N GLU B 269 -19.37 28.22 12.37
CA GLU B 269 -19.30 28.88 13.67
C GLU B 269 -18.75 27.99 14.80
N SER B 270 -18.68 26.68 14.55
CA SER B 270 -18.16 25.74 15.54
C SER B 270 -16.66 25.96 15.73
N PRO B 271 -16.14 25.63 16.94
CA PRO B 271 -14.72 25.78 17.24
C PRO B 271 -13.84 24.97 16.30
N GLY B 272 -12.59 25.37 16.16
CA GLY B 272 -11.65 24.66 15.32
C GLY B 272 -11.61 25.17 13.89
N GLU B 273 -10.55 24.82 13.19
CA GLU B 273 -10.38 25.27 11.81
C GLU B 273 -10.58 24.12 10.82
N THR B 274 -10.81 24.49 9.56
CA THR B 274 -11.04 23.52 8.50
C THR B 274 -9.75 22.81 8.09
N GLU B 275 -9.87 21.52 7.78
CA GLU B 275 -8.75 20.76 7.23
C GLU B 275 -9.23 19.88 6.09
N ILE B 276 -8.33 19.54 5.18
CA ILE B 276 -8.69 18.87 3.93
C ILE B 276 -8.58 17.35 3.98
N TYR B 277 -9.63 16.69 3.54
CA TYR B 277 -9.54 15.28 3.18
C TYR B 277 -10.30 14.98 1.88
N GLN B 278 -9.66 14.20 1.00
CA GLN B 278 -10.22 13.85 -0.31
C GLN B 278 -10.57 15.06 -1.16
N GLY B 279 -9.89 16.17 -0.92
CA GLY B 279 -10.13 17.39 -1.65
C GLY B 279 -11.25 18.22 -1.05
N ARG B 280 -11.97 17.64 -0.09
CA ARG B 280 -13.05 18.35 0.58
C ARG B 280 -12.68 18.73 2.00
N GLN B 281 -13.45 19.62 2.60
CA GLN B 281 -13.12 20.17 3.91
C GLN B 281 -13.80 19.42 5.06
N PHE B 282 -13.04 19.17 6.12
CA PHE B 282 -13.55 18.50 7.32
C PHE B 282 -13.25 19.35 8.56
N LYS B 283 -14.04 19.15 9.61
CA LYS B 283 -13.75 19.78 10.90
C LYS B 283 -13.72 18.76 12.03
N VAL B 284 -12.82 18.97 12.99
CA VAL B 284 -12.63 18.06 14.11
C VAL B 284 -13.87 17.93 15.01
N TYR B 285 -14.23 16.69 15.34
CA TYR B 285 -15.32 16.42 16.26
C TYR B 285 -14.95 15.22 17.13
N ARG B 286 -15.02 15.39 18.44
CA ARG B 286 -14.59 14.36 19.37
C ARG B 286 -15.48 14.32 20.60
N GLY B 287 -15.57 13.16 21.23
CA GLY B 287 -16.34 13.03 22.46
C GLY B 287 -15.62 13.69 23.61
N MET B 288 -16.38 14.23 24.56
CA MET B 288 -15.80 14.85 25.74
C MET B 288 -15.17 13.80 26.65
N GLY B 289 -15.48 12.53 26.38
CA GLY B 289 -14.88 11.43 27.10
C GLY B 289 -13.80 10.75 26.28
N SER B 290 -13.33 11.43 25.24
CA SER B 290 -12.22 10.93 24.45
C SER B 290 -10.90 11.28 25.13
N VAL B 291 -9.83 10.60 24.74
CA VAL B 291 -8.50 10.85 25.30
C VAL B 291 -8.10 12.32 25.18
N GLY B 292 -8.33 12.90 24.01
CA GLY B 292 -7.98 14.29 23.74
C GLY B 292 -8.75 15.28 24.59
N ALA B 293 -10.05 15.05 24.73
CA ALA B 293 -10.90 15.98 25.48
C ALA B 293 -10.63 15.90 26.99
N MET B 294 -10.39 14.70 27.49
CA MET B 294 -10.07 14.53 28.90
C MET B 294 -8.76 15.23 29.26
N GLU B 295 -7.78 15.18 28.35
CA GLU B 295 -6.48 15.78 28.60
C GLU B 295 -6.56 17.30 28.64
N LYS B 296 -7.38 17.89 27.79
CA LYS B 296 -7.60 19.32 27.79
C LYS B 296 -8.35 19.77 29.04
N GLY B 297 -9.37 18.99 29.41
CA GLY B 297 -10.20 19.31 30.57
C GLY B 297 -9.45 19.21 31.88
N SER B 298 -8.51 18.28 31.97
CA SER B 298 -7.75 18.07 33.21
C SER B 298 -6.47 18.91 33.24
N LYS B 309 -7.94 8.78 36.01
CA LYS B 309 -8.02 7.37 36.32
C LYS B 309 -9.05 6.67 35.43
N LEU B 310 -10.05 7.44 34.97
CA LEU B 310 -11.14 6.89 34.18
C LEU B 310 -10.74 6.49 32.77
N VAL B 311 -11.33 5.40 32.30
CA VAL B 311 -11.15 4.91 30.95
C VAL B 311 -12.02 5.72 30.00
N PRO B 312 -11.53 5.99 28.78
CA PRO B 312 -12.28 6.82 27.81
C PRO B 312 -13.62 6.22 27.38
N GLU B 313 -14.58 7.08 27.07
CA GLU B 313 -15.90 6.64 26.64
C GLU B 313 -16.34 7.32 25.37
N GLY B 314 -15.37 7.86 24.63
CA GLY B 314 -15.64 8.45 23.34
C GLY B 314 -14.43 8.36 22.42
N ILE B 315 -14.64 8.62 21.13
CA ILE B 315 -13.54 8.63 20.17
C ILE B 315 -13.30 10.02 19.59
N GLU B 316 -12.11 10.23 19.03
CA GLU B 316 -11.80 11.47 18.34
C GLU B 316 -12.01 11.28 16.84
N GLY B 317 -12.55 12.31 16.19
CA GLY B 317 -12.80 12.21 14.75
C GLY B 317 -12.98 13.53 14.06
N ARG B 318 -13.61 13.49 12.88
CA ARG B 318 -13.88 14.69 12.11
C ARG B 318 -15.13 14.49 11.24
N VAL B 319 -15.84 15.58 10.97
CA VAL B 319 -17.05 15.52 10.17
C VAL B 319 -16.95 16.53 9.02
N PRO B 320 -17.74 16.33 7.94
CA PRO B 320 -17.69 17.22 6.79
C PRO B 320 -18.01 18.68 7.13
N TYR B 321 -17.30 19.60 6.48
CA TYR B 321 -17.58 21.03 6.65
C TYR B 321 -18.87 21.37 5.91
N LYS B 322 -19.74 22.16 6.54
CA LYS B 322 -21.07 22.42 5.99
C LYS B 322 -21.37 23.90 5.78
N GLY B 323 -20.41 24.77 6.13
CA GLY B 323 -20.59 26.19 5.95
C GLY B 323 -21.33 26.86 7.11
N PRO B 324 -22.00 27.98 6.83
CA PRO B 324 -22.69 28.73 7.90
C PRO B 324 -23.79 27.92 8.57
N LEU B 325 -24.00 28.16 9.86
CA LEU B 325 -24.99 27.44 10.66
C LEU B 325 -26.40 27.60 10.12
N ALA B 326 -26.67 28.75 9.51
CA ALA B 326 -28.00 29.06 8.99
C ALA B 326 -28.50 28.01 8.00
N ASP B 327 -27.60 27.51 7.16
CA ASP B 327 -27.96 26.52 6.15
C ASP B 327 -28.40 25.20 6.79
N THR B 328 -27.65 24.75 7.79
CA THR B 328 -27.95 23.52 8.51
C THR B 328 -29.30 23.65 9.23
N VAL B 329 -29.45 24.74 9.98
CA VAL B 329 -30.67 24.99 10.74
C VAL B 329 -31.90 25.06 9.84
N HIS B 330 -31.79 25.76 8.72
CA HIS B 330 -32.90 25.88 7.78
C HIS B 330 -33.35 24.51 7.26
N GLN B 331 -32.38 23.63 7.03
CA GLN B 331 -32.69 22.27 6.61
C GLN B 331 -33.40 21.51 7.73
N LEU B 332 -32.84 21.58 8.92
CA LEU B 332 -33.41 20.92 10.10
C LEU B 332 -34.86 21.32 10.36
N VAL B 333 -35.10 22.62 10.50
CA VAL B 333 -36.44 23.13 10.76
C VAL B 333 -37.39 22.80 9.61
N GLY B 334 -36.86 22.85 8.39
CA GLY B 334 -37.64 22.55 7.20
C GLY B 334 -38.15 21.11 7.19
N GLY B 335 -37.36 20.20 7.73
CA GLY B 335 -37.75 18.81 7.83
C GLY B 335 -38.83 18.64 8.87
N LEU B 336 -38.70 19.39 9.96
CA LEU B 336 -39.67 19.37 11.04
C LEU B 336 -41.04 19.89 10.60
N ARG B 337 -41.04 20.98 9.85
CA ARG B 337 -42.29 21.57 9.35
C ARG B 337 -43.02 20.60 8.45
N ALA B 338 -42.25 19.91 7.61
CA ALA B 338 -42.82 18.92 6.70
C ALA B 338 -43.43 17.77 7.48
N GLY B 339 -42.67 17.25 8.43
CA GLY B 339 -43.10 16.15 9.25
C GLY B 339 -44.30 16.49 10.12
N MET B 340 -44.29 17.68 10.70
CA MET B 340 -45.42 18.15 11.49
C MET B 340 -46.63 18.29 10.58
N GLY B 341 -46.41 18.76 9.35
CA GLY B 341 -47.47 18.86 8.37
C GLY B 341 -48.07 17.50 8.02
N TYR B 342 -47.22 16.48 7.96
CA TYR B 342 -47.68 15.12 7.67
C TYR B 342 -48.57 14.60 8.80
N CYS B 343 -48.23 14.98 10.02
CA CYS B 343 -48.93 14.49 11.21
C CYS B 343 -50.12 15.36 11.57
N GLY B 344 -50.26 16.51 10.91
CA GLY B 344 -51.35 17.42 11.19
C GLY B 344 -51.15 18.16 12.49
N ALA B 345 -49.91 18.44 12.83
CA ALA B 345 -49.57 19.12 14.06
C ALA B 345 -49.35 20.61 13.84
N GLN B 346 -50.22 21.43 14.42
CA GLN B 346 -50.11 22.89 14.32
C GLN B 346 -48.98 23.40 15.21
N ASP B 347 -48.71 22.68 16.30
CA ASP B 347 -47.65 23.06 17.23
C ASP B 347 -46.97 21.82 17.78
N LEU B 348 -45.87 22.01 18.50
CA LEU B 348 -45.09 20.89 19.02
C LEU B 348 -45.85 20.05 20.04
N GLU B 349 -46.71 20.70 20.83
CA GLU B 349 -47.46 19.98 21.85
C GLU B 349 -48.44 18.97 21.26
N PHE B 350 -49.16 19.38 20.22
CA PHE B 350 -50.06 18.47 19.53
C PHE B 350 -49.30 17.26 19.02
N LEU B 351 -48.12 17.51 18.44
CA LEU B 351 -47.26 16.43 17.94
C LEU B 351 -46.88 15.50 19.08
N ARG B 352 -46.50 16.07 20.21
CA ARG B 352 -46.10 15.28 21.38
C ARG B 352 -47.24 14.41 21.92
N GLU B 353 -48.48 14.89 21.79
CA GLU B 353 -49.62 14.22 22.39
C GLU B 353 -50.45 13.38 21.43
N ASN B 354 -50.08 13.36 20.15
CA ASN B 354 -50.90 12.69 19.14
C ASN B 354 -50.15 11.83 18.13
N ALA B 355 -48.88 12.15 17.91
CA ALA B 355 -48.11 11.46 16.88
C ALA B 355 -48.04 9.97 17.15
N GLN B 356 -48.30 9.18 16.12
CA GLN B 356 -48.23 7.73 16.22
C GLN B 356 -47.08 7.17 15.40
N PHE B 357 -46.40 6.16 15.93
CA PHE B 357 -45.31 5.51 15.22
C PHE B 357 -45.75 4.18 14.64
N ILE B 358 -44.88 3.62 13.79
CA ILE B 358 -45.04 2.25 13.33
C ILE B 358 -43.67 1.59 13.32
N ARG B 359 -43.58 0.37 13.86
CA ARG B 359 -42.30 -0.32 13.95
C ARG B 359 -41.94 -0.99 12.63
N MET B 360 -40.66 -1.00 12.29
CA MET B 360 -40.20 -1.60 11.04
C MET B 360 -38.89 -2.36 11.22
N SER B 361 -38.61 -3.27 10.28
CA SER B 361 -37.39 -4.08 10.32
C SER B 361 -36.24 -3.40 9.59
N GLY B 362 -35.13 -4.12 9.46
CA GLY B 362 -33.98 -3.64 8.73
C GLY B 362 -34.32 -3.38 7.27
N ALA B 363 -35.22 -4.21 6.73
CA ALA B 363 -35.69 -4.04 5.37
C ALA B 363 -36.50 -2.76 5.22
N GLY B 364 -37.23 -2.41 6.27
CA GLY B 364 -37.98 -1.17 6.28
C GLY B 364 -37.05 0.02 6.25
N LEU B 365 -36.00 -0.03 7.06
CA LEU B 365 -34.99 1.02 7.07
C LEU B 365 -34.35 1.17 5.69
N LEU B 366 -33.97 0.04 5.09
CA LEU B 366 -33.33 0.04 3.77
C LEU B 366 -34.21 0.70 2.72
N GLU B 367 -35.50 0.46 2.85
CA GLU B 367 -36.49 1.02 1.93
C GLU B 367 -36.71 2.50 2.19
N SER B 368 -36.59 2.90 3.45
CA SER B 368 -36.84 4.28 3.85
C SER B 368 -35.82 5.24 3.23
N HIS B 369 -34.56 4.83 3.22
CA HIS B 369 -33.51 5.61 2.58
C HIS B 369 -33.58 5.42 1.07
N PRO B 370 -32.90 6.29 0.31
CA PRO B 370 -32.77 6.02 -1.13
C PRO B 370 -32.14 4.65 -1.36
N HIS B 371 -32.50 3.99 -2.45
CA HIS B 371 -31.97 2.66 -2.73
C HIS B 371 -31.94 2.34 -4.22
N HIS B 372 -31.02 1.45 -4.59
CA HIS B 372 -30.93 0.92 -5.96
C HIS B 372 -30.78 2.02 -7.02
N VAL B 373 -30.24 3.16 -6.61
CA VAL B 373 -29.94 4.25 -7.53
C VAL B 373 -28.63 4.90 -7.08
N GLN B 374 -27.73 5.16 -8.01
CA GLN B 374 -26.47 5.82 -7.67
C GLN B 374 -26.67 7.34 -7.59
N ILE B 375 -26.46 7.89 -6.41
CA ILE B 375 -26.65 9.33 -6.20
C ILE B 375 -25.51 10.12 -6.81
N THR B 376 -25.85 11.15 -7.59
CA THR B 376 -24.85 11.94 -8.31
C THR B 376 -24.59 13.30 -7.67
N LYS B 377 -25.54 13.77 -6.86
CA LYS B 377 -25.39 15.05 -6.17
C LYS B 377 -25.79 14.91 -4.70
N GLU B 378 -24.98 15.46 -3.81
CA GLU B 378 -25.34 15.53 -2.41
C GLU B 378 -26.51 16.49 -2.24
N ALA B 379 -27.54 16.05 -1.54
CA ALA B 379 -28.67 16.91 -1.23
C ALA B 379 -28.33 17.74 0.01
N PRO B 380 -28.90 18.96 0.11
CA PRO B 380 -28.60 19.83 1.26
C PRO B 380 -28.98 19.19 2.61
N ASN B 381 -29.85 18.20 2.60
CA ASN B 381 -30.28 17.54 3.83
C ASN B 381 -30.05 16.02 3.82
N TYR B 382 -29.31 15.53 2.82
CA TYR B 382 -29.00 14.10 2.78
C TYR B 382 -27.56 13.79 2.38
N SER B 383 -26.80 13.27 3.35
CA SER B 383 -25.41 12.86 3.16
C SER B 383 -24.55 13.98 2.56
N ALA C 24 -61.75 -14.38 5.93
CA ALA C 24 -60.79 -15.19 6.66
C ALA C 24 -59.49 -15.36 5.87
N MET C 25 -59.62 -15.45 4.55
CA MET C 25 -58.46 -15.59 3.68
C MET C 25 -57.69 -14.29 3.61
N TRP C 26 -58.41 -13.18 3.67
CA TRP C 26 -57.81 -11.84 3.57
C TRP C 26 -57.05 -11.45 4.84
N GLU C 27 -57.51 -11.96 5.98
CA GLU C 27 -56.92 -11.56 7.26
C GLU C 27 -55.78 -12.48 7.72
N SER C 28 -55.58 -13.59 7.01
CA SER C 28 -54.53 -14.53 7.38
C SER C 28 -53.25 -14.30 6.59
N LYS C 29 -53.27 -13.31 5.70
CA LYS C 29 -52.18 -13.09 4.75
C LYS C 29 -50.78 -12.99 5.36
N PHE C 30 -50.66 -12.42 6.55
CA PHE C 30 -49.33 -12.18 7.11
C PHE C 30 -49.06 -12.85 8.46
N VAL C 31 -49.81 -13.90 8.77
CA VAL C 31 -49.68 -14.56 10.07
C VAL C 31 -48.52 -15.55 10.17
N LYS C 32 -48.18 -16.19 9.05
CA LYS C 32 -47.11 -17.20 9.03
C LYS C 32 -45.71 -16.62 9.23
N GLU C 33 -44.87 -17.37 9.92
CA GLU C 33 -43.46 -17.03 10.10
C GLU C 33 -42.57 -18.19 9.63
N GLY C 34 -41.45 -17.85 9.00
CA GLY C 34 -40.54 -18.86 8.49
C GLY C 34 -39.13 -18.66 9.00
N LEU C 35 -38.41 -19.75 9.19
CA LEU C 35 -37.05 -19.74 9.66
C LEU C 35 -36.12 -20.37 8.63
N THR C 36 -34.85 -19.98 8.65
CA THR C 36 -33.86 -20.61 7.80
C THR C 36 -32.66 -21.01 8.64
N PHE C 37 -31.66 -21.60 8.01
CA PHE C 37 -30.50 -22.15 8.71
C PHE C 37 -29.78 -21.14 9.59
N ASP C 38 -29.64 -19.92 9.09
CA ASP C 38 -28.87 -18.89 9.78
C ASP C 38 -29.63 -18.24 10.93
N ASP C 39 -30.90 -18.60 11.06
CA ASP C 39 -31.75 -18.11 12.15
C ASP C 39 -31.59 -18.95 13.42
N VAL C 40 -31.07 -20.16 13.28
CA VAL C 40 -31.08 -21.09 14.40
C VAL C 40 -29.74 -21.71 14.75
N LEU C 41 -29.73 -22.44 15.86
CA LEU C 41 -28.60 -23.26 16.26
C LEU C 41 -29.17 -24.52 16.92
N LEU C 42 -28.41 -25.61 16.87
CA LEU C 42 -28.81 -26.82 17.57
C LEU C 42 -28.33 -26.76 19.01
N VAL C 43 -29.22 -27.09 19.93
CA VAL C 43 -28.89 -27.05 21.35
C VAL C 43 -28.24 -28.35 21.79
N PRO C 44 -27.07 -28.26 22.44
CA PRO C 44 -26.34 -29.43 22.94
C PRO C 44 -27.17 -30.22 23.97
N ALA C 45 -27.20 -31.53 23.83
CA ALA C 45 -27.96 -32.37 24.75
C ALA C 45 -27.07 -33.42 25.42
N LYS C 46 -27.61 -34.16 26.38
CA LYS C 46 -26.87 -35.24 27.03
C LYS C 46 -26.43 -36.26 25.98
N SER C 47 -25.20 -36.74 26.10
CA SER C 47 -24.64 -37.62 25.08
C SER C 47 -23.65 -38.63 25.66
N ASP C 48 -23.86 -39.90 25.33
CA ASP C 48 -22.90 -40.93 25.67
C ASP C 48 -22.37 -41.57 24.38
N VAL C 49 -22.51 -40.84 23.28
CA VAL C 49 -22.03 -41.33 22.00
C VAL C 49 -20.95 -40.41 21.41
N LEU C 50 -19.87 -41.01 20.94
CA LEU C 50 -18.80 -40.27 20.27
C LEU C 50 -19.10 -40.16 18.78
N PRO C 51 -18.64 -39.07 18.15
CA PRO C 51 -18.81 -38.87 16.71
C PRO C 51 -18.32 -40.09 15.91
N ARG C 52 -17.23 -40.68 16.37
CA ARG C 52 -16.64 -41.85 15.75
C ARG C 52 -17.60 -43.03 15.69
N GLU C 53 -18.54 -43.08 16.63
CA GLU C 53 -19.42 -44.23 16.82
C GLU C 53 -20.80 -44.10 16.18
N VAL C 54 -21.15 -42.92 15.71
CA VAL C 54 -22.52 -42.68 15.24
C VAL C 54 -22.85 -43.39 13.93
N SER C 55 -24.13 -43.71 13.76
CA SER C 55 -24.62 -44.30 12.53
C SER C 55 -25.12 -43.21 11.59
N VAL C 56 -24.58 -43.18 10.38
CA VAL C 56 -24.87 -42.11 9.43
C VAL C 56 -25.74 -42.61 8.25
N LYS C 57 -26.05 -43.90 8.26
CA LYS C 57 -26.89 -44.54 7.24
C LYS C 57 -28.28 -43.91 7.10
N THR C 58 -28.95 -44.20 5.98
CA THR C 58 -30.32 -43.77 5.77
C THR C 58 -31.08 -44.66 4.78
N VAL C 59 -32.33 -44.96 5.12
CA VAL C 59 -33.20 -45.75 4.24
C VAL C 59 -34.32 -44.88 3.66
N LEU C 60 -34.26 -44.61 2.37
CA LEU C 60 -35.29 -43.82 1.69
C LEU C 60 -36.43 -44.71 1.20
N SER C 61 -36.12 -45.97 0.92
CA SER C 61 -37.13 -46.95 0.53
C SER C 61 -36.53 -48.35 0.65
N GLU C 62 -37.37 -49.37 0.42
CA GLU C 62 -36.92 -50.76 0.51
C GLU C 62 -35.77 -51.03 -0.46
N SER C 63 -35.79 -50.36 -1.61
CA SER C 63 -34.79 -50.58 -2.64
C SER C 63 -33.81 -49.41 -2.79
N LEU C 64 -33.82 -48.49 -1.84
CA LEU C 64 -32.91 -47.34 -1.91
C LEU C 64 -32.35 -46.99 -0.54
N GLN C 65 -31.12 -47.42 -0.27
CA GLN C 65 -30.46 -47.13 0.99
C GLN C 65 -29.11 -46.47 0.79
N LEU C 66 -28.87 -45.40 1.55
CA LEU C 66 -27.62 -44.67 1.46
C LEU C 66 -26.82 -44.81 2.76
N ASN C 67 -25.51 -45.01 2.62
CA ASN C 67 -24.64 -45.06 3.79
C ASN C 67 -24.28 -43.68 4.29
N ILE C 68 -24.42 -42.67 3.42
CA ILE C 68 -24.27 -41.28 3.81
C ILE C 68 -25.44 -40.46 3.28
N PRO C 69 -25.93 -39.50 4.08
CA PRO C 69 -27.13 -38.72 3.73
C PRO C 69 -26.82 -37.58 2.76
N LEU C 70 -26.29 -37.90 1.59
CA LEU C 70 -25.91 -36.89 0.62
C LEU C 70 -26.35 -37.27 -0.80
N ILE C 71 -26.98 -36.32 -1.48
CA ILE C 71 -27.36 -36.50 -2.88
C ILE C 71 -26.85 -35.33 -3.71
N SER C 72 -26.21 -35.60 -4.83
CA SER C 72 -25.72 -34.53 -5.70
C SER C 72 -26.82 -34.09 -6.67
N ALA C 73 -27.00 -32.76 -6.78
CA ALA C 73 -28.10 -32.18 -7.54
C ALA C 73 -28.10 -32.53 -9.03
N GLY C 74 -29.30 -32.71 -9.58
CA GLY C 74 -29.46 -33.01 -11.00
C GLY C 74 -29.32 -31.77 -11.86
N MET C 75 -28.09 -31.25 -11.93
CA MET C 75 -27.82 -30.04 -12.70
C MET C 75 -26.68 -30.26 -13.70
N ASP C 76 -26.67 -29.49 -14.79
CA ASP C 76 -25.68 -29.71 -15.85
C ASP C 76 -24.26 -29.24 -15.50
N THR C 77 -24.08 -28.74 -14.29
CA THR C 77 -22.76 -28.32 -13.84
C THR C 77 -22.42 -28.99 -12.51
N VAL C 78 -23.25 -29.93 -12.10
CA VAL C 78 -23.05 -30.64 -10.84
C VAL C 78 -22.87 -32.15 -11.03
N THR C 79 -23.84 -32.79 -11.68
CA THR C 79 -23.85 -34.26 -11.72
C THR C 79 -24.02 -34.88 -13.10
N GLU C 80 -22.98 -35.59 -13.52
CA GLU C 80 -23.06 -36.47 -14.68
C GLU C 80 -22.48 -37.80 -14.23
N ALA C 81 -22.13 -38.68 -15.16
CA ALA C 81 -21.72 -40.04 -14.83
C ALA C 81 -20.56 -40.12 -13.83
N ASP C 82 -19.53 -39.32 -14.04
CA ASP C 82 -18.37 -39.33 -13.18
C ASP C 82 -18.69 -38.90 -11.76
N MET C 83 -19.59 -37.93 -11.62
CA MET C 83 -20.01 -37.48 -10.30
C MET C 83 -20.86 -38.54 -9.60
N ALA C 84 -21.75 -39.16 -10.37
CA ALA C 84 -22.67 -40.15 -9.81
C ALA C 84 -21.94 -41.39 -9.32
N ILE C 85 -20.90 -41.78 -10.05
CA ILE C 85 -20.06 -42.91 -9.66
C ILE C 85 -19.33 -42.61 -8.36
N ALA C 86 -18.63 -41.48 -8.31
CA ALA C 86 -17.89 -41.08 -7.12
C ALA C 86 -18.78 -40.96 -5.90
N MET C 87 -19.98 -40.39 -6.07
CA MET C 87 -20.93 -40.22 -4.97
C MET C 87 -21.40 -41.57 -4.43
N ALA C 88 -21.73 -42.47 -5.34
CA ALA C 88 -22.26 -43.79 -4.96
C ALA C 88 -21.21 -44.61 -4.20
N ARG C 89 -19.95 -44.49 -4.62
CA ARG C 89 -18.88 -45.22 -3.96
C ARG C 89 -18.58 -44.67 -2.57
N GLN C 90 -19.01 -43.44 -2.31
CA GLN C 90 -18.86 -42.84 -0.99
C GLN C 90 -20.03 -43.21 -0.07
N GLY C 91 -21.09 -43.75 -0.66
CA GLY C 91 -22.27 -44.15 0.10
C GLY C 91 -23.47 -43.27 -0.21
N GLY C 92 -23.28 -42.32 -1.11
CA GLY C 92 -24.32 -41.36 -1.43
C GLY C 92 -25.07 -41.69 -2.71
N LEU C 93 -25.52 -40.64 -3.41
CA LEU C 93 -26.28 -40.81 -4.64
C LEU C 93 -26.08 -39.63 -5.57
N GLY C 94 -26.02 -39.90 -6.86
CA GLY C 94 -25.95 -38.86 -7.87
C GLY C 94 -27.18 -38.85 -8.76
N ILE C 95 -27.62 -37.66 -9.14
CA ILE C 95 -28.76 -37.53 -10.04
C ILE C 95 -28.32 -37.01 -11.40
N ILE C 96 -28.42 -37.85 -12.42
CA ILE C 96 -28.10 -37.43 -13.78
C ILE C 96 -29.10 -36.36 -14.23
N HIS C 97 -28.59 -35.21 -14.66
CA HIS C 97 -29.45 -34.12 -15.11
C HIS C 97 -30.13 -34.42 -16.44
N LYS C 98 -31.11 -33.61 -16.80
CA LYS C 98 -31.92 -33.86 -18.00
C LYS C 98 -31.57 -32.98 -19.19
N ASN C 99 -30.52 -32.17 -19.08
CA ASN C 99 -30.07 -31.34 -20.19
C ASN C 99 -29.26 -32.14 -21.22
N MET C 100 -29.86 -33.20 -21.72
CA MET C 100 -29.25 -34.07 -22.70
C MET C 100 -30.36 -34.94 -23.27
N SER C 101 -30.08 -35.61 -24.38
CA SER C 101 -31.09 -36.45 -25.02
C SER C 101 -31.45 -37.64 -24.15
N ILE C 102 -32.60 -38.24 -24.46
CA ILE C 102 -33.06 -39.45 -23.80
C ILE C 102 -32.03 -40.57 -23.91
N GLU C 103 -31.39 -40.67 -25.08
CA GLU C 103 -30.39 -41.69 -25.33
C GLU C 103 -29.11 -41.45 -24.52
N GLN C 104 -28.66 -40.19 -24.50
CA GLN C 104 -27.47 -39.82 -23.75
C GLN C 104 -27.63 -40.05 -22.24
N GLN C 105 -28.83 -39.74 -21.72
CA GLN C 105 -29.08 -39.92 -20.31
C GLN C 105 -29.15 -41.40 -19.93
N ALA C 106 -29.73 -42.20 -20.82
CA ALA C 106 -29.81 -43.64 -20.62
C ALA C 106 -28.42 -44.26 -20.63
N GLU C 107 -27.51 -43.67 -21.40
CA GLU C 107 -26.13 -44.13 -21.45
C GLU C 107 -25.36 -43.75 -20.20
N GLN C 108 -25.66 -42.57 -19.66
CA GLN C 108 -25.05 -42.10 -18.42
C GLN C 108 -25.42 -43.02 -17.25
N VAL C 109 -26.70 -43.39 -17.18
CA VAL C 109 -27.20 -44.28 -16.15
C VAL C 109 -26.55 -45.65 -16.27
N ASP C 110 -26.45 -46.15 -17.50
CA ASP C 110 -25.80 -47.42 -17.77
C ASP C 110 -24.32 -47.38 -17.37
N LYS C 111 -23.67 -46.27 -17.69
CA LYS C 111 -22.25 -46.08 -17.38
C LYS C 111 -21.98 -46.24 -15.90
N VAL C 112 -22.83 -45.65 -15.07
CA VAL C 112 -22.70 -45.75 -13.62
C VAL C 112 -23.04 -47.16 -13.16
N LYS C 113 -24.01 -47.78 -13.84
CA LYS C 113 -24.41 -49.13 -13.51
C LYS C 113 -23.34 -50.20 -13.78
N ARG C 114 -22.62 -50.07 -14.89
CA ARG C 114 -21.56 -51.02 -15.20
C ARG C 114 -20.24 -50.67 -14.51
N SER C 115 -20.32 -49.76 -13.54
CA SER C 115 -19.16 -49.40 -12.74
C SER C 115 -19.27 -49.99 -11.34
N GLY C 116 -19.81 -51.22 -11.27
CA GLY C 116 -19.90 -51.93 -10.01
C GLY C 116 -21.30 -52.10 -9.47
N GLY C 117 -22.31 -51.77 -10.27
CA GLY C 117 -23.69 -51.89 -9.85
C GLY C 117 -24.11 -50.81 -8.88
N LEU C 118 -23.56 -49.61 -9.07
CA LEU C 118 -23.79 -48.49 -8.17
C LEU C 118 -25.19 -47.89 -8.31
N LEU C 119 -25.74 -47.42 -7.20
CA LEU C 119 -27.02 -46.71 -7.21
C LEU C 119 -26.89 -45.43 -8.01
N VAL C 120 -27.90 -45.14 -8.83
CA VAL C 120 -27.91 -43.91 -9.62
C VAL C 120 -29.33 -43.44 -9.91
N GLY C 121 -29.55 -42.13 -9.79
CA GLY C 121 -30.83 -41.54 -10.10
C GLY C 121 -30.76 -40.68 -11.35
N ALA C 122 -31.91 -40.35 -11.91
CA ALA C 122 -31.97 -39.52 -13.11
C ALA C 122 -33.13 -38.53 -13.06
N ALA C 123 -32.91 -37.35 -13.63
CA ALA C 123 -33.91 -36.29 -13.61
C ALA C 123 -34.84 -36.31 -14.82
N VAL C 124 -36.14 -36.24 -14.55
CA VAL C 124 -37.15 -36.16 -15.59
C VAL C 124 -38.03 -34.95 -15.31
N GLY C 125 -38.36 -34.20 -16.35
CA GLY C 125 -39.25 -33.06 -16.22
C GLY C 125 -40.67 -33.43 -16.61
N VAL C 126 -41.62 -32.54 -16.33
CA VAL C 126 -43.00 -32.77 -16.75
C VAL C 126 -43.24 -32.28 -18.17
N THR C 127 -43.07 -33.17 -19.13
CA THR C 127 -43.36 -32.89 -20.53
C THR C 127 -44.19 -34.04 -21.05
N ALA C 128 -44.62 -33.96 -22.32
CA ALA C 128 -45.40 -35.03 -22.92
C ALA C 128 -44.55 -36.29 -23.06
N ASP C 129 -43.30 -36.11 -23.47
CA ASP C 129 -42.40 -37.23 -23.72
C ASP C 129 -41.71 -37.73 -22.46
N ALA C 130 -42.20 -37.32 -21.30
CA ALA C 130 -41.63 -37.72 -20.02
C ALA C 130 -41.61 -39.24 -19.88
N MET C 131 -42.71 -39.89 -20.28
CA MET C 131 -42.80 -41.35 -20.22
C MET C 131 -41.75 -42.02 -21.11
N THR C 132 -41.51 -41.43 -22.29
CA THR C 132 -40.52 -41.96 -23.22
C THR C 132 -39.12 -41.98 -22.58
N ARG C 133 -38.78 -40.88 -21.93
CA ARG C 133 -37.49 -40.78 -21.25
C ARG C 133 -37.40 -41.76 -20.09
N ILE C 134 -38.48 -41.84 -19.31
CA ILE C 134 -38.55 -42.75 -18.18
C ILE C 134 -38.43 -44.20 -18.62
N ASP C 135 -39.07 -44.53 -19.75
CA ASP C 135 -38.99 -45.87 -20.30
C ASP C 135 -37.56 -46.27 -20.61
N ALA C 136 -36.76 -45.30 -21.05
CA ALA C 136 -35.36 -45.54 -21.38
C ALA C 136 -34.50 -45.63 -20.13
N LEU C 137 -34.81 -44.79 -19.14
CA LEU C 137 -34.07 -44.78 -17.89
C LEU C 137 -34.32 -46.08 -17.12
N VAL C 138 -35.56 -46.56 -17.15
CA VAL C 138 -35.90 -47.83 -16.52
C VAL C 138 -35.20 -48.99 -17.22
N LYS C 139 -35.19 -48.95 -18.55
CA LYS C 139 -34.50 -49.95 -19.35
C LYS C 139 -33.01 -49.97 -19.01
N ALA C 140 -32.46 -48.81 -18.69
CA ALA C 140 -31.06 -48.68 -18.32
C ALA C 140 -30.82 -49.08 -16.86
N SER C 141 -31.88 -49.57 -16.21
CA SER C 141 -31.82 -50.12 -14.85
C SER C 141 -31.58 -49.04 -13.78
N VAL C 142 -32.22 -47.89 -13.95
CA VAL C 142 -32.07 -46.78 -13.00
C VAL C 142 -32.77 -47.11 -11.67
N ASP C 143 -32.18 -46.64 -10.57
CA ASP C 143 -32.71 -46.95 -9.25
C ASP C 143 -33.77 -45.97 -8.78
N ALA C 144 -33.73 -44.76 -9.31
CA ALA C 144 -34.70 -43.74 -8.96
C ALA C 144 -34.85 -42.68 -10.04
N ILE C 145 -36.08 -42.30 -10.35
CA ILE C 145 -36.30 -41.17 -11.24
C ILE C 145 -36.82 -39.97 -10.43
N VAL C 146 -36.28 -38.80 -10.74
CA VAL C 146 -36.65 -37.58 -10.04
C VAL C 146 -37.54 -36.71 -10.90
N LEU C 147 -38.84 -36.72 -10.61
CA LEU C 147 -39.76 -35.81 -11.27
C LEU C 147 -39.48 -34.39 -10.79
N ASP C 148 -38.75 -33.65 -11.61
CA ASP C 148 -38.13 -32.40 -11.20
C ASP C 148 -38.80 -31.19 -11.85
N THR C 149 -39.56 -30.44 -11.06
CA THR C 149 -40.24 -29.24 -11.55
C THR C 149 -40.08 -28.07 -10.57
N ALA C 150 -40.37 -26.88 -11.07
CA ALA C 150 -40.26 -25.66 -10.28
C ALA C 150 -41.37 -25.60 -9.23
N HIS C 151 -42.53 -26.12 -9.59
CA HIS C 151 -43.71 -26.07 -8.71
C HIS C 151 -44.33 -27.44 -8.49
N GLY C 152 -43.89 -28.13 -7.45
CA GLY C 152 -44.35 -29.48 -7.16
C GLY C 152 -45.84 -29.60 -6.91
N HIS C 153 -46.47 -28.50 -6.54
CA HIS C 153 -47.90 -28.51 -6.22
C HIS C 153 -48.76 -28.27 -7.46
N SER C 154 -48.14 -28.36 -8.64
CA SER C 154 -48.88 -28.18 -9.88
C SER C 154 -49.67 -29.46 -10.21
N GLN C 155 -50.80 -29.30 -10.88
CA GLN C 155 -51.64 -30.44 -11.20
C GLN C 155 -50.96 -31.35 -12.21
N GLY C 156 -50.19 -30.77 -13.12
CA GLY C 156 -49.45 -31.52 -14.10
C GLY C 156 -48.45 -32.47 -13.46
N VAL C 157 -47.77 -31.99 -12.42
CA VAL C 157 -46.79 -32.80 -11.72
C VAL C 157 -47.48 -33.96 -11.02
N ILE C 158 -48.55 -33.66 -10.29
CA ILE C 158 -49.34 -34.66 -9.58
C ILE C 158 -49.86 -35.73 -10.55
N ASP C 159 -50.35 -35.29 -11.71
CA ASP C 159 -50.85 -36.20 -12.73
C ASP C 159 -49.74 -37.09 -13.28
N LYS C 160 -48.57 -36.49 -13.50
CA LYS C 160 -47.43 -37.22 -14.05
C LYS C 160 -46.91 -38.28 -13.07
N VAL C 161 -47.05 -38.00 -11.79
CA VAL C 161 -46.68 -38.98 -10.77
C VAL C 161 -47.62 -40.18 -10.83
N LYS C 162 -48.90 -39.90 -11.05
CA LYS C 162 -49.90 -40.96 -11.13
C LYS C 162 -49.65 -41.89 -12.32
N GLU C 163 -49.28 -41.33 -13.46
CA GLU C 163 -49.01 -42.11 -14.66
C GLU C 163 -47.84 -43.06 -14.46
N VAL C 164 -46.76 -42.56 -13.85
CA VAL C 164 -45.56 -43.37 -13.65
C VAL C 164 -45.79 -44.46 -12.61
N ARG C 165 -46.46 -44.11 -11.52
CA ARG C 165 -46.77 -45.07 -10.46
C ARG C 165 -47.68 -46.19 -10.98
N ALA C 166 -48.52 -45.87 -11.95
CA ALA C 166 -49.47 -46.82 -12.50
C ALA C 166 -48.80 -47.79 -13.47
N LYS C 167 -47.60 -47.44 -13.93
CA LYS C 167 -46.89 -48.26 -14.90
C LYS C 167 -45.70 -48.96 -14.26
N TYR C 168 -45.02 -48.27 -13.36
CA TYR C 168 -43.86 -48.83 -12.66
C TYR C 168 -44.07 -48.83 -11.15
N PRO C 169 -44.85 -49.80 -10.64
CA PRO C 169 -45.27 -49.87 -9.23
C PRO C 169 -44.12 -50.10 -8.24
N SER C 170 -42.94 -50.45 -8.73
CA SER C 170 -41.80 -50.71 -7.84
C SER C 170 -40.71 -49.67 -8.01
N LEU C 171 -40.93 -48.71 -8.91
CA LEU C 171 -39.93 -47.70 -9.20
C LEU C 171 -39.91 -46.57 -8.16
N ASN C 172 -38.72 -46.26 -7.67
CA ASN C 172 -38.53 -45.15 -6.76
C ASN C 172 -38.78 -43.81 -7.46
N ILE C 173 -39.79 -43.09 -7.00
CA ILE C 173 -40.15 -41.81 -7.59
C ILE C 173 -39.95 -40.65 -6.61
N ILE C 174 -38.96 -39.80 -6.90
CA ILE C 174 -38.78 -38.58 -6.12
C ILE C 174 -39.51 -37.44 -6.82
N ALA C 175 -40.45 -36.83 -6.11
CA ALA C 175 -41.24 -35.74 -6.67
C ALA C 175 -40.97 -34.42 -5.97
N GLY C 176 -40.72 -33.38 -6.75
CA GLY C 176 -40.46 -32.07 -6.19
C GLY C 176 -40.61 -30.99 -7.25
N ASN C 177 -40.40 -29.73 -6.84
CA ASN C 177 -40.13 -29.40 -5.45
C ASN C 177 -41.33 -28.76 -4.77
N VAL C 178 -41.41 -28.91 -3.46
CA VAL C 178 -42.52 -28.36 -2.68
C VAL C 178 -42.01 -27.66 -1.42
N ALA C 179 -42.86 -26.88 -0.79
CA ALA C 179 -42.48 -26.18 0.44
C ALA C 179 -43.60 -26.18 1.48
N THR C 180 -44.69 -26.89 1.19
CA THR C 180 -45.83 -26.91 2.09
C THR C 180 -46.31 -28.32 2.40
N ALA C 181 -46.99 -28.47 3.53
CA ALA C 181 -47.51 -29.76 3.96
C ALA C 181 -48.60 -30.25 3.02
N GLU C 182 -49.37 -29.30 2.48
CA GLU C 182 -50.45 -29.61 1.55
C GLU C 182 -49.89 -30.21 0.27
N ALA C 183 -48.77 -29.66 -0.18
CA ALA C 183 -48.13 -30.13 -1.41
C ALA C 183 -47.45 -31.48 -1.21
N THR C 184 -46.83 -31.65 -0.04
CA THR C 184 -46.20 -32.91 0.31
C THR C 184 -47.25 -34.02 0.34
N LYS C 185 -48.37 -33.73 0.99
CA LYS C 185 -49.49 -34.66 1.08
C LYS C 185 -49.99 -35.09 -0.29
N ALA C 186 -50.14 -34.11 -1.19
CA ALA C 186 -50.65 -34.37 -2.53
C ALA C 186 -49.71 -35.26 -3.35
N LEU C 187 -48.41 -35.07 -3.17
CA LEU C 187 -47.44 -35.89 -3.90
C LEU C 187 -47.36 -37.31 -3.36
N ILE C 188 -47.46 -37.45 -2.04
CA ILE C 188 -47.49 -38.77 -1.43
C ILE C 188 -48.74 -39.51 -1.90
N GLU C 189 -49.85 -38.78 -1.94
CA GLU C 189 -51.13 -39.33 -2.37
C GLU C 189 -51.12 -39.70 -3.85
N ALA C 190 -50.30 -39.01 -4.63
CA ALA C 190 -50.23 -39.24 -6.07
C ALA C 190 -49.40 -40.48 -6.37
N GLY C 191 -48.58 -40.91 -5.41
CA GLY C 191 -47.81 -42.13 -5.57
C GLY C 191 -46.32 -42.00 -5.33
N ALA C 192 -45.83 -40.78 -5.19
CA ALA C 192 -44.40 -40.56 -4.94
C ALA C 192 -43.99 -41.17 -3.61
N ASN C 193 -42.80 -41.79 -3.57
CA ASN C 193 -42.35 -42.42 -2.34
C ASN C 193 -41.17 -41.69 -1.68
N VAL C 194 -40.72 -40.62 -2.32
CA VAL C 194 -39.79 -39.66 -1.72
C VAL C 194 -40.18 -38.26 -2.19
N VAL C 195 -40.25 -37.31 -1.26
CA VAL C 195 -40.62 -35.93 -1.59
C VAL C 195 -39.44 -34.97 -1.45
N LYS C 196 -39.23 -34.12 -2.45
CA LYS C 196 -38.11 -33.18 -2.44
C LYS C 196 -38.55 -31.76 -2.09
N VAL C 197 -37.92 -31.18 -1.07
CA VAL C 197 -38.36 -29.90 -0.51
C VAL C 197 -37.44 -28.74 -0.84
N GLY C 198 -38.02 -27.63 -1.31
CA GLY C 198 -37.26 -26.43 -1.54
C GLY C 198 -37.81 -25.54 -2.64
N ILE C 199 -38.34 -24.38 -2.27
CA ILE C 199 -38.72 -23.38 -3.24
C ILE C 199 -37.91 -22.10 -3.02
N GLY C 200 -36.85 -21.95 -3.81
CA GLY C 200 -36.02 -20.76 -3.75
C GLY C 200 -34.78 -20.66 -2.87
N PRO C 201 -34.41 -21.71 -2.11
CA PRO C 201 -33.25 -21.43 -1.25
C PRO C 201 -31.92 -21.55 -1.98
N GLY C 202 -31.94 -22.09 -3.20
CA GLY C 202 -30.73 -22.36 -3.96
C GLY C 202 -29.76 -21.19 -4.08
N SER C 203 -28.49 -21.50 -3.92
CA SER C 203 -27.42 -20.50 -4.00
C SER C 203 -27.44 -19.74 -5.32
N ILE C 204 -27.91 -20.40 -6.38
CA ILE C 204 -27.96 -19.81 -7.71
C ILE C 204 -29.39 -19.45 -8.12
N CYS C 205 -30.30 -19.50 -7.16
CA CYS C 205 -31.72 -19.32 -7.43
C CYS C 205 -32.21 -17.89 -7.26
N THR C 206 -33.06 -17.43 -8.17
CA THR C 206 -33.65 -16.10 -8.07
C THR C 206 -35.17 -16.16 -8.09
N THR C 207 -35.72 -17.36 -7.88
CA THR C 207 -37.16 -17.58 -7.89
C THR C 207 -37.89 -16.67 -6.90
N ARG C 208 -37.39 -16.59 -5.69
CA ARG C 208 -37.99 -15.75 -4.65
C ARG C 208 -37.88 -14.27 -4.99
N VAL C 209 -36.93 -13.92 -5.86
CA VAL C 209 -36.70 -12.52 -6.21
C VAL C 209 -37.49 -12.09 -7.44
N VAL C 210 -37.58 -12.97 -8.44
CA VAL C 210 -38.26 -12.61 -9.68
C VAL C 210 -39.75 -12.97 -9.65
N ALA C 211 -40.10 -14.01 -8.92
CA ALA C 211 -41.51 -14.42 -8.81
C ALA C 211 -42.11 -14.05 -7.45
N GLY C 212 -41.25 -13.79 -6.46
CA GLY C 212 -41.71 -13.37 -5.15
C GLY C 212 -42.20 -14.51 -4.28
N VAL C 213 -42.07 -15.73 -4.79
CA VAL C 213 -42.65 -16.91 -4.14
C VAL C 213 -41.59 -17.77 -3.46
N GLY C 214 -41.91 -18.26 -2.26
CA GLY C 214 -41.01 -19.15 -1.55
C GLY C 214 -41.33 -19.30 -0.07
N VAL C 215 -40.64 -20.23 0.57
CA VAL C 215 -40.75 -20.44 2.01
C VAL C 215 -39.35 -20.70 2.54
N PRO C 216 -38.95 -19.98 3.61
CA PRO C 216 -37.64 -20.18 4.24
C PRO C 216 -37.36 -21.66 4.50
N GLN C 217 -36.24 -22.14 3.96
CA GLN C 217 -35.98 -23.58 3.80
C GLN C 217 -36.12 -24.45 5.05
N LEU C 218 -35.59 -23.98 6.18
CA LEU C 218 -35.65 -24.77 7.40
C LEU C 218 -37.10 -25.00 7.88
N THR C 219 -37.93 -23.98 7.71
CA THR C 219 -39.36 -24.11 8.01
C THR C 219 -40.02 -25.01 6.97
N ALA C 220 -39.58 -24.87 5.72
CA ALA C 220 -40.09 -25.67 4.62
C ALA C 220 -39.86 -27.16 4.85
N VAL C 221 -38.64 -27.52 5.27
CA VAL C 221 -38.32 -28.91 5.57
C VAL C 221 -39.16 -29.41 6.74
N TYR C 222 -39.26 -28.58 7.78
CA TYR C 222 -39.99 -28.94 8.98
C TYR C 222 -41.48 -29.13 8.71
N ASP C 223 -42.07 -28.22 7.95
CA ASP C 223 -43.50 -28.29 7.64
C ASP C 223 -43.82 -29.49 6.76
N CYS C 224 -42.90 -29.82 5.86
CA CYS C 224 -43.08 -30.95 4.95
C CYS C 224 -42.81 -32.30 5.64
N ALA C 225 -41.79 -32.32 6.51
CA ALA C 225 -41.49 -33.53 7.26
C ALA C 225 -42.62 -33.88 8.23
N THR C 226 -43.25 -32.86 8.81
CA THR C 226 -44.37 -33.08 9.73
C THR C 226 -45.49 -33.85 9.06
N GLU C 227 -45.79 -33.49 7.81
CA GLU C 227 -46.79 -34.20 7.03
C GLU C 227 -46.29 -35.58 6.62
N ALA C 228 -45.11 -35.62 6.01
CA ALA C 228 -44.53 -36.86 5.49
C ALA C 228 -44.29 -37.91 6.58
N ARG C 229 -44.07 -37.45 7.81
CA ARG C 229 -43.91 -38.35 8.96
C ARG C 229 -45.13 -39.25 9.10
N LYS C 230 -46.30 -38.69 8.83
CA LYS C 230 -47.55 -39.41 9.00
C LYS C 230 -47.72 -40.52 7.96
N HIS C 231 -47.03 -40.40 6.84
CA HIS C 231 -47.16 -41.37 5.75
C HIS C 231 -45.95 -42.31 5.69
N GLY C 232 -45.01 -42.12 6.62
CA GLY C 232 -43.79 -42.91 6.62
C GLY C 232 -42.89 -42.56 5.46
N ILE C 233 -43.13 -41.38 4.87
CA ILE C 233 -42.37 -40.95 3.70
C ILE C 233 -41.21 -40.04 4.09
N PRO C 234 -40.02 -40.33 3.56
CA PRO C 234 -38.85 -39.48 3.79
C PRO C 234 -38.87 -38.26 2.89
N VAL C 235 -38.32 -37.13 3.37
CA VAL C 235 -38.18 -35.95 2.52
C VAL C 235 -36.72 -35.65 2.23
N ILE C 236 -36.48 -34.92 1.15
CA ILE C 236 -35.15 -34.45 0.82
C ILE C 236 -35.06 -32.95 0.99
N ALA C 237 -34.16 -32.49 1.85
CA ALA C 237 -33.89 -31.07 1.99
C ALA C 237 -32.99 -30.61 0.85
N ASP C 238 -33.57 -29.89 -0.10
CA ASP C 238 -32.87 -29.53 -1.32
C ASP C 238 -32.63 -28.03 -1.47
N GLY C 239 -31.38 -27.60 -1.29
CA GLY C 239 -30.99 -26.23 -1.57
C GLY C 239 -30.65 -25.41 -0.34
N GLY C 240 -29.78 -24.43 -0.52
CA GLY C 240 -29.50 -23.45 0.52
C GLY C 240 -28.48 -23.86 1.56
N ILE C 241 -27.89 -25.05 1.41
CA ILE C 241 -26.86 -25.49 2.33
C ILE C 241 -25.49 -24.98 1.86
N LYS C 242 -24.83 -24.19 2.71
CA LYS C 242 -23.54 -23.62 2.36
C LYS C 242 -22.41 -24.11 3.28
N TYR C 243 -22.77 -24.65 4.43
CA TYR C 243 -21.80 -25.24 5.35
C TYR C 243 -22.32 -26.58 5.86
N SER C 244 -21.43 -27.41 6.38
CA SER C 244 -21.82 -28.73 6.87
C SER C 244 -22.83 -28.63 8.02
N GLY C 245 -22.72 -27.57 8.81
CA GLY C 245 -23.64 -27.36 9.92
C GLY C 245 -25.06 -27.12 9.47
N ASP C 246 -25.21 -26.54 8.28
CA ASP C 246 -26.53 -26.30 7.71
C ASP C 246 -27.20 -27.64 7.42
N MET C 247 -26.42 -28.58 6.91
CA MET C 247 -26.90 -29.92 6.62
C MET C 247 -27.43 -30.60 7.88
N VAL C 248 -26.68 -30.49 8.96
CA VAL C 248 -27.08 -31.09 10.23
C VAL C 248 -28.42 -30.53 10.69
N LYS C 249 -28.58 -29.22 10.56
CA LYS C 249 -29.83 -28.54 10.92
C LYS C 249 -30.98 -29.03 10.05
N ALA C 250 -30.71 -29.18 8.75
CA ALA C 250 -31.70 -29.66 7.80
C ALA C 250 -32.22 -31.04 8.19
N LEU C 251 -31.30 -31.91 8.59
CA LEU C 251 -31.65 -33.27 9.00
C LEU C 251 -32.38 -33.23 10.34
N ALA C 252 -31.93 -32.37 11.24
CA ALA C 252 -32.55 -32.24 12.55
C ALA C 252 -33.96 -31.67 12.45
N ALA C 253 -34.25 -30.97 11.35
CA ALA C 253 -35.57 -30.39 11.13
C ALA C 253 -36.54 -31.38 10.50
N GLY C 254 -36.09 -32.60 10.24
CA GLY C 254 -36.97 -33.65 9.77
C GLY C 254 -36.56 -34.36 8.48
N ALA C 255 -35.54 -33.84 7.81
CA ALA C 255 -35.12 -34.42 6.54
C ALA C 255 -34.35 -35.73 6.73
N HIS C 256 -34.61 -36.68 5.84
CA HIS C 256 -33.85 -37.94 5.82
C HIS C 256 -32.48 -37.72 5.18
N VAL C 257 -32.44 -36.82 4.20
CA VAL C 257 -31.24 -36.66 3.38
C VAL C 257 -31.24 -35.25 2.78
N VAL C 258 -30.06 -34.76 2.41
CA VAL C 258 -29.96 -33.43 1.81
C VAL C 258 -29.39 -33.50 0.39
N MET C 259 -29.80 -32.56 -0.45
CA MET C 259 -29.27 -32.45 -1.81
C MET C 259 -28.43 -31.18 -1.94
N LEU C 260 -27.20 -31.34 -2.43
CA LEU C 260 -26.28 -30.22 -2.54
C LEU C 260 -25.98 -29.84 -3.99
N GLY C 261 -25.78 -28.56 -4.22
CA GLY C 261 -25.37 -28.07 -5.52
C GLY C 261 -24.01 -27.40 -5.48
N SER C 262 -23.96 -26.20 -4.89
CA SER C 262 -22.73 -25.40 -4.87
C SER C 262 -21.55 -26.08 -4.17
N MET C 263 -21.83 -26.88 -3.14
CA MET C 263 -20.75 -27.55 -2.42
C MET C 263 -20.19 -28.76 -3.17
N PHE C 264 -20.79 -29.10 -4.31
CA PHE C 264 -20.31 -30.21 -5.13
C PHE C 264 -19.83 -29.74 -6.50
N ALA C 265 -20.09 -28.48 -6.83
CA ALA C 265 -19.85 -27.98 -8.18
C ALA C 265 -18.38 -27.67 -8.49
N GLY C 266 -17.59 -27.46 -7.45
CA GLY C 266 -16.17 -27.17 -7.61
C GLY C 266 -15.34 -28.41 -7.38
N VAL C 267 -16.04 -29.51 -7.19
CA VAL C 267 -15.42 -30.82 -7.03
C VAL C 267 -14.92 -31.34 -8.37
N ALA C 268 -13.78 -32.02 -8.37
CA ALA C 268 -13.14 -32.52 -9.60
C ALA C 268 -14.04 -33.42 -10.45
N GLU C 269 -14.92 -34.18 -9.81
CA GLU C 269 -15.78 -35.12 -10.53
C GLU C 269 -16.99 -34.46 -11.20
N SER C 270 -17.21 -33.18 -10.92
CA SER C 270 -18.32 -32.45 -11.53
C SER C 270 -18.00 -32.15 -13.00
N PRO C 271 -19.04 -31.95 -13.82
CA PRO C 271 -18.83 -31.57 -15.23
C PRO C 271 -18.10 -30.24 -15.35
N GLY C 272 -17.73 -29.87 -16.57
CA GLY C 272 -17.00 -28.64 -16.79
C GLY C 272 -15.55 -28.76 -16.40
N GLU C 273 -14.74 -27.76 -16.75
CA GLU C 273 -13.33 -27.78 -16.42
C GLU C 273 -12.90 -26.58 -15.58
N THR C 274 -11.63 -26.61 -15.16
CA THR C 274 -11.09 -25.61 -14.27
C THR C 274 -10.67 -24.34 -15.02
N GLU C 275 -11.00 -23.18 -14.44
CA GLU C 275 -10.54 -21.91 -14.99
C GLU C 275 -9.66 -21.21 -13.95
N ILE C 276 -8.73 -20.38 -14.44
CA ILE C 276 -7.82 -19.67 -13.54
C ILE C 276 -8.11 -18.17 -13.51
N TYR C 277 -8.31 -17.64 -12.31
CA TYR C 277 -8.51 -16.20 -12.15
C TYR C 277 -7.73 -15.69 -10.95
N GLN C 278 -6.70 -14.87 -11.22
CA GLN C 278 -5.83 -14.33 -10.19
C GLN C 278 -5.22 -15.38 -9.26
N GLY C 279 -4.80 -16.50 -9.86
CA GLY C 279 -4.11 -17.53 -9.11
C GLY C 279 -5.01 -18.62 -8.55
N ARG C 280 -6.28 -18.28 -8.36
CA ARG C 280 -7.23 -19.23 -7.77
C ARG C 280 -7.99 -19.99 -8.86
N GLN C 281 -8.29 -21.25 -8.59
CA GLN C 281 -8.97 -22.11 -9.54
C GLN C 281 -10.47 -22.11 -9.33
N PHE C 282 -11.23 -22.13 -10.42
CA PHE C 282 -12.69 -22.04 -10.35
C PHE C 282 -13.38 -23.02 -11.29
N LYS C 283 -14.66 -23.27 -11.02
CA LYS C 283 -15.48 -24.09 -11.89
C LYS C 283 -16.86 -23.45 -12.03
N VAL C 284 -17.41 -23.48 -13.24
CA VAL C 284 -18.71 -22.90 -13.53
C VAL C 284 -19.84 -23.58 -12.75
N TYR C 285 -20.73 -22.76 -12.19
CA TYR C 285 -21.92 -23.26 -11.51
C TYR C 285 -23.11 -22.36 -11.85
N ARG C 286 -24.17 -22.96 -12.39
CA ARG C 286 -25.33 -22.19 -12.82
C ARG C 286 -26.62 -22.93 -12.54
N GLY C 287 -27.70 -22.16 -12.36
CA GLY C 287 -29.00 -22.75 -12.15
C GLY C 287 -29.56 -23.31 -13.46
N MET C 288 -30.42 -24.31 -13.34
CA MET C 288 -31.08 -24.91 -14.50
C MET C 288 -32.12 -23.96 -15.07
N GLY C 289 -32.44 -22.90 -14.33
CA GLY C 289 -33.38 -21.90 -14.78
C GLY C 289 -32.68 -20.69 -15.35
N SER C 290 -31.35 -20.70 -15.30
CA SER C 290 -30.56 -19.61 -15.87
C SER C 290 -30.64 -19.66 -17.39
N VAL C 291 -30.38 -18.52 -18.02
CA VAL C 291 -30.40 -18.41 -19.48
C VAL C 291 -29.52 -19.45 -20.16
N GLY C 292 -28.31 -19.62 -19.64
CA GLY C 292 -27.35 -20.56 -20.19
C GLY C 292 -27.86 -21.99 -20.25
N ALA C 293 -28.48 -22.45 -19.17
CA ALA C 293 -29.00 -23.80 -19.10
C ALA C 293 -30.24 -23.98 -19.95
N MET C 294 -31.13 -23.01 -19.93
CA MET C 294 -32.37 -23.05 -20.72
C MET C 294 -32.07 -23.09 -22.22
N GLU C 295 -31.00 -22.42 -22.63
CA GLU C 295 -30.63 -22.33 -24.04
C GLU C 295 -30.07 -23.64 -24.56
N LYS C 296 -29.34 -24.35 -23.69
CA LYS C 296 -28.70 -25.61 -24.05
C LYS C 296 -29.70 -26.64 -24.56
N LEU C 310 -40.01 -18.65 -21.02
CA LEU C 310 -40.12 -18.11 -19.67
C LEU C 310 -38.90 -17.27 -19.32
N VAL C 311 -39.07 -16.43 -18.30
CA VAL C 311 -37.96 -15.64 -17.79
C VAL C 311 -37.13 -16.50 -16.84
N PRO C 312 -35.83 -16.21 -16.73
CA PRO C 312 -34.95 -17.04 -15.90
C PRO C 312 -35.28 -16.95 -14.42
N GLU C 313 -35.04 -18.04 -13.70
CA GLU C 313 -35.19 -18.04 -12.24
C GLU C 313 -33.91 -18.49 -11.58
N GLY C 314 -32.81 -18.33 -12.32
CA GLY C 314 -31.49 -18.63 -11.80
C GLY C 314 -30.44 -17.73 -12.41
N ILE C 315 -29.20 -17.86 -11.95
CA ILE C 315 -28.09 -17.10 -12.50
C ILE C 315 -26.91 -18.00 -12.86
N GLU C 316 -25.95 -17.45 -13.59
CA GLU C 316 -24.75 -18.18 -13.97
C GLU C 316 -23.54 -17.60 -13.26
N GLY C 317 -22.75 -18.47 -12.65
CA GLY C 317 -21.58 -18.02 -11.91
C GLY C 317 -20.45 -19.03 -11.85
N ARG C 318 -19.63 -18.93 -10.81
CA ARG C 318 -18.53 -19.86 -10.62
C ARG C 318 -18.23 -20.06 -9.14
N VAL C 319 -17.77 -21.26 -8.79
CA VAL C 319 -17.38 -21.59 -7.43
C VAL C 319 -15.92 -22.00 -7.41
N PRO C 320 -15.26 -21.88 -6.25
CA PRO C 320 -13.85 -22.29 -6.15
C PRO C 320 -13.68 -23.79 -6.37
N TYR C 321 -12.61 -24.17 -7.06
CA TYR C 321 -12.24 -25.57 -7.24
C TYR C 321 -11.85 -26.17 -5.90
N LYS C 322 -12.37 -27.35 -5.60
CA LYS C 322 -12.17 -27.97 -4.29
C LYS C 322 -11.36 -29.26 -4.32
N GLY C 323 -11.07 -29.74 -5.52
CA GLY C 323 -10.33 -30.99 -5.65
C GLY C 323 -11.24 -32.20 -5.68
N PRO C 324 -10.70 -33.38 -5.36
CA PRO C 324 -11.48 -34.63 -5.41
C PRO C 324 -12.65 -34.65 -4.43
N LEU C 325 -13.75 -35.25 -4.86
CA LEU C 325 -14.99 -35.30 -4.08
C LEU C 325 -14.79 -35.82 -2.65
N ALA C 326 -13.86 -36.76 -2.49
CA ALA C 326 -13.64 -37.42 -1.21
C ALA C 326 -13.30 -36.46 -0.07
N ASP C 327 -12.72 -35.31 -0.39
CA ASP C 327 -12.33 -34.33 0.63
C ASP C 327 -13.54 -33.53 1.12
N THR C 328 -14.40 -33.15 0.19
CA THR C 328 -15.62 -32.42 0.52
C THR C 328 -16.59 -33.33 1.28
N VAL C 329 -16.68 -34.58 0.85
CA VAL C 329 -17.53 -35.57 1.52
C VAL C 329 -17.05 -35.86 2.93
N HIS C 330 -15.73 -36.05 3.08
CA HIS C 330 -15.14 -36.31 4.40
C HIS C 330 -15.47 -35.20 5.39
N GLN C 331 -15.30 -33.96 4.96
CA GLN C 331 -15.59 -32.81 5.80
C GLN C 331 -17.07 -32.74 6.18
N LEU C 332 -17.94 -32.99 5.20
CA LEU C 332 -19.38 -32.95 5.43
C LEU C 332 -19.85 -34.01 6.42
N VAL C 333 -19.42 -35.25 6.20
CA VAL C 333 -19.80 -36.35 7.08
C VAL C 333 -19.20 -36.16 8.48
N GLY C 334 -18.01 -35.56 8.54
CA GLY C 334 -17.33 -35.33 9.80
C GLY C 334 -17.99 -34.24 10.64
N GLY C 335 -18.57 -33.26 9.95
CA GLY C 335 -19.31 -32.21 10.62
C GLY C 335 -20.59 -32.77 11.18
N LEU C 336 -21.19 -33.70 10.43
CA LEU C 336 -22.43 -34.35 10.86
C LEU C 336 -22.18 -35.21 12.11
N ARG C 337 -21.06 -35.93 12.11
CA ARG C 337 -20.69 -36.75 13.27
C ARG C 337 -20.42 -35.88 14.49
N ALA C 338 -19.88 -34.68 14.26
CA ALA C 338 -19.66 -33.74 15.35
C ALA C 338 -21.00 -33.28 15.91
N GLY C 339 -21.91 -32.90 15.02
CA GLY C 339 -23.23 -32.43 15.39
C GLY C 339 -24.05 -33.47 16.12
N MET C 340 -24.05 -34.69 15.58
CA MET C 340 -24.78 -35.79 16.20
C MET C 340 -24.22 -36.12 17.57
N GLY C 341 -22.89 -36.06 17.71
CA GLY C 341 -22.25 -36.24 19.00
C GLY C 341 -22.69 -35.19 20.01
N TYR C 342 -22.86 -33.96 19.54
CA TYR C 342 -23.32 -32.86 20.41
C TYR C 342 -24.77 -33.04 20.85
N CYS C 343 -25.57 -33.66 19.98
CA CYS C 343 -27.00 -33.84 20.24
C CYS C 343 -27.31 -35.19 20.90
N GLY C 344 -26.32 -36.05 21.03
CA GLY C 344 -26.52 -37.36 21.60
C GLY C 344 -27.30 -38.26 20.67
N ALA C 345 -27.07 -38.10 19.37
CA ALA C 345 -27.78 -38.89 18.36
C ALA C 345 -26.93 -40.05 17.86
N GLN C 346 -27.29 -41.26 18.28
CA GLN C 346 -26.62 -42.46 17.81
C GLN C 346 -26.87 -42.69 16.33
N ASP C 347 -28.11 -42.43 15.91
CA ASP C 347 -28.46 -42.54 14.49
C ASP C 347 -29.26 -41.31 14.04
N LEU C 348 -29.47 -41.21 12.73
CA LEU C 348 -30.14 -40.06 12.16
C LEU C 348 -31.62 -39.98 12.55
N GLU C 349 -32.22 -41.10 12.90
CA GLU C 349 -33.62 -41.09 13.32
C GLU C 349 -33.78 -40.43 14.68
N PHE C 350 -32.81 -40.66 15.55
CA PHE C 350 -32.81 -40.01 16.86
C PHE C 350 -32.72 -38.50 16.66
N LEU C 351 -31.83 -38.08 15.76
CA LEU C 351 -31.62 -36.66 15.48
C LEU C 351 -32.91 -36.00 15.01
N ARG C 352 -33.60 -36.64 14.08
CA ARG C 352 -34.85 -36.12 13.54
C ARG C 352 -35.93 -35.96 14.60
N GLU C 353 -35.99 -36.91 15.54
CA GLU C 353 -37.07 -36.94 16.51
C GLU C 353 -36.80 -36.13 17.77
N ASN C 354 -35.52 -35.94 18.09
CA ASN C 354 -35.16 -35.38 19.39
C ASN C 354 -34.43 -34.02 19.38
N ALA C 355 -33.69 -33.72 18.31
CA ALA C 355 -32.85 -32.52 18.29
C ALA C 355 -33.66 -31.23 18.45
N GLN C 356 -33.19 -30.36 19.33
CA GLN C 356 -33.86 -29.10 19.62
C GLN C 356 -33.06 -27.92 19.08
N PHE C 357 -33.76 -26.91 18.57
CA PHE C 357 -33.13 -25.69 18.07
C PHE C 357 -33.30 -24.54 19.04
N ILE C 358 -32.51 -23.49 18.84
CA ILE C 358 -32.74 -22.22 19.52
C ILE C 358 -32.62 -21.09 18.50
N ARG C 359 -33.59 -20.17 18.53
CA ARG C 359 -33.61 -19.07 17.58
C ARG C 359 -32.65 -17.96 18.00
N MET C 360 -32.07 -17.29 17.01
CA MET C 360 -31.10 -16.22 17.28
C MET C 360 -31.23 -15.12 16.25
N SER C 361 -30.66 -13.96 16.57
CA SER C 361 -30.70 -12.80 15.68
C SER C 361 -29.45 -12.74 14.80
N GLY C 362 -29.35 -11.67 14.01
CA GLY C 362 -28.18 -11.42 13.19
C GLY C 362 -26.90 -11.28 14.01
N ALA C 363 -27.03 -10.82 15.25
CA ALA C 363 -25.90 -10.74 16.16
C ALA C 363 -25.49 -12.13 16.63
N GLY C 364 -26.45 -13.05 16.63
CA GLY C 364 -26.17 -14.43 16.97
C GLY C 364 -25.36 -15.10 15.88
N LEU C 365 -25.82 -14.95 14.65
CA LEU C 365 -25.11 -15.45 13.48
C LEU C 365 -23.70 -14.90 13.41
N LEU C 366 -23.58 -13.58 13.60
CA LEU C 366 -22.28 -12.92 13.56
C LEU C 366 -21.31 -13.50 14.58
N GLU C 367 -21.84 -13.86 15.75
CA GLU C 367 -21.06 -14.48 16.81
C GLU C 367 -20.74 -15.93 16.47
N SER C 368 -21.64 -16.57 15.73
CA SER C 368 -21.51 -17.99 15.41
C SER C 368 -20.36 -18.29 14.45
N HIS C 369 -20.08 -17.34 13.55
CA HIS C 369 -18.93 -17.43 12.67
C HIS C 369 -17.72 -16.86 13.38
N PRO C 370 -16.51 -17.18 12.91
CA PRO C 370 -15.32 -16.50 13.43
C PRO C 370 -15.47 -14.98 13.31
N HIS C 371 -14.95 -14.25 14.29
CA HIS C 371 -15.14 -12.80 14.31
C HIS C 371 -13.97 -12.08 14.97
N HIS C 372 -13.74 -10.85 14.52
CA HIS C 372 -12.72 -9.98 15.10
C HIS C 372 -11.32 -10.59 15.13
N VAL C 373 -11.08 -11.53 14.21
CA VAL C 373 -9.77 -12.12 14.04
C VAL C 373 -9.52 -12.33 12.56
N GLN C 374 -8.35 -11.91 12.08
CA GLN C 374 -7.99 -12.04 10.68
C GLN C 374 -7.50 -13.45 10.36
N ILE C 375 -8.29 -14.19 9.59
CA ILE C 375 -7.95 -15.57 9.22
C ILE C 375 -6.74 -15.63 8.27
N THR C 376 -5.78 -16.48 8.60
CA THR C 376 -4.53 -16.54 7.85
C THR C 376 -4.44 -17.70 6.87
N LYS C 377 -5.38 -18.64 6.95
CA LYS C 377 -5.38 -19.78 6.04
C LYS C 377 -6.75 -20.46 5.96
N GLU C 378 -7.03 -21.06 4.81
CA GLU C 378 -8.30 -21.75 4.60
C GLU C 378 -8.35 -23.04 5.39
N ALA C 379 -9.39 -23.18 6.20
CA ALA C 379 -9.68 -24.45 6.85
C ALA C 379 -10.34 -25.36 5.81
N PRO C 380 -10.21 -26.69 5.98
CA PRO C 380 -10.86 -27.61 5.05
C PRO C 380 -12.39 -27.51 5.06
N ASN C 381 -12.97 -26.99 6.14
CA ASN C 381 -14.41 -26.90 6.25
C ASN C 381 -14.97 -25.49 6.45
N TYR C 382 -14.18 -24.47 6.10
CA TYR C 382 -14.66 -23.10 6.23
C TYR C 382 -14.07 -22.15 5.18
N SER C 383 -14.92 -21.75 4.24
CA SER C 383 -14.56 -20.83 3.16
C SER C 383 -13.32 -21.27 2.40
N ASN D 23 -54.53 10.12 27.06
CA ASN D 23 -53.47 9.18 27.43
C ASN D 23 -53.56 7.85 26.69
N ALA D 24 -54.56 7.72 25.83
CA ALA D 24 -54.67 6.55 24.97
C ALA D 24 -53.75 6.73 23.77
N MET D 25 -53.66 7.96 23.30
CA MET D 25 -52.75 8.31 22.20
C MET D 25 -51.30 8.17 22.65
N TRP D 26 -51.08 8.37 23.95
CA TRP D 26 -49.73 8.34 24.50
C TRP D 26 -49.19 6.91 24.58
N GLU D 27 -50.06 5.97 24.92
CA GLU D 27 -49.66 4.60 25.17
C GLU D 27 -49.72 3.75 23.90
N SER D 28 -50.36 4.29 22.86
CA SER D 28 -50.49 3.55 21.60
C SER D 28 -49.46 3.98 20.57
N LYS D 29 -48.50 4.79 20.99
CA LYS D 29 -47.48 5.33 20.09
C LYS D 29 -46.68 4.27 19.33
N PHE D 30 -46.28 3.21 20.02
CA PHE D 30 -45.40 2.22 19.41
C PHE D 30 -46.00 0.82 19.31
N VAL D 31 -47.30 0.72 19.08
CA VAL D 31 -47.95 -0.58 19.00
C VAL D 31 -48.01 -1.14 17.57
N LYS D 32 -48.10 -0.26 16.59
CA LYS D 32 -48.22 -0.69 15.20
C LYS D 32 -46.92 -1.24 14.65
N GLU D 33 -47.05 -2.22 13.75
CA GLU D 33 -45.90 -2.88 13.16
C GLU D 33 -46.11 -2.99 11.65
N GLY D 34 -45.08 -2.70 10.89
CA GLY D 34 -45.19 -2.64 9.45
C GLY D 34 -44.21 -3.53 8.71
N LEU D 35 -44.63 -4.00 7.55
CA LEU D 35 -43.81 -4.87 6.72
C LEU D 35 -43.61 -4.29 5.33
N THR D 36 -42.45 -4.55 4.74
CA THR D 36 -42.22 -4.19 3.35
C THR D 36 -41.89 -5.45 2.54
N PHE D 37 -41.53 -5.26 1.27
CA PHE D 37 -41.33 -6.37 0.36
C PHE D 37 -40.29 -7.39 0.85
N ASP D 38 -39.12 -6.90 1.21
CA ASP D 38 -38.01 -7.78 1.63
C ASP D 38 -38.24 -8.47 2.98
N ASP D 39 -39.42 -8.29 3.56
CA ASP D 39 -39.75 -8.90 4.84
C ASP D 39 -40.50 -10.21 4.65
N VAL D 40 -41.01 -10.43 3.44
CA VAL D 40 -41.93 -11.54 3.21
C VAL D 40 -41.64 -12.33 1.92
N LEU D 41 -42.33 -13.46 1.81
CA LEU D 41 -42.36 -14.25 0.59
C LEU D 41 -43.79 -14.74 0.38
N LEU D 42 -44.14 -15.04 -0.86
CA LEU D 42 -45.44 -15.62 -1.16
C LEU D 42 -45.41 -17.14 -1.03
N VAL D 43 -46.34 -17.68 -0.25
CA VAL D 43 -46.41 -19.13 -0.05
C VAL D 43 -47.00 -19.82 -1.27
N PRO D 44 -46.25 -20.80 -1.81
CA PRO D 44 -46.73 -21.61 -2.94
C PRO D 44 -48.07 -22.27 -2.61
N ALA D 45 -48.97 -22.31 -3.58
CA ALA D 45 -50.29 -22.90 -3.39
C ALA D 45 -50.57 -23.97 -4.44
N LYS D 46 -51.66 -24.72 -4.23
CA LYS D 46 -52.11 -25.68 -5.24
C LYS D 46 -52.49 -24.93 -6.51
N SER D 47 -52.08 -25.47 -7.66
CA SER D 47 -52.25 -24.77 -8.93
C SER D 47 -52.46 -25.72 -10.10
N ASP D 48 -53.51 -25.48 -10.89
CA ASP D 48 -53.65 -26.15 -12.17
C ASP D 48 -53.61 -25.15 -13.33
N VAL D 49 -52.98 -24.01 -13.08
CA VAL D 49 -52.81 -23.00 -14.12
C VAL D 49 -51.33 -22.81 -14.44
N LEU D 50 -51.03 -22.64 -15.72
CA LEU D 50 -49.67 -22.43 -16.17
C LEU D 50 -49.43 -20.93 -16.35
N PRO D 51 -48.18 -20.48 -16.10
CA PRO D 51 -47.78 -19.07 -16.26
C PRO D 51 -48.22 -18.50 -17.61
N ARG D 52 -48.13 -19.33 -18.65
CA ARG D 52 -48.52 -18.95 -20.00
C ARG D 52 -50.02 -18.70 -20.08
N GLU D 53 -50.78 -19.37 -19.21
CA GLU D 53 -52.23 -19.35 -19.28
C GLU D 53 -52.90 -18.23 -18.47
N VAL D 54 -52.21 -17.73 -17.45
CA VAL D 54 -52.81 -16.77 -16.53
C VAL D 54 -53.18 -15.45 -17.22
N SER D 55 -54.13 -14.73 -16.63
CA SER D 55 -54.55 -13.44 -17.13
C SER D 55 -54.01 -12.32 -16.25
N VAL D 56 -53.44 -11.30 -16.87
CA VAL D 56 -52.85 -10.19 -16.13
C VAL D 56 -53.61 -8.88 -16.37
N LYS D 57 -54.81 -8.99 -16.93
CA LYS D 57 -55.66 -7.82 -17.17
C LYS D 57 -56.21 -7.25 -15.87
N THR D 58 -56.31 -5.92 -15.81
CA THR D 58 -56.92 -5.25 -14.67
C THR D 58 -57.94 -4.20 -15.10
N VAL D 59 -58.94 -3.99 -14.27
CA VAL D 59 -59.94 -2.96 -14.52
C VAL D 59 -59.92 -1.91 -13.41
N LEU D 60 -59.39 -0.73 -13.71
CA LEU D 60 -59.35 0.36 -12.74
C LEU D 60 -60.71 1.05 -12.68
N SER D 61 -61.34 1.19 -13.83
CA SER D 61 -62.71 1.69 -13.92
C SER D 61 -63.35 1.22 -15.22
N GLU D 62 -64.63 1.51 -15.39
CA GLU D 62 -65.34 1.09 -16.59
C GLU D 62 -64.88 1.84 -17.82
N SER D 63 -64.08 2.89 -17.61
CA SER D 63 -63.53 3.68 -18.71
C SER D 63 -62.00 3.58 -18.71
N LEU D 64 -61.46 2.74 -17.83
CA LEU D 64 -60.01 2.63 -17.69
C LEU D 64 -59.59 1.18 -17.41
N GLN D 65 -59.26 0.44 -18.47
CA GLN D 65 -58.84 -0.95 -18.33
C GLN D 65 -57.45 -1.16 -18.90
N LEU D 66 -56.66 -2.00 -18.25
CA LEU D 66 -55.30 -2.27 -18.70
C LEU D 66 -55.08 -3.74 -19.01
N ASN D 67 -54.23 -4.03 -19.99
CA ASN D 67 -53.88 -5.40 -20.29
C ASN D 67 -52.82 -5.92 -19.31
N ILE D 68 -51.92 -5.03 -18.90
CA ILE D 68 -50.92 -5.35 -17.88
C ILE D 68 -51.04 -4.36 -16.72
N PRO D 69 -50.78 -4.83 -15.49
CA PRO D 69 -50.91 -3.96 -14.32
C PRO D 69 -49.69 -3.07 -14.11
N LEU D 70 -49.33 -2.26 -15.10
CA LEU D 70 -48.15 -1.41 -15.00
C LEU D 70 -48.45 0.04 -15.37
N ILE D 71 -48.05 0.95 -14.49
CA ILE D 71 -48.15 2.37 -14.76
C ILE D 71 -46.80 3.05 -14.56
N SER D 72 -46.36 3.83 -15.53
CA SER D 72 -45.09 4.53 -15.40
C SER D 72 -45.29 5.86 -14.67
N ALA D 73 -44.42 6.11 -13.69
CA ALA D 73 -44.55 7.25 -12.78
C ALA D 73 -44.53 8.60 -13.48
N GLY D 74 -45.38 9.51 -13.01
CA GLY D 74 -45.44 10.85 -13.56
C GLY D 74 -44.29 11.71 -13.07
N MET D 75 -43.09 11.37 -13.51
CA MET D 75 -41.88 12.10 -13.13
C MET D 75 -41.18 12.63 -14.37
N ASP D 76 -40.46 13.74 -14.22
CA ASP D 76 -39.82 14.39 -15.37
C ASP D 76 -38.73 13.53 -16.03
N THR D 77 -38.20 12.56 -15.29
CA THR D 77 -37.17 11.68 -15.84
C THR D 77 -37.69 10.26 -16.11
N VAL D 78 -39.02 10.11 -16.13
CA VAL D 78 -39.64 8.81 -16.35
C VAL D 78 -40.64 8.81 -17.51
N THR D 79 -41.65 9.67 -17.45
CA THR D 79 -42.73 9.60 -18.41
C THR D 79 -43.06 10.90 -19.15
N GLU D 80 -42.83 10.88 -20.45
CA GLU D 80 -43.39 11.87 -21.35
C GLU D 80 -44.04 11.15 -22.52
N ALA D 81 -44.35 11.87 -23.59
CA ALA D 81 -45.13 11.34 -24.71
C ALA D 81 -44.66 9.97 -25.20
N ASP D 82 -43.36 9.84 -25.46
CA ASP D 82 -42.79 8.60 -25.99
C ASP D 82 -42.95 7.41 -25.03
N MET D 83 -42.75 7.63 -23.74
CA MET D 83 -42.91 6.57 -22.75
C MET D 83 -44.38 6.19 -22.60
N ALA D 84 -45.25 7.19 -22.60
CA ALA D 84 -46.68 6.96 -22.44
C ALA D 84 -47.24 6.15 -23.61
N ILE D 85 -46.75 6.43 -24.81
CA ILE D 85 -47.14 5.69 -26.01
C ILE D 85 -46.66 4.25 -25.92
N ALA D 86 -45.41 4.08 -25.50
CA ALA D 86 -44.82 2.75 -25.36
C ALA D 86 -45.52 1.90 -24.31
N MET D 87 -45.90 2.53 -23.19
CA MET D 87 -46.61 1.83 -22.12
C MET D 87 -47.98 1.37 -22.58
N ALA D 88 -48.71 2.28 -23.23
CA ALA D 88 -50.05 1.99 -23.71
C ALA D 88 -50.06 0.85 -24.71
N ARG D 89 -48.96 0.71 -25.45
CA ARG D 89 -48.84 -0.34 -26.46
C ARG D 89 -48.46 -1.69 -25.87
N GLN D 90 -47.80 -1.68 -24.72
CA GLN D 90 -47.53 -2.90 -23.97
C GLN D 90 -48.74 -3.29 -23.14
N GLY D 91 -49.80 -2.49 -23.22
CA GLY D 91 -51.01 -2.75 -22.49
C GLY D 91 -51.01 -2.09 -21.12
N GLY D 92 -50.10 -1.14 -20.94
CA GLY D 92 -49.96 -0.45 -19.67
C GLY D 92 -50.48 0.98 -19.75
N LEU D 93 -49.90 1.86 -18.95
CA LEU D 93 -50.35 3.25 -18.88
C LEU D 93 -49.21 4.18 -18.45
N GLY D 94 -49.15 5.35 -19.08
CA GLY D 94 -48.17 6.36 -18.73
C GLY D 94 -48.80 7.63 -18.21
N ILE D 95 -48.21 8.21 -17.17
CA ILE D 95 -48.69 9.46 -16.61
C ILE D 95 -47.76 10.62 -16.96
N ILE D 96 -48.23 11.55 -17.79
CA ILE D 96 -47.43 12.71 -18.16
C ILE D 96 -47.23 13.60 -16.94
N HIS D 97 -45.98 13.90 -16.62
CA HIS D 97 -45.67 14.71 -15.45
C HIS D 97 -46.13 16.15 -15.60
N LYS D 98 -46.17 16.87 -14.48
CA LYS D 98 -46.69 18.23 -14.45
C LYS D 98 -45.60 19.29 -14.42
N ASN D 99 -44.35 18.88 -14.59
CA ASN D 99 -43.25 19.84 -14.66
C ASN D 99 -43.07 20.42 -16.06
N MET D 100 -44.13 21.04 -16.55
CA MET D 100 -44.14 21.68 -17.86
C MET D 100 -45.36 22.58 -17.89
N SER D 101 -45.44 23.46 -18.88
CA SER D 101 -46.57 24.37 -18.95
C SER D 101 -47.87 23.61 -19.20
N ILE D 102 -48.99 24.26 -18.96
CA ILE D 102 -50.30 23.68 -19.22
C ILE D 102 -50.41 23.33 -20.71
N GLU D 103 -49.95 24.23 -21.56
CA GLU D 103 -49.98 24.04 -23.00
C GLU D 103 -49.14 22.84 -23.43
N GLN D 104 -47.99 22.67 -22.77
CA GLN D 104 -47.09 21.57 -23.09
C GLN D 104 -47.65 20.21 -22.69
N GLN D 105 -48.28 20.14 -21.52
CA GLN D 105 -48.84 18.89 -21.03
C GLN D 105 -50.07 18.47 -21.82
N ALA D 106 -50.93 19.43 -22.13
CA ALA D 106 -52.13 19.15 -22.92
C ALA D 106 -51.75 18.66 -24.31
N GLU D 107 -50.65 19.20 -24.85
CA GLU D 107 -50.16 18.81 -26.16
C GLU D 107 -49.59 17.39 -26.16
N GLN D 108 -48.79 17.07 -25.15
CA GLN D 108 -48.23 15.73 -25.04
C GLN D 108 -49.31 14.68 -24.84
N VAL D 109 -50.34 15.04 -24.05
CA VAL D 109 -51.50 14.16 -23.85
C VAL D 109 -52.19 13.88 -25.18
N ASP D 110 -52.35 14.93 -25.97
CA ASP D 110 -52.95 14.80 -27.30
C ASP D 110 -52.08 13.95 -28.20
N LYS D 111 -50.77 14.14 -28.11
CA LYS D 111 -49.83 13.40 -28.93
C LYS D 111 -49.93 11.89 -28.69
N VAL D 112 -50.21 11.50 -27.46
CA VAL D 112 -50.46 10.11 -27.13
C VAL D 112 -51.82 9.65 -27.66
N LYS D 113 -52.82 10.50 -27.56
CA LYS D 113 -54.15 10.17 -28.08
C LYS D 113 -54.18 10.09 -29.60
N ARG D 114 -53.29 10.85 -30.25
CA ARG D 114 -53.19 10.86 -31.70
C ARG D 114 -52.81 9.49 -32.21
N SER D 115 -51.97 8.79 -31.46
CA SER D 115 -51.34 7.57 -31.94
C SER D 115 -52.13 6.29 -31.67
N GLY D 116 -53.35 6.23 -32.19
CA GLY D 116 -54.15 5.02 -32.11
C GLY D 116 -55.17 4.97 -30.99
N GLY D 117 -55.49 6.13 -30.42
CA GLY D 117 -56.48 6.20 -29.36
C GLY D 117 -56.02 5.46 -28.11
N LEU D 118 -54.72 5.52 -27.85
CA LEU D 118 -54.11 4.90 -26.69
C LEU D 118 -54.55 5.60 -25.41
N LEU D 119 -54.44 4.91 -24.29
CA LEU D 119 -54.78 5.50 -22.99
C LEU D 119 -53.63 6.35 -22.46
N VAL D 120 -53.97 7.42 -21.75
CA VAL D 120 -52.96 8.30 -21.19
C VAL D 120 -53.47 9.08 -19.97
N GLY D 121 -52.62 9.22 -18.97
CA GLY D 121 -52.95 9.99 -17.78
C GLY D 121 -52.04 11.19 -17.60
N ALA D 122 -52.46 12.14 -16.79
CA ALA D 122 -51.67 13.35 -16.55
C ALA D 122 -51.67 13.72 -15.08
N ALA D 123 -50.51 14.10 -14.57
CA ALA D 123 -50.38 14.49 -13.17
C ALA D 123 -50.72 15.96 -12.97
N VAL D 124 -51.49 16.25 -11.92
CA VAL D 124 -51.83 17.62 -11.57
C VAL D 124 -51.58 17.85 -10.08
N GLY D 125 -50.92 18.94 -9.74
CA GLY D 125 -50.66 19.27 -8.35
C GLY D 125 -51.79 20.10 -7.75
N VAL D 126 -51.84 20.16 -6.42
CA VAL D 126 -52.86 20.96 -5.74
C VAL D 126 -52.44 22.42 -5.68
N THR D 127 -52.90 23.22 -6.64
CA THR D 127 -52.55 24.63 -6.72
C THR D 127 -53.76 25.47 -7.13
N ALA D 128 -53.51 26.76 -7.36
CA ALA D 128 -54.56 27.67 -7.81
C ALA D 128 -54.89 27.40 -9.27
N ASP D 129 -53.87 27.14 -10.07
CA ASP D 129 -54.05 26.92 -11.51
C ASP D 129 -54.38 25.47 -11.82
N ALA D 130 -54.65 24.68 -10.79
CA ALA D 130 -54.93 23.26 -10.96
C ALA D 130 -56.12 23.02 -11.89
N MET D 131 -57.21 23.74 -11.64
CA MET D 131 -58.42 23.59 -12.46
C MET D 131 -58.18 24.00 -13.91
N THR D 132 -57.42 25.06 -14.10
CA THR D 132 -57.10 25.53 -15.45
C THR D 132 -56.33 24.47 -16.22
N ARG D 133 -55.38 23.82 -15.55
CA ARG D 133 -54.59 22.75 -16.16
C ARG D 133 -55.47 21.56 -16.53
N ILE D 134 -56.35 21.19 -15.61
CA ILE D 134 -57.26 20.07 -15.81
C ILE D 134 -58.19 20.30 -17.01
N ASP D 135 -58.62 21.55 -17.19
CA ASP D 135 -59.48 21.91 -18.31
C ASP D 135 -58.80 21.59 -19.64
N ALA D 136 -57.55 22.02 -19.80
CA ALA D 136 -56.81 21.79 -21.03
C ALA D 136 -56.49 20.31 -21.23
N LEU D 137 -56.43 19.58 -20.13
CA LEU D 137 -56.19 18.14 -20.18
C LEU D 137 -57.46 17.40 -20.60
N VAL D 138 -58.58 17.74 -19.97
CA VAL D 138 -59.87 17.13 -20.31
C VAL D 138 -60.24 17.45 -21.75
N LYS D 139 -59.86 18.64 -22.20
CA LYS D 139 -60.06 19.04 -23.59
C LYS D 139 -59.21 18.20 -24.53
N ALA D 140 -58.04 17.77 -24.05
CA ALA D 140 -57.14 16.93 -24.83
C ALA D 140 -57.54 15.46 -24.73
N SER D 141 -58.70 15.22 -24.14
CA SER D 141 -59.28 13.88 -24.02
C SER D 141 -58.43 12.92 -23.19
N VAL D 142 -57.84 13.44 -22.12
CA VAL D 142 -57.08 12.61 -21.19
C VAL D 142 -58.01 11.57 -20.55
N ASP D 143 -57.47 10.40 -20.24
CA ASP D 143 -58.29 9.33 -19.67
C ASP D 143 -58.37 9.41 -18.15
N ALA D 144 -57.33 9.93 -17.53
CA ALA D 144 -57.29 10.04 -16.07
C ALA D 144 -56.31 11.12 -15.61
N ILE D 145 -56.69 11.83 -14.56
CA ILE D 145 -55.76 12.77 -13.93
C ILE D 145 -55.26 12.22 -12.62
N VAL D 146 -54.00 12.52 -12.30
CA VAL D 146 -53.40 12.09 -11.05
C VAL D 146 -53.17 13.30 -10.16
N LEU D 147 -54.06 13.51 -9.20
CA LEU D 147 -53.89 14.59 -8.22
C LEU D 147 -52.74 14.23 -7.28
N ASP D 148 -51.53 14.59 -7.70
CA ASP D 148 -50.32 14.24 -6.98
C ASP D 148 -50.01 15.23 -5.87
N THR D 149 -49.81 14.70 -4.67
CA THR D 149 -49.31 15.49 -3.55
C THR D 149 -48.52 14.60 -2.61
N ALA D 150 -47.64 15.19 -1.83
CA ALA D 150 -46.82 14.44 -0.89
C ALA D 150 -47.67 13.89 0.25
N HIS D 151 -48.68 14.66 0.64
CA HIS D 151 -49.56 14.26 1.74
C HIS D 151 -51.01 14.21 1.26
N GLY D 152 -51.46 13.04 0.87
CA GLY D 152 -52.80 12.87 0.31
C GLY D 152 -53.92 12.94 1.32
N HIS D 153 -53.56 12.95 2.60
CA HIS D 153 -54.56 13.03 3.66
C HIS D 153 -54.74 14.49 4.12
N SER D 154 -54.18 15.42 3.35
CA SER D 154 -54.32 16.84 3.65
C SER D 154 -55.68 17.37 3.23
N GLN D 155 -56.18 18.37 3.95
CA GLN D 155 -57.50 18.93 3.65
C GLN D 155 -57.55 19.59 2.28
N GLY D 156 -56.44 20.21 1.88
CA GLY D 156 -56.37 20.88 0.59
C GLY D 156 -56.59 19.92 -0.56
N VAL D 157 -55.99 18.74 -0.45
CA VAL D 157 -56.13 17.70 -1.47
C VAL D 157 -57.56 17.21 -1.55
N ILE D 158 -58.14 16.90 -0.40
CA ILE D 158 -59.51 16.41 -0.30
C ILE D 158 -60.49 17.39 -0.93
N ASP D 159 -60.35 18.67 -0.58
CA ASP D 159 -61.24 19.70 -1.10
C ASP D 159 -61.12 19.85 -2.60
N LYS D 160 -59.90 19.73 -3.12
CA LYS D 160 -59.68 19.87 -4.55
C LYS D 160 -60.22 18.67 -5.34
N VAL D 161 -60.18 17.50 -4.72
CA VAL D 161 -60.81 16.32 -5.31
C VAL D 161 -62.30 16.55 -5.47
N LYS D 162 -62.93 17.08 -4.44
CA LYS D 162 -64.37 17.38 -4.47
C LYS D 162 -64.68 18.43 -5.53
N GLU D 163 -63.87 19.48 -5.58
CA GLU D 163 -64.03 20.56 -6.55
C GLU D 163 -63.93 20.04 -7.99
N VAL D 164 -63.03 19.08 -8.20
CA VAL D 164 -62.84 18.47 -9.52
C VAL D 164 -63.95 17.48 -9.85
N ARG D 165 -64.33 16.66 -8.88
CA ARG D 165 -65.39 15.67 -9.03
C ARG D 165 -66.71 16.31 -9.47
N ALA D 166 -67.01 17.48 -8.91
CA ALA D 166 -68.24 18.20 -9.25
C ALA D 166 -68.26 18.60 -10.72
N LYS D 167 -67.15 19.17 -11.20
CA LYS D 167 -67.08 19.67 -12.56
C LYS D 167 -67.01 18.54 -13.59
N TYR D 168 -66.30 17.48 -13.25
CA TYR D 168 -66.16 16.34 -14.16
C TYR D 168 -66.51 15.02 -13.46
N PRO D 169 -67.80 14.67 -13.43
CA PRO D 169 -68.27 13.44 -12.79
C PRO D 169 -67.88 12.21 -13.59
N SER D 170 -67.63 12.39 -14.88
CA SER D 170 -67.29 11.28 -15.77
C SER D 170 -65.78 11.08 -15.88
N LEU D 171 -65.02 11.90 -15.18
CA LEU D 171 -63.57 11.86 -15.27
C LEU D 171 -62.95 10.92 -14.23
N ASN D 172 -62.00 10.10 -14.69
CA ASN D 172 -61.24 9.25 -13.78
C ASN D 172 -60.31 10.08 -12.90
N ILE D 173 -60.52 9.99 -11.59
CA ILE D 173 -59.69 10.72 -10.64
C ILE D 173 -58.82 9.79 -9.82
N ILE D 174 -57.51 9.96 -9.95
CA ILE D 174 -56.55 9.19 -9.15
C ILE D 174 -55.91 10.11 -8.13
N ALA D 175 -56.17 9.85 -6.86
CA ALA D 175 -55.67 10.72 -5.79
C ALA D 175 -54.65 10.02 -4.91
N GLY D 176 -53.66 10.78 -4.47
CA GLY D 176 -52.61 10.26 -3.61
C GLY D 176 -51.65 11.35 -3.24
N ASN D 177 -50.65 11.03 -2.41
CA ASN D 177 -50.47 9.68 -1.91
C ASN D 177 -50.85 9.51 -0.44
N VAL D 178 -51.32 8.31 -0.10
CA VAL D 178 -51.71 7.98 1.26
C VAL D 178 -51.05 6.68 1.69
N ALA D 179 -51.15 6.37 2.99
CA ALA D 179 -50.55 5.14 3.52
C ALA D 179 -51.42 4.52 4.61
N THR D 180 -52.56 5.15 4.90
CA THR D 180 -53.46 4.67 5.93
C THR D 180 -54.88 4.44 5.41
N ALA D 181 -55.65 3.63 6.13
CA ALA D 181 -57.04 3.37 5.78
C ALA D 181 -57.90 4.62 5.97
N GLU D 182 -57.63 5.37 7.03
CA GLU D 182 -58.33 6.61 7.31
C GLU D 182 -58.23 7.58 6.13
N ALA D 183 -57.05 7.64 5.54
CA ALA D 183 -56.78 8.54 4.42
C ALA D 183 -57.44 8.06 3.13
N THR D 184 -57.48 6.73 2.95
CA THR D 184 -58.11 6.13 1.78
C THR D 184 -59.60 6.44 1.75
N LYS D 185 -60.26 6.25 2.89
CA LYS D 185 -61.69 6.53 3.02
C LYS D 185 -61.98 8.00 2.74
N ALA D 186 -61.09 8.88 3.20
CA ALA D 186 -61.24 10.32 3.02
C ALA D 186 -61.24 10.71 1.55
N LEU D 187 -60.33 10.13 0.78
CA LEU D 187 -60.21 10.45 -0.64
C LEU D 187 -61.32 9.86 -1.47
N ILE D 188 -61.73 8.63 -1.14
CA ILE D 188 -62.83 7.98 -1.83
C ILE D 188 -64.12 8.79 -1.68
N GLU D 189 -64.41 9.22 -0.46
CA GLU D 189 -65.60 10.02 -0.18
C GLU D 189 -65.56 11.39 -0.84
N ALA D 190 -64.35 11.93 -1.02
CA ALA D 190 -64.19 13.21 -1.69
C ALA D 190 -64.55 13.12 -3.18
N GLY D 191 -64.35 11.94 -3.76
CA GLY D 191 -64.69 11.70 -5.15
C GLY D 191 -63.67 10.92 -5.95
N ALA D 192 -62.62 10.43 -5.29
CA ALA D 192 -61.59 9.66 -5.98
C ALA D 192 -62.03 8.23 -6.26
N ASN D 193 -61.90 7.79 -7.51
CA ASN D 193 -62.26 6.43 -7.87
C ASN D 193 -61.06 5.48 -7.95
N VAL D 194 -59.87 6.05 -7.82
CA VAL D 194 -58.64 5.26 -7.70
C VAL D 194 -57.76 5.93 -6.64
N VAL D 195 -57.22 5.14 -5.71
CA VAL D 195 -56.38 5.69 -4.65
C VAL D 195 -54.93 5.23 -4.79
N LYS D 196 -54.00 6.18 -4.84
CA LYS D 196 -52.58 5.85 -4.98
C LYS D 196 -51.90 5.77 -3.61
N VAL D 197 -51.23 4.65 -3.37
CA VAL D 197 -50.65 4.37 -2.05
C VAL D 197 -49.12 4.40 -2.08
N GLY D 198 -48.53 5.06 -1.09
CA GLY D 198 -47.09 5.12 -0.96
C GLY D 198 -46.54 6.41 -0.38
N ILE D 199 -46.10 6.35 0.88
CA ILE D 199 -45.43 7.47 1.51
C ILE D 199 -44.00 7.06 1.88
N GLY D 200 -43.04 7.51 1.08
CA GLY D 200 -41.64 7.19 1.34
C GLY D 200 -40.94 5.97 0.75
N PRO D 201 -41.64 5.07 0.03
CA PRO D 201 -40.87 3.87 -0.33
C PRO D 201 -39.99 4.07 -1.57
N GLY D 202 -40.15 5.19 -2.25
CA GLY D 202 -39.45 5.46 -3.49
C GLY D 202 -37.94 5.34 -3.41
N SER D 203 -37.35 4.82 -4.49
CA SER D 203 -35.90 4.63 -4.56
C SER D 203 -35.14 5.96 -4.50
N ILE D 204 -35.77 7.02 -4.98
CA ILE D 204 -35.16 8.33 -4.97
C ILE D 204 -35.71 9.22 -3.84
N CYS D 205 -36.54 8.63 -2.98
CA CYS D 205 -37.24 9.36 -1.94
C CYS D 205 -36.46 9.46 -0.62
N THR D 206 -36.56 10.61 0.03
CA THR D 206 -35.92 10.81 1.34
C THR D 206 -36.90 11.33 2.39
N THR D 207 -38.20 11.29 2.06
CA THR D 207 -39.25 11.76 2.96
C THR D 207 -39.13 11.19 4.38
N ARG D 208 -38.99 9.87 4.48
CA ARG D 208 -38.88 9.21 5.77
C ARG D 208 -37.59 9.58 6.50
N VAL D 209 -36.61 10.07 5.76
CA VAL D 209 -35.33 10.43 6.33
C VAL D 209 -35.34 11.88 6.84
N VAL D 210 -35.98 12.77 6.10
CA VAL D 210 -35.95 14.20 6.43
C VAL D 210 -37.13 14.64 7.30
N ALA D 211 -38.24 13.92 7.22
CA ALA D 211 -39.42 14.27 8.01
C ALA D 211 -39.76 13.19 9.03
N GLY D 212 -39.25 11.98 8.80
CA GLY D 212 -39.46 10.86 9.69
C GLY D 212 -40.80 10.17 9.49
N VAL D 213 -41.49 10.54 8.42
CA VAL D 213 -42.85 10.09 8.18
C VAL D 213 -42.95 9.02 7.09
N GLY D 214 -43.74 7.98 7.36
CA GLY D 214 -44.00 6.97 6.36
C GLY D 214 -44.57 5.68 6.92
N VAL D 215 -45.00 4.80 6.02
CA VAL D 215 -45.44 3.46 6.40
C VAL D 215 -44.77 2.47 5.45
N PRO D 216 -44.16 1.40 6.00
CA PRO D 216 -43.59 0.32 5.19
C PRO D 216 -44.57 -0.10 4.10
N GLN D 217 -44.11 -0.11 2.85
CA GLN D 217 -44.99 -0.07 1.68
C GLN D 217 -45.98 -1.23 1.55
N LEU D 218 -45.57 -2.42 1.93
CA LEU D 218 -46.45 -3.58 1.81
C LEU D 218 -47.59 -3.47 2.81
N THR D 219 -47.26 -3.10 4.04
CA THR D 219 -48.25 -2.87 5.08
C THR D 219 -49.17 -1.72 4.68
N ALA D 220 -48.60 -0.68 4.09
CA ALA D 220 -49.37 0.46 3.60
C ALA D 220 -50.39 0.02 2.55
N VAL D 221 -49.91 -0.74 1.56
CA VAL D 221 -50.78 -1.25 0.51
C VAL D 221 -51.91 -2.10 1.09
N TYR D 222 -51.55 -2.99 2.00
CA TYR D 222 -52.52 -3.89 2.63
C TYR D 222 -53.58 -3.13 3.42
N ASP D 223 -53.14 -2.17 4.23
CA ASP D 223 -54.05 -1.37 5.05
C ASP D 223 -55.03 -0.56 4.19
N CYS D 224 -54.51 0.07 3.14
CA CYS D 224 -55.34 0.90 2.28
C CYS D 224 -56.29 0.07 1.41
N ALA D 225 -55.82 -1.09 0.97
CA ALA D 225 -56.64 -1.98 0.17
C ALA D 225 -57.79 -2.54 1.00
N THR D 226 -57.51 -2.79 2.28
CA THR D 226 -58.53 -3.28 3.20
C THR D 226 -59.71 -2.33 3.25
N GLU D 227 -59.42 -1.03 3.21
CA GLU D 227 -60.46 -0.02 3.23
C GLU D 227 -61.06 0.18 1.83
N ALA D 228 -60.20 0.18 0.82
CA ALA D 228 -60.62 0.41 -0.57
C ALA D 228 -61.55 -0.68 -1.09
N ARG D 229 -61.35 -1.91 -0.63
CA ARG D 229 -62.21 -3.02 -1.02
C ARG D 229 -63.66 -2.80 -0.62
N LYS D 230 -63.87 -2.22 0.56
CA LYS D 230 -65.21 -1.99 1.10
C LYS D 230 -66.03 -1.06 0.21
N HIS D 231 -65.37 -0.27 -0.61
CA HIS D 231 -66.03 0.69 -1.49
C HIS D 231 -65.93 0.27 -2.95
N GLY D 232 -65.30 -0.88 -3.19
CA GLY D 232 -65.10 -1.35 -4.55
C GLY D 232 -64.15 -0.47 -5.33
N ILE D 233 -63.21 0.14 -4.63
CA ILE D 233 -62.24 1.04 -5.24
C ILE D 233 -60.87 0.36 -5.35
N PRO D 234 -60.24 0.45 -6.53
CA PRO D 234 -58.90 -0.11 -6.72
C PRO D 234 -57.81 0.79 -6.13
N VAL D 235 -56.70 0.19 -5.72
CA VAL D 235 -55.55 0.97 -5.26
C VAL D 235 -54.33 0.75 -6.14
N ILE D 236 -53.46 1.74 -6.19
CA ILE D 236 -52.21 1.65 -6.95
C ILE D 236 -51.02 1.58 -5.99
N ALA D 237 -50.27 0.49 -6.06
CA ALA D 237 -49.06 0.36 -5.27
C ALA D 237 -47.95 1.16 -5.93
N ASP D 238 -47.52 2.23 -5.28
CA ASP D 238 -46.59 3.17 -5.91
C ASP D 238 -45.27 3.31 -5.16
N GLY D 239 -44.20 2.82 -5.77
CA GLY D 239 -42.85 3.01 -5.24
C GLY D 239 -42.30 1.84 -4.46
N GLY D 240 -40.98 1.76 -4.39
CA GLY D 240 -40.31 0.75 -3.59
C GLY D 240 -40.08 -0.58 -4.28
N ILE D 241 -40.53 -0.70 -5.52
CA ILE D 241 -40.40 -1.95 -6.26
C ILE D 241 -39.05 -2.05 -6.99
N LYS D 242 -38.17 -2.91 -6.48
CA LYS D 242 -36.83 -3.09 -7.04
C LYS D 242 -36.83 -4.22 -8.07
N TYR D 243 -37.56 -5.28 -7.77
CA TYR D 243 -37.59 -6.47 -8.62
C TYR D 243 -39.01 -6.85 -9.01
N SER D 244 -39.14 -7.70 -10.01
CA SER D 244 -40.45 -8.13 -10.49
C SER D 244 -41.23 -8.86 -9.40
N GLY D 245 -40.52 -9.50 -8.48
CA GLY D 245 -41.15 -10.22 -7.38
C GLY D 245 -41.84 -9.29 -6.41
N ASP D 246 -41.31 -8.08 -6.28
CA ASP D 246 -41.92 -7.06 -5.42
C ASP D 246 -43.29 -6.69 -5.97
N MET D 247 -43.38 -6.59 -7.29
CA MET D 247 -44.64 -6.28 -7.96
C MET D 247 -45.69 -7.35 -7.70
N VAL D 248 -45.28 -8.61 -7.76
CA VAL D 248 -46.18 -9.72 -7.49
C VAL D 248 -46.68 -9.65 -6.04
N LYS D 249 -45.77 -9.27 -5.14
CA LYS D 249 -46.11 -9.11 -3.73
C LYS D 249 -47.09 -7.96 -3.51
N ALA D 250 -46.87 -6.86 -4.22
CA ALA D 250 -47.72 -5.68 -4.11
C ALA D 250 -49.15 -6.00 -4.55
N LEU D 251 -49.27 -6.71 -5.67
CA LEU D 251 -50.57 -7.09 -6.19
C LEU D 251 -51.28 -8.07 -5.27
N ALA D 252 -50.52 -8.98 -4.68
CA ALA D 252 -51.08 -9.99 -3.78
C ALA D 252 -51.49 -9.37 -2.44
N ALA D 253 -51.01 -8.16 -2.18
CA ALA D 253 -51.31 -7.48 -0.93
C ALA D 253 -52.57 -6.61 -1.03
N GLY D 254 -53.16 -6.57 -2.22
CA GLY D 254 -54.42 -5.87 -2.40
C GLY D 254 -54.47 -4.87 -3.54
N ALA D 255 -53.31 -4.51 -4.06
CA ALA D 255 -53.25 -3.54 -5.16
C ALA D 255 -53.75 -4.13 -6.47
N HIS D 256 -54.47 -3.33 -7.25
CA HIS D 256 -54.90 -3.72 -8.58
C HIS D 256 -53.74 -3.60 -9.56
N VAL D 257 -52.97 -2.52 -9.42
CA VAL D 257 -51.93 -2.16 -10.36
C VAL D 257 -50.78 -1.51 -9.59
N VAL D 258 -49.57 -1.55 -10.15
CA VAL D 258 -48.43 -0.90 -9.52
C VAL D 258 -47.92 0.27 -10.34
N MET D 259 -47.17 1.15 -9.68
CA MET D 259 -46.54 2.27 -10.37
C MET D 259 -45.03 2.19 -10.20
N LEU D 260 -44.31 2.25 -11.31
CA LEU D 260 -42.87 2.10 -11.30
C LEU D 260 -42.16 3.37 -11.70
N GLY D 261 -41.01 3.62 -11.09
CA GLY D 261 -40.20 4.78 -11.42
C GLY D 261 -38.82 4.39 -11.89
N SER D 262 -38.01 3.82 -10.99
CA SER D 262 -36.64 3.48 -11.31
C SER D 262 -36.52 2.33 -12.32
N MET D 263 -37.52 1.46 -12.35
CA MET D 263 -37.48 0.32 -13.26
C MET D 263 -37.94 0.65 -14.68
N PHE D 264 -38.26 1.92 -14.91
CA PHE D 264 -38.64 2.38 -16.24
C PHE D 264 -37.73 3.51 -16.69
N ALA D 265 -36.95 4.04 -15.74
CA ALA D 265 -36.15 5.24 -15.98
C ALA D 265 -34.96 5.02 -16.90
N GLY D 266 -34.42 3.80 -16.90
CA GLY D 266 -33.27 3.48 -17.73
C GLY D 266 -33.67 3.05 -19.13
N VAL D 267 -34.96 3.14 -19.41
CA VAL D 267 -35.53 2.74 -20.70
C VAL D 267 -35.35 3.83 -21.75
N ALA D 268 -35.12 3.42 -23.01
CA ALA D 268 -34.93 4.34 -24.12
C ALA D 268 -36.06 5.39 -24.26
N GLU D 269 -37.28 4.97 -24.00
CA GLU D 269 -38.46 5.84 -24.18
C GLU D 269 -38.64 6.87 -23.06
N SER D 270 -37.88 6.71 -21.96
CA SER D 270 -37.95 7.67 -20.87
C SER D 270 -37.18 8.92 -21.25
N PRO D 271 -37.61 10.09 -20.73
CA PRO D 271 -36.94 11.36 -21.02
C PRO D 271 -35.48 11.33 -20.59
N GLY D 272 -34.68 12.26 -21.13
CA GLY D 272 -33.27 12.32 -20.81
C GLY D 272 -32.43 11.71 -21.91
N GLU D 273 -31.11 11.92 -21.81
CA GLU D 273 -30.20 11.38 -22.81
C GLU D 273 -29.26 10.36 -22.17
N THR D 274 -28.88 9.35 -22.95
CA THR D 274 -27.95 8.34 -22.48
C THR D 274 -26.56 8.93 -22.24
N GLU D 275 -26.03 8.73 -21.05
CA GLU D 275 -24.74 9.29 -20.67
C GLU D 275 -23.76 8.20 -20.24
N ILE D 276 -22.47 8.44 -20.47
CA ILE D 276 -21.44 7.44 -20.19
C ILE D 276 -20.71 7.72 -18.87
N TYR D 277 -20.77 6.76 -17.95
CA TYR D 277 -20.03 6.84 -16.70
C TYR D 277 -19.23 5.57 -16.48
N GLN D 278 -17.90 5.71 -16.52
CA GLN D 278 -16.97 4.59 -16.40
C GLN D 278 -17.22 3.51 -17.46
N GLY D 279 -17.51 3.94 -18.69
CA GLY D 279 -17.65 3.03 -19.80
C GLY D 279 -19.01 2.39 -19.96
N ARG D 280 -19.93 2.68 -19.04
CA ARG D 280 -21.27 2.13 -19.11
C ARG D 280 -22.28 3.21 -19.48
N GLN D 281 -23.48 2.79 -19.90
CA GLN D 281 -24.52 3.72 -20.29
C GLN D 281 -25.54 3.93 -19.17
N PHE D 282 -25.80 5.20 -18.83
CA PHE D 282 -26.78 5.54 -17.81
C PHE D 282 -27.77 6.58 -18.30
N LYS D 283 -28.85 6.75 -17.55
CA LYS D 283 -29.78 7.86 -17.78
C LYS D 283 -30.09 8.51 -16.43
N VAL D 284 -30.39 9.81 -16.47
CA VAL D 284 -30.69 10.55 -15.26
C VAL D 284 -32.02 10.12 -14.65
N TYR D 285 -32.01 9.86 -13.35
CA TYR D 285 -33.24 9.60 -12.61
C TYR D 285 -33.23 10.40 -11.31
N ARG D 286 -34.21 11.28 -11.15
CA ARG D 286 -34.25 12.15 -9.97
C ARG D 286 -35.66 12.22 -9.38
N GLY D 287 -35.72 12.33 -8.06
CA GLY D 287 -36.99 12.52 -7.38
C GLY D 287 -37.62 13.84 -7.78
N MET D 288 -38.94 13.88 -7.78
CA MET D 288 -39.66 15.10 -8.12
C MET D 288 -39.56 16.12 -6.99
N GLY D 289 -39.04 15.68 -5.85
CA GLY D 289 -38.82 16.56 -4.71
C GLY D 289 -37.35 16.88 -4.53
N SER D 290 -36.54 16.47 -5.49
CA SER D 290 -35.12 16.80 -5.45
C SER D 290 -34.93 18.28 -5.80
N VAL D 291 -33.75 18.80 -5.49
CA VAL D 291 -33.43 20.20 -5.77
C VAL D 291 -33.55 20.51 -7.26
N GLY D 292 -33.07 19.60 -8.10
CA GLY D 292 -33.09 19.79 -9.54
C GLY D 292 -34.48 19.79 -10.15
N ALA D 293 -35.37 18.99 -9.60
CA ALA D 293 -36.74 18.90 -10.11
C ALA D 293 -37.57 20.12 -9.72
N MET D 294 -37.28 20.68 -8.55
CA MET D 294 -38.00 21.86 -8.08
C MET D 294 -37.66 23.11 -8.89
N GLU D 295 -36.38 23.29 -9.20
CA GLU D 295 -35.93 24.43 -9.97
C GLU D 295 -36.23 24.26 -11.46
N LEU D 310 -40.22 24.80 -0.18
CA LEU D 310 -40.05 23.77 0.84
C LEU D 310 -38.69 23.07 0.73
N VAL D 311 -38.33 22.35 1.78
CA VAL D 311 -37.09 21.60 1.84
C VAL D 311 -37.22 20.33 0.98
N PRO D 312 -36.12 19.88 0.36
CA PRO D 312 -36.20 18.74 -0.56
C PRO D 312 -36.50 17.42 0.14
N GLU D 313 -37.23 16.55 -0.55
CA GLU D 313 -37.53 15.22 -0.05
C GLU D 313 -37.18 14.16 -1.09
N GLY D 314 -36.41 14.56 -2.09
CA GLY D 314 -35.97 13.66 -3.14
C GLY D 314 -34.48 13.72 -3.37
N ILE D 315 -33.98 12.80 -4.19
CA ILE D 315 -32.54 12.72 -4.48
C ILE D 315 -32.31 12.70 -5.99
N GLU D 316 -31.12 13.10 -6.42
CA GLU D 316 -30.75 13.06 -7.85
C GLU D 316 -29.68 12.00 -8.11
N GLY D 317 -29.85 11.24 -9.19
CA GLY D 317 -28.89 10.21 -9.54
C GLY D 317 -28.97 9.68 -10.95
N ARG D 318 -28.57 8.43 -11.13
CA ARG D 318 -28.60 7.79 -12.44
C ARG D 318 -28.82 6.28 -12.34
N VAL D 319 -29.47 5.72 -13.36
CA VAL D 319 -29.67 4.29 -13.45
C VAL D 319 -29.16 3.78 -14.80
N PRO D 320 -28.69 2.52 -14.84
CA PRO D 320 -28.18 1.90 -16.07
C PRO D 320 -29.20 1.91 -17.22
N TYR D 321 -28.71 2.13 -18.43
CA TYR D 321 -29.54 2.08 -19.62
C TYR D 321 -30.00 0.64 -19.85
N LYS D 322 -31.23 0.47 -20.31
CA LYS D 322 -31.82 -0.86 -20.43
C LYS D 322 -32.45 -1.12 -21.79
N GLY D 323 -32.18 -0.24 -22.75
CA GLY D 323 -32.74 -0.38 -24.08
C GLY D 323 -34.23 -0.12 -24.10
N PRO D 324 -34.94 -0.72 -25.07
CA PRO D 324 -36.38 -0.51 -25.25
C PRO D 324 -37.23 -0.96 -24.07
N LEU D 325 -38.38 -0.32 -23.88
CA LEU D 325 -39.29 -0.63 -22.79
C LEU D 325 -39.79 -2.07 -22.87
N ALA D 326 -39.97 -2.56 -24.09
CA ALA D 326 -40.53 -3.89 -24.33
C ALA D 326 -39.79 -5.00 -23.58
N ASP D 327 -38.47 -4.93 -23.58
CA ASP D 327 -37.66 -5.94 -22.92
C ASP D 327 -37.87 -5.94 -21.41
N THR D 328 -37.96 -4.76 -20.82
CA THR D 328 -38.16 -4.63 -19.38
C THR D 328 -39.56 -5.09 -19.00
N VAL D 329 -40.55 -4.66 -19.77
CA VAL D 329 -41.93 -5.07 -19.55
C VAL D 329 -42.07 -6.59 -19.61
N HIS D 330 -41.43 -7.19 -20.60
CA HIS D 330 -41.49 -8.64 -20.81
C HIS D 330 -40.98 -9.42 -19.60
N GLN D 331 -39.89 -8.94 -18.99
CA GLN D 331 -39.34 -9.60 -17.81
C GLN D 331 -40.27 -9.43 -16.61
N LEU D 332 -40.89 -8.26 -16.52
CA LEU D 332 -41.80 -7.96 -15.42
C LEU D 332 -43.06 -8.83 -15.47
N VAL D 333 -43.71 -8.84 -16.63
CA VAL D 333 -44.92 -9.65 -16.79
C VAL D 333 -44.59 -11.13 -16.67
N GLY D 334 -43.48 -11.53 -17.25
CA GLY D 334 -43.02 -12.92 -17.19
C GLY D 334 -42.75 -13.36 -15.77
N GLY D 335 -42.32 -12.42 -14.93
CA GLY D 335 -42.14 -12.70 -13.52
C GLY D 335 -43.47 -12.81 -12.81
N LEU D 336 -44.41 -11.96 -13.23
CA LEU D 336 -45.74 -11.96 -12.65
C LEU D 336 -46.49 -13.26 -12.99
N ARG D 337 -46.33 -13.73 -14.22
CA ARG D 337 -46.96 -14.96 -14.65
C ARG D 337 -46.46 -16.16 -13.84
N ALA D 338 -45.14 -16.22 -13.65
CA ALA D 338 -44.54 -17.27 -12.83
C ALA D 338 -45.11 -17.25 -11.42
N GLY D 339 -45.17 -16.05 -10.83
CA GLY D 339 -45.67 -15.88 -9.48
C GLY D 339 -47.11 -16.33 -9.33
N MET D 340 -47.96 -15.91 -10.26
CA MET D 340 -49.36 -16.28 -10.23
C MET D 340 -49.53 -17.79 -10.42
N GLY D 341 -48.68 -18.37 -11.26
CA GLY D 341 -48.69 -19.80 -11.47
C GLY D 341 -48.33 -20.56 -10.21
N TYR D 342 -47.37 -20.03 -9.45
CA TYR D 342 -46.98 -20.62 -8.18
C TYR D 342 -48.13 -20.54 -7.16
N CYS D 343 -48.91 -19.47 -7.25
CA CYS D 343 -49.99 -19.22 -6.29
C CYS D 343 -51.33 -19.79 -6.75
N GLY D 344 -51.38 -20.25 -7.99
CA GLY D 344 -52.61 -20.81 -8.53
C GLY D 344 -53.64 -19.75 -8.90
N ALA D 345 -53.17 -18.58 -9.28
CA ALA D 345 -54.07 -17.50 -9.66
C ALA D 345 -54.25 -17.41 -11.18
N GLN D 346 -55.45 -17.72 -11.65
CA GLN D 346 -55.79 -17.60 -13.06
C GLN D 346 -55.90 -16.12 -13.43
N ASP D 347 -56.40 -15.32 -12.49
CA ASP D 347 -56.50 -13.87 -12.68
C ASP D 347 -56.00 -13.13 -11.44
N LEU D 348 -55.82 -11.82 -11.58
CA LEU D 348 -55.32 -11.01 -10.47
C LEU D 348 -56.29 -10.92 -9.31
N GLU D 349 -57.58 -11.13 -9.58
CA GLU D 349 -58.58 -11.11 -8.52
C GLU D 349 -58.35 -12.25 -7.53
N PHE D 350 -58.10 -13.44 -8.06
CA PHE D 350 -57.80 -14.59 -7.23
C PHE D 350 -56.53 -14.33 -6.41
N LEU D 351 -55.56 -13.67 -7.04
CA LEU D 351 -54.30 -13.36 -6.39
C LEU D 351 -54.52 -12.47 -5.17
N ARG D 352 -55.27 -11.38 -5.36
CA ARG D 352 -55.55 -10.44 -4.28
C ARG D 352 -56.31 -11.10 -3.13
N GLU D 353 -57.24 -12.00 -3.47
CA GLU D 353 -58.16 -12.55 -2.49
C GLU D 353 -57.68 -13.85 -1.81
N ASN D 354 -56.71 -14.53 -2.41
CA ASN D 354 -56.29 -15.84 -1.90
C ASN D 354 -54.82 -15.98 -1.52
N ALA D 355 -53.95 -15.20 -2.15
CA ALA D 355 -52.52 -15.35 -1.92
C ALA D 355 -52.11 -15.11 -0.48
N GLN D 356 -51.29 -15.99 0.06
CA GLN D 356 -50.82 -15.90 1.44
C GLN D 356 -49.33 -15.61 1.49
N PHE D 357 -48.90 -14.84 2.48
CA PHE D 357 -47.50 -14.51 2.67
C PHE D 357 -46.91 -15.31 3.82
N ILE D 358 -45.58 -15.28 3.93
CA ILE D 358 -44.89 -15.79 5.10
C ILE D 358 -43.73 -14.85 5.42
N ARG D 359 -43.60 -14.49 6.69
CA ARG D 359 -42.58 -13.51 7.09
C ARG D 359 -41.21 -14.16 7.28
N MET D 360 -40.16 -13.41 6.94
CA MET D 360 -38.79 -13.90 7.06
C MET D 360 -37.87 -12.80 7.60
N SER D 361 -36.78 -13.23 8.23
CA SER D 361 -35.77 -12.32 8.75
C SER D 361 -34.76 -11.94 7.66
N GLY D 362 -33.71 -11.22 8.05
CA GLY D 362 -32.65 -10.84 7.14
C GLY D 362 -31.91 -12.06 6.60
N ALA D 363 -31.79 -13.09 7.43
CA ALA D 363 -31.17 -14.34 6.99
C ALA D 363 -32.03 -14.98 5.91
N GLY D 364 -33.34 -14.81 6.03
CA GLY D 364 -34.26 -15.31 5.02
C GLY D 364 -34.06 -14.58 3.71
N LEU D 365 -33.88 -13.27 3.80
CA LEU D 365 -33.66 -12.44 2.61
C LEU D 365 -32.39 -12.86 1.87
N LEU D 366 -31.30 -13.02 2.62
CA LEU D 366 -30.02 -13.41 2.01
C LEU D 366 -30.10 -14.77 1.33
N GLU D 367 -30.88 -15.68 1.91
CA GLU D 367 -31.13 -16.97 1.28
C GLU D 367 -31.97 -16.79 0.03
N SER D 368 -32.90 -15.83 0.08
CA SER D 368 -33.81 -15.59 -1.04
C SER D 368 -33.09 -15.07 -2.28
N HIS D 369 -31.97 -14.38 -2.08
CA HIS D 369 -31.15 -13.93 -3.20
C HIS D 369 -30.07 -14.97 -3.47
N PRO D 370 -29.43 -14.91 -4.64
CA PRO D 370 -28.25 -15.73 -4.87
C PRO D 370 -27.20 -15.50 -3.78
N HIS D 371 -26.48 -16.55 -3.41
CA HIS D 371 -25.53 -16.46 -2.30
C HIS D 371 -24.41 -17.48 -2.41
N HIS D 372 -23.23 -17.11 -1.91
CA HIS D 372 -22.05 -17.98 -1.93
C HIS D 372 -21.70 -18.46 -3.34
N VAL D 373 -21.98 -17.59 -4.32
CA VAL D 373 -21.67 -17.85 -5.72
C VAL D 373 -21.23 -16.57 -6.39
N GLN D 374 -20.06 -16.59 -7.03
CA GLN D 374 -19.58 -15.43 -7.77
C GLN D 374 -20.31 -15.33 -9.10
N ILE D 375 -21.30 -14.45 -9.18
CA ILE D 375 -22.04 -14.24 -10.43
C ILE D 375 -21.10 -13.76 -11.52
N THR D 376 -21.19 -14.37 -12.70
CA THR D 376 -20.26 -14.08 -13.79
C THR D 376 -20.90 -13.33 -14.94
N LYS D 377 -22.23 -13.38 -15.01
CA LYS D 377 -22.95 -12.60 -16.01
C LYS D 377 -24.31 -12.14 -15.51
N GLU D 378 -24.83 -11.09 -16.12
CA GLU D 378 -26.08 -10.49 -15.70
C GLU D 378 -27.27 -11.19 -16.34
N ALA D 379 -28.27 -11.51 -15.52
CA ALA D 379 -29.52 -12.05 -16.01
C ALA D 379 -30.42 -10.90 -16.42
N PRO D 380 -31.36 -11.14 -17.36
CA PRO D 380 -32.25 -10.08 -17.84
C PRO D 380 -33.18 -9.56 -16.75
N ASN D 381 -33.23 -10.24 -15.61
CA ASN D 381 -34.12 -9.83 -14.53
C ASN D 381 -33.43 -9.81 -13.15
N TYR D 382 -32.10 -9.71 -13.15
CA TYR D 382 -31.37 -9.62 -11.89
C TYR D 382 -30.08 -8.83 -12.00
N SER D 383 -30.05 -7.67 -11.32
CA SER D 383 -28.89 -6.79 -11.26
C SER D 383 -28.41 -6.37 -12.66
N SER E 22 18.30 29.22 16.09
CA SER E 22 19.07 30.42 15.80
C SER E 22 20.18 30.12 14.78
N ASN E 23 20.89 29.02 15.01
CA ASN E 23 21.90 28.54 14.08
C ASN E 23 21.38 27.31 13.34
N ALA E 24 20.08 27.06 13.49
CA ALA E 24 19.43 25.87 12.95
C ALA E 24 19.57 25.77 11.43
N MET E 25 19.19 26.84 10.75
CA MET E 25 19.21 26.86 9.29
C MET E 25 20.62 26.68 8.74
N TRP E 26 21.59 27.27 9.45
CA TRP E 26 22.98 27.18 9.02
C TRP E 26 23.54 25.78 9.21
N GLU E 27 23.13 25.13 10.30
CA GLU E 27 23.66 23.82 10.65
C GLU E 27 22.97 22.66 9.95
N SER E 28 21.87 22.94 9.26
CA SER E 28 21.13 21.89 8.58
C SER E 28 21.18 22.02 7.06
N LYS E 29 22.12 22.81 6.58
CA LYS E 29 22.23 23.10 5.14
C LYS E 29 22.42 21.85 4.28
N PHE E 30 23.19 20.89 4.76
CA PHE E 30 23.54 19.72 3.95
C PHE E 30 23.09 18.38 4.53
N VAL E 31 22.10 18.39 5.42
CA VAL E 31 21.64 17.15 6.05
C VAL E 31 20.81 16.28 5.10
N LYS E 32 20.08 16.91 4.19
CA LYS E 32 19.17 16.20 3.30
C LYS E 32 19.89 15.49 2.15
N GLU E 33 19.42 14.29 1.81
CA GLU E 33 19.88 13.59 0.61
C GLU E 33 18.73 13.04 -0.21
N GLY E 34 18.91 12.96 -1.52
CA GLY E 34 17.82 12.60 -2.41
C GLY E 34 18.20 11.55 -3.45
N LEU E 35 17.20 10.78 -3.87
CA LEU E 35 17.40 9.70 -4.82
C LEU E 35 16.59 9.94 -6.07
N THR E 36 17.11 9.46 -7.19
CA THR E 36 16.35 9.50 -8.42
C THR E 36 16.10 8.08 -8.89
N PHE E 37 15.41 7.95 -10.01
CA PHE E 37 15.05 6.65 -10.57
C PHE E 37 16.24 5.70 -10.67
N ASP E 38 17.35 6.18 -11.21
CA ASP E 38 18.51 5.33 -11.45
C ASP E 38 19.26 4.91 -10.18
N ASP E 39 18.79 5.35 -9.02
CA ASP E 39 19.43 5.04 -7.74
C ASP E 39 18.85 3.78 -7.10
N VAL E 40 17.70 3.33 -7.60
CA VAL E 40 16.94 2.30 -6.91
C VAL E 40 16.40 1.21 -7.83
N LEU E 41 15.92 0.14 -7.22
CA LEU E 41 15.20 -0.92 -7.91
C LEU E 41 14.03 -1.38 -7.05
N LEU E 42 12.91 -1.69 -7.69
CA LEU E 42 11.77 -2.27 -6.99
C LEU E 42 12.05 -3.73 -6.65
N VAL E 43 11.93 -4.08 -5.38
CA VAL E 43 12.14 -5.45 -4.92
C VAL E 43 10.95 -6.34 -5.27
N PRO E 44 11.23 -7.49 -5.93
CA PRO E 44 10.17 -8.45 -6.27
C PRO E 44 9.46 -8.98 -5.03
N ALA E 45 8.17 -9.25 -5.13
CA ALA E 45 7.41 -9.79 -4.00
C ALA E 45 6.54 -10.97 -4.40
N LYS E 46 5.76 -11.48 -3.46
CA LYS E 46 4.81 -12.55 -3.75
C LYS E 46 3.73 -12.03 -4.69
N SER E 47 3.28 -12.86 -5.62
CA SER E 47 2.31 -12.43 -6.61
C SER E 47 1.32 -13.52 -7.00
N ASP E 48 0.04 -13.18 -6.99
CA ASP E 48 -1.01 -14.07 -7.46
C ASP E 48 -1.44 -13.62 -8.86
N VAL E 49 -1.07 -12.38 -9.17
CA VAL E 49 -1.56 -11.74 -10.38
C VAL E 49 -0.58 -11.82 -11.55
N LEU E 50 -1.09 -12.11 -12.73
CA LEU E 50 -0.32 -12.04 -13.96
C LEU E 50 -0.41 -10.60 -14.46
N PRO E 51 0.61 -10.15 -15.21
CA PRO E 51 0.59 -8.81 -15.82
C PRO E 51 -0.68 -8.59 -16.63
N ARG E 52 -1.15 -9.67 -17.26
CA ARG E 52 -2.39 -9.70 -18.01
C ARG E 52 -3.57 -9.22 -17.16
N GLU E 53 -3.53 -9.52 -15.86
CA GLU E 53 -4.68 -9.37 -14.99
C GLU E 53 -4.71 -8.08 -14.16
N VAL E 54 -3.58 -7.40 -14.04
CA VAL E 54 -3.51 -6.20 -13.21
C VAL E 54 -4.40 -5.08 -13.73
N SER E 55 -4.82 -4.20 -12.83
CA SER E 55 -5.58 -3.02 -13.17
C SER E 55 -4.64 -1.81 -13.19
N VAL E 56 -4.76 -0.97 -14.20
CA VAL E 56 -3.90 0.21 -14.30
C VAL E 56 -4.70 1.50 -14.27
N LYS E 57 -5.95 1.42 -13.82
CA LYS E 57 -6.82 2.59 -13.72
C LYS E 57 -6.48 3.43 -12.49
N THR E 58 -6.60 4.75 -12.62
CA THR E 58 -6.45 5.65 -11.48
C THR E 58 -7.51 6.73 -11.48
N VAL E 59 -7.91 7.14 -10.28
CA VAL E 59 -8.85 8.23 -10.10
C VAL E 59 -8.11 9.45 -9.56
N LEU E 60 -8.15 10.55 -10.31
CA LEU E 60 -7.59 11.80 -9.82
C LEU E 60 -8.64 12.57 -9.04
N SER E 61 -9.86 12.62 -9.58
CA SER E 61 -11.01 13.14 -8.86
C SER E 61 -12.23 12.40 -9.38
N GLU E 62 -13.39 12.67 -8.77
CA GLU E 62 -14.62 11.99 -9.15
C GLU E 62 -15.00 12.26 -10.61
N SER E 63 -14.63 13.45 -11.09
CA SER E 63 -14.93 13.84 -12.46
C SER E 63 -13.73 13.63 -13.39
N LEU E 64 -12.70 12.94 -12.89
CA LEU E 64 -11.47 12.77 -13.65
C LEU E 64 -10.86 11.39 -13.39
N GLN E 65 -11.35 10.39 -14.11
CA GLN E 65 -10.83 9.03 -14.00
C GLN E 65 -10.12 8.62 -15.27
N LEU E 66 -8.92 8.07 -15.12
CA LEU E 66 -8.13 7.63 -16.27
C LEU E 66 -8.01 6.11 -16.30
N ASN E 67 -8.03 5.54 -17.50
CA ASN E 67 -7.85 4.10 -17.66
C ASN E 67 -6.38 3.70 -17.57
N ILE E 68 -5.50 4.55 -18.12
CA ILE E 68 -4.05 4.36 -18.00
C ILE E 68 -3.43 5.59 -17.32
N PRO E 69 -2.45 5.37 -16.44
CA PRO E 69 -1.89 6.45 -15.62
C PRO E 69 -0.93 7.37 -16.38
N LEU E 70 -1.36 7.91 -17.50
CA LEU E 70 -0.49 8.70 -18.36
C LEU E 70 -1.10 10.04 -18.74
N ILE E 71 -0.32 11.09 -18.56
CA ILE E 71 -0.70 12.41 -19.07
C ILE E 71 0.40 12.91 -19.99
N SER E 72 0.02 13.41 -21.16
CA SER E 72 0.97 14.06 -22.05
C SER E 72 1.18 15.50 -21.61
N ALA E 73 2.44 15.89 -21.45
CA ALA E 73 2.79 17.22 -20.95
C ALA E 73 2.25 18.37 -21.80
N GLY E 74 1.87 19.45 -21.14
CA GLY E 74 1.35 20.63 -21.80
C GLY E 74 2.45 21.50 -22.38
N MET E 75 3.09 20.99 -23.42
CA MET E 75 4.19 21.71 -24.07
C MET E 75 3.86 21.91 -25.54
N ASP E 76 4.42 22.96 -26.11
CA ASP E 76 4.10 23.33 -27.50
C ASP E 76 4.68 22.37 -28.53
N THR E 77 5.52 21.44 -28.09
CA THR E 77 6.03 20.38 -28.96
C THR E 77 5.48 19.02 -28.58
N VAL E 78 4.60 18.97 -27.58
CA VAL E 78 4.09 17.70 -27.10
C VAL E 78 2.59 17.49 -27.27
N THR E 79 1.78 18.43 -26.76
CA THR E 79 0.33 18.20 -26.73
C THR E 79 -0.52 19.33 -27.30
N GLU E 80 -1.26 19.02 -28.35
CA GLU E 80 -2.34 19.86 -28.83
C GLU E 80 -3.56 18.98 -29.04
N ALA E 81 -4.52 19.47 -29.81
CA ALA E 81 -5.79 18.75 -29.98
C ALA E 81 -5.62 17.32 -30.49
N ASP E 82 -4.83 17.14 -31.55
CA ASP E 82 -4.59 15.82 -32.10
C ASP E 82 -3.99 14.87 -31.07
N MET E 83 -3.03 15.38 -30.31
CA MET E 83 -2.40 14.59 -29.26
C MET E 83 -3.36 14.31 -28.12
N ALA E 84 -4.15 15.31 -27.74
CA ALA E 84 -5.09 15.18 -26.65
C ALA E 84 -6.15 14.12 -26.97
N ILE E 85 -6.66 14.16 -28.19
CA ILE E 85 -7.64 13.16 -28.64
C ILE E 85 -7.06 11.76 -28.57
N ALA E 86 -5.84 11.60 -29.08
CA ALA E 86 -5.19 10.30 -29.09
C ALA E 86 -4.90 9.79 -27.67
N MET E 87 -4.45 10.68 -26.80
CA MET E 87 -4.18 10.31 -25.42
C MET E 87 -5.44 9.83 -24.70
N ALA E 88 -6.54 10.56 -24.89
CA ALA E 88 -7.80 10.23 -24.22
C ALA E 88 -8.37 8.90 -24.71
N ARG E 89 -8.20 8.62 -26.00
CA ARG E 89 -8.72 7.38 -26.58
C ARG E 89 -7.96 6.16 -26.06
N GLN E 90 -6.73 6.37 -25.60
CA GLN E 90 -5.92 5.31 -25.03
C GLN E 90 -6.22 5.13 -23.54
N GLY E 91 -7.07 5.99 -23.00
CA GLY E 91 -7.44 5.93 -21.60
C GLY E 91 -6.59 6.87 -20.75
N GLY E 92 -5.97 7.85 -21.40
CA GLY E 92 -5.13 8.81 -20.71
C GLY E 92 -5.66 10.23 -20.81
N LEU E 93 -4.77 11.20 -20.63
CA LEU E 93 -5.17 12.60 -20.65
C LEU E 93 -4.15 13.44 -21.41
N GLY E 94 -4.63 14.49 -22.06
CA GLY E 94 -3.77 15.43 -22.75
C GLY E 94 -3.97 16.85 -22.24
N ILE E 95 -2.87 17.57 -22.05
CA ILE E 95 -2.92 18.95 -21.59
C ILE E 95 -2.60 19.90 -22.73
N ILE E 96 -3.58 20.70 -23.14
CA ILE E 96 -3.35 21.70 -24.18
C ILE E 96 -2.46 22.83 -23.64
N HIS E 97 -1.36 23.09 -24.33
CA HIS E 97 -0.40 24.09 -23.87
C HIS E 97 -0.93 25.51 -24.01
N LYS E 98 -0.26 26.45 -23.34
CA LYS E 98 -0.75 27.84 -23.27
C LYS E 98 -0.07 28.79 -24.26
N ASN E 99 0.86 28.27 -25.05
CA ASN E 99 1.51 29.08 -26.08
C ASN E 99 0.62 29.34 -27.29
N MET E 100 -0.57 29.86 -27.02
CA MET E 100 -1.53 30.21 -28.06
C MET E 100 -2.54 31.19 -27.46
N SER E 101 -3.38 31.75 -28.31
CA SER E 101 -4.38 32.71 -27.85
C SER E 101 -5.41 32.01 -26.97
N ILE E 102 -6.09 32.79 -26.14
CA ILE E 102 -7.16 32.28 -25.30
C ILE E 102 -8.23 31.63 -26.18
N GLU E 103 -8.55 32.30 -27.27
CA GLU E 103 -9.57 31.83 -28.21
C GLU E 103 -9.16 30.49 -28.82
N GLN E 104 -7.89 30.38 -29.20
CA GLN E 104 -7.38 29.16 -29.83
C GLN E 104 -7.37 27.98 -28.86
N GLN E 105 -6.97 28.23 -27.62
CA GLN E 105 -6.89 27.16 -26.63
C GLN E 105 -8.28 26.63 -26.30
N ALA E 106 -9.25 27.53 -26.21
CA ALA E 106 -10.63 27.15 -25.93
C ALA E 106 -11.21 26.34 -27.09
N GLU E 107 -10.91 26.77 -28.30
CA GLU E 107 -11.40 26.09 -29.50
C GLU E 107 -10.79 24.69 -29.62
N GLN E 108 -9.57 24.53 -29.13
CA GLN E 108 -8.91 23.23 -29.14
C GLN E 108 -9.48 22.29 -28.09
N VAL E 109 -9.78 22.84 -26.91
CA VAL E 109 -10.48 22.09 -25.88
C VAL E 109 -11.85 21.68 -26.42
N ASP E 110 -12.50 22.62 -27.09
CA ASP E 110 -13.80 22.36 -27.70
C ASP E 110 -13.70 21.26 -28.75
N LYS E 111 -12.60 21.26 -29.49
CA LYS E 111 -12.39 20.26 -30.54
C LYS E 111 -12.24 18.85 -29.96
N VAL E 112 -11.51 18.74 -28.86
CA VAL E 112 -11.33 17.46 -28.19
C VAL E 112 -12.64 16.99 -27.57
N LYS E 113 -13.42 17.91 -27.02
CA LYS E 113 -14.71 17.58 -26.42
C LYS E 113 -15.71 17.13 -27.48
N ARG E 114 -15.59 17.68 -28.68
CA ARG E 114 -16.42 17.27 -29.82
C ARG E 114 -16.27 15.78 -30.10
N SER E 115 -15.02 15.32 -30.12
CA SER E 115 -14.68 13.96 -30.53
C SER E 115 -15.13 12.89 -29.54
N GLY E 116 -16.43 12.82 -29.29
CA GLY E 116 -17.00 11.75 -28.47
C GLY E 116 -17.01 12.02 -26.98
N GLY E 117 -16.80 13.27 -26.60
CA GLY E 117 -16.78 13.64 -25.19
C GLY E 117 -15.58 13.06 -24.47
N LEU E 118 -14.38 13.36 -24.96
CA LEU E 118 -13.15 12.85 -24.36
C LEU E 118 -12.65 13.79 -23.26
N LEU E 119 -11.95 13.23 -22.29
CA LEU E 119 -11.33 14.03 -21.24
C LEU E 119 -10.23 14.91 -21.83
N VAL E 120 -10.12 16.13 -21.33
CA VAL E 120 -9.07 17.04 -21.79
C VAL E 120 -8.75 18.10 -20.74
N GLY E 121 -7.48 18.46 -20.65
CA GLY E 121 -7.02 19.49 -19.72
C GLY E 121 -6.40 20.67 -20.46
N ALA E 122 -6.16 21.75 -19.73
CA ALA E 122 -5.56 22.94 -20.32
C ALA E 122 -4.64 23.65 -19.33
N ALA E 123 -3.46 24.04 -19.83
CA ALA E 123 -2.47 24.70 -18.98
C ALA E 123 -2.66 26.22 -18.98
N VAL E 124 -2.67 26.79 -17.77
CA VAL E 124 -2.79 28.23 -17.60
C VAL E 124 -1.63 28.75 -16.75
N GLY E 125 -1.08 29.91 -17.12
CA GLY E 125 0.01 30.49 -16.37
C GLY E 125 -0.47 31.54 -15.37
N VAL E 126 0.38 31.84 -14.39
CA VAL E 126 0.06 32.87 -13.41
C VAL E 126 0.28 34.25 -14.02
N THR E 127 -0.77 34.78 -14.65
CA THR E 127 -0.72 36.11 -15.25
C THR E 127 -1.97 36.90 -14.86
N ALA E 128 -2.18 38.04 -15.53
CA ALA E 128 -3.34 38.86 -15.25
C ALA E 128 -4.58 38.28 -15.92
N ASP E 129 -4.41 37.84 -17.16
CA ASP E 129 -5.52 37.28 -17.92
C ASP E 129 -5.77 35.81 -17.59
N ALA E 130 -5.20 35.36 -16.48
CA ALA E 130 -5.35 33.98 -16.04
C ALA E 130 -6.82 33.62 -15.88
N MET E 131 -7.57 34.48 -15.22
CA MET E 131 -9.01 34.26 -15.03
C MET E 131 -9.76 34.41 -16.35
N THR E 132 -9.32 35.32 -17.20
CA THR E 132 -9.94 35.53 -18.51
C THR E 132 -9.84 34.27 -19.35
N ARG E 133 -8.66 33.65 -19.32
CA ARG E 133 -8.41 32.45 -20.10
C ARG E 133 -9.16 31.23 -19.55
N ILE E 134 -9.07 31.07 -18.23
CA ILE E 134 -9.74 29.96 -17.54
C ILE E 134 -11.26 29.98 -17.76
N ASP E 135 -11.85 31.17 -17.77
CA ASP E 135 -13.27 31.32 -18.05
C ASP E 135 -13.62 30.75 -19.41
N ALA E 136 -12.80 31.06 -20.42
CA ALA E 136 -13.01 30.57 -21.77
C ALA E 136 -12.83 29.07 -21.87
N LEU E 137 -11.89 28.55 -21.07
CA LEU E 137 -11.65 27.11 -21.02
C LEU E 137 -12.83 26.37 -20.37
N VAL E 138 -13.43 27.00 -19.37
CA VAL E 138 -14.61 26.45 -18.70
C VAL E 138 -15.82 26.44 -19.64
N LYS E 139 -15.98 27.52 -20.41
CA LYS E 139 -17.07 27.61 -21.38
C LYS E 139 -16.96 26.50 -22.43
N ALA E 140 -15.72 26.10 -22.72
CA ALA E 140 -15.46 25.04 -23.68
C ALA E 140 -15.56 23.67 -23.01
N SER E 141 -15.96 23.68 -21.73
CA SER E 141 -16.17 22.47 -20.94
C SER E 141 -14.89 21.63 -20.77
N VAL E 142 -13.81 22.29 -20.37
CA VAL E 142 -12.57 21.60 -20.05
C VAL E 142 -12.78 20.77 -18.79
N ASP E 143 -12.07 19.66 -18.66
CA ASP E 143 -12.25 18.78 -17.50
C ASP E 143 -11.32 19.14 -16.35
N ALA E 144 -10.19 19.76 -16.67
CA ALA E 144 -9.24 20.16 -15.65
C ALA E 144 -8.32 21.27 -16.17
N ILE E 145 -8.03 22.25 -15.32
CA ILE E 145 -7.03 23.24 -15.67
C ILE E 145 -5.73 22.94 -14.95
N VAL E 146 -4.61 23.23 -15.59
CA VAL E 146 -3.30 23.01 -15.01
C VAL E 146 -2.59 24.35 -14.82
N LEU E 147 -2.58 24.84 -13.59
CA LEU E 147 -1.86 26.07 -13.29
C LEU E 147 -0.36 25.79 -13.31
N ASP E 148 0.26 26.12 -14.44
CA ASP E 148 1.66 25.80 -14.66
C ASP E 148 2.56 26.99 -14.32
N THR E 149 3.47 26.76 -13.38
CA THR E 149 4.48 27.75 -13.02
C THR E 149 5.78 27.03 -12.69
N ALA E 150 6.88 27.77 -12.69
CA ALA E 150 8.17 27.18 -12.38
C ALA E 150 8.30 26.92 -10.89
N HIS E 151 7.67 27.78 -10.09
CA HIS E 151 7.75 27.68 -8.64
C HIS E 151 6.36 27.63 -8.04
N GLY E 152 5.84 26.43 -7.82
CA GLY E 152 4.51 26.26 -7.26
C GLY E 152 4.40 26.78 -5.83
N HIS E 153 5.53 26.85 -5.14
CA HIS E 153 5.57 27.30 -3.75
C HIS E 153 5.69 28.82 -3.65
N SER E 154 5.44 29.53 -4.75
CA SER E 154 5.46 30.98 -4.72
C SER E 154 4.08 31.52 -4.35
N GLN E 155 4.06 32.70 -3.73
CA GLN E 155 2.82 33.27 -3.22
C GLN E 155 1.78 33.51 -4.31
N GLY E 156 2.23 33.97 -5.47
CA GLY E 156 1.34 34.28 -6.57
C GLY E 156 0.48 33.11 -7.00
N VAL E 157 1.08 31.92 -7.02
CA VAL E 157 0.37 30.71 -7.43
C VAL E 157 -0.64 30.30 -6.38
N ILE E 158 -0.22 30.33 -5.12
CA ILE E 158 -1.10 30.05 -3.99
C ILE E 158 -2.32 30.95 -4.00
N ASP E 159 -2.10 32.23 -4.33
CA ASP E 159 -3.21 33.18 -4.44
C ASP E 159 -4.09 32.89 -5.65
N LYS E 160 -3.46 32.53 -6.76
CA LYS E 160 -4.17 32.27 -8.00
C LYS E 160 -5.09 31.06 -7.87
N VAL E 161 -4.61 30.03 -7.17
CA VAL E 161 -5.41 28.84 -6.93
C VAL E 161 -6.67 29.19 -6.14
N LYS E 162 -6.52 30.05 -5.14
CA LYS E 162 -7.64 30.45 -4.30
C LYS E 162 -8.72 31.22 -5.07
N GLU E 163 -8.30 32.10 -5.97
CA GLU E 163 -9.24 32.87 -6.78
C GLU E 163 -10.05 31.95 -7.69
N VAL E 164 -9.35 31.01 -8.32
CA VAL E 164 -9.99 30.05 -9.21
C VAL E 164 -10.96 29.16 -8.44
N ARG E 165 -10.51 28.70 -7.28
CA ARG E 165 -11.35 27.83 -6.44
C ARG E 165 -12.60 28.57 -5.97
N ALA E 166 -12.44 29.85 -5.65
CA ALA E 166 -13.54 30.65 -5.13
C ALA E 166 -14.61 30.91 -6.20
N LYS E 167 -14.22 30.79 -7.46
CA LYS E 167 -15.17 31.02 -8.56
C LYS E 167 -15.69 29.72 -9.15
N TYR E 168 -14.84 28.70 -9.17
CA TYR E 168 -15.23 27.39 -9.70
C TYR E 168 -14.96 26.30 -8.67
N PRO E 169 -15.80 26.22 -7.64
CA PRO E 169 -15.56 25.30 -6.53
C PRO E 169 -15.69 23.83 -6.92
N SER E 170 -16.09 23.57 -8.16
CA SER E 170 -16.27 22.21 -8.63
C SER E 170 -15.29 21.86 -9.76
N LEU E 171 -14.48 22.83 -10.14
CA LEU E 171 -13.51 22.65 -11.22
C LEU E 171 -12.23 21.95 -10.77
N ASN E 172 -11.84 20.91 -11.51
CA ASN E 172 -10.58 20.23 -11.27
C ASN E 172 -9.40 21.16 -11.49
N ILE E 173 -8.61 21.35 -10.44
CA ILE E 173 -7.44 22.22 -10.53
C ILE E 173 -6.16 21.46 -10.22
N ILE E 174 -5.27 21.41 -11.20
CA ILE E 174 -3.94 20.81 -11.02
C ILE E 174 -2.94 21.94 -10.82
N ALA E 175 -2.22 21.91 -9.71
CA ALA E 175 -1.25 22.95 -9.40
C ALA E 175 0.15 22.39 -9.24
N GLY E 176 1.13 23.06 -9.85
CA GLY E 176 2.53 22.66 -9.79
C GLY E 176 3.39 23.70 -10.48
N ASN E 177 4.70 23.50 -10.49
CA ASN E 177 5.31 22.31 -9.89
C ASN E 177 5.94 22.57 -8.52
N VAL E 178 5.96 21.53 -7.71
CA VAL E 178 6.59 21.57 -6.39
C VAL E 178 7.51 20.38 -6.22
N ALA E 179 8.28 20.37 -5.13
CA ALA E 179 9.21 19.28 -4.86
C ALA E 179 9.41 19.05 -3.36
N THR E 180 8.67 19.79 -2.55
CA THR E 180 8.74 19.63 -1.09
C THR E 180 7.35 19.36 -0.51
N ALA E 181 7.33 18.78 0.68
CA ALA E 181 6.07 18.54 1.39
C ALA E 181 5.39 19.85 1.77
N GLU E 182 6.18 20.84 2.20
CA GLU E 182 5.66 22.14 2.63
C GLU E 182 4.91 22.81 1.49
N ALA E 183 5.47 22.75 0.30
CA ALA E 183 4.86 23.33 -0.89
C ALA E 183 3.57 22.61 -1.24
N THR E 184 3.61 21.28 -1.15
CA THR E 184 2.45 20.46 -1.47
C THR E 184 1.28 20.77 -0.54
N LYS E 185 1.58 20.96 0.74
CA LYS E 185 0.55 21.33 1.72
C LYS E 185 -0.07 22.68 1.39
N ALA E 186 0.78 23.62 0.98
CA ALA E 186 0.33 24.98 0.65
C ALA E 186 -0.69 25.00 -0.48
N LEU E 187 -0.43 24.20 -1.52
CA LEU E 187 -1.32 24.17 -2.67
C LEU E 187 -2.65 23.47 -2.36
N ILE E 188 -2.60 22.41 -1.57
CA ILE E 188 -3.79 21.68 -1.18
C ILE E 188 -4.74 22.56 -0.36
N GLU E 189 -4.20 23.25 0.64
CA GLU E 189 -5.01 24.15 1.46
C GLU E 189 -5.52 25.34 0.66
N ALA E 190 -4.83 25.68 -0.42
CA ALA E 190 -5.24 26.76 -1.30
C ALA E 190 -6.44 26.37 -2.17
N GLY E 191 -6.66 25.07 -2.33
CA GLY E 191 -7.82 24.58 -3.06
C GLY E 191 -7.52 23.66 -4.23
N ALA E 192 -6.24 23.40 -4.49
CA ALA E 192 -5.87 22.48 -5.57
C ALA E 192 -6.18 21.05 -5.17
N ASN E 193 -6.89 20.33 -6.03
CA ASN E 193 -7.24 18.94 -5.72
C ASN E 193 -6.28 17.92 -6.33
N VAL E 194 -5.36 18.39 -7.17
CA VAL E 194 -4.26 17.56 -7.67
C VAL E 194 -2.94 18.35 -7.69
N VAL E 195 -1.87 17.75 -7.16
CA VAL E 195 -0.57 18.41 -7.12
C VAL E 195 0.44 17.75 -8.05
N LYS E 196 1.02 18.55 -8.95
CA LYS E 196 2.01 18.03 -9.90
C LYS E 196 3.43 18.27 -9.41
N VAL E 197 4.23 17.21 -9.37
CA VAL E 197 5.54 17.22 -8.73
C VAL E 197 6.71 17.15 -9.71
N GLY E 198 7.71 18.02 -9.52
CA GLY E 198 8.91 17.96 -10.32
C GLY E 198 9.56 19.30 -10.59
N ILE E 199 10.71 19.53 -9.97
CA ILE E 199 11.50 20.74 -10.24
C ILE E 199 12.89 20.37 -10.73
N GLY E 200 13.09 20.44 -12.05
CA GLY E 200 14.37 20.10 -12.64
C GLY E 200 14.64 18.77 -13.35
N PRO E 201 13.77 17.75 -13.17
CA PRO E 201 14.23 16.48 -13.75
C PRO E 201 13.94 16.35 -15.24
N GLY E 202 13.33 17.37 -15.84
CA GLY E 202 12.97 17.32 -17.25
C GLY E 202 14.16 17.04 -18.16
N SER E 203 13.95 16.18 -19.15
CA SER E 203 14.99 15.81 -20.09
C SER E 203 15.47 17.01 -20.89
N ILE E 204 14.62 18.03 -20.95
CA ILE E 204 14.84 19.20 -21.77
C ILE E 204 15.14 20.41 -20.87
N CYS E 205 15.34 20.12 -19.59
CA CYS E 205 15.41 21.13 -18.54
C CYS E 205 16.84 21.46 -18.10
N THR E 206 17.10 22.74 -17.84
CA THR E 206 18.40 23.18 -17.35
C THR E 206 18.28 23.98 -16.05
N THR E 207 17.09 23.97 -15.45
CA THR E 207 16.80 24.73 -14.23
C THR E 207 17.79 24.43 -13.10
N ARG E 208 18.10 23.15 -12.90
CA ARG E 208 19.02 22.76 -11.85
C ARG E 208 20.45 23.18 -12.20
N VAL E 209 20.70 23.43 -13.47
CA VAL E 209 22.03 23.79 -13.94
C VAL E 209 22.26 25.31 -13.89
N VAL E 210 21.27 26.07 -14.33
CA VAL E 210 21.42 27.52 -14.38
C VAL E 210 21.02 28.23 -13.09
N ALA E 211 20.17 27.60 -12.28
CA ALA E 211 19.74 28.17 -11.02
C ALA E 211 20.19 27.36 -9.81
N GLY E 212 20.68 26.15 -10.06
CA GLY E 212 21.17 25.29 -9.00
C GLY E 212 20.05 24.73 -8.12
N VAL E 213 18.82 24.87 -8.56
CA VAL E 213 17.66 24.54 -7.74
C VAL E 213 16.91 23.28 -8.19
N GLY E 214 16.62 22.39 -7.25
CA GLY E 214 15.81 21.23 -7.53
C GLY E 214 15.88 20.16 -6.46
N VAL E 215 15.11 19.10 -6.66
CA VAL E 215 15.14 17.93 -5.79
C VAL E 215 15.10 16.69 -6.69
N PRO E 216 15.99 15.71 -6.44
CA PRO E 216 15.97 14.43 -7.17
C PRO E 216 14.55 13.90 -7.25
N GLN E 217 14.10 13.57 -8.46
CA GLN E 217 12.68 13.40 -8.74
C GLN E 217 11.98 12.32 -7.92
N LEU E 218 12.61 11.17 -7.79
CA LEU E 218 12.01 10.06 -7.04
C LEU E 218 11.75 10.45 -5.58
N THR E 219 12.69 11.19 -5.00
CA THR E 219 12.56 11.68 -3.63
C THR E 219 11.50 12.78 -3.53
N ALA E 220 11.49 13.67 -4.51
CA ALA E 220 10.51 14.75 -4.54
C ALA E 220 9.08 14.19 -4.59
N VAL E 221 8.86 13.20 -5.43
CA VAL E 221 7.56 12.55 -5.51
C VAL E 221 7.21 11.88 -4.19
N TYR E 222 8.21 11.26 -3.56
CA TYR E 222 8.00 10.56 -2.29
C TYR E 222 7.64 11.54 -1.17
N ASP E 223 8.41 12.63 -1.06
CA ASP E 223 8.16 13.65 -0.05
C ASP E 223 6.79 14.27 -0.24
N CYS E 224 6.48 14.61 -1.48
CA CYS E 224 5.21 15.26 -1.79
C CYS E 224 4.01 14.33 -1.60
N ALA E 225 4.16 13.07 -2.02
CA ALA E 225 3.08 12.10 -1.86
C ALA E 225 2.84 11.78 -0.39
N THR E 226 3.89 11.83 0.41
CA THR E 226 3.80 11.62 1.86
C THR E 226 2.86 12.65 2.49
N GLU E 227 2.99 13.90 2.06
CA GLU E 227 2.14 14.97 2.54
C GLU E 227 0.73 14.82 1.99
N ALA E 228 0.64 14.59 0.67
CA ALA E 228 -0.65 14.52 0.00
C ALA E 228 -1.51 13.33 0.44
N ARG E 229 -0.87 12.30 0.99
CA ARG E 229 -1.60 11.12 1.49
C ARG E 229 -2.49 11.49 2.66
N LYS E 230 -2.03 12.46 3.44
CA LYS E 230 -2.76 12.90 4.63
C LYS E 230 -4.05 13.60 4.25
N HIS E 231 -4.09 14.18 3.06
CA HIS E 231 -5.23 14.97 2.63
C HIS E 231 -6.06 14.28 1.54
N GLY E 232 -5.68 13.05 1.21
CA GLY E 232 -6.38 12.29 0.18
C GLY E 232 -6.23 12.90 -1.20
N ILE E 233 -5.11 13.58 -1.42
CA ILE E 233 -4.84 14.25 -2.69
C ILE E 233 -3.88 13.44 -3.57
N PRO E 234 -4.25 13.23 -4.83
CA PRO E 234 -3.35 12.52 -5.76
C PRO E 234 -2.19 13.41 -6.21
N VAL E 235 -1.07 12.77 -6.52
CA VAL E 235 0.15 13.47 -6.94
C VAL E 235 0.55 13.04 -8.35
N ILE E 236 0.97 14.00 -9.17
CA ILE E 236 1.48 13.70 -10.51
C ILE E 236 3.00 13.72 -10.56
N ALA E 237 3.60 12.64 -11.04
CA ALA E 237 5.04 12.58 -11.22
C ALA E 237 5.41 13.13 -12.59
N ASP E 238 5.85 14.38 -12.60
CA ASP E 238 6.09 15.09 -13.85
C ASP E 238 7.58 15.26 -14.16
N GLY E 239 8.07 14.51 -15.15
CA GLY E 239 9.40 14.70 -15.68
C GLY E 239 10.46 13.71 -15.21
N GLY E 240 11.46 13.49 -16.07
CA GLY E 240 12.61 12.69 -15.68
C GLY E 240 12.52 11.23 -16.06
N ILE E 241 11.41 10.84 -16.68
CA ILE E 241 11.17 9.45 -17.04
C ILE E 241 11.69 9.15 -18.44
N LYS E 242 12.67 8.25 -18.51
CA LYS E 242 13.33 7.91 -19.77
C LYS E 242 12.88 6.55 -20.26
N TYR E 243 12.59 5.66 -19.31
CA TYR E 243 12.19 4.30 -19.64
C TYR E 243 10.89 3.96 -18.90
N SER E 244 10.21 2.91 -19.36
CA SER E 244 8.96 2.49 -18.74
C SER E 244 9.19 2.07 -17.29
N GLY E 245 10.39 1.57 -17.01
CA GLY E 245 10.73 1.16 -15.66
C GLY E 245 10.67 2.31 -14.68
N ASP E 246 11.07 3.50 -15.13
CA ASP E 246 11.02 4.69 -14.29
C ASP E 246 9.60 5.02 -13.88
N MET E 247 8.67 4.91 -14.82
CA MET E 247 7.25 5.14 -14.56
C MET E 247 6.73 4.21 -13.46
N VAL E 248 7.21 2.98 -13.46
CA VAL E 248 6.82 2.04 -12.42
C VAL E 248 7.36 2.47 -11.06
N LYS E 249 8.60 2.98 -11.04
CA LYS E 249 9.21 3.46 -9.81
C LYS E 249 8.51 4.70 -9.27
N ALA E 250 8.16 5.62 -10.16
CA ALA E 250 7.47 6.85 -9.79
C ALA E 250 6.10 6.57 -9.17
N LEU E 251 5.35 5.65 -9.78
CA LEU E 251 4.04 5.27 -9.27
C LEU E 251 4.17 4.54 -7.94
N ALA E 252 5.22 3.73 -7.80
CA ALA E 252 5.46 3.01 -6.55
C ALA E 252 5.91 3.96 -5.44
N ALA E 253 6.41 5.12 -5.82
CA ALA E 253 6.93 6.08 -4.86
C ALA E 253 5.81 6.98 -4.29
N GLY E 254 4.61 6.86 -4.83
CA GLY E 254 3.47 7.59 -4.30
C GLY E 254 2.57 8.24 -5.32
N ALA E 255 3.07 8.43 -6.54
CA ALA E 255 2.32 9.10 -7.59
C ALA E 255 1.14 8.29 -8.10
N HIS E 256 0.04 8.97 -8.38
CA HIS E 256 -1.16 8.34 -8.93
C HIS E 256 -1.04 8.24 -10.44
N VAL E 257 -0.24 9.15 -11.00
CA VAL E 257 -0.19 9.33 -12.44
C VAL E 257 1.13 10.01 -12.77
N VAL E 258 1.70 9.68 -13.93
CA VAL E 258 2.93 10.33 -14.36
C VAL E 258 2.69 11.22 -15.58
N MET E 259 3.52 12.24 -15.74
CA MET E 259 3.46 13.09 -16.92
C MET E 259 4.73 12.93 -17.74
N LEU E 260 4.56 12.75 -19.05
CA LEU E 260 5.70 12.49 -19.93
C LEU E 260 5.85 13.56 -21.01
N GLY E 261 7.08 14.00 -21.22
CA GLY E 261 7.38 14.95 -22.27
C GLY E 261 8.02 14.32 -23.48
N SER E 262 9.26 13.86 -23.33
CA SER E 262 10.06 13.37 -24.45
C SER E 262 9.56 12.07 -25.09
N MET E 263 9.11 11.13 -24.26
CA MET E 263 8.62 9.85 -24.77
C MET E 263 7.34 9.97 -25.59
N PHE E 264 6.79 11.18 -25.65
CA PHE E 264 5.59 11.46 -26.44
C PHE E 264 5.91 12.44 -27.56
N ALA E 265 7.08 13.07 -27.48
CA ALA E 265 7.44 14.13 -28.41
C ALA E 265 7.54 13.66 -29.86
N GLY E 266 8.19 12.52 -30.08
CA GLY E 266 8.41 12.02 -31.43
C GLY E 266 7.25 11.21 -31.99
N VAL E 267 6.14 11.24 -31.28
CA VAL E 267 4.94 10.52 -31.70
C VAL E 267 4.24 11.26 -32.84
N ALA E 268 3.58 10.52 -33.73
CA ALA E 268 2.92 11.11 -34.89
C ALA E 268 1.87 12.16 -34.52
N GLU E 269 1.06 11.87 -33.52
CA GLU E 269 -0.04 12.77 -33.13
C GLU E 269 0.43 14.08 -32.49
N SER E 270 1.66 14.10 -31.99
CA SER E 270 2.23 15.32 -31.39
C SER E 270 2.39 16.43 -32.43
N PRO E 271 2.24 17.69 -32.00
CA PRO E 271 2.31 18.83 -32.93
C PRO E 271 3.69 18.98 -33.55
N GLY E 272 3.74 19.58 -34.75
CA GLY E 272 4.99 19.76 -35.45
C GLY E 272 5.18 18.70 -36.52
N GLU E 273 5.86 19.06 -37.61
CA GLU E 273 6.11 18.12 -38.69
C GLU E 273 7.43 17.39 -38.53
N THR E 274 7.52 16.21 -39.13
CA THR E 274 8.71 15.37 -39.01
C THR E 274 9.89 15.95 -39.80
N GLU E 275 11.00 16.15 -39.12
CA GLU E 275 12.22 16.65 -39.75
C GLU E 275 13.13 15.50 -40.20
N ILE E 276 13.92 15.76 -41.22
CA ILE E 276 14.91 14.78 -41.69
C ILE E 276 16.30 15.24 -41.32
N TYR E 277 17.00 14.43 -40.53
CA TYR E 277 18.37 14.73 -40.10
C TYR E 277 19.23 13.49 -40.22
N GLN E 278 20.24 13.57 -41.08
CA GLN E 278 21.08 12.43 -41.42
C GLN E 278 20.26 11.26 -41.92
N GLY E 279 19.30 11.53 -42.80
CA GLY E 279 18.48 10.50 -43.40
C GLY E 279 17.26 10.09 -42.59
N ARG E 280 17.48 9.78 -41.32
CA ARG E 280 16.40 9.32 -40.45
C ARG E 280 15.46 10.45 -40.03
N GLN E 281 14.28 10.09 -39.53
CA GLN E 281 13.24 11.05 -39.22
C GLN E 281 13.25 11.52 -37.77
N PHE E 282 13.14 12.83 -37.58
CA PHE E 282 13.15 13.43 -36.25
C PHE E 282 11.98 14.40 -36.03
N LYS E 283 11.77 14.78 -34.78
CA LYS E 283 10.72 15.74 -34.44
C LYS E 283 11.25 16.71 -33.38
N VAL E 284 10.94 17.99 -33.53
CA VAL E 284 11.42 19.02 -32.60
C VAL E 284 10.83 18.84 -31.20
N TYR E 285 11.70 18.88 -30.20
CA TYR E 285 11.28 18.87 -28.81
C TYR E 285 12.08 19.92 -28.03
N ARG E 286 11.38 20.77 -27.30
CA ARG E 286 12.02 21.91 -26.64
C ARG E 286 11.30 22.28 -25.36
N GLY E 287 12.05 22.82 -24.40
CA GLY E 287 11.47 23.27 -23.16
C GLY E 287 10.63 24.52 -23.33
N MET E 288 9.62 24.68 -22.48
CA MET E 288 8.76 25.86 -22.52
C MET E 288 9.51 27.09 -22.03
N GLY E 289 10.59 26.85 -21.27
CA GLY E 289 11.47 27.92 -20.84
C GLY E 289 12.74 27.99 -21.67
N SER E 290 12.66 27.54 -22.92
CA SER E 290 13.78 27.68 -23.84
C SER E 290 13.61 28.98 -24.64
N VAL E 291 14.70 29.45 -25.25
CA VAL E 291 14.66 30.70 -26.00
C VAL E 291 13.61 30.69 -27.10
N GLY E 292 13.52 29.58 -27.81
CA GLY E 292 12.56 29.46 -28.90
C GLY E 292 11.12 29.53 -28.44
N ALA E 293 10.82 28.85 -27.34
CA ALA E 293 9.45 28.83 -26.81
C ALA E 293 9.02 30.16 -26.19
N MET E 294 9.94 30.83 -25.49
CA MET E 294 9.64 32.11 -24.87
C MET E 294 9.31 33.17 -25.92
N GLU E 295 10.08 33.18 -27.00
CA GLU E 295 9.87 34.13 -28.09
C GLU E 295 8.45 34.03 -28.66
N LYS E 296 7.91 32.82 -28.66
CA LYS E 296 6.53 32.61 -29.09
C LYS E 296 5.57 32.68 -27.90
N LEU E 310 13.71 37.42 -18.56
CA LEU E 310 14.07 36.24 -17.79
C LEU E 310 14.97 35.29 -18.57
N VAL E 311 15.94 34.71 -17.86
CA VAL E 311 16.94 33.83 -18.43
C VAL E 311 16.37 32.43 -18.69
N PRO E 312 16.75 31.81 -19.82
CA PRO E 312 16.19 30.50 -20.21
C PRO E 312 16.56 29.39 -19.23
N GLU E 313 15.65 28.44 -19.06
CA GLU E 313 15.85 27.32 -18.15
C GLU E 313 15.53 26.01 -18.86
N GLY E 314 15.52 26.07 -20.18
CA GLY E 314 15.25 24.90 -21.00
C GLY E 314 16.15 24.87 -22.22
N ILE E 315 16.13 23.75 -22.93
CA ILE E 315 16.97 23.56 -24.10
C ILE E 315 16.11 23.26 -25.32
N GLU E 316 16.66 23.45 -26.51
CA GLU E 316 15.95 23.10 -27.73
C GLU E 316 16.64 21.91 -28.38
N GLY E 317 15.86 20.93 -28.81
CA GLY E 317 16.42 19.72 -29.38
C GLY E 317 15.52 18.96 -30.34
N ARG E 318 15.92 17.73 -30.64
CA ARG E 318 15.17 16.87 -31.55
C ARG E 318 15.04 15.47 -30.98
N VAL E 319 13.98 14.77 -31.38
CA VAL E 319 13.68 13.43 -30.88
C VAL E 319 13.28 12.55 -32.07
N PRO E 320 13.75 11.29 -32.09
CA PRO E 320 13.40 10.34 -33.15
C PRO E 320 11.90 10.19 -33.33
N TYR E 321 11.45 10.06 -34.57
CA TYR E 321 10.04 9.84 -34.87
C TYR E 321 9.65 8.43 -34.44
N LYS E 322 8.62 8.32 -33.61
CA LYS E 322 8.24 7.04 -33.04
C LYS E 322 6.92 6.50 -33.60
N GLY E 323 6.41 7.15 -34.64
CA GLY E 323 5.17 6.72 -35.25
C GLY E 323 3.95 7.04 -34.41
N PRO E 324 2.92 6.17 -34.48
CA PRO E 324 1.66 6.34 -33.74
C PRO E 324 1.83 6.28 -32.23
N LEU E 325 1.00 7.02 -31.52
CA LEU E 325 1.03 7.04 -30.05
C LEU E 325 0.71 5.67 -29.47
N ALA E 326 -0.13 4.91 -30.16
CA ALA E 326 -0.59 3.61 -29.68
C ALA E 326 0.54 2.61 -29.46
N ASP E 327 1.64 2.76 -30.19
CA ASP E 327 2.77 1.85 -30.06
C ASP E 327 3.62 2.17 -28.84
N THR E 328 3.85 3.45 -28.60
CA THR E 328 4.62 3.88 -27.44
C THR E 328 3.86 3.59 -26.15
N VAL E 329 2.55 3.85 -26.17
CA VAL E 329 1.70 3.64 -25.00
C VAL E 329 1.63 2.15 -24.62
N HIS E 330 1.56 1.30 -25.64
CA HIS E 330 1.52 -0.14 -25.42
C HIS E 330 2.79 -0.63 -24.74
N GLN E 331 3.93 -0.06 -25.11
CA GLN E 331 5.21 -0.41 -24.48
C GLN E 331 5.29 0.07 -23.04
N LEU E 332 4.78 1.27 -22.78
CA LEU E 332 4.78 1.85 -21.45
C LEU E 332 3.86 1.07 -20.52
N VAL E 333 2.61 0.88 -20.94
CA VAL E 333 1.62 0.16 -20.14
C VAL E 333 2.05 -1.29 -19.93
N GLY E 334 2.64 -1.89 -20.97
CA GLY E 334 3.13 -3.24 -20.89
C GLY E 334 4.23 -3.40 -19.86
N GLY E 335 5.12 -2.40 -19.79
CA GLY E 335 6.17 -2.40 -18.81
C GLY E 335 5.61 -2.28 -17.40
N LEU E 336 4.55 -1.50 -17.26
CA LEU E 336 3.88 -1.33 -15.97
C LEU E 336 3.23 -2.64 -15.52
N ARG E 337 2.60 -3.33 -16.46
CA ARG E 337 1.96 -4.62 -16.17
C ARG E 337 2.97 -5.65 -15.65
N ALA E 338 4.15 -5.65 -16.25
CA ALA E 338 5.22 -6.55 -15.80
C ALA E 338 5.69 -6.16 -14.42
N GLY E 339 5.91 -4.86 -14.21
CA GLY E 339 6.35 -4.34 -12.93
C GLY E 339 5.37 -4.62 -11.82
N MET E 340 4.09 -4.44 -12.10
CA MET E 340 3.06 -4.69 -11.10
C MET E 340 2.95 -6.18 -10.80
N GLY E 341 3.13 -6.99 -11.83
CA GLY E 341 3.12 -8.44 -11.69
C GLY E 341 4.25 -8.92 -10.79
N TYR E 342 5.44 -8.36 -11.00
CA TYR E 342 6.60 -8.67 -10.17
C TYR E 342 6.37 -8.29 -8.71
N CYS E 343 5.65 -7.19 -8.49
CA CYS E 343 5.44 -6.68 -7.14
C CYS E 343 4.20 -7.26 -6.47
N GLY E 344 3.34 -7.92 -7.26
CA GLY E 344 2.14 -8.54 -6.73
C GLY E 344 1.02 -7.56 -6.48
N ALA E 345 1.00 -6.48 -7.27
CA ALA E 345 -0.01 -5.45 -7.13
C ALA E 345 -1.12 -5.64 -8.17
N GLN E 346 -2.33 -5.94 -7.71
CA GLN E 346 -3.47 -6.11 -8.61
C GLN E 346 -3.95 -4.77 -9.14
N ASP E 347 -3.70 -3.70 -8.39
CA ASP E 347 -4.01 -2.36 -8.86
C ASP E 347 -2.96 -1.34 -8.41
N LEU E 348 -3.11 -0.11 -8.88
CA LEU E 348 -2.11 0.93 -8.59
C LEU E 348 -2.04 1.33 -7.12
N GLU E 349 -3.15 1.14 -6.39
CA GLU E 349 -3.17 1.52 -4.98
C GLU E 349 -2.30 0.58 -4.13
N PHE E 350 -2.42 -0.72 -4.38
CA PHE E 350 -1.60 -1.70 -3.67
C PHE E 350 -0.12 -1.44 -3.95
N LEU E 351 0.18 -0.98 -5.17
CA LEU E 351 1.55 -0.66 -5.54
C LEU E 351 2.12 0.47 -4.69
N ARG E 352 1.36 1.56 -4.58
CA ARG E 352 1.81 2.72 -3.81
C ARG E 352 2.00 2.38 -2.34
N GLU E 353 1.22 1.43 -1.85
CA GLU E 353 1.21 1.13 -0.42
C GLU E 353 2.20 0.05 0.01
N ASN E 354 2.56 -0.83 -0.92
CA ASN E 354 3.34 -2.01 -0.54
C ASN E 354 4.73 -2.14 -1.17
N ALA E 355 4.89 -1.60 -2.37
CA ALA E 355 6.15 -1.75 -3.10
C ALA E 355 7.35 -1.19 -2.34
N GLN E 356 8.39 -2.01 -2.22
CA GLN E 356 9.61 -1.63 -1.54
C GLN E 356 10.75 -1.44 -2.54
N PHE E 357 11.68 -0.56 -2.21
CA PHE E 357 12.82 -0.30 -3.06
C PHE E 357 14.10 -0.84 -2.45
N ILE E 358 15.10 -1.06 -3.30
CA ILE E 358 16.45 -1.32 -2.84
C ILE E 358 17.38 -0.36 -3.56
N ARG E 359 18.31 0.23 -2.82
CA ARG E 359 19.20 1.24 -3.38
C ARG E 359 20.49 0.63 -3.91
N MET E 360 21.00 1.19 -5.00
CA MET E 360 22.18 0.64 -5.64
C MET E 360 23.17 1.74 -6.04
N SER E 361 24.39 1.32 -6.36
CA SER E 361 25.43 2.24 -6.80
C SER E 361 25.38 2.37 -8.31
N GLY E 362 26.33 3.14 -8.86
CA GLY E 362 26.50 3.23 -10.29
C GLY E 362 26.77 1.86 -10.90
N ALA E 363 27.57 1.06 -10.20
CA ALA E 363 27.85 -0.31 -10.62
C ALA E 363 26.57 -1.12 -10.74
N GLY E 364 25.66 -0.90 -9.79
CA GLY E 364 24.35 -1.54 -9.83
C GLY E 364 23.53 -1.09 -11.03
N LEU E 365 23.68 0.17 -11.41
CA LEU E 365 22.99 0.68 -12.59
C LEU E 365 23.55 0.03 -13.86
N LEU E 366 24.86 -0.18 -13.87
CA LEU E 366 25.53 -0.82 -15.00
C LEU E 366 25.07 -2.27 -15.18
N GLU E 367 24.81 -2.95 -14.06
CA GLU E 367 24.33 -4.33 -14.08
C GLU E 367 22.86 -4.36 -14.53
N SER E 368 22.12 -3.30 -14.23
CA SER E 368 20.70 -3.22 -14.53
C SER E 368 20.42 -3.11 -16.02
N HIS E 369 21.34 -2.50 -16.76
CA HIS E 369 21.21 -2.39 -18.21
C HIS E 369 21.91 -3.58 -18.88
N PRO E 370 21.65 -3.78 -20.20
CA PRO E 370 22.47 -4.71 -20.95
C PRO E 370 23.94 -4.32 -20.86
N HIS E 371 24.83 -5.30 -20.78
CA HIS E 371 26.26 -5.02 -20.63
C HIS E 371 27.12 -6.15 -21.21
N HIS E 372 28.30 -5.78 -21.70
CA HIS E 372 29.25 -6.74 -22.28
C HIS E 372 28.61 -7.59 -23.37
N VAL E 373 27.91 -6.92 -24.27
CA VAL E 373 27.28 -7.57 -25.41
C VAL E 373 27.05 -6.55 -26.52
N GLN E 374 27.43 -6.90 -27.74
CA GLN E 374 27.21 -6.02 -28.87
C GLN E 374 25.74 -6.10 -29.28
N ILE E 375 24.97 -5.06 -28.98
CA ILE E 375 23.56 -5.02 -29.38
C ILE E 375 23.47 -4.94 -30.89
N THR E 376 22.58 -5.74 -31.48
CA THR E 376 22.47 -5.77 -32.93
C THR E 376 21.24 -5.00 -33.44
N LYS E 377 20.08 -5.27 -32.87
CA LYS E 377 18.88 -4.53 -33.20
C LYS E 377 18.29 -3.86 -31.97
N GLU E 378 17.49 -2.81 -32.18
CA GLU E 378 16.87 -2.13 -31.05
C GLU E 378 15.58 -2.83 -30.66
N ALA E 379 15.32 -2.90 -29.36
CA ALA E 379 14.07 -3.42 -28.86
C ALA E 379 13.02 -2.31 -28.89
N PRO E 380 11.74 -2.67 -29.03
CA PRO E 380 10.65 -1.68 -29.07
C PRO E 380 10.50 -0.87 -27.78
N ASN E 381 11.19 -1.27 -26.71
CA ASN E 381 11.07 -0.59 -25.43
C ASN E 381 12.41 -0.23 -24.80
N TYR E 382 13.48 -0.31 -25.60
CA TYR E 382 14.81 0.03 -25.14
C TYR E 382 15.63 0.72 -26.23
N SER E 383 15.75 2.05 -26.12
CA SER E 383 16.56 2.86 -27.03
C SER E 383 16.19 2.70 -28.49
N ASN F 23 48.01 9.83 19.08
CA ASN F 23 47.29 8.66 18.58
C ASN F 23 45.94 9.01 17.98
N ALA F 24 45.39 10.13 18.40
CA ALA F 24 44.10 10.57 17.91
C ALA F 24 44.20 10.97 16.44
N MET F 25 45.34 11.55 16.08
CA MET F 25 45.56 12.03 14.73
C MET F 25 45.56 10.89 13.72
N TRP F 26 46.24 9.80 14.07
CA TRP F 26 46.34 8.63 13.21
C TRP F 26 44.97 8.00 12.93
N GLU F 27 44.05 8.13 13.88
CA GLU F 27 42.74 7.52 13.76
C GLU F 27 41.68 8.48 13.20
N SER F 28 42.02 9.76 13.13
CA SER F 28 41.12 10.75 12.55
C SER F 28 41.48 11.02 11.09
N LYS F 29 42.33 10.17 10.53
CA LYS F 29 42.84 10.38 9.17
C LYS F 29 41.76 10.43 8.08
N PHE F 30 40.77 9.55 8.16
CA PHE F 30 39.80 9.43 7.08
C PHE F 30 38.36 9.79 7.46
N VAL F 31 38.17 10.45 8.60
CA VAL F 31 36.82 10.74 9.10
C VAL F 31 36.08 11.84 8.33
N LYS F 32 36.79 12.91 7.97
CA LYS F 32 36.15 14.04 7.30
C LYS F 32 35.62 13.71 5.90
N GLU F 33 34.56 14.43 5.50
CA GLU F 33 33.87 14.16 4.25
C GLU F 33 33.53 15.47 3.52
N GLY F 34 33.79 15.50 2.22
CA GLY F 34 33.66 16.74 1.45
C GLY F 34 32.71 16.70 0.26
N LEU F 35 31.98 17.80 0.08
CA LEU F 35 31.01 17.92 -1.00
C LEU F 35 31.40 19.06 -1.94
N THR F 36 30.98 18.96 -3.19
CA THR F 36 31.16 20.05 -4.14
C THR F 36 29.88 20.31 -4.91
N PHE F 37 29.94 21.21 -5.90
CA PHE F 37 28.75 21.71 -6.56
C PHE F 37 27.84 20.61 -7.13
N ASP F 38 28.42 19.70 -7.89
CA ASP F 38 27.64 18.65 -8.56
C ASP F 38 27.11 17.57 -7.60
N ASP F 39 27.47 17.67 -6.32
CA ASP F 39 26.99 16.74 -5.31
C ASP F 39 25.64 17.15 -4.69
N VAL F 40 25.23 18.40 -4.91
CA VAL F 40 24.03 18.92 -4.25
C VAL F 40 23.07 19.67 -5.18
N LEU F 41 21.95 20.07 -4.62
CA LEU F 41 20.98 20.95 -5.29
C LEU F 41 20.33 21.84 -4.23
N LEU F 42 19.95 23.05 -4.63
CA LEU F 42 19.23 23.93 -3.74
C LEU F 42 17.76 23.54 -3.68
N VAL F 43 17.23 23.45 -2.46
CA VAL F 43 15.84 23.06 -2.23
C VAL F 43 14.93 24.27 -2.37
N PRO F 44 13.89 24.15 -3.21
CA PRO F 44 12.91 25.24 -3.38
C PRO F 44 12.17 25.51 -2.08
N ALA F 45 11.96 26.79 -1.76
CA ALA F 45 11.26 27.16 -0.54
C ALA F 45 10.14 28.15 -0.84
N LYS F 46 9.32 28.44 0.17
CA LYS F 46 8.24 29.42 0.03
C LYS F 46 8.82 30.78 -0.36
N SER F 47 8.13 31.45 -1.29
CA SER F 47 8.65 32.70 -1.85
C SER F 47 7.55 33.70 -2.17
N ASP F 48 7.72 34.94 -1.72
CA ASP F 48 6.82 36.02 -2.10
C ASP F 48 7.52 36.98 -3.05
N VAL F 49 8.76 36.64 -3.40
CA VAL F 49 9.58 37.48 -4.26
C VAL F 49 9.75 36.87 -5.65
N LEU F 50 9.73 37.72 -6.67
CA LEU F 50 9.99 37.28 -8.04
C LEU F 50 11.46 37.57 -8.38
N PRO F 51 12.02 36.84 -9.36
CA PRO F 51 13.41 37.01 -9.78
C PRO F 51 13.81 38.46 -10.08
N ARG F 52 12.94 39.21 -10.74
CA ARG F 52 13.24 40.60 -11.08
C ARG F 52 13.22 41.52 -9.86
N GLU F 53 12.59 41.07 -8.78
CA GLU F 53 12.44 41.90 -7.60
C GLU F 53 13.58 41.77 -6.58
N VAL F 54 14.41 40.74 -6.75
CA VAL F 54 15.46 40.48 -5.77
C VAL F 54 16.63 41.47 -5.88
N SER F 55 17.33 41.67 -4.79
CA SER F 55 18.54 42.49 -4.77
C SER F 55 19.78 41.61 -4.75
N VAL F 56 20.72 41.88 -5.66
CA VAL F 56 21.94 41.08 -5.74
C VAL F 56 23.18 41.88 -5.35
N LYS F 57 22.98 42.99 -4.64
CA LYS F 57 24.08 43.81 -4.15
C LYS F 57 24.74 43.21 -2.93
N THR F 58 26.03 43.49 -2.75
CA THR F 58 26.77 42.96 -1.60
C THR F 58 27.77 43.97 -1.04
N VAL F 59 28.03 43.87 0.26
CA VAL F 59 29.00 44.74 0.92
C VAL F 59 30.16 43.90 1.44
N LEU F 60 31.31 44.03 0.77
CA LEU F 60 32.50 43.31 1.18
C LEU F 60 33.18 44.06 2.31
N SER F 61 33.04 45.38 2.30
CA SER F 61 33.51 46.23 3.38
C SER F 61 32.86 47.60 3.29
N GLU F 62 33.13 48.44 4.29
CA GLU F 62 32.59 49.79 4.34
C GLU F 62 32.99 50.62 3.12
N SER F 63 34.07 50.23 2.45
CA SER F 63 34.57 50.96 1.30
C SER F 63 34.61 50.13 0.03
N LEU F 64 34.03 48.92 0.10
CA LEU F 64 34.01 48.04 -1.06
C LEU F 64 32.64 47.38 -1.24
N GLN F 65 31.86 47.91 -2.17
CA GLN F 65 30.49 47.45 -2.37
C GLN F 65 30.18 47.24 -3.84
N LEU F 66 29.74 46.03 -4.17
CA LEU F 66 29.45 45.67 -5.55
C LEU F 66 27.95 45.54 -5.78
N ASN F 67 27.49 45.95 -6.96
CA ASN F 67 26.09 45.80 -7.33
C ASN F 67 25.76 44.38 -7.78
N ILE F 68 26.79 43.65 -8.20
CA ILE F 68 26.65 42.22 -8.53
C ILE F 68 27.78 41.44 -7.86
N PRO F 69 27.48 40.22 -7.39
CA PRO F 69 28.47 39.45 -6.61
C PRO F 69 29.47 38.70 -7.48
N LEU F 70 30.18 39.42 -8.35
CA LEU F 70 31.13 38.79 -9.27
C LEU F 70 32.47 39.49 -9.26
N ILE F 71 33.54 38.68 -9.22
CA ILE F 71 34.89 39.19 -9.38
C ILE F 71 35.64 38.37 -10.43
N SER F 72 36.21 39.06 -11.42
CA SER F 72 37.03 38.38 -12.42
C SER F 72 38.40 38.08 -11.81
N ALA F 73 38.85 36.84 -11.98
CA ALA F 73 40.10 36.38 -11.37
C ALA F 73 41.33 37.19 -11.82
N GLY F 74 42.36 37.19 -10.98
CA GLY F 74 43.60 37.88 -11.30
C GLY F 74 44.57 36.98 -12.05
N MET F 75 44.26 36.69 -13.30
CA MET F 75 45.09 35.82 -14.12
C MET F 75 45.44 36.53 -15.44
N ASP F 76 46.60 36.20 -16.00
CA ASP F 76 47.10 36.92 -17.18
C ASP F 76 46.28 36.66 -18.45
N THR F 77 45.32 35.75 -18.37
CA THR F 77 44.45 35.46 -19.50
C THR F 77 43.01 35.80 -19.17
N VAL F 78 42.80 36.51 -18.06
CA VAL F 78 41.45 36.85 -17.61
C VAL F 78 41.26 38.36 -17.38
N THR F 79 42.07 38.95 -16.52
CA THR F 79 41.82 40.33 -16.10
C THR F 79 42.99 41.29 -16.28
N GLU F 80 42.83 42.21 -17.23
CA GLU F 80 43.69 43.38 -17.34
C GLU F 80 42.78 44.60 -17.37
N ALA F 81 43.36 45.78 -17.59
CA ALA F 81 42.62 47.04 -17.48
C ALA F 81 41.28 47.08 -18.21
N ASP F 82 41.25 46.56 -19.43
CA ASP F 82 40.02 46.54 -20.23
C ASP F 82 38.94 45.68 -19.57
N MET F 83 39.36 44.57 -18.96
CA MET F 83 38.44 43.68 -18.27
C MET F 83 37.91 44.31 -16.99
N ALA F 84 38.80 44.97 -16.25
CA ALA F 84 38.45 45.60 -14.98
C ALA F 84 37.45 46.73 -15.19
N ILE F 85 37.57 47.42 -16.31
CA ILE F 85 36.65 48.48 -16.67
C ILE F 85 35.25 47.90 -16.91
N ALA F 86 35.20 46.87 -17.74
CA ALA F 86 33.94 46.22 -18.08
C ALA F 86 33.25 45.61 -16.86
N MET F 87 34.03 45.00 -15.97
CA MET F 87 33.49 44.39 -14.75
C MET F 87 32.87 45.45 -13.83
N ALA F 88 33.61 46.53 -13.61
CA ALA F 88 33.17 47.60 -12.73
C ALA F 88 31.90 48.26 -13.26
N ARG F 89 31.83 48.45 -14.57
CA ARG F 89 30.66 49.08 -15.19
C ARG F 89 29.44 48.18 -15.14
N GLN F 90 29.65 46.88 -14.97
CA GLN F 90 28.54 45.94 -14.81
C GLN F 90 28.06 45.91 -13.37
N GLY F 91 28.92 46.35 -12.46
CA GLY F 91 28.60 46.34 -11.04
C GLY F 91 29.46 45.36 -10.26
N GLY F 92 30.46 44.80 -10.93
CA GLY F 92 31.35 43.84 -10.31
C GLY F 92 32.72 44.42 -10.01
N LEU F 93 33.72 43.55 -9.97
CA LEU F 93 35.09 43.98 -9.67
C LEU F 93 36.10 43.17 -10.48
N GLY F 94 37.16 43.83 -10.92
CA GLY F 94 38.25 43.16 -11.59
C GLY F 94 39.50 43.17 -10.75
N ILE F 95 40.30 42.11 -10.86
CA ILE F 95 41.58 42.06 -10.17
C ILE F 95 42.72 42.02 -11.19
N ILE F 96 43.44 43.13 -11.31
CA ILE F 96 44.58 43.20 -12.22
C ILE F 96 45.67 42.23 -11.76
N HIS F 97 46.06 41.31 -12.66
CA HIS F 97 47.00 40.26 -12.32
C HIS F 97 48.43 40.77 -12.07
N LYS F 98 49.24 39.97 -11.39
CA LYS F 98 50.58 40.38 -10.98
C LYS F 98 51.68 39.99 -11.98
N ASN F 99 51.30 39.30 -13.05
CA ASN F 99 52.28 38.90 -14.06
C ASN F 99 52.70 40.04 -14.98
N MET F 100 53.10 41.16 -14.37
CA MET F 100 53.60 42.31 -15.09
C MET F 100 54.44 43.14 -14.12
N SER F 101 55.14 44.14 -14.65
CA SER F 101 55.97 44.99 -13.79
C SER F 101 55.12 45.78 -12.79
N ILE F 102 55.76 46.26 -11.74
CA ILE F 102 55.11 47.08 -10.73
C ILE F 102 54.61 48.38 -11.36
N GLU F 103 55.36 48.91 -12.31
CA GLU F 103 54.99 50.13 -13.00
C GLU F 103 53.82 49.89 -13.95
N GLN F 104 53.85 48.76 -14.65
CA GLN F 104 52.79 48.40 -15.58
C GLN F 104 51.46 48.16 -14.86
N GLN F 105 51.52 47.55 -13.69
CA GLN F 105 50.31 47.24 -12.94
C GLN F 105 49.70 48.49 -12.32
N ALA F 106 50.55 49.37 -11.80
CA ALA F 106 50.09 50.63 -11.23
C ALA F 106 49.39 51.48 -12.29
N GLU F 107 49.90 51.42 -13.51
CA GLU F 107 49.33 52.17 -14.62
C GLU F 107 47.99 51.58 -15.06
N GLN F 108 47.91 50.25 -15.07
CA GLN F 108 46.67 49.56 -15.41
C GLN F 108 45.58 49.91 -14.42
N VAL F 109 45.93 49.92 -13.14
CA VAL F 109 44.99 50.32 -12.09
C VAL F 109 44.53 51.76 -12.30
N ASP F 110 45.50 52.63 -12.59
CA ASP F 110 45.21 54.04 -12.82
C ASP F 110 44.28 54.24 -14.02
N LYS F 111 44.45 53.42 -15.05
CA LYS F 111 43.60 53.50 -16.24
C LYS F 111 42.15 53.20 -15.88
N VAL F 112 41.95 52.25 -14.99
CA VAL F 112 40.59 51.90 -14.55
C VAL F 112 40.00 53.00 -13.69
N LYS F 113 40.83 53.58 -12.82
CA LYS F 113 40.38 54.65 -11.94
C LYS F 113 40.01 55.92 -12.69
N ARG F 114 40.82 56.30 -13.67
CA ARG F 114 40.56 57.51 -14.45
C ARG F 114 39.38 57.33 -15.40
N SER F 115 38.90 56.09 -15.51
CA SER F 115 37.79 55.78 -16.42
C SER F 115 36.44 55.82 -15.72
N GLY F 116 36.15 56.93 -15.05
CA GLY F 116 34.84 57.14 -14.44
C GLY F 116 34.79 56.87 -12.95
N GLY F 117 35.95 56.73 -12.32
CA GLY F 117 36.01 56.47 -10.90
C GLY F 117 35.47 55.09 -10.54
N LEU F 118 35.90 54.09 -11.29
CA LEU F 118 35.43 52.72 -11.09
C LEU F 118 36.24 52.00 -10.04
N LEU F 119 35.64 50.96 -9.43
CA LEU F 119 36.34 50.12 -8.47
C LEU F 119 37.32 49.20 -9.19
N VAL F 120 38.46 48.94 -8.56
CA VAL F 120 39.46 48.05 -9.15
C VAL F 120 40.33 47.38 -8.08
N GLY F 121 40.65 46.11 -8.32
CA GLY F 121 41.55 45.38 -7.44
C GLY F 121 42.85 45.02 -8.14
N ALA F 122 43.84 44.60 -7.38
CA ALA F 122 45.14 44.23 -7.95
C ALA F 122 45.81 43.12 -7.15
N ALA F 123 46.25 42.09 -7.85
CA ALA F 123 46.91 40.96 -7.21
C ALA F 123 48.35 41.26 -6.82
N VAL F 124 48.73 40.85 -5.61
CA VAL F 124 50.09 40.98 -5.13
C VAL F 124 50.52 39.63 -4.58
N GLY F 125 51.77 39.26 -4.84
CA GLY F 125 52.27 37.97 -4.39
C GLY F 125 53.03 38.08 -3.08
N VAL F 126 53.22 36.94 -2.42
CA VAL F 126 54.02 36.89 -1.21
C VAL F 126 55.50 36.86 -1.60
N THR F 127 56.03 38.03 -1.95
CA THR F 127 57.41 38.13 -2.44
C THR F 127 58.19 39.18 -1.68
N ALA F 128 59.46 39.34 -2.01
CA ALA F 128 60.34 40.29 -1.35
C ALA F 128 59.89 41.73 -1.59
N ASP F 129 59.50 42.03 -2.83
CA ASP F 129 59.06 43.38 -3.19
C ASP F 129 57.54 43.56 -3.11
N ALA F 130 56.89 42.77 -2.25
CA ALA F 130 55.45 42.85 -2.12
C ALA F 130 55.02 44.22 -1.63
N MET F 131 55.71 44.73 -0.62
CA MET F 131 55.42 46.07 -0.09
C MET F 131 55.60 47.14 -1.15
N THR F 132 56.68 47.05 -1.92
CA THR F 132 57.00 48.05 -2.93
C THR F 132 55.92 48.13 -4.00
N ARG F 133 55.47 46.98 -4.47
CA ARG F 133 54.39 46.90 -5.44
C ARG F 133 53.10 47.48 -4.86
N ILE F 134 52.83 47.12 -3.61
CA ILE F 134 51.66 47.63 -2.89
C ILE F 134 51.71 49.15 -2.75
N ASP F 135 52.88 49.68 -2.42
CA ASP F 135 53.07 51.12 -2.31
C ASP F 135 52.73 51.82 -3.61
N ALA F 136 53.13 51.20 -4.73
CA ALA F 136 52.84 51.75 -6.04
C ALA F 136 51.37 51.61 -6.40
N LEU F 137 50.76 50.53 -5.92
CA LEU F 137 49.34 50.28 -6.16
C LEU F 137 48.45 51.21 -5.35
N VAL F 138 48.91 51.56 -4.14
CA VAL F 138 48.17 52.48 -3.30
C VAL F 138 48.17 53.89 -3.90
N LYS F 139 49.33 54.32 -4.40
CA LYS F 139 49.47 55.64 -5.02
C LYS F 139 48.56 55.78 -6.24
N ALA F 140 48.22 54.66 -6.86
CA ALA F 140 47.34 54.67 -8.02
C ALA F 140 45.88 54.55 -7.58
N SER F 141 45.64 54.66 -6.27
CA SER F 141 44.31 54.59 -5.67
C SER F 141 43.60 53.25 -5.90
N VAL F 142 44.28 52.15 -5.60
CA VAL F 142 43.63 50.84 -5.68
C VAL F 142 42.60 50.73 -4.57
N ASP F 143 41.53 49.99 -4.83
CA ASP F 143 40.46 49.87 -3.83
C ASP F 143 40.65 48.63 -2.96
N ALA F 144 41.38 47.65 -3.49
CA ALA F 144 41.67 46.42 -2.78
C ALA F 144 42.86 45.72 -3.38
N ILE F 145 43.72 45.16 -2.54
CA ILE F 145 44.79 44.29 -3.03
C ILE F 145 44.55 42.84 -2.61
N VAL F 146 44.77 41.92 -3.54
CA VAL F 146 44.61 40.50 -3.26
C VAL F 146 45.97 39.87 -2.98
N LEU F 147 46.15 39.42 -1.74
CA LEU F 147 47.36 38.68 -1.39
C LEU F 147 47.21 37.23 -1.82
N ASP F 148 47.64 36.94 -3.05
CA ASP F 148 47.51 35.61 -3.63
C ASP F 148 48.66 34.68 -3.21
N THR F 149 48.31 33.43 -2.96
CA THR F 149 49.30 32.39 -2.73
C THR F 149 48.65 31.01 -2.89
N ALA F 150 49.47 30.01 -3.20
CA ALA F 150 48.99 28.65 -3.35
C ALA F 150 48.50 28.10 -2.02
N HIS F 151 49.14 28.56 -0.95
CA HIS F 151 48.80 28.08 0.39
C HIS F 151 48.62 29.27 1.34
N GLY F 152 47.36 29.64 1.59
CA GLY F 152 47.06 30.78 2.42
C GLY F 152 47.38 30.56 3.89
N HIS F 153 47.46 29.29 4.29
CA HIS F 153 47.71 28.96 5.69
C HIS F 153 49.21 28.85 6.00
N SER F 154 50.05 29.32 5.08
CA SER F 154 51.49 29.32 5.34
C SER F 154 51.87 30.55 6.16
N GLN F 155 52.94 30.45 6.93
CA GLN F 155 53.32 31.53 7.84
C GLN F 155 53.73 32.80 7.10
N GLY F 156 54.37 32.63 5.95
CA GLY F 156 54.80 33.76 5.14
C GLY F 156 53.64 34.68 4.77
N VAL F 157 52.48 34.09 4.51
CA VAL F 157 51.30 34.86 4.14
C VAL F 157 50.73 35.57 5.37
N ILE F 158 50.69 34.86 6.49
CA ILE F 158 50.23 35.44 7.75
C ILE F 158 51.05 36.67 8.10
N ASP F 159 52.37 36.54 8.02
CA ASP F 159 53.29 37.63 8.32
C ASP F 159 53.10 38.81 7.36
N LYS F 160 52.88 38.49 6.09
CA LYS F 160 52.72 39.54 5.08
C LYS F 160 51.42 40.31 5.29
N VAL F 161 50.37 39.62 5.73
CA VAL F 161 49.11 40.29 6.04
C VAL F 161 49.28 41.26 7.21
N LYS F 162 50.00 40.82 8.24
CA LYS F 162 50.30 41.67 9.39
C LYS F 162 51.12 42.88 8.96
N GLU F 163 52.11 42.62 8.11
CA GLU F 163 53.02 43.65 7.62
C GLU F 163 52.28 44.74 6.85
N VAL F 164 51.33 44.33 6.01
CA VAL F 164 50.58 45.27 5.19
C VAL F 164 49.48 46.00 5.98
N ARG F 165 48.82 45.28 6.88
CA ARG F 165 47.77 45.86 7.71
C ARG F 165 48.32 46.95 8.63
N ALA F 166 49.50 46.70 9.19
CA ALA F 166 50.13 47.65 10.10
C ALA F 166 50.43 48.98 9.41
N LYS F 167 50.89 48.90 8.16
CA LYS F 167 51.26 50.09 7.41
C LYS F 167 50.05 50.79 6.79
N TYR F 168 49.05 50.01 6.40
CA TYR F 168 47.84 50.55 5.79
C TYR F 168 46.59 50.04 6.50
N PRO F 169 46.20 50.71 7.60
CA PRO F 169 45.09 50.28 8.46
C PRO F 169 43.73 50.30 7.77
N SER F 170 43.57 51.14 6.75
CA SER F 170 42.26 51.33 6.11
C SER F 170 42.19 50.67 4.74
N LEU F 171 43.26 49.99 4.34
CA LEU F 171 43.33 49.34 3.04
C LEU F 171 42.57 48.01 3.01
N ASN F 172 41.83 47.78 1.93
CA ASN F 172 41.15 46.51 1.73
C ASN F 172 42.14 45.39 1.40
N ILE F 173 42.23 44.41 2.30
CA ILE F 173 43.13 43.28 2.08
C ILE F 173 42.36 41.98 1.91
N ILE F 174 42.36 41.47 0.67
CA ILE F 174 41.79 40.17 0.36
C ILE F 174 42.90 39.14 0.39
N ALA F 175 42.79 38.15 1.28
CA ALA F 175 43.85 37.17 1.45
C ALA F 175 43.39 35.73 1.22
N GLY F 176 44.19 34.97 0.47
CA GLY F 176 43.89 33.58 0.16
C GLY F 176 45.05 32.96 -0.58
N ASN F 177 44.92 31.70 -1.00
CA ASN F 177 43.69 30.93 -0.82
C ASN F 177 43.76 29.94 0.33
N VAL F 178 42.62 29.73 0.99
CA VAL F 178 42.51 28.79 2.09
C VAL F 178 41.34 27.84 1.85
N ALA F 179 41.28 26.76 2.63
CA ALA F 179 40.19 25.79 2.48
C ALA F 179 39.66 25.26 3.80
N THR F 180 40.17 25.79 4.91
CA THR F 180 39.77 25.32 6.24
C THR F 180 39.38 26.48 7.16
N ALA F 181 38.76 26.15 8.29
CA ALA F 181 38.35 27.16 9.27
C ALA F 181 39.57 27.78 9.95
N GLU F 182 40.50 26.93 10.37
CA GLU F 182 41.70 27.39 11.07
C GLU F 182 42.49 28.37 10.21
N ALA F 183 42.58 28.08 8.92
CA ALA F 183 43.28 28.95 7.98
C ALA F 183 42.56 30.30 7.86
N THR F 184 41.23 30.26 7.85
CA THR F 184 40.43 31.47 7.76
C THR F 184 40.58 32.30 9.02
N LYS F 185 40.57 31.63 10.17
CA LYS F 185 40.77 32.29 11.46
C LYS F 185 42.14 32.97 11.50
N ALA F 186 43.14 32.29 10.94
CA ALA F 186 44.52 32.79 10.95
C ALA F 186 44.66 34.05 10.11
N LEU F 187 43.97 34.11 8.98
CA LEU F 187 44.03 35.29 8.11
C LEU F 187 43.27 36.49 8.68
N ILE F 188 42.12 36.23 9.30
CA ILE F 188 41.34 37.30 9.90
C ILE F 188 42.10 37.93 11.06
N GLU F 189 42.71 37.08 11.89
CA GLU F 189 43.51 37.56 13.01
C GLU F 189 44.73 38.34 12.54
N ALA F 190 45.29 37.95 11.40
CA ALA F 190 46.46 38.62 10.86
C ALA F 190 46.12 40.03 10.38
N GLY F 191 44.85 40.24 10.02
CA GLY F 191 44.39 41.56 9.63
C GLY F 191 43.68 41.64 8.29
N ALA F 192 43.23 40.51 7.77
CA ALA F 192 42.53 40.49 6.49
C ALA F 192 41.03 40.76 6.68
N ASN F 193 40.48 41.66 5.89
CA ASN F 193 39.05 41.95 5.98
C ASN F 193 38.20 41.20 4.96
N VAL F 194 38.87 40.51 4.04
CA VAL F 194 38.21 39.57 3.13
C VAL F 194 39.08 38.33 2.97
N VAL F 195 38.46 37.15 3.02
CA VAL F 195 39.20 35.89 2.87
C VAL F 195 38.75 35.12 1.63
N LYS F 196 39.71 34.69 0.82
CA LYS F 196 39.39 33.98 -0.42
C LYS F 196 39.58 32.47 -0.27
N VAL F 197 38.59 31.71 -0.73
CA VAL F 197 38.56 30.27 -0.52
C VAL F 197 38.66 29.46 -1.82
N GLY F 198 39.54 28.47 -1.83
CA GLY F 198 39.67 27.59 -2.98
C GLY F 198 41.04 26.97 -3.13
N ILE F 199 41.15 25.69 -2.81
CA ILE F 199 42.39 24.95 -3.06
C ILE F 199 42.10 23.78 -3.99
N GLY F 200 42.36 23.98 -5.29
CA GLY F 200 42.13 22.94 -6.26
C GLY F 200 40.85 22.89 -7.12
N PRO F 201 39.84 23.75 -6.86
CA PRO F 201 38.68 23.53 -7.71
C PRO F 201 38.84 24.05 -9.13
N GLY F 202 39.79 24.95 -9.34
CA GLY F 202 40.00 25.61 -10.63
C GLY F 202 40.00 24.71 -11.85
N SER F 203 39.37 25.19 -12.91
CA SER F 203 39.20 24.43 -14.14
C SER F 203 40.53 24.08 -14.81
N ILE F 204 41.57 24.87 -14.50
CA ILE F 204 42.89 24.66 -15.07
C ILE F 204 43.91 24.31 -14.01
N CYS F 205 43.43 23.89 -12.85
CA CYS F 205 44.29 23.54 -11.72
C CYS F 205 44.64 22.05 -11.72
N THR F 206 45.82 21.72 -11.19
CA THR F 206 46.23 20.33 -11.06
C THR F 206 46.82 20.06 -9.67
N THR F 207 46.61 21.00 -8.76
CA THR F 207 47.15 20.91 -7.40
C THR F 207 46.73 19.63 -6.67
N ARG F 208 45.47 19.25 -6.83
CA ARG F 208 44.95 18.05 -6.17
C ARG F 208 45.48 16.80 -6.84
N VAL F 209 46.00 16.95 -8.06
CA VAL F 209 46.50 15.83 -8.84
C VAL F 209 47.99 15.63 -8.62
N VAL F 210 48.73 16.72 -8.48
CA VAL F 210 50.18 16.65 -8.40
C VAL F 210 50.71 16.82 -6.99
N ALA F 211 49.90 17.40 -6.11
CA ALA F 211 50.27 17.55 -4.71
C ALA F 211 49.39 16.69 -3.80
N GLY F 212 48.20 16.34 -4.31
CA GLY F 212 47.26 15.51 -3.57
C GLY F 212 46.51 16.28 -2.49
N VAL F 213 46.62 17.60 -2.52
CA VAL F 213 46.05 18.45 -1.48
C VAL F 213 44.86 19.25 -2.00
N GLY F 214 43.78 19.31 -1.21
CA GLY F 214 42.63 20.11 -1.56
C GLY F 214 41.40 19.78 -0.72
N VAL F 215 40.37 20.61 -0.86
CA VAL F 215 39.07 20.37 -0.23
C VAL F 215 37.99 20.70 -1.26
N PRO F 216 37.02 19.80 -1.43
CA PRO F 216 35.90 20.03 -2.35
C PRO F 216 35.26 21.39 -2.11
N GLN F 217 35.21 22.20 -3.16
CA GLN F 217 34.95 23.63 -3.06
C GLN F 217 33.73 24.06 -2.25
N LEU F 218 32.63 23.31 -2.37
CA LEU F 218 31.41 23.66 -1.66
C LEU F 218 31.57 23.49 -0.15
N THR F 219 32.23 22.41 0.25
CA THR F 219 32.52 22.17 1.66
C THR F 219 33.55 23.18 2.17
N ALA F 220 34.52 23.50 1.32
CA ALA F 220 35.54 24.48 1.66
C ALA F 220 34.93 25.85 1.95
N VAL F 221 33.99 26.27 1.11
CA VAL F 221 33.32 27.55 1.30
C VAL F 221 32.50 27.54 2.58
N TYR F 222 31.83 26.42 2.84
CA TYR F 222 30.96 26.29 4.00
C TYR F 222 31.73 26.35 5.31
N ASP F 223 32.83 25.61 5.39
CA ASP F 223 33.64 25.57 6.61
C ASP F 223 34.27 26.93 6.91
N CYS F 224 34.76 27.59 5.86
CA CYS F 224 35.41 28.89 6.01
C CYS F 224 34.41 29.99 6.38
N ALA F 225 33.26 29.99 5.71
CA ALA F 225 32.23 30.98 6.00
C ALA F 225 31.69 30.78 7.41
N THR F 226 31.70 29.54 7.88
CA THR F 226 31.26 29.22 9.23
C THR F 226 32.15 29.93 10.26
N GLU F 227 33.45 29.96 9.98
CA GLU F 227 34.38 30.65 10.86
C GLU F 227 34.28 32.16 10.67
N ALA F 228 34.25 32.59 9.41
CA ALA F 228 34.24 34.01 9.08
C ALA F 228 32.97 34.73 9.53
N ARG F 229 31.86 34.00 9.62
CA ARG F 229 30.61 34.57 10.11
C ARG F 229 30.79 35.12 11.52
N LYS F 230 31.56 34.41 12.34
CA LYS F 230 31.81 34.81 13.72
C LYS F 230 32.54 36.16 13.80
N HIS F 231 33.27 36.50 12.73
CA HIS F 231 34.07 37.72 12.71
C HIS F 231 33.48 38.79 11.80
N GLY F 232 32.28 38.52 11.28
CA GLY F 232 31.62 39.46 10.39
C GLY F 232 32.40 39.72 9.13
N ILE F 233 33.24 38.75 8.75
CA ILE F 233 34.09 38.86 7.58
C ILE F 233 33.52 38.06 6.42
N PRO F 234 33.42 38.68 5.23
CA PRO F 234 32.90 37.99 4.05
C PRO F 234 33.95 37.07 3.43
N VAL F 235 33.51 35.95 2.87
CA VAL F 235 34.43 35.07 2.14
C VAL F 235 34.14 35.07 0.65
N ILE F 236 35.17 34.85 -0.15
CA ILE F 236 35.03 34.78 -1.60
C ILE F 236 35.18 33.34 -2.10
N ALA F 237 34.14 32.82 -2.74
CA ALA F 237 34.19 31.51 -3.37
C ALA F 237 34.96 31.61 -4.68
N ASP F 238 36.11 30.95 -4.74
CA ASP F 238 37.03 31.14 -5.87
C ASP F 238 37.38 29.84 -6.60
N GLY F 239 36.78 29.65 -7.77
CA GLY F 239 37.12 28.53 -8.63
C GLY F 239 36.12 27.39 -8.58
N GLY F 240 36.10 26.58 -9.64
CA GLY F 240 35.26 25.40 -9.68
C GLY F 240 33.87 25.66 -10.27
N ILE F 241 33.58 26.92 -10.56
CA ILE F 241 32.26 27.30 -11.05
C ILE F 241 32.19 27.20 -12.57
N LYS F 242 31.36 26.29 -13.07
CA LYS F 242 31.25 26.10 -14.52
C LYS F 242 29.89 26.55 -15.08
N TYR F 243 28.88 26.59 -14.24
CA TYR F 243 27.56 27.09 -14.65
C TYR F 243 27.06 28.12 -13.66
N SER F 244 26.06 28.91 -14.06
CA SER F 244 25.54 29.96 -13.19
C SER F 244 24.92 29.40 -11.90
N GLY F 245 24.37 28.19 -11.99
CA GLY F 245 23.81 27.52 -10.83
C GLY F 245 24.87 27.18 -9.79
N ASP F 246 26.10 26.99 -10.24
CA ASP F 246 27.21 26.72 -9.33
C ASP F 246 27.48 27.95 -8.46
N MET F 247 27.33 29.13 -9.05
CA MET F 247 27.51 30.37 -8.32
C MET F 247 26.44 30.54 -7.25
N VAL F 248 25.19 30.25 -7.62
CA VAL F 248 24.07 30.33 -6.69
C VAL F 248 24.29 29.38 -5.51
N LYS F 249 24.91 28.24 -5.80
CA LYS F 249 25.23 27.27 -4.75
C LYS F 249 26.35 27.78 -3.85
N ALA F 250 27.35 28.42 -4.44
CA ALA F 250 28.47 28.97 -3.68
C ALA F 250 28.01 30.08 -2.75
N LEU F 251 27.09 30.91 -3.24
CA LEU F 251 26.56 32.01 -2.44
C LEU F 251 25.65 31.47 -1.33
N ALA F 252 24.93 30.40 -1.63
CA ALA F 252 24.00 29.83 -0.66
C ALA F 252 24.75 29.03 0.40
N ALA F 253 26.02 28.77 0.16
CA ALA F 253 26.84 27.99 1.10
C ALA F 253 27.57 28.89 2.09
N GLY F 254 27.49 30.21 1.89
CA GLY F 254 28.07 31.14 2.84
C GLY F 254 29.00 32.19 2.24
N ALA F 255 29.19 32.14 0.93
CA ALA F 255 30.03 33.14 0.27
C ALA F 255 29.26 34.43 0.03
N HIS F 256 29.96 35.56 0.13
CA HIS F 256 29.38 36.85 -0.20
C HIS F 256 29.46 37.06 -1.71
N VAL F 257 30.58 36.63 -2.29
CA VAL F 257 30.91 36.92 -3.67
C VAL F 257 31.68 35.74 -4.28
N VAL F 258 31.48 35.49 -5.57
CA VAL F 258 32.25 34.44 -6.25
C VAL F 258 33.27 35.00 -7.24
N MET F 259 34.38 34.30 -7.40
CA MET F 259 35.42 34.70 -8.35
C MET F 259 35.48 33.72 -9.53
N LEU F 260 35.53 34.26 -10.73
CA LEU F 260 35.50 33.43 -11.93
C LEU F 260 36.72 33.63 -12.83
N GLY F 261 37.16 32.54 -13.45
CA GLY F 261 38.23 32.60 -14.44
C GLY F 261 37.74 32.02 -15.75
N SER F 262 37.42 30.74 -15.74
CA SER F 262 36.93 30.03 -16.91
C SER F 262 35.76 30.73 -17.61
N MET F 263 34.75 31.14 -16.83
CA MET F 263 33.55 31.73 -17.40
C MET F 263 33.73 33.17 -17.89
N PHE F 264 34.93 33.72 -17.68
CA PHE F 264 35.24 35.06 -18.17
C PHE F 264 36.33 35.03 -19.22
N ALA F 265 37.07 33.93 -19.27
CA ALA F 265 38.26 33.82 -20.10
C ALA F 265 38.00 34.08 -21.59
N GLY F 266 36.84 33.66 -22.07
CA GLY F 266 36.53 33.80 -23.49
C GLY F 266 35.73 35.04 -23.82
N VAL F 267 35.70 35.97 -22.87
CA VAL F 267 35.01 37.23 -23.07
C VAL F 267 35.90 38.20 -23.85
N ALA F 268 35.27 39.01 -24.71
CA ALA F 268 35.99 39.96 -25.56
C ALA F 268 36.94 40.89 -24.81
N GLU F 269 36.54 41.31 -23.60
CA GLU F 269 37.34 42.26 -22.82
C GLU F 269 38.47 41.62 -22.03
N SER F 270 38.69 40.32 -22.23
CA SER F 270 39.79 39.62 -21.57
C SER F 270 41.05 39.73 -22.43
N PRO F 271 42.23 39.54 -21.82
CA PRO F 271 43.47 39.61 -22.60
C PRO F 271 43.52 38.53 -23.68
N GLY F 272 44.32 38.76 -24.72
CA GLY F 272 44.48 37.78 -25.78
C GLY F 272 43.49 37.95 -26.92
N GLU F 273 43.84 37.41 -28.08
CA GLU F 273 42.98 37.51 -29.25
C GLU F 273 42.29 36.17 -29.51
N THR F 274 41.40 36.14 -30.51
CA THR F 274 40.71 34.92 -30.88
C THR F 274 41.40 34.21 -32.03
N GLU F 275 41.51 32.88 -31.91
CA GLU F 275 41.97 32.04 -33.00
C GLU F 275 40.82 31.14 -33.41
N ILE F 276 40.90 30.57 -34.61
CA ILE F 276 39.82 29.72 -35.09
C ILE F 276 40.24 28.25 -35.19
N TYR F 277 39.54 27.40 -34.44
CA TYR F 277 39.76 25.96 -34.51
C TYR F 277 38.50 25.27 -35.01
N GLN F 278 38.54 24.87 -36.29
CA GLN F 278 37.43 24.18 -36.93
C GLN F 278 36.11 24.94 -36.85
N GLY F 279 36.10 26.16 -37.37
CA GLY F 279 34.89 26.96 -37.45
C GLY F 279 34.46 27.60 -36.15
N ARG F 280 35.13 27.24 -35.06
CA ARG F 280 34.79 27.80 -33.75
C ARG F 280 35.90 28.68 -33.19
N GLN F 281 35.50 29.85 -32.71
CA GLN F 281 36.44 30.82 -32.16
C GLN F 281 36.76 30.51 -30.70
N PHE F 282 38.04 30.59 -30.35
CA PHE F 282 38.49 30.32 -28.99
C PHE F 282 39.39 31.44 -28.50
N LYS F 283 39.64 31.45 -27.19
CA LYS F 283 40.65 32.33 -26.61
C LYS F 283 41.54 31.51 -25.68
N VAL F 284 42.77 31.95 -25.49
CA VAL F 284 43.72 31.25 -24.64
C VAL F 284 43.35 31.36 -23.17
N TYR F 285 43.41 30.25 -22.45
CA TYR F 285 43.18 30.27 -21.01
C TYR F 285 44.11 29.28 -20.31
N ARG F 286 44.86 29.77 -19.32
CA ARG F 286 45.87 28.97 -18.67
C ARG F 286 45.97 29.31 -17.19
N GLY F 287 46.54 28.38 -16.42
CA GLY F 287 46.75 28.61 -15.00
C GLY F 287 48.00 29.39 -14.72
N MET F 288 47.99 30.16 -13.65
CA MET F 288 49.16 30.94 -13.25
C MET F 288 50.27 30.03 -12.77
N GLY F 289 49.91 28.80 -12.43
CA GLY F 289 50.89 27.80 -12.03
C GLY F 289 51.30 26.90 -13.18
N SER F 290 50.87 27.24 -14.40
CA SER F 290 51.24 26.48 -15.57
C SER F 290 52.61 26.93 -16.07
N VAL F 291 53.28 26.07 -16.82
CA VAL F 291 54.62 26.35 -17.33
C VAL F 291 54.67 27.65 -18.13
N GLY F 292 53.72 27.84 -19.03
CA GLY F 292 53.65 29.04 -19.85
C GLY F 292 53.49 30.33 -19.07
N ALA F 293 52.84 30.24 -17.91
CA ALA F 293 52.60 31.42 -17.09
C ALA F 293 53.80 31.77 -16.23
N MET F 294 54.46 30.75 -15.69
CA MET F 294 55.65 30.95 -14.87
C MET F 294 56.77 31.63 -15.66
N GLU F 295 56.87 31.28 -16.95
CA GLU F 295 57.87 31.88 -17.84
C GLU F 295 57.68 33.38 -17.96
N LYS F 296 56.45 33.80 -18.23
CA LYS F 296 56.11 35.22 -18.32
C LYS F 296 56.17 35.88 -16.96
N LEU F 310 60.29 25.03 -9.29
CA LEU F 310 59.13 24.31 -8.79
C LEU F 310 58.38 23.58 -9.90
N VAL F 311 57.51 22.67 -9.48
CA VAL F 311 56.71 21.87 -10.39
C VAL F 311 55.39 22.58 -10.67
N PRO F 312 54.93 22.58 -11.94
CA PRO F 312 53.67 23.25 -12.29
C PRO F 312 52.47 22.62 -11.60
N GLU F 313 51.54 23.47 -11.18
CA GLU F 313 50.27 23.01 -10.63
C GLU F 313 49.12 23.55 -11.46
N GLY F 314 49.40 23.82 -12.73
CA GLY F 314 48.40 24.35 -13.64
C GLY F 314 48.53 23.82 -15.06
N ILE F 315 47.54 24.14 -15.89
CA ILE F 315 47.47 23.61 -17.25
C ILE F 315 47.22 24.73 -18.25
N GLU F 316 47.65 24.53 -19.49
CA GLU F 316 47.39 25.49 -20.56
C GLU F 316 46.30 24.96 -21.49
N GLY F 317 45.42 25.85 -21.95
CA GLY F 317 44.33 25.43 -22.80
C GLY F 317 43.59 26.59 -23.45
N ARG F 318 42.32 26.36 -23.78
CA ARG F 318 41.50 27.39 -24.39
C ARG F 318 40.02 27.20 -24.07
N VAL F 319 39.27 28.30 -24.11
CA VAL F 319 37.82 28.28 -23.94
C VAL F 319 37.18 28.91 -25.17
N PRO F 320 35.90 28.59 -25.43
CA PRO F 320 35.20 29.22 -26.54
C PRO F 320 35.08 30.74 -26.37
N TYR F 321 34.99 31.45 -27.50
CA TYR F 321 34.76 32.88 -27.51
C TYR F 321 33.30 33.16 -27.17
N LYS F 322 33.07 34.12 -26.27
CA LYS F 322 31.71 34.35 -25.76
C LYS F 322 31.15 35.74 -26.10
N GLY F 323 31.95 36.54 -26.80
CA GLY F 323 31.54 37.89 -27.12
C GLY F 323 31.73 38.85 -25.97
N PRO F 324 30.95 39.94 -25.96
CA PRO F 324 30.99 40.98 -24.92
C PRO F 324 30.68 40.44 -23.53
N LEU F 325 31.39 40.94 -22.53
CA LEU F 325 31.20 40.53 -21.13
C LEU F 325 29.75 40.62 -20.69
N ALA F 326 29.08 41.68 -21.12
CA ALA F 326 27.70 41.97 -20.70
C ALA F 326 26.73 40.81 -20.91
N ASP F 327 26.90 40.08 -22.01
CA ASP F 327 26.03 38.95 -22.31
C ASP F 327 26.25 37.82 -21.31
N THR F 328 27.50 37.64 -20.88
CA THR F 328 27.84 36.62 -19.90
C THR F 328 27.39 37.03 -18.50
N VAL F 329 27.53 38.30 -18.18
CA VAL F 329 27.07 38.84 -16.90
C VAL F 329 25.56 38.74 -16.77
N HIS F 330 24.85 39.14 -17.82
CA HIS F 330 23.39 39.11 -17.83
C HIS F 330 22.86 37.70 -17.60
N GLN F 331 23.54 36.71 -18.17
CA GLN F 331 23.15 35.32 -18.00
C GLN F 331 23.48 34.81 -16.59
N LEU F 332 24.65 35.18 -16.08
CA LEU F 332 25.04 34.81 -14.73
C LEU F 332 24.08 35.38 -13.69
N VAL F 333 23.90 36.70 -13.73
CA VAL F 333 23.01 37.39 -12.80
C VAL F 333 21.57 36.88 -12.93
N GLY F 334 21.13 36.68 -14.17
CA GLY F 334 19.79 36.16 -14.42
C GLY F 334 19.53 34.83 -13.75
N GLY F 335 20.52 33.94 -13.81
CA GLY F 335 20.43 32.64 -13.15
C GLY F 335 20.41 32.77 -11.64
N LEU F 336 21.10 33.79 -11.12
CA LEU F 336 21.12 34.04 -9.68
C LEU F 336 19.75 34.52 -9.22
N ARG F 337 19.15 35.42 -10.00
CA ARG F 337 17.81 35.91 -9.74
C ARG F 337 16.79 34.78 -9.70
N ALA F 338 16.96 33.81 -10.59
CA ALA F 338 16.05 32.65 -10.63
C ALA F 338 16.21 31.83 -9.37
N GLY F 339 17.46 31.48 -9.05
CA GLY F 339 17.76 30.72 -7.84
C GLY F 339 17.28 31.41 -6.58
N MET F 340 17.56 32.70 -6.47
CA MET F 340 17.11 33.48 -5.33
C MET F 340 15.59 33.50 -5.22
N GLY F 341 14.93 33.57 -6.37
CA GLY F 341 13.47 33.53 -6.40
C GLY F 341 12.93 32.18 -5.98
N TYR F 342 13.65 31.11 -6.30
CA TYR F 342 13.25 29.76 -5.92
C TYR F 342 13.37 29.53 -4.43
N CYS F 343 14.26 30.26 -3.79
CA CYS F 343 14.53 30.06 -2.35
C CYS F 343 13.85 31.12 -1.50
N GLY F 344 13.18 32.07 -2.14
CA GLY F 344 12.51 33.14 -1.44
C GLY F 344 13.49 34.09 -0.78
N ALA F 345 14.58 34.38 -1.48
CA ALA F 345 15.59 35.29 -0.98
C ALA F 345 15.48 36.65 -1.65
N GLN F 346 15.06 37.65 -0.88
CA GLN F 346 14.95 39.01 -1.39
C GLN F 346 16.33 39.63 -1.59
N ASP F 347 17.27 39.29 -0.71
CA ASP F 347 18.66 39.71 -0.85
C ASP F 347 19.63 38.58 -0.51
N LEU F 348 20.90 38.77 -0.82
CA LEU F 348 21.89 37.71 -0.68
C LEU F 348 22.17 37.30 0.76
N GLU F 349 21.83 38.17 1.72
CA GLU F 349 22.00 37.82 3.13
C GLU F 349 21.04 36.69 3.51
N PHE F 350 19.80 36.82 3.06
CA PHE F 350 18.78 35.80 3.33
C PHE F 350 19.20 34.46 2.74
N LEU F 351 19.69 34.50 1.50
CA LEU F 351 20.14 33.29 0.82
C LEU F 351 21.26 32.62 1.60
N ARG F 352 22.20 33.43 2.07
CA ARG F 352 23.34 32.93 2.84
C ARG F 352 22.92 32.25 4.14
N GLU F 353 21.85 32.75 4.75
CA GLU F 353 21.46 32.33 6.09
C GLU F 353 20.35 31.30 6.13
N ASN F 354 19.63 31.12 5.02
CA ASN F 354 18.44 30.28 5.03
C ASN F 354 18.38 29.17 3.99
N ALA F 355 19.21 29.26 2.95
CA ALA F 355 19.14 28.29 1.86
C ALA F 355 19.58 26.90 2.32
N GLN F 356 18.82 25.90 1.87
CA GLN F 356 19.06 24.51 2.25
C GLN F 356 19.42 23.69 1.03
N PHE F 357 20.36 22.76 1.19
CA PHE F 357 20.76 21.91 0.09
C PHE F 357 20.23 20.50 0.26
N ILE F 358 20.26 19.72 -0.81
CA ILE F 358 20.00 18.29 -0.75
C ILE F 358 21.04 17.55 -1.56
N ARG F 359 21.64 16.54 -0.96
CA ARG F 359 22.73 15.79 -1.60
C ARG F 359 22.20 14.77 -2.58
N MET F 360 22.87 14.65 -3.73
CA MET F 360 22.46 13.72 -4.77
C MET F 360 23.67 12.96 -5.32
N SER F 361 23.41 11.84 -6.00
CA SER F 361 24.47 11.02 -6.55
C SER F 361 24.79 11.41 -7.99
N GLY F 362 25.62 10.61 -8.65
CA GLY F 362 25.96 10.83 -10.04
C GLY F 362 24.75 10.74 -10.94
N ALA F 363 23.85 9.81 -10.61
CA ALA F 363 22.59 9.67 -11.35
C ALA F 363 21.73 10.92 -11.20
N GLY F 364 21.80 11.54 -10.02
CA GLY F 364 21.13 12.80 -9.78
C GLY F 364 21.65 13.89 -10.71
N LEU F 365 22.96 14.00 -10.80
CA LEU F 365 23.60 14.95 -11.70
C LEU F 365 23.15 14.74 -13.15
N LEU F 366 23.04 13.47 -13.56
CA LEU F 366 22.60 13.15 -14.91
C LEU F 366 21.16 13.57 -15.15
N GLU F 367 20.32 13.36 -14.16
CA GLU F 367 18.94 13.83 -14.23
C GLU F 367 18.89 15.36 -14.21
N SER F 368 19.78 15.96 -13.43
CA SER F 368 19.85 17.41 -13.30
C SER F 368 20.15 18.11 -14.63
N HIS F 369 21.02 17.51 -15.42
CA HIS F 369 21.34 18.04 -16.74
C HIS F 369 20.35 17.53 -17.77
N PRO F 370 20.25 18.23 -18.91
CA PRO F 370 19.44 17.69 -20.02
C PRO F 370 19.90 16.29 -20.38
N HIS F 371 18.99 15.44 -20.80
CA HIS F 371 19.32 14.04 -21.07
C HIS F 371 18.39 13.37 -22.07
N HIS F 372 18.93 12.43 -22.83
CA HIS F 372 18.15 11.61 -23.76
C HIS F 372 17.42 12.42 -24.82
N VAL F 373 17.96 13.60 -25.11
CA VAL F 373 17.45 14.44 -26.19
C VAL F 373 18.64 15.11 -26.88
N GLN F 374 18.71 14.99 -28.20
CA GLN F 374 19.80 15.60 -28.93
C GLN F 374 19.59 17.11 -29.00
N ILE F 375 20.46 17.85 -28.30
CA ILE F 375 20.40 19.31 -28.32
C ILE F 375 20.78 19.85 -29.69
N THR F 376 19.90 20.67 -30.27
CA THR F 376 20.10 21.17 -31.64
C THR F 376 20.83 22.51 -31.67
N LYS F 377 20.50 23.39 -30.76
CA LYS F 377 21.16 24.68 -30.68
C LYS F 377 21.59 24.98 -29.25
N GLU F 378 22.69 25.72 -29.09
CA GLU F 378 23.18 26.03 -27.77
C GLU F 378 22.41 27.19 -27.14
N ALA F 379 22.15 27.07 -25.85
CA ALA F 379 21.47 28.12 -25.10
C ALA F 379 22.51 29.14 -24.64
N PRO F 380 22.10 30.41 -24.48
CA PRO F 380 23.02 31.45 -23.99
C PRO F 380 23.62 31.12 -22.62
N ASN F 381 22.96 30.28 -21.84
CA ASN F 381 23.47 29.92 -20.52
C ASN F 381 23.83 28.45 -20.36
N TYR F 382 23.88 27.70 -21.46
CA TYR F 382 24.21 26.29 -21.37
C TYR F 382 25.06 25.78 -22.54
N SER F 383 26.30 25.43 -22.22
CA SER F 383 27.20 24.76 -23.17
C SER F 383 27.34 25.48 -24.50
N SER G 22 0.82 -0.49 4.76
CA SER G 22 0.13 0.79 4.94
C SER G 22 1.05 1.83 5.59
N ASN G 23 0.78 2.12 6.86
CA ASN G 23 1.52 3.13 7.60
C ASN G 23 3.01 2.82 7.69
N ALA G 24 3.34 1.56 8.00
CA ALA G 24 4.71 1.17 8.26
C ALA G 24 5.47 0.79 6.99
N MET G 25 4.73 0.37 5.96
CA MET G 25 5.35 0.01 4.69
C MET G 25 5.78 1.25 3.93
N TRP G 26 5.22 2.39 4.32
CA TRP G 26 5.49 3.65 3.64
C TRP G 26 6.84 4.24 4.03
N GLU G 27 7.25 4.02 5.27
CA GLU G 27 8.50 4.59 5.76
C GLU G 27 9.70 3.67 5.52
N SER G 28 9.43 2.44 5.10
CA SER G 28 10.49 1.46 4.88
C SER G 28 10.84 1.32 3.40
N LYS G 29 10.19 2.13 2.57
CA LYS G 29 10.33 2.03 1.12
C LYS G 29 11.79 2.09 0.63
N PHE G 30 12.58 2.96 1.22
CA PHE G 30 13.94 3.19 0.73
C PHE G 30 15.02 2.86 1.74
N VAL G 31 14.74 1.90 2.62
CA VAL G 31 15.70 1.57 3.68
C VAL G 31 16.77 0.58 3.25
N LYS G 32 16.41 -0.33 2.34
CA LYS G 32 17.32 -1.39 1.91
C LYS G 32 18.45 -0.93 0.97
N GLU G 33 19.57 -1.64 1.02
CA GLU G 33 20.73 -1.35 0.18
C GLU G 33 21.23 -2.61 -0.52
N GLY G 34 21.72 -2.42 -1.74
CA GLY G 34 22.13 -3.55 -2.55
C GLY G 34 23.52 -3.45 -3.14
N LEU G 35 24.25 -4.55 -3.07
CA LEU G 35 25.59 -4.62 -3.61
C LEU G 35 25.64 -5.57 -4.79
N THR G 36 26.49 -5.25 -5.76
CA THR G 36 26.74 -6.16 -6.86
C THR G 36 28.24 -6.42 -6.96
N PHE G 37 28.64 -7.27 -7.90
CA PHE G 37 30.02 -7.72 -8.02
C PHE G 37 31.05 -6.59 -8.03
N ASP G 38 30.76 -5.52 -8.77
CA ASP G 38 31.68 -4.38 -8.89
C ASP G 38 31.66 -3.42 -7.69
N ASP G 39 30.91 -3.76 -6.64
CA ASP G 39 30.88 -2.93 -5.44
C ASP G 39 31.82 -3.46 -4.37
N VAL G 40 32.43 -4.61 -4.62
CA VAL G 40 33.19 -5.30 -3.59
C VAL G 40 34.46 -5.98 -4.12
N LEU G 41 35.31 -6.39 -3.19
CA LEU G 41 36.44 -7.27 -3.46
C LEU G 41 36.55 -8.27 -2.33
N LEU G 42 37.07 -9.45 -2.63
CA LEU G 42 37.37 -10.44 -1.59
C LEU G 42 38.66 -10.07 -0.88
N VAL G 43 38.71 -10.29 0.43
CA VAL G 43 39.88 -9.92 1.22
C VAL G 43 40.85 -11.09 1.37
N PRO G 44 42.14 -10.84 1.10
CA PRO G 44 43.18 -11.88 1.25
C PRO G 44 43.31 -12.34 2.70
N ALA G 45 43.32 -13.65 2.91
CA ALA G 45 43.45 -14.19 4.26
C ALA G 45 44.54 -15.26 4.33
N LYS G 46 44.86 -15.69 5.55
CA LYS G 46 45.86 -16.72 5.78
C LYS G 46 45.55 -18.00 5.00
N SER G 47 46.54 -18.46 4.22
CA SER G 47 46.35 -19.63 3.36
C SER G 47 47.51 -20.61 3.41
N ASP G 48 47.19 -21.88 3.65
CA ASP G 48 48.17 -22.95 3.62
C ASP G 48 47.97 -23.80 2.38
N VAL G 49 47.10 -23.34 1.48
CA VAL G 49 46.73 -24.13 0.30
C VAL G 49 47.07 -23.42 -1.01
N LEU G 50 47.65 -24.18 -1.95
CA LEU G 50 47.97 -23.69 -3.27
C LEU G 50 46.76 -23.84 -4.19
N PRO G 51 46.64 -22.96 -5.20
CA PRO G 51 45.55 -23.01 -6.18
C PRO G 51 45.39 -24.38 -6.84
N ARG G 52 46.48 -25.08 -7.08
CA ARG G 52 46.44 -26.38 -7.71
C ARG G 52 45.90 -27.45 -6.77
N GLU G 53 45.85 -27.12 -5.48
CA GLU G 53 45.49 -28.10 -4.46
C GLU G 53 44.01 -28.06 -4.08
N VAL G 54 43.33 -26.96 -4.40
CA VAL G 54 41.95 -26.78 -3.98
C VAL G 54 40.97 -27.66 -4.73
N SER G 55 39.82 -27.92 -4.11
CA SER G 55 38.75 -28.68 -4.73
C SER G 55 37.65 -27.74 -5.20
N VAL G 56 37.29 -27.85 -6.47
CA VAL G 56 36.23 -27.04 -7.03
C VAL G 56 34.96 -27.85 -7.26
N LYS G 57 34.88 -29.00 -6.58
CA LYS G 57 33.70 -29.85 -6.68
C LYS G 57 32.55 -29.33 -5.84
N THR G 58 31.32 -29.63 -6.27
CA THR G 58 30.13 -29.23 -5.54
C THR G 58 29.13 -30.36 -5.52
N VAL G 59 28.24 -30.34 -4.54
CA VAL G 59 27.17 -31.33 -4.44
C VAL G 59 25.82 -30.61 -4.34
N LEU G 60 25.10 -30.57 -5.46
CA LEU G 60 23.80 -29.91 -5.50
C LEU G 60 22.71 -30.79 -4.91
N SER G 61 22.89 -32.10 -5.04
CA SER G 61 21.97 -33.07 -4.45
C SER G 61 22.64 -34.43 -4.36
N GLU G 62 21.91 -35.42 -3.84
CA GLU G 62 22.43 -36.77 -3.73
C GLU G 62 22.68 -37.37 -5.12
N SER G 63 21.82 -37.03 -6.07
CA SER G 63 21.90 -37.60 -7.42
C SER G 63 22.52 -36.64 -8.43
N LEU G 64 23.07 -35.53 -7.95
CA LEU G 64 23.64 -34.51 -8.84
C LEU G 64 24.88 -33.84 -8.25
N GLN G 65 26.05 -34.34 -8.67
CA GLN G 65 27.31 -33.82 -8.15
C GLN G 65 28.21 -33.37 -9.30
N LEU G 66 28.74 -32.15 -9.19
CA LEU G 66 29.55 -31.56 -10.25
C LEU G 66 31.01 -31.44 -9.84
N ASN G 67 31.91 -31.65 -10.78
CA ASN G 67 33.34 -31.52 -10.53
C ASN G 67 33.82 -30.07 -10.65
N ILE G 68 33.10 -29.28 -11.42
CA ILE G 68 33.33 -27.84 -11.50
C ILE G 68 32.01 -27.10 -11.29
N PRO G 69 32.05 -25.89 -10.69
CA PRO G 69 30.82 -25.19 -10.30
C PRO G 69 30.19 -24.38 -11.43
N LEU G 70 30.06 -24.97 -12.62
CA LEU G 70 29.57 -24.23 -13.77
C LEU G 70 28.37 -24.89 -14.44
N ILE G 71 27.38 -24.08 -14.77
CA ILE G 71 26.22 -24.54 -15.54
C ILE G 71 25.96 -23.57 -16.69
N SER G 72 25.80 -24.11 -17.89
CA SER G 72 25.49 -23.28 -19.05
C SER G 72 23.99 -22.96 -19.08
N ALA G 73 23.65 -21.72 -19.40
CA ALA G 73 22.28 -21.24 -19.34
C ALA G 73 21.33 -21.94 -20.32
N GLY G 74 20.11 -22.21 -19.87
CA GLY G 74 19.09 -22.80 -20.70
C GLY G 74 18.50 -21.80 -21.69
N MET G 75 19.32 -21.34 -22.63
CA MET G 75 18.90 -20.36 -23.62
C MET G 75 19.24 -20.87 -25.03
N ASP G 76 18.43 -20.50 -26.01
CA ASP G 76 18.59 -21.03 -27.37
C ASP G 76 19.87 -20.57 -28.08
N THR G 77 20.60 -19.65 -27.47
CA THR G 77 21.88 -19.22 -28.04
C THR G 77 23.04 -19.66 -27.14
N VAL G 78 22.74 -20.49 -26.15
CA VAL G 78 23.79 -20.99 -25.26
C VAL G 78 23.89 -22.51 -25.23
N THR G 79 22.81 -23.19 -24.87
CA THR G 79 22.90 -24.63 -24.63
C THR G 79 21.93 -25.51 -25.40
N GLU G 80 22.51 -26.40 -26.20
CA GLU G 80 21.79 -27.52 -26.77
C GLU G 80 22.65 -28.76 -26.54
N ALA G 81 22.36 -29.83 -27.27
CA ALA G 81 23.03 -31.11 -27.04
C ALA G 81 24.56 -31.00 -27.04
N ASP G 82 25.12 -30.41 -28.10
CA ASP G 82 26.57 -30.27 -28.22
C ASP G 82 27.19 -29.53 -27.04
N MET G 83 26.53 -28.47 -26.59
CA MET G 83 26.96 -27.71 -25.43
C MET G 83 26.85 -28.51 -24.12
N ALA G 84 25.73 -29.23 -23.96
CA ALA G 84 25.52 -30.03 -22.76
C ALA G 84 26.58 -31.12 -22.63
N ILE G 85 26.83 -31.83 -23.72
CA ILE G 85 27.87 -32.85 -23.77
C ILE G 85 29.23 -32.29 -23.40
N ALA G 86 29.59 -31.18 -24.03
CA ALA G 86 30.87 -30.52 -23.75
C ALA G 86 30.99 -30.09 -22.30
N MET G 87 29.94 -29.49 -21.75
CA MET G 87 29.93 -29.06 -20.35
C MET G 87 30.13 -30.23 -19.41
N ALA G 88 29.38 -31.31 -19.63
CA ALA G 88 29.44 -32.48 -18.76
C ALA G 88 30.83 -33.10 -18.75
N ARG G 89 31.49 -33.09 -19.91
CA ARG G 89 32.82 -33.66 -20.03
C ARG G 89 33.87 -32.81 -19.31
N GLN G 90 33.57 -31.54 -19.11
CA GLN G 90 34.43 -30.64 -18.35
C GLN G 90 34.20 -30.77 -16.85
N GLY G 91 33.09 -31.42 -16.47
CA GLY G 91 32.77 -31.64 -15.08
C GLY G 91 31.60 -30.78 -14.60
N GLY G 92 31.03 -30.02 -15.53
CA GLY G 92 29.90 -29.17 -15.22
C GLY G 92 28.59 -29.75 -15.69
N LEU G 93 27.66 -28.86 -16.02
CA LEU G 93 26.30 -29.26 -16.40
C LEU G 93 25.72 -28.32 -17.43
N GLY G 94 24.91 -28.85 -18.33
CA GLY G 94 24.23 -28.04 -19.33
C GLY G 94 22.72 -28.11 -19.18
N ILE G 95 22.05 -27.03 -19.55
CA ILE G 95 20.59 -27.00 -19.51
C ILE G 95 20.03 -26.79 -20.92
N ILE G 96 19.46 -27.86 -21.49
CA ILE G 96 18.85 -27.76 -22.80
C ILE G 96 17.61 -26.88 -22.74
N HIS G 97 17.56 -25.87 -23.59
CA HIS G 97 16.49 -24.86 -23.55
C HIS G 97 15.15 -25.41 -24.01
N LYS G 98 14.09 -24.66 -23.75
CA LYS G 98 12.73 -25.10 -24.02
C LYS G 98 12.15 -24.61 -25.34
N ASN G 99 12.94 -23.87 -26.11
CA ASN G 99 12.47 -23.35 -27.40
C ASN G 99 12.49 -24.38 -28.53
N MET G 100 12.33 -25.64 -28.17
CA MET G 100 12.12 -26.71 -29.13
C MET G 100 10.90 -27.51 -28.66
N SER G 101 10.37 -28.36 -29.54
CA SER G 101 9.22 -29.16 -29.17
C SER G 101 9.59 -30.19 -28.10
N ILE G 102 8.58 -30.83 -27.54
CA ILE G 102 8.79 -31.83 -26.50
C ILE G 102 9.62 -33.00 -27.02
N GLU G 103 9.31 -33.47 -28.22
CA GLU G 103 10.08 -34.55 -28.84
C GLU G 103 11.53 -34.13 -29.09
N GLN G 104 11.70 -32.92 -29.60
CA GLN G 104 13.03 -32.40 -29.91
C GLN G 104 13.90 -32.28 -28.65
N GLN G 105 13.29 -31.88 -27.54
CA GLN G 105 14.03 -31.69 -26.30
C GLN G 105 14.38 -33.03 -25.64
N ALA G 106 13.43 -33.95 -25.64
CA ALA G 106 13.65 -35.28 -25.08
C ALA G 106 14.71 -36.04 -25.88
N GLU G 107 14.77 -35.78 -27.18
CA GLU G 107 15.75 -36.42 -28.04
C GLU G 107 17.17 -35.89 -27.77
N GLN G 108 17.27 -34.60 -27.48
CA GLN G 108 18.57 -34.00 -27.19
C GLN G 108 19.09 -34.44 -25.83
N VAL G 109 18.18 -34.57 -24.86
CA VAL G 109 18.53 -35.08 -23.55
C VAL G 109 19.08 -36.50 -23.68
N ASP G 110 18.39 -37.30 -24.49
CA ASP G 110 18.79 -38.68 -24.73
C ASP G 110 20.18 -38.78 -25.36
N LYS G 111 20.49 -37.84 -26.25
CA LYS G 111 21.79 -37.84 -26.94
C LYS G 111 22.93 -37.53 -25.97
N VAL G 112 22.65 -36.74 -24.95
CA VAL G 112 23.67 -36.39 -23.97
C VAL G 112 23.89 -37.54 -22.99
N LYS G 113 22.81 -38.22 -22.64
CA LYS G 113 22.89 -39.33 -21.70
C LYS G 113 23.60 -40.54 -22.30
N ARG G 114 23.47 -40.72 -23.62
CA ARG G 114 24.08 -41.87 -24.28
C ARG G 114 25.48 -41.58 -24.80
N SER G 115 26.05 -40.45 -24.38
CA SER G 115 27.40 -40.07 -24.78
C SER G 115 28.39 -40.28 -23.64
N GLY G 116 28.24 -41.39 -22.92
CA GLY G 116 29.15 -41.73 -21.84
C GLY G 116 28.50 -41.67 -20.46
N GLY G 117 27.18 -41.51 -20.43
CA GLY G 117 26.46 -41.38 -19.17
C GLY G 117 26.69 -40.01 -18.56
N LEU G 118 26.51 -38.97 -19.36
CA LEU G 118 26.76 -37.61 -18.92
C LEU G 118 25.55 -37.02 -18.20
N LEU G 119 25.82 -36.11 -17.26
CA LEU G 119 24.75 -35.39 -16.57
C LEU G 119 24.12 -34.38 -17.52
N VAL G 120 22.79 -34.27 -17.49
CA VAL G 120 22.11 -33.31 -18.34
C VAL G 120 20.91 -32.70 -17.65
N GLY G 121 20.57 -31.47 -18.04
CA GLY G 121 19.41 -30.78 -17.51
C GLY G 121 18.59 -30.17 -18.63
N ALA G 122 17.30 -29.95 -18.36
CA ALA G 122 16.41 -29.37 -19.36
C ALA G 122 15.51 -28.33 -18.71
N ALA G 123 15.20 -27.27 -19.45
CA ALA G 123 14.35 -26.20 -18.93
C ALA G 123 12.89 -26.46 -19.29
N VAL G 124 12.01 -26.19 -18.32
CA VAL G 124 10.58 -26.28 -18.54
C VAL G 124 9.92 -24.98 -18.09
N GLY G 125 9.01 -24.46 -18.90
CA GLY G 125 8.30 -23.24 -18.54
C GLY G 125 7.03 -23.54 -17.78
N VAL G 126 6.54 -22.54 -17.05
CA VAL G 126 5.29 -22.68 -16.30
C VAL G 126 4.09 -22.57 -17.24
N THR G 127 3.68 -23.71 -17.80
CA THR G 127 2.57 -23.75 -18.74
C THR G 127 1.66 -24.94 -18.43
N ALA G 128 0.56 -25.05 -19.16
CA ALA G 128 -0.39 -26.13 -18.95
C ALA G 128 0.19 -27.49 -19.32
N ASP G 129 0.93 -27.51 -20.42
CA ASP G 129 1.52 -28.76 -20.91
C ASP G 129 2.89 -29.02 -20.31
N ALA G 130 3.17 -28.40 -19.16
CA ALA G 130 4.45 -28.57 -18.50
C ALA G 130 4.71 -30.02 -18.12
N MET G 131 3.72 -30.65 -17.49
CA MET G 131 3.85 -32.05 -17.08
C MET G 131 4.08 -32.98 -18.25
N THR G 132 3.42 -32.69 -19.37
CA THR G 132 3.60 -33.46 -20.60
C THR G 132 5.06 -33.43 -21.03
N ARG G 133 5.66 -32.25 -21.00
CA ARG G 133 7.07 -32.09 -21.37
C ARG G 133 7.98 -32.80 -20.38
N ILE G 134 7.71 -32.59 -19.09
CA ILE G 134 8.50 -33.21 -18.03
C ILE G 134 8.46 -34.73 -18.09
N ASP G 135 7.31 -35.29 -18.46
CA ASP G 135 7.17 -36.73 -18.59
C ASP G 135 8.16 -37.29 -19.61
N ALA G 136 8.24 -36.65 -20.76
CA ALA G 136 9.13 -37.08 -21.83
C ALA G 136 10.60 -36.90 -21.45
N LEU G 137 10.88 -35.90 -20.62
CA LEU G 137 12.24 -35.66 -20.15
C LEU G 137 12.65 -36.72 -19.12
N VAL G 138 11.68 -37.21 -18.35
CA VAL G 138 11.94 -38.24 -17.36
C VAL G 138 12.24 -39.59 -18.05
N LYS G 139 11.53 -39.86 -19.14
CA LYS G 139 11.78 -41.07 -19.94
C LYS G 139 13.19 -41.09 -20.49
N ALA G 140 13.68 -39.94 -20.95
CA ALA G 140 14.99 -39.85 -21.57
C ALA G 140 16.11 -39.79 -20.54
N SER G 141 15.76 -40.00 -19.27
CA SER G 141 16.72 -40.02 -18.17
C SER G 141 17.42 -38.70 -17.90
N VAL G 142 16.66 -37.61 -17.88
CA VAL G 142 17.22 -36.32 -17.50
C VAL G 142 17.58 -36.37 -16.02
N ASP G 143 18.60 -35.63 -15.60
CA ASP G 143 19.06 -35.65 -14.22
C ASP G 143 18.46 -34.52 -13.40
N ALA G 144 17.93 -33.51 -14.10
CA ALA G 144 17.36 -32.35 -13.43
C ALA G 144 16.51 -31.52 -14.39
N ILE G 145 15.35 -31.07 -13.93
CA ILE G 145 14.55 -30.13 -14.69
C ILE G 145 14.68 -28.74 -14.10
N VAL G 146 14.57 -27.74 -14.95
CA VAL G 146 14.67 -26.35 -14.52
C VAL G 146 13.35 -25.66 -14.76
N LEU G 147 12.56 -25.50 -13.70
CA LEU G 147 11.32 -24.75 -13.78
C LEU G 147 11.66 -23.26 -13.84
N ASP G 148 11.82 -22.76 -15.06
CA ASP G 148 12.30 -21.41 -15.25
C ASP G 148 11.16 -20.45 -15.57
N THR G 149 11.10 -19.35 -14.82
CA THR G 149 10.10 -18.31 -15.03
C THR G 149 10.70 -16.96 -14.70
N ALA G 150 10.10 -15.90 -15.23
CA ALA G 150 10.58 -14.55 -14.99
C ALA G 150 10.44 -14.17 -13.52
N HIS G 151 9.33 -14.60 -12.92
CA HIS G 151 9.05 -14.29 -11.51
C HIS G 151 8.84 -15.55 -10.69
N GLY G 152 9.91 -16.01 -10.02
CA GLY G 152 9.86 -17.25 -9.26
C GLY G 152 9.04 -17.17 -7.99
N HIS G 153 8.57 -15.97 -7.65
CA HIS G 153 7.78 -15.79 -6.45
C HIS G 153 6.31 -15.56 -6.78
N SER G 154 5.90 -16.01 -7.96
CA SER G 154 4.49 -15.96 -8.34
C SER G 154 3.81 -17.30 -8.01
N GLN G 155 2.48 -17.26 -7.85
CA GLN G 155 1.72 -18.41 -7.41
C GLN G 155 1.79 -19.58 -8.39
N GLY G 156 1.78 -19.27 -9.69
CA GLY G 156 1.84 -20.27 -10.73
C GLY G 156 3.02 -21.21 -10.59
N VAL G 157 4.17 -20.66 -10.22
CA VAL G 157 5.40 -21.42 -10.06
C VAL G 157 5.35 -22.31 -8.82
N ILE G 158 4.85 -21.75 -7.72
CA ILE G 158 4.74 -22.49 -6.46
C ILE G 158 3.91 -23.75 -6.68
N ASP G 159 2.85 -23.61 -7.48
CA ASP G 159 1.95 -24.73 -7.75
C ASP G 159 2.58 -25.82 -8.62
N LYS G 160 3.39 -25.42 -9.59
CA LYS G 160 4.06 -26.39 -10.45
C LYS G 160 5.03 -27.25 -9.66
N VAL G 161 5.90 -26.61 -8.87
CA VAL G 161 6.84 -27.32 -8.02
C VAL G 161 6.11 -28.31 -7.10
N LYS G 162 4.94 -27.91 -6.59
CA LYS G 162 4.12 -28.82 -5.80
C LYS G 162 3.67 -30.03 -6.60
N GLU G 163 3.22 -29.79 -7.83
CA GLU G 163 2.75 -30.85 -8.70
C GLU G 163 3.88 -31.80 -9.08
N VAL G 164 4.93 -31.24 -9.67
CA VAL G 164 6.05 -32.03 -10.20
C VAL G 164 6.73 -32.87 -9.12
N ARG G 165 6.79 -32.33 -7.90
CA ARG G 165 7.37 -33.06 -6.78
C ARG G 165 6.42 -34.17 -6.32
N ALA G 166 5.12 -33.93 -6.46
CA ALA G 166 4.11 -34.92 -6.08
C ALA G 166 4.13 -36.09 -7.05
N LYS G 167 4.33 -35.80 -8.33
CA LYS G 167 4.35 -36.81 -9.37
C LYS G 167 5.73 -37.47 -9.46
N TYR G 168 6.77 -36.71 -9.13
CA TYR G 168 8.13 -37.22 -9.17
C TYR G 168 8.90 -36.89 -7.89
N PRO G 169 8.83 -37.81 -6.90
CA PRO G 169 9.48 -37.64 -5.60
C PRO G 169 10.98 -37.50 -5.68
N SER G 170 11.61 -38.22 -6.61
CA SER G 170 13.08 -38.29 -6.66
C SER G 170 13.72 -37.43 -7.76
N LEU G 171 12.91 -36.71 -8.52
CA LEU G 171 13.41 -35.86 -9.58
C LEU G 171 14.05 -34.58 -9.03
N ASN G 172 15.29 -34.30 -9.46
CA ASN G 172 15.94 -33.05 -9.09
C ASN G 172 15.25 -31.86 -9.73
N ILE G 173 14.69 -31.00 -8.89
CA ILE G 173 13.96 -29.82 -9.36
C ILE G 173 14.68 -28.52 -9.05
N ILE G 174 15.02 -27.78 -10.11
CA ILE G 174 15.62 -26.47 -9.96
C ILE G 174 14.57 -25.42 -10.29
N ALA G 175 14.27 -24.56 -9.33
CA ALA G 175 13.25 -23.52 -9.52
C ALA G 175 13.84 -22.12 -9.40
N GLY G 176 13.31 -21.20 -10.18
CA GLY G 176 13.75 -19.81 -10.18
C GLY G 176 12.99 -19.02 -11.22
N ASN G 177 13.34 -17.75 -11.41
CA ASN G 177 14.37 -17.09 -10.61
C ASN G 177 13.78 -16.25 -9.48
N VAL G 178 14.51 -16.17 -8.36
CA VAL G 178 14.08 -15.38 -7.23
C VAL G 178 15.21 -14.44 -6.79
N ALA G 179 14.88 -13.47 -5.94
CA ALA G 179 15.88 -12.50 -5.50
C ALA G 179 15.72 -12.12 -4.03
N THR G 180 14.74 -12.72 -3.36
CA THR G 180 14.50 -12.45 -1.95
C THR G 180 14.53 -13.72 -1.11
N ALA G 181 14.64 -13.54 0.21
CA ALA G 181 14.69 -14.67 1.13
C ALA G 181 13.33 -15.36 1.22
N GLU G 182 12.26 -14.59 1.16
CA GLU G 182 10.90 -15.14 1.23
C GLU G 182 10.61 -16.01 0.00
N ALA G 183 10.98 -15.51 -1.16
CA ALA G 183 10.76 -16.23 -2.42
C ALA G 183 11.49 -17.57 -2.43
N THR G 184 12.70 -17.57 -1.87
CA THR G 184 13.51 -18.78 -1.75
C THR G 184 12.80 -19.78 -0.84
N LYS G 185 12.25 -19.28 0.27
CA LYS G 185 11.57 -20.12 1.25
C LYS G 185 10.32 -20.77 0.68
N ALA G 186 9.59 -20.04 -0.16
CA ALA G 186 8.36 -20.56 -0.76
C ALA G 186 8.66 -21.70 -1.74
N LEU G 187 9.77 -21.60 -2.47
CA LEU G 187 10.16 -22.63 -3.41
C LEU G 187 10.63 -23.91 -2.73
N ILE G 188 11.41 -23.75 -1.66
CA ILE G 188 11.93 -24.90 -0.91
C ILE G 188 10.78 -25.65 -0.23
N GLU G 189 9.77 -24.90 0.23
CA GLU G 189 8.59 -25.51 0.83
C GLU G 189 7.75 -26.22 -0.23
N ALA G 190 7.83 -25.74 -1.46
CA ALA G 190 7.03 -26.29 -2.55
C ALA G 190 7.60 -27.60 -3.07
N GLY G 191 8.87 -27.86 -2.75
CA GLY G 191 9.51 -29.11 -3.11
C GLY G 191 10.75 -28.98 -3.98
N ALA G 192 11.22 -27.75 -4.13
CA ALA G 192 12.43 -27.53 -4.94
C ALA G 192 13.68 -27.86 -4.11
N ASN G 193 14.56 -28.68 -4.67
CA ASN G 193 15.77 -29.05 -3.96
C ASN G 193 17.00 -28.24 -4.39
N VAL G 194 16.78 -27.32 -5.34
CA VAL G 194 17.78 -26.35 -5.77
C VAL G 194 17.08 -25.05 -6.16
N VAL G 195 17.61 -23.92 -5.70
CA VAL G 195 17.01 -22.61 -5.99
C VAL G 195 17.95 -21.76 -6.84
N LYS G 196 17.41 -21.17 -7.90
CA LYS G 196 18.21 -20.35 -8.80
C LYS G 196 17.93 -18.85 -8.62
N VAL G 197 18.97 -18.09 -8.33
CA VAL G 197 18.84 -16.68 -7.97
C VAL G 197 19.29 -15.72 -9.08
N GLY G 198 18.47 -14.70 -9.34
CA GLY G 198 18.85 -13.66 -10.27
C GLY G 198 17.69 -12.98 -10.97
N ILE G 199 17.39 -11.75 -10.58
CA ILE G 199 16.39 -10.95 -11.27
C ILE G 199 17.04 -9.75 -11.93
N GLY G 200 17.27 -9.86 -13.24
CA GLY G 200 17.81 -8.78 -14.02
C GLY G 200 19.31 -8.50 -14.09
N PRO G 201 20.19 -9.39 -13.58
CA PRO G 201 21.59 -8.96 -13.73
C PRO G 201 22.16 -9.41 -15.08
N GLY G 202 21.35 -10.12 -15.86
CA GLY G 202 21.78 -10.68 -17.13
C GLY G 202 22.39 -9.67 -18.07
N SER G 203 23.37 -10.13 -18.85
CA SER G 203 24.07 -9.27 -19.79
C SER G 203 23.15 -8.83 -20.93
N ILE G 204 22.16 -9.65 -21.24
CA ILE G 204 21.25 -9.38 -22.34
C ILE G 204 19.87 -8.96 -21.83
N CYS G 205 19.81 -8.63 -20.55
CA CYS G 205 18.54 -8.42 -19.86
C CYS G 205 18.16 -6.95 -19.68
N THR G 206 16.87 -6.65 -19.83
CA THR G 206 16.38 -5.28 -19.69
C THR G 206 15.22 -5.18 -18.70
N THR G 207 15.04 -6.21 -17.87
CA THR G 207 13.93 -6.27 -16.93
C THR G 207 13.89 -5.06 -16.00
N ARG G 208 15.04 -4.72 -15.43
CA ARG G 208 15.15 -3.61 -14.49
C ARG G 208 14.91 -2.27 -15.17
N VAL G 209 15.06 -2.23 -16.49
CA VAL G 209 14.88 -1.00 -17.24
C VAL G 209 13.43 -0.81 -17.69
N VAL G 210 12.77 -1.89 -18.04
CA VAL G 210 11.41 -1.83 -18.58
C VAL G 210 10.33 -2.01 -17.51
N ALA G 211 10.63 -2.81 -16.49
CA ALA G 211 9.67 -3.08 -15.42
C ALA G 211 10.08 -2.38 -14.14
N GLY G 212 11.35 -1.97 -14.07
CA GLY G 212 11.87 -1.25 -12.92
C GLY G 212 12.15 -2.14 -11.72
N VAL G 213 12.11 -3.45 -11.94
CA VAL G 213 12.15 -4.43 -10.86
C VAL G 213 13.47 -5.22 -10.81
N GLY G 214 14.01 -5.38 -9.61
CA GLY G 214 15.18 -6.24 -9.44
C GLY G 214 15.90 -6.05 -8.12
N VAL G 215 16.87 -6.93 -7.87
CA VAL G 215 17.76 -6.79 -6.73
C VAL G 215 19.18 -7.01 -7.25
N PRO G 216 20.11 -6.11 -6.87
CA PRO G 216 21.53 -6.25 -7.23
C PRO G 216 22.03 -7.65 -6.91
N GLN G 217 22.67 -8.29 -7.88
CA GLN G 217 22.90 -9.74 -7.85
C GLN G 217 23.67 -10.28 -6.64
N LEU G 218 24.73 -9.62 -6.24
CA LEU G 218 25.53 -10.12 -5.12
C LEU G 218 24.71 -10.14 -3.82
N THR G 219 23.94 -9.08 -3.59
CA THR G 219 23.06 -9.01 -2.42
C THR G 219 21.97 -10.07 -2.52
N ALA G 220 21.41 -10.25 -3.72
CA ALA G 220 20.37 -11.23 -3.95
C ALA G 220 20.85 -12.64 -3.60
N VAL G 221 22.03 -13.00 -4.12
CA VAL G 221 22.63 -14.29 -3.80
C VAL G 221 22.85 -14.43 -2.31
N TYR G 222 23.40 -13.40 -1.68
CA TYR G 222 23.69 -13.43 -0.26
C TYR G 222 22.43 -13.56 0.59
N ASP G 223 21.38 -12.82 0.22
CA ASP G 223 20.12 -12.88 0.95
C ASP G 223 19.46 -14.25 0.80
N CYS G 224 19.50 -14.80 -0.41
CA CYS G 224 18.86 -16.09 -0.70
C CYS G 224 19.65 -17.27 -0.13
N ALA G 225 20.98 -17.14 -0.11
CA ALA G 225 21.82 -18.19 0.45
C ALA G 225 21.62 -18.25 1.96
N THR G 226 21.46 -17.08 2.58
CA THR G 226 21.20 -16.98 4.01
C THR G 226 19.96 -17.77 4.42
N GLU G 227 18.94 -17.74 3.55
CA GLU G 227 17.71 -18.48 3.80
C GLU G 227 17.86 -19.96 3.46
N ALA G 228 18.45 -20.24 2.30
CA ALA G 228 18.57 -21.61 1.81
C ALA G 228 19.54 -22.45 2.65
N ARG G 229 20.52 -21.78 3.24
CA ARG G 229 21.48 -22.44 4.11
C ARG G 229 20.77 -23.11 5.28
N LYS G 230 19.69 -22.48 5.74
CA LYS G 230 18.93 -22.95 6.89
C LYS G 230 18.16 -24.25 6.60
N HIS G 231 18.06 -24.61 5.33
CA HIS G 231 17.34 -25.82 4.95
C HIS G 231 18.28 -26.89 4.40
N GLY G 232 19.53 -26.50 4.14
CA GLY G 232 20.49 -27.40 3.52
C GLY G 232 20.31 -27.42 2.01
N ILE G 233 19.73 -26.34 1.49
CA ILE G 233 19.45 -26.22 0.06
C ILE G 233 20.47 -25.31 -0.61
N PRO G 234 21.04 -25.78 -1.73
CA PRO G 234 22.03 -25.01 -2.49
C PRO G 234 21.37 -23.96 -3.40
N VAL G 235 22.10 -22.89 -3.71
CA VAL G 235 21.59 -21.87 -4.62
C VAL G 235 22.48 -21.69 -5.84
N ILE G 236 21.86 -21.36 -6.97
CA ILE G 236 22.60 -21.11 -8.20
C ILE G 236 22.66 -19.62 -8.49
N ALA G 237 23.87 -19.08 -8.56
CA ALA G 237 24.07 -17.68 -8.92
C ALA G 237 23.97 -17.52 -10.43
N ASP G 238 22.81 -17.04 -10.90
CA ASP G 238 22.54 -16.96 -12.34
C ASP G 238 22.51 -15.54 -12.88
N GLY G 239 23.46 -15.22 -13.76
CA GLY G 239 23.49 -13.94 -14.44
C GLY G 239 24.43 -12.92 -13.84
N GLY G 240 24.92 -12.00 -14.66
CA GLY G 240 25.74 -10.89 -14.19
C GLY G 240 27.23 -11.14 -14.23
N ILE G 241 27.63 -12.40 -14.37
CA ILE G 241 29.04 -12.75 -14.40
C ILE G 241 29.67 -12.43 -15.75
N LYS G 242 30.74 -11.64 -15.73
CA LYS G 242 31.41 -11.21 -16.96
C LYS G 242 32.90 -11.52 -16.92
N TYR G 243 33.43 -11.71 -15.72
CA TYR G 243 34.82 -12.12 -15.53
C TYR G 243 34.87 -13.22 -14.50
N SER G 244 35.94 -14.00 -14.51
CA SER G 244 36.09 -15.12 -13.57
C SER G 244 36.03 -14.66 -12.11
N GLY G 245 36.45 -13.44 -11.84
CA GLY G 245 36.39 -12.87 -10.51
C GLY G 245 34.97 -12.75 -9.98
N ASP G 246 34.04 -12.39 -10.86
CA ASP G 246 32.62 -12.29 -10.49
C ASP G 246 32.09 -13.61 -9.97
N MET G 247 32.52 -14.70 -10.61
CA MET G 247 32.12 -16.05 -10.20
C MET G 247 32.62 -16.37 -8.80
N VAL G 248 33.88 -16.04 -8.54
CA VAL G 248 34.48 -16.30 -7.23
C VAL G 248 33.74 -15.53 -6.14
N LYS G 249 33.31 -14.32 -6.47
CA LYS G 249 32.54 -13.49 -5.53
C LYS G 249 31.18 -14.11 -5.25
N ALA G 250 30.52 -14.58 -6.30
CA ALA G 250 29.19 -15.19 -6.19
C ALA G 250 29.23 -16.44 -5.31
N LEU G 251 30.24 -17.27 -5.52
CA LEU G 251 30.40 -18.48 -4.72
C LEU G 251 30.73 -18.13 -3.27
N ALA G 252 31.49 -17.05 -3.08
CA ALA G 252 31.84 -16.59 -1.74
C ALA G 252 30.65 -15.90 -1.08
N ALA G 253 29.72 -15.41 -1.91
CA ALA G 253 28.51 -14.77 -1.41
C ALA G 253 27.53 -15.79 -0.86
N GLY G 254 27.72 -17.06 -1.23
CA GLY G 254 26.90 -18.12 -0.70
C GLY G 254 26.41 -19.12 -1.72
N ALA G 255 26.79 -18.92 -2.99
CA ALA G 255 26.35 -19.81 -4.06
C ALA G 255 27.13 -21.11 -4.08
N HIS G 256 26.45 -22.19 -4.47
CA HIS G 256 27.10 -23.48 -4.68
C HIS G 256 27.71 -23.55 -6.08
N VAL G 257 26.90 -23.18 -7.08
CA VAL G 257 27.35 -23.12 -8.47
C VAL G 257 26.85 -21.85 -9.11
N VAL G 258 27.44 -21.47 -10.23
CA VAL G 258 26.97 -20.30 -10.97
C VAL G 258 26.49 -20.70 -12.36
N MET G 259 25.56 -19.92 -12.90
CA MET G 259 25.05 -20.17 -14.24
C MET G 259 25.48 -19.05 -15.18
N LEU G 260 26.14 -19.43 -16.27
CA LEU G 260 26.70 -18.45 -17.20
C LEU G 260 25.99 -18.45 -18.54
N GLY G 261 25.85 -17.26 -19.13
CA GLY G 261 25.23 -17.10 -20.42
C GLY G 261 26.18 -16.52 -21.44
N SER G 262 26.50 -15.23 -21.28
CA SER G 262 27.36 -14.53 -22.24
C SER G 262 28.75 -15.15 -22.35
N MET G 263 29.32 -15.55 -21.23
CA MET G 263 30.67 -16.12 -21.20
C MET G 263 30.74 -17.49 -21.89
N PHE G 264 29.59 -18.05 -22.21
CA PHE G 264 29.52 -19.35 -22.86
C PHE G 264 29.03 -19.26 -24.30
N ALA G 265 28.36 -18.16 -24.63
CA ALA G 265 27.71 -18.03 -25.93
C ALA G 265 28.67 -17.86 -27.10
N GLY G 266 29.92 -17.53 -26.80
CA GLY G 266 30.92 -17.35 -27.85
C GLY G 266 31.68 -18.62 -28.13
N VAL G 267 31.31 -19.68 -27.41
CA VAL G 267 32.00 -20.96 -27.50
C VAL G 267 31.55 -21.78 -28.71
N ALA G 268 32.48 -22.53 -29.30
CA ALA G 268 32.22 -23.31 -30.51
C ALA G 268 31.03 -24.27 -30.39
N GLU G 269 30.93 -24.94 -29.25
CA GLU G 269 29.88 -25.93 -29.03
C GLU G 269 28.49 -25.31 -28.83
N SER G 270 28.41 -24.01 -28.62
CA SER G 270 27.12 -23.33 -28.47
C SER G 270 26.40 -23.25 -29.81
N PRO G 271 25.05 -23.20 -29.78
CA PRO G 271 24.25 -23.11 -31.01
C PRO G 271 24.62 -21.92 -31.89
N GLY G 272 24.37 -22.03 -33.19
CA GLY G 272 24.68 -20.98 -34.13
C GLY G 272 26.09 -21.09 -34.68
N GLU G 273 26.32 -20.48 -35.84
CA GLU G 273 27.64 -20.50 -36.46
C GLU G 273 28.28 -19.12 -36.38
N THR G 274 29.60 -19.06 -36.53
CA THR G 274 30.32 -17.79 -36.42
C THR G 274 30.05 -16.88 -37.61
N GLU G 275 30.16 -15.57 -37.39
CA GLU G 275 30.00 -14.61 -38.46
C GLU G 275 31.02 -13.49 -38.26
N ILE G 276 31.37 -12.79 -39.33
CA ILE G 276 32.45 -11.80 -39.24
C ILE G 276 31.95 -10.39 -38.93
N TYR G 277 32.47 -9.81 -37.85
CA TYR G 277 32.38 -8.36 -37.70
C TYR G 277 33.64 -7.75 -37.09
N GLN G 278 34.01 -6.59 -37.64
CA GLN G 278 35.24 -5.93 -37.26
C GLN G 278 36.43 -6.85 -37.55
N GLY G 279 36.31 -7.64 -38.62
CA GLY G 279 37.37 -8.56 -39.01
C GLY G 279 37.59 -9.69 -38.02
N ARG G 280 36.64 -9.87 -37.11
CA ARG G 280 36.74 -10.89 -36.09
C ARG G 280 35.45 -11.70 -36.06
N GLN G 281 35.55 -12.95 -35.66
CA GLN G 281 34.40 -13.86 -35.62
C GLN G 281 33.52 -13.63 -34.39
N PHE G 282 32.22 -13.52 -34.61
CA PHE G 282 31.24 -13.33 -33.54
C PHE G 282 30.17 -14.42 -33.60
N LYS G 283 29.55 -14.68 -32.45
CA LYS G 283 28.40 -15.59 -32.41
C LYS G 283 27.19 -14.92 -31.80
N VAL G 284 26.01 -15.22 -32.34
CA VAL G 284 24.75 -14.64 -31.89
C VAL G 284 24.43 -15.01 -30.44
N TYR G 285 24.04 -14.01 -29.66
CA TYR G 285 23.59 -14.21 -28.29
C TYR G 285 22.45 -13.26 -27.98
N ARG G 286 21.36 -13.79 -27.44
CA ARG G 286 20.15 -12.99 -27.24
C ARG G 286 19.38 -13.44 -26.01
N GLY G 287 18.62 -12.53 -25.44
CA GLY G 287 17.77 -12.87 -24.31
C GLY G 287 16.63 -13.74 -24.75
N MET G 288 16.13 -14.57 -23.84
CA MET G 288 14.96 -15.39 -24.12
C MET G 288 13.69 -14.53 -24.10
N GLY G 289 13.79 -13.37 -23.46
CA GLY G 289 12.69 -12.41 -23.43
C GLY G 289 12.80 -11.37 -24.53
N SER G 290 13.75 -11.57 -25.44
CA SER G 290 13.89 -10.68 -26.59
C SER G 290 12.89 -11.07 -27.67
N VAL G 291 12.63 -10.14 -28.59
CA VAL G 291 11.62 -10.33 -29.63
C VAL G 291 11.88 -11.58 -30.48
N GLY G 292 13.14 -11.80 -30.84
CA GLY G 292 13.52 -12.94 -31.66
C GLY G 292 13.27 -14.28 -30.99
N ALA G 293 13.58 -14.37 -29.70
CA ALA G 293 13.40 -15.62 -28.97
C ALA G 293 11.95 -15.84 -28.58
N MET G 294 11.24 -14.76 -28.27
CA MET G 294 9.82 -14.85 -27.95
C MET G 294 9.01 -15.30 -29.16
N GLU G 295 9.47 -14.91 -30.34
CA GLU G 295 8.79 -15.27 -31.58
C GLU G 295 9.06 -16.72 -31.96
N LYS G 296 10.22 -17.24 -31.57
CA LYS G 296 10.58 -18.63 -31.85
C LYS G 296 9.85 -19.55 -30.88
N GLY G 297 9.68 -19.09 -29.64
CA GLY G 297 9.01 -19.86 -28.61
C GLY G 297 7.54 -20.05 -28.86
N SER G 298 6.89 -19.05 -29.45
CA SER G 298 5.47 -19.15 -29.79
C SER G 298 5.27 -19.80 -31.15
N LYS G 309 -0.79 -8.97 -25.11
CA LYS G 309 0.55 -9.12 -25.65
C LYS G 309 1.60 -8.65 -24.66
N LEU G 310 2.50 -9.54 -24.26
CA LEU G 310 3.55 -9.19 -23.31
C LEU G 310 4.65 -8.35 -23.95
N VAL G 311 5.35 -7.59 -23.12
CA VAL G 311 6.40 -6.68 -23.56
C VAL G 311 7.76 -7.34 -23.39
N PRO G 312 8.68 -7.12 -24.35
CA PRO G 312 10.01 -7.72 -24.33
C PRO G 312 10.84 -7.30 -23.12
N GLU G 313 11.63 -8.23 -22.60
CA GLU G 313 12.48 -7.95 -21.44
C GLU G 313 13.91 -8.43 -21.70
N GLY G 314 14.35 -8.31 -22.95
CA GLY G 314 15.68 -8.72 -23.35
C GLY G 314 16.07 -8.18 -24.70
N ILE G 315 17.36 -8.17 -25.00
CA ILE G 315 17.84 -7.66 -26.28
C ILE G 315 18.57 -8.72 -27.09
N GLU G 316 18.63 -8.51 -28.40
CA GLU G 316 19.37 -9.41 -29.28
C GLU G 316 20.74 -8.81 -29.60
N GLY G 317 21.77 -9.65 -29.58
CA GLY G 317 23.11 -9.19 -29.84
C GLY G 317 24.08 -10.28 -30.26
N ARG G 318 25.36 -10.05 -30.02
CA ARG G 318 26.40 -11.03 -30.32
C ARG G 318 27.65 -10.81 -29.46
N VAL G 319 28.37 -11.90 -29.18
CA VAL G 319 29.59 -11.85 -28.40
C VAL G 319 30.72 -12.53 -29.19
N PRO G 320 31.98 -12.11 -28.94
CA PRO G 320 33.12 -12.64 -29.69
C PRO G 320 33.26 -14.16 -29.62
N TYR G 321 33.75 -14.77 -30.70
CA TYR G 321 33.98 -16.21 -30.75
C TYR G 321 35.20 -16.60 -29.91
N LYS G 322 35.04 -17.62 -29.07
CA LYS G 322 36.07 -17.96 -28.09
C LYS G 322 36.71 -19.33 -28.30
N GLY G 323 36.32 -20.02 -29.37
CA GLY G 323 36.84 -21.35 -29.63
C GLY G 323 36.17 -22.42 -28.80
N PRO G 324 36.83 -23.58 -28.64
CA PRO G 324 36.25 -24.71 -27.91
C PRO G 324 36.00 -24.39 -26.44
N LEU G 325 35.03 -25.06 -25.84
CA LEU G 325 34.61 -24.80 -24.45
C LEU G 325 35.74 -25.00 -23.44
N ALA G 326 36.58 -26.00 -23.70
CA ALA G 326 37.66 -26.36 -22.78
C ALA G 326 38.54 -25.19 -22.39
N ASP G 327 38.88 -24.35 -23.36
CA ASP G 327 39.73 -23.19 -23.11
C ASP G 327 39.10 -22.22 -22.13
N THR G 328 37.85 -21.86 -22.39
CA THR G 328 37.09 -20.95 -21.52
C THR G 328 36.97 -21.51 -20.10
N VAL G 329 36.60 -22.79 -20.01
CA VAL G 329 36.45 -23.45 -18.72
C VAL G 329 37.76 -23.42 -17.93
N HIS G 330 38.86 -23.61 -18.64
CA HIS G 330 40.17 -23.59 -18.01
C HIS G 330 40.47 -22.24 -17.34
N GLN G 331 40.11 -21.16 -18.02
CA GLN G 331 40.33 -19.81 -17.47
C GLN G 331 39.42 -19.59 -16.27
N LEU G 332 38.16 -19.99 -16.40
CA LEU G 332 37.18 -19.85 -15.33
C LEU G 332 37.61 -20.56 -14.06
N VAL G 333 37.82 -21.86 -14.14
CA VAL G 333 38.28 -22.66 -13.00
C VAL G 333 39.64 -22.17 -12.51
N GLY G 334 40.48 -21.75 -13.45
CA GLY G 334 41.78 -21.20 -13.11
C GLY G 334 41.69 -19.98 -12.21
N GLY G 335 40.77 -19.08 -12.53
CA GLY G 335 40.55 -17.89 -11.72
C GLY G 335 40.04 -18.25 -10.35
N LEU G 336 39.16 -19.25 -10.29
CA LEU G 336 38.61 -19.71 -9.03
C LEU G 336 39.68 -20.27 -8.11
N ARG G 337 40.61 -21.04 -8.69
CA ARG G 337 41.70 -21.64 -7.93
C ARG G 337 42.60 -20.60 -7.28
N ALA G 338 42.89 -19.53 -8.01
CA ALA G 338 43.70 -18.44 -7.49
C ALA G 338 42.96 -17.76 -6.35
N GLY G 339 41.69 -17.41 -6.61
CA GLY G 339 40.86 -16.75 -5.62
C GLY G 339 40.69 -17.56 -4.35
N MET G 340 40.50 -18.87 -4.51
CA MET G 340 40.37 -19.76 -3.36
C MET G 340 41.70 -19.89 -2.64
N GLY G 341 42.79 -19.74 -3.40
CA GLY G 341 44.12 -19.73 -2.81
C GLY G 341 44.29 -18.50 -1.93
N TYR G 342 43.86 -17.35 -2.45
CA TYR G 342 43.97 -16.09 -1.72
C TYR G 342 43.19 -16.09 -0.42
N CYS G 343 42.05 -16.80 -0.40
CA CYS G 343 41.16 -16.78 0.75
C CYS G 343 41.44 -17.91 1.75
N GLY G 344 42.27 -18.87 1.34
CA GLY G 344 42.65 -19.96 2.21
C GLY G 344 41.66 -21.12 2.20
N ALA G 345 40.84 -21.18 1.16
CA ALA G 345 39.81 -22.21 1.06
C ALA G 345 40.30 -23.46 0.34
N GLN G 346 40.32 -24.57 1.07
CA GLN G 346 40.65 -25.87 0.48
C GLN G 346 39.54 -26.31 -0.45
N ASP G 347 38.29 -26.05 -0.06
CA ASP G 347 37.14 -26.41 -0.87
C ASP G 347 36.11 -25.30 -0.83
N LEU G 348 35.04 -25.44 -1.62
CA LEU G 348 34.04 -24.40 -1.77
C LEU G 348 33.24 -24.10 -0.51
N GLU G 349 33.13 -25.07 0.39
CA GLU G 349 32.39 -24.87 1.63
C GLU G 349 33.13 -23.92 2.56
N PHE G 350 34.45 -23.99 2.55
CA PHE G 350 35.24 -23.06 3.36
C PHE G 350 35.04 -21.65 2.83
N LEU G 351 35.15 -21.50 1.52
CA LEU G 351 34.96 -20.21 0.87
C LEU G 351 33.59 -19.65 1.21
N ARG G 352 32.56 -20.48 1.06
CA ARG G 352 31.18 -20.09 1.31
C ARG G 352 30.96 -19.59 2.74
N GLU G 353 31.71 -20.15 3.69
CA GLU G 353 31.47 -19.88 5.09
C GLU G 353 32.44 -18.88 5.72
N ASN G 354 33.60 -18.67 5.10
CA ASN G 354 34.64 -17.84 5.71
C ASN G 354 34.98 -16.55 4.96
N ALA G 355 34.82 -16.57 3.64
CA ALA G 355 35.25 -15.45 2.79
C ALA G 355 34.64 -14.10 3.19
N GLN G 356 35.51 -13.11 3.33
CA GLN G 356 35.09 -11.76 3.70
C GLN G 356 35.27 -10.79 2.54
N PHE G 357 34.31 -9.90 2.36
CA PHE G 357 34.37 -8.89 1.30
C PHE G 357 34.77 -7.53 1.86
N ILE G 358 35.15 -6.62 0.97
CA ILE G 358 35.30 -5.21 1.34
C ILE G 358 34.68 -4.33 0.25
N ARG G 359 33.93 -3.32 0.67
CA ARG G 359 33.21 -2.47 -0.27
C ARG G 359 34.08 -1.36 -0.84
N MET G 360 33.75 -0.92 -2.06
CA MET G 360 34.54 0.10 -2.73
C MET G 360 33.70 0.97 -3.67
N SER G 361 34.23 2.13 -4.01
CA SER G 361 33.56 3.06 -4.91
C SER G 361 33.92 2.76 -6.35
N GLY G 362 33.45 3.62 -7.26
CA GLY G 362 33.80 3.51 -8.67
C GLY G 362 35.29 3.71 -8.86
N ALA G 363 35.89 4.57 -8.05
CA ALA G 363 37.32 4.80 -8.08
C ALA G 363 38.07 3.53 -7.68
N GLY G 364 37.45 2.72 -6.84
CA GLY G 364 38.00 1.42 -6.49
C GLY G 364 37.92 0.47 -7.67
N LEU G 365 36.81 0.54 -8.40
CA LEU G 365 36.62 -0.30 -9.58
C LEU G 365 37.66 0.01 -10.64
N LEU G 366 37.86 1.30 -10.93
CA LEU G 366 38.83 1.72 -11.95
C LEU G 366 40.25 1.27 -11.60
N GLU G 367 40.57 1.28 -10.31
CA GLU G 367 41.89 0.84 -9.86
C GLU G 367 42.03 -0.67 -10.00
N SER G 368 40.92 -1.38 -9.84
CA SER G 368 40.92 -2.84 -9.85
C SER G 368 41.19 -3.40 -11.25
N HIS G 369 40.60 -2.77 -12.25
CA HIS G 369 40.90 -3.11 -13.64
C HIS G 369 42.23 -2.49 -14.03
N PRO G 370 42.82 -2.95 -15.15
CA PRO G 370 44.01 -2.26 -15.66
C PRO G 370 43.68 -0.80 -15.97
N HIS G 371 44.62 0.10 -15.68
CA HIS G 371 44.39 1.53 -15.89
C HIS G 371 45.63 2.25 -16.39
N HIS G 372 45.42 3.34 -17.12
CA HIS G 372 46.49 4.21 -17.59
C HIS G 372 47.56 3.50 -18.43
N VAL G 373 47.17 2.41 -19.07
CA VAL G 373 48.07 1.65 -19.94
C VAL G 373 47.29 1.13 -21.14
N GLN G 374 47.78 1.40 -22.35
CA GLN G 374 47.13 0.87 -23.54
C GLN G 374 47.49 -0.60 -23.74
N ILE G 375 46.46 -1.45 -23.79
CA ILE G 375 46.66 -2.89 -23.93
C ILE G 375 46.97 -3.31 -25.37
N THR G 376 48.09 -4.00 -25.57
CA THR G 376 48.55 -4.35 -26.91
C THR G 376 48.06 -5.72 -27.39
N LYS G 377 47.87 -6.65 -26.46
CA LYS G 377 47.30 -7.96 -26.77
C LYS G 377 46.27 -8.36 -25.73
N GLU G 378 45.20 -8.99 -26.16
CA GLU G 378 44.19 -9.45 -25.21
C GLU G 378 44.65 -10.72 -24.51
N ALA G 379 44.27 -10.84 -23.25
CA ALA G 379 44.63 -11.99 -22.43
C ALA G 379 43.55 -13.05 -22.54
N PRO G 380 43.90 -14.32 -22.24
CA PRO G 380 42.91 -15.40 -22.31
C PRO G 380 41.75 -15.18 -21.35
N ASN G 381 41.99 -14.44 -20.27
CA ASN G 381 40.95 -14.18 -19.29
C ASN G 381 40.53 -12.72 -19.19
N TYR G 382 41.02 -11.88 -20.11
CA TYR G 382 40.68 -10.46 -20.08
C TYR G 382 40.62 -9.83 -21.47
N SER G 383 39.43 -9.41 -21.87
CA SER G 383 39.22 -8.78 -23.18
C SER G 383 38.99 -7.29 -23.03
N ASN H 23 27.78 -18.07 13.74
CA ASN H 23 27.13 -17.38 12.64
C ASN H 23 27.74 -15.99 12.41
N ALA H 24 28.84 -15.73 13.11
CA ALA H 24 29.48 -14.42 13.09
C ALA H 24 30.06 -14.07 11.72
N MET H 25 30.80 -15.00 11.12
CA MET H 25 31.50 -14.73 9.87
C MET H 25 30.57 -14.54 8.69
N TRP H 26 29.37 -15.12 8.78
CA TRP H 26 28.40 -15.00 7.70
C TRP H 26 27.80 -13.61 7.63
N GLU H 27 27.71 -12.95 8.78
CA GLU H 27 27.09 -11.64 8.87
C GLU H 27 28.07 -10.49 8.63
N SER H 28 29.35 -10.75 8.86
CA SER H 28 30.37 -9.71 8.73
C SER H 28 30.94 -9.60 7.32
N LYS H 29 30.31 -10.29 6.37
CA LYS H 29 30.84 -10.37 5.01
C LYS H 29 31.00 -9.02 4.31
N PHE H 30 30.04 -8.12 4.50
CA PHE H 30 30.05 -6.85 3.77
C PHE H 30 30.12 -5.62 4.66
N VAL H 31 30.76 -5.74 5.82
CA VAL H 31 30.81 -4.63 6.77
C VAL H 31 32.00 -3.69 6.56
N LYS H 32 33.12 -4.24 6.11
CA LYS H 32 34.33 -3.47 5.92
C LYS H 32 34.29 -2.72 4.59
N GLU H 33 34.78 -1.48 4.59
CA GLU H 33 34.83 -0.68 3.36
C GLU H 33 36.22 -0.06 3.15
N GLY H 34 36.60 0.11 1.89
CA GLY H 34 37.94 0.57 1.56
C GLY H 34 38.00 1.76 0.63
N LEU H 35 39.10 2.52 0.75
CA LEU H 35 39.28 3.73 -0.04
C LEU H 35 40.53 3.66 -0.92
N THR H 36 40.50 4.37 -2.04
CA THR H 36 41.66 4.44 -2.91
C THR H 36 42.06 5.90 -3.11
N PHE H 37 43.12 6.13 -3.89
CA PHE H 37 43.67 7.47 -4.07
C PHE H 37 42.66 8.48 -4.59
N ASP H 38 41.80 8.06 -5.52
CA ASP H 38 40.83 8.94 -6.16
C ASP H 38 39.56 9.15 -5.32
N ASP H 39 39.59 8.69 -4.08
CA ASP H 39 38.46 8.86 -3.18
C ASP H 39 38.67 10.00 -2.19
N VAL H 40 39.92 10.44 -2.06
CA VAL H 40 40.27 11.38 -1.01
C VAL H 40 41.17 12.51 -1.49
N LEU H 41 41.31 13.52 -0.64
CA LEU H 41 42.26 14.59 -0.84
C LEU H 41 42.95 14.85 0.49
N LEU H 42 44.16 15.40 0.44
CA LEU H 42 44.84 15.82 1.66
C LEU H 42 44.41 17.22 2.06
N VAL H 43 44.08 17.40 3.34
CA VAL H 43 43.63 18.69 3.83
C VAL H 43 44.81 19.62 4.10
N PRO H 44 44.81 20.80 3.47
CA PRO H 44 45.87 21.79 3.68
C PRO H 44 45.90 22.27 5.12
N ALA H 45 47.08 22.23 5.75
CA ALA H 45 47.22 22.59 7.16
C ALA H 45 48.20 23.73 7.36
N LYS H 46 48.27 24.24 8.60
CA LYS H 46 49.21 25.30 8.94
C LYS H 46 50.63 24.86 8.68
N SER H 47 51.48 25.79 8.25
CA SER H 47 52.82 25.46 7.80
C SER H 47 53.73 26.67 7.76
N ASP H 48 54.93 26.54 8.34
CA ASP H 48 55.95 27.57 8.16
C ASP H 48 57.11 27.04 7.35
N VAL H 49 56.87 25.92 6.66
CA VAL H 49 57.91 25.27 5.88
C VAL H 49 57.65 25.38 4.38
N LEU H 50 58.70 25.71 3.63
CA LEU H 50 58.60 25.82 2.17
C LEU H 50 58.93 24.47 1.52
N PRO H 51 58.33 24.21 0.35
CA PRO H 51 58.54 22.97 -0.41
C PRO H 51 60.03 22.65 -0.63
N ARG H 52 60.84 23.66 -0.88
CA ARG H 52 62.27 23.45 -1.11
C ARG H 52 63.04 23.20 0.17
N GLU H 53 62.38 23.38 1.31
CA GLU H 53 63.02 23.22 2.61
C GLU H 53 62.76 21.85 3.24
N VAL H 54 61.73 21.15 2.77
CA VAL H 54 61.34 19.87 3.37
C VAL H 54 62.38 18.78 3.12
N SER H 55 62.42 17.81 4.02
CA SER H 55 63.31 16.65 3.88
C SER H 55 62.52 15.45 3.38
N VAL H 56 62.91 14.93 2.22
CA VAL H 56 62.22 13.80 1.62
C VAL H 56 62.98 12.50 1.86
N LYS H 57 63.97 12.52 2.75
CA LYS H 57 64.74 11.33 3.06
C LYS H 57 63.94 10.35 3.89
N THR H 58 64.19 9.06 3.69
CA THR H 58 63.51 8.01 4.45
C THR H 58 64.53 7.00 4.94
N VAL H 59 64.17 6.26 5.98
CA VAL H 59 65.01 5.18 6.49
C VAL H 59 64.20 3.89 6.61
N LEU H 60 64.57 2.88 5.81
CA LEU H 60 63.91 1.58 5.86
C LEU H 60 64.67 0.64 6.78
N SER H 61 65.96 0.92 6.93
CA SER H 61 66.84 0.09 7.74
C SER H 61 68.10 0.91 7.97
N GLU H 62 68.93 0.51 8.93
CA GLU H 62 70.16 1.24 9.19
C GLU H 62 71.20 0.95 8.12
N SER H 63 70.96 -0.10 7.33
CA SER H 63 71.82 -0.44 6.21
C SER H 63 71.16 -0.01 4.90
N LEU H 64 69.90 0.40 4.99
CA LEU H 64 69.14 0.79 3.80
C LEU H 64 68.46 2.16 3.97
N GLN H 65 69.14 3.21 3.53
CA GLN H 65 68.61 4.56 3.60
C GLN H 65 68.47 5.18 2.22
N LEU H 66 67.34 5.85 1.99
CA LEU H 66 67.07 6.45 0.69
C LEU H 66 66.85 7.96 0.81
N ASN H 67 67.44 8.72 -0.11
CA ASN H 67 67.24 10.17 -0.14
C ASN H 67 65.88 10.56 -0.69
N ILE H 68 65.35 9.75 -1.60
CA ILE H 68 64.00 9.94 -2.10
C ILE H 68 63.19 8.65 -1.90
N PRO H 69 61.92 8.77 -1.53
CA PRO H 69 61.09 7.61 -1.23
C PRO H 69 60.53 6.94 -2.48
N LEU H 70 61.40 6.64 -3.45
CA LEU H 70 60.97 5.98 -4.67
C LEU H 70 61.70 4.65 -4.86
N ILE H 71 60.96 3.62 -5.24
CA ILE H 71 61.55 2.34 -5.59
C ILE H 71 60.99 1.86 -6.93
N SER H 72 61.87 1.48 -7.84
CA SER H 72 61.44 0.96 -9.13
C SER H 72 61.04 -0.51 -9.01
N ALA H 73 59.93 -0.87 -9.63
CA ALA H 73 59.38 -2.22 -9.54
C ALA H 73 60.31 -3.29 -10.11
N GLY H 74 60.36 -4.43 -9.44
CA GLY H 74 61.13 -5.56 -9.91
C GLY H 74 60.40 -6.31 -11.00
N MET H 75 60.26 -5.67 -12.16
CA MET H 75 59.57 -6.28 -13.31
C MET H 75 60.51 -6.30 -14.52
N ASP H 76 60.33 -7.25 -15.42
CA ASP H 76 61.24 -7.38 -16.56
C ASP H 76 61.12 -6.25 -17.59
N THR H 77 60.10 -5.40 -17.42
CA THR H 77 59.96 -4.24 -18.28
C THR H 77 60.14 -2.94 -17.51
N VAL H 78 60.73 -3.03 -16.32
CA VAL H 78 60.93 -1.85 -15.50
C VAL H 78 62.37 -1.68 -15.01
N THR H 79 62.90 -2.70 -14.35
CA THR H 79 64.20 -2.54 -13.71
C THR H 79 65.24 -3.61 -14.00
N GLU H 80 66.32 -3.18 -14.66
CA GLU H 80 67.53 -3.98 -14.71
C GLU H 80 68.68 -3.11 -14.25
N ALA H 81 69.91 -3.49 -14.62
CA ALA H 81 71.08 -2.80 -14.13
C ALA H 81 71.07 -1.30 -14.42
N ASP H 82 70.77 -0.93 -15.66
CA ASP H 82 70.76 0.48 -16.04
C ASP H 82 69.74 1.29 -15.25
N MET H 83 68.55 0.73 -15.07
CA MET H 83 67.51 1.39 -14.28
C MET H 83 67.89 1.45 -12.80
N ALA H 84 68.39 0.34 -12.27
CA ALA H 84 68.79 0.26 -10.87
C ALA H 84 69.90 1.25 -10.54
N ILE H 85 70.76 1.51 -11.52
CA ILE H 85 71.86 2.46 -11.33
C ILE H 85 71.35 3.90 -11.31
N ALA H 86 70.46 4.23 -12.23
CA ALA H 86 69.89 5.57 -12.31
C ALA H 86 69.04 5.92 -11.08
N MET H 87 68.23 4.96 -10.63
CA MET H 87 67.42 5.14 -9.42
C MET H 87 68.30 5.46 -8.22
N ALA H 88 69.38 4.70 -8.07
CA ALA H 88 70.30 4.89 -6.95
C ALA H 88 70.99 6.25 -7.01
N ARG H 89 71.33 6.68 -8.22
CA ARG H 89 71.98 7.98 -8.39
C ARG H 89 71.03 9.14 -8.07
N GLN H 90 69.75 8.96 -8.39
CA GLN H 90 68.73 9.96 -8.07
C GLN H 90 68.40 9.96 -6.58
N GLY H 91 68.86 8.93 -5.87
CA GLY H 91 68.66 8.83 -4.44
C GLY H 91 67.64 7.77 -4.06
N GLY H 92 67.27 6.94 -5.03
CA GLY H 92 66.26 5.92 -4.82
C GLY H 92 66.84 4.51 -4.78
N LEU H 93 66.06 3.55 -5.25
CA LEU H 93 66.43 2.14 -5.18
C LEU H 93 65.78 1.34 -6.30
N GLY H 94 66.58 0.49 -6.94
CA GLY H 94 66.08 -0.40 -7.97
C GLY H 94 66.08 -1.85 -7.53
N ILE H 95 65.06 -2.59 -7.95
CA ILE H 95 64.98 -4.02 -7.67
C ILE H 95 65.11 -4.80 -8.98
N ILE H 96 66.20 -5.56 -9.12
CA ILE H 96 66.39 -6.39 -10.31
C ILE H 96 65.36 -7.51 -10.32
N HIS H 97 64.67 -7.67 -11.45
CA HIS H 97 63.61 -8.68 -11.58
C HIS H 97 64.16 -10.10 -11.55
N LYS H 98 63.28 -11.07 -11.36
CA LYS H 98 63.69 -12.46 -11.21
C LYS H 98 63.54 -13.29 -12.48
N ASN H 99 63.06 -12.67 -13.55
CA ASN H 99 62.90 -13.38 -14.83
C ASN H 99 64.20 -13.50 -15.63
N MET H 100 65.22 -14.04 -14.97
CA MET H 100 66.52 -14.28 -15.58
C MET H 100 67.25 -15.32 -14.74
N SER H 101 68.33 -15.88 -15.27
CA SER H 101 69.09 -16.90 -14.55
C SER H 101 69.69 -16.37 -13.25
N ILE H 102 70.18 -17.27 -12.41
CA ILE H 102 70.81 -16.90 -11.15
C ILE H 102 72.13 -16.18 -11.39
N GLU H 103 72.88 -16.68 -12.37
N GLU H 103 72.89 -16.68 -12.37
CA GLU H 103 74.17 -16.09 -12.73
CA GLU H 103 74.17 -16.08 -12.74
C GLU H 103 73.99 -14.69 -13.34
C GLU H 103 73.97 -14.68 -13.30
N GLN H 104 72.95 -14.53 -14.14
CA GLN H 104 72.67 -13.25 -14.78
C GLN H 104 72.24 -12.21 -13.75
N GLN H 105 71.43 -12.61 -12.78
CA GLN H 105 70.93 -11.69 -11.77
C GLN H 105 72.03 -11.26 -10.80
N ALA H 106 72.82 -12.22 -10.34
CA ALA H 106 73.95 -11.92 -9.48
C ALA H 106 74.92 -10.99 -10.20
N GLU H 107 75.04 -11.18 -11.52
CA GLU H 107 75.89 -10.33 -12.34
C GLU H 107 75.39 -8.89 -12.37
N GLN H 108 74.09 -8.72 -12.56
CA GLN H 108 73.51 -7.38 -12.63
C GLN H 108 73.56 -6.66 -11.29
N VAL H 109 73.34 -7.40 -10.21
CA VAL H 109 73.46 -6.86 -8.87
C VAL H 109 74.88 -6.37 -8.61
N ASP H 110 75.85 -7.16 -9.06
CA ASP H 110 77.26 -6.80 -8.93
C ASP H 110 77.57 -5.57 -9.76
N LYS H 111 77.00 -5.52 -10.96
CA LYS H 111 77.23 -4.41 -11.89
C LYS H 111 76.78 -3.08 -11.30
N VAL H 112 75.68 -3.11 -10.56
CA VAL H 112 75.19 -1.92 -9.88
C VAL H 112 76.14 -1.53 -8.76
N LYS H 113 76.66 -2.52 -8.06
CA LYS H 113 77.62 -2.28 -6.98
C LYS H 113 78.94 -1.74 -7.51
N ARG H 114 79.37 -2.23 -8.67
CA ARG H 114 80.61 -1.78 -9.30
C ARG H 114 80.56 -0.27 -9.49
N SER H 115 79.40 0.20 -9.91
CA SER H 115 79.23 1.58 -10.35
C SER H 115 79.07 2.58 -9.21
N GLY H 116 80.05 2.61 -8.31
CA GLY H 116 80.11 3.63 -7.28
C GLY H 116 79.52 3.27 -5.93
N GLY H 117 79.38 1.98 -5.66
CA GLY H 117 78.83 1.54 -4.38
C GLY H 117 77.41 2.00 -4.14
N LEU H 118 76.57 1.81 -5.15
CA LEU H 118 75.16 2.18 -5.09
C LEU H 118 74.34 1.07 -4.42
N LEU H 119 73.20 1.44 -3.86
CA LEU H 119 72.27 0.47 -3.27
C LEU H 119 71.45 -0.22 -4.36
N VAL H 120 71.30 -1.54 -4.24
CA VAL H 120 70.51 -2.29 -5.21
C VAL H 120 69.69 -3.40 -4.51
N GLY H 121 68.57 -3.78 -5.12
CA GLY H 121 67.76 -4.86 -4.61
C GLY H 121 67.52 -5.93 -5.64
N ALA H 122 67.09 -7.11 -5.21
CA ALA H 122 66.82 -8.21 -6.12
C ALA H 122 65.58 -8.99 -5.71
N ALA H 123 64.77 -9.37 -6.71
CA ALA H 123 63.54 -10.10 -6.45
C ALA H 123 63.79 -11.60 -6.38
N VAL H 124 63.19 -12.26 -5.40
CA VAL H 124 63.30 -13.71 -5.25
C VAL H 124 61.92 -14.33 -5.05
N GLY H 125 61.60 -15.33 -5.87
CA GLY H 125 60.33 -16.02 -5.74
C GLY H 125 60.40 -17.13 -4.71
N VAL H 126 59.24 -17.51 -4.18
CA VAL H 126 59.18 -18.63 -3.25
C VAL H 126 59.22 -19.95 -4.01
N THR H 127 60.44 -20.45 -4.22
CA THR H 127 60.64 -21.68 -4.98
C THR H 127 61.60 -22.60 -4.24
N ALA H 128 62.06 -23.65 -4.92
CA ALA H 128 63.01 -24.59 -4.34
C ALA H 128 64.43 -24.01 -4.39
N ASP H 129 64.76 -23.39 -5.52
CA ASP H 129 66.09 -22.80 -5.71
C ASP H 129 66.11 -21.36 -5.22
N ALA H 130 65.18 -21.01 -4.34
CA ALA H 130 65.09 -19.67 -3.79
C ALA H 130 66.35 -19.34 -2.97
N MET H 131 66.76 -20.28 -2.12
CA MET H 131 67.93 -20.07 -1.29
C MET H 131 69.20 -20.06 -2.16
N THR H 132 69.17 -20.85 -3.23
CA THR H 132 70.28 -20.91 -4.17
C THR H 132 70.48 -19.55 -4.83
N ARG H 133 69.38 -18.96 -5.31
CA ARG H 133 69.42 -17.65 -5.94
C ARG H 133 69.89 -16.58 -4.96
N ILE H 134 69.46 -16.69 -3.72
CA ILE H 134 69.81 -15.71 -2.69
C ILE H 134 71.31 -15.71 -2.37
N ASP H 135 71.89 -16.90 -2.27
CA ASP H 135 73.32 -17.04 -1.99
C ASP H 135 74.17 -16.25 -2.97
N ALA H 136 73.85 -16.34 -4.25
CA ALA H 136 74.57 -15.62 -5.29
C ALA H 136 74.35 -14.12 -5.16
N LEU H 137 73.15 -13.73 -4.73
CA LEU H 137 72.82 -12.32 -4.54
C LEU H 137 73.61 -11.75 -3.35
N VAL H 138 73.76 -12.56 -2.31
CA VAL H 138 74.53 -12.16 -1.14
C VAL H 138 76.01 -11.99 -1.49
N LYS H 139 76.54 -12.91 -2.28
CA LYS H 139 77.93 -12.84 -2.71
C LYS H 139 78.18 -11.62 -3.60
N ALA H 140 77.14 -11.16 -4.28
CA ALA H 140 77.25 -9.97 -5.13
C ALA H 140 77.02 -8.70 -4.31
N SER H 141 76.90 -8.87 -3.00
CA SER H 141 76.72 -7.77 -2.05
C SER H 141 75.42 -7.00 -2.26
N VAL H 142 74.33 -7.72 -2.49
CA VAL H 142 73.02 -7.08 -2.58
C VAL H 142 72.65 -6.50 -1.21
N ASP H 143 71.98 -5.36 -1.21
CA ASP H 143 71.61 -4.70 0.05
C ASP H 143 70.29 -5.22 0.59
N ALA H 144 69.38 -5.59 -0.31
CA ALA H 144 68.08 -6.11 0.08
C ALA H 144 67.50 -7.06 -0.95
N ILE H 145 66.97 -8.19 -0.48
CA ILE H 145 66.23 -9.09 -1.36
C ILE H 145 64.73 -8.84 -1.19
N VAL H 146 63.99 -9.03 -2.27
CA VAL H 146 62.53 -8.86 -2.23
C VAL H 146 61.85 -10.20 -2.47
N LEU H 147 61.38 -10.82 -1.39
CA LEU H 147 60.61 -12.06 -1.52
C LEU H 147 59.22 -11.73 -2.04
N ASP H 148 59.10 -11.71 -3.36
CA ASP H 148 57.90 -11.22 -4.04
C ASP H 148 56.99 -12.37 -4.49
N THR H 149 55.78 -12.39 -3.92
CA THR H 149 54.79 -13.40 -4.26
C THR H 149 53.45 -12.73 -4.53
N ALA H 150 52.50 -13.47 -5.09
CA ALA H 150 51.18 -12.94 -5.37
C ALA H 150 50.34 -12.88 -4.11
N HIS H 151 50.75 -13.62 -3.09
CA HIS H 151 50.02 -13.69 -1.83
C HIS H 151 50.98 -13.83 -0.66
N GLY H 152 51.32 -12.70 -0.05
CA GLY H 152 52.28 -12.69 1.05
C GLY H 152 51.77 -13.28 2.34
N HIS H 153 50.50 -13.68 2.36
CA HIS H 153 49.91 -14.28 3.55
C HIS H 153 49.84 -15.79 3.40
N SER H 154 50.74 -16.34 2.60
CA SER H 154 50.79 -17.78 2.36
C SER H 154 51.85 -18.43 3.23
N GLN H 155 51.58 -19.66 3.67
CA GLN H 155 52.50 -20.40 4.53
C GLN H 155 53.88 -20.55 3.92
N GLY H 156 53.93 -20.77 2.61
CA GLY H 156 55.19 -20.87 1.90
C GLY H 156 56.03 -19.61 2.07
N VAL H 157 55.37 -18.46 1.92
CA VAL H 157 56.04 -17.17 2.06
C VAL H 157 56.53 -16.97 3.49
N ILE H 158 55.67 -17.25 4.46
CA ILE H 158 56.03 -17.15 5.88
C ILE H 158 57.23 -18.06 6.16
N ASP H 159 57.14 -19.30 5.70
CA ASP H 159 58.19 -20.28 5.91
C ASP H 159 59.48 -19.90 5.19
N LYS H 160 59.37 -19.42 3.96
CA LYS H 160 60.55 -19.02 3.20
C LYS H 160 61.28 -17.87 3.88
N VAL H 161 60.51 -16.90 4.39
CA VAL H 161 61.09 -15.73 5.06
C VAL H 161 61.93 -16.14 6.27
N LYS H 162 61.33 -16.86 7.21
CA LYS H 162 62.04 -17.27 8.42
C LYS H 162 63.20 -18.21 8.09
N GLU H 163 63.06 -18.96 7.00
CA GLU H 163 64.13 -19.82 6.50
C GLU H 163 65.31 -18.99 6.04
N VAL H 164 65.03 -17.92 5.30
CA VAL H 164 66.07 -17.01 4.84
C VAL H 164 66.65 -16.21 6.01
N ARG H 165 65.78 -15.75 6.90
CA ARG H 165 66.18 -14.98 8.06
C ARG H 165 67.14 -15.77 8.96
N ALA H 166 66.87 -17.06 9.11
CA ALA H 166 67.70 -17.92 9.95
C ALA H 166 69.12 -18.03 9.43
N LYS H 167 69.27 -17.99 8.12
CA LYS H 167 70.59 -18.13 7.49
C LYS H 167 71.29 -16.78 7.35
N TYR H 168 70.51 -15.71 7.15
CA TYR H 168 71.06 -14.38 7.03
C TYR H 168 70.37 -13.40 7.97
N PRO H 169 70.81 -13.37 9.23
CA PRO H 169 70.20 -12.52 10.26
C PRO H 169 70.35 -11.03 9.97
N SER H 170 71.40 -10.65 9.24
CA SER H 170 71.68 -9.23 8.99
C SER H 170 71.33 -8.80 7.57
N LEU H 171 70.50 -9.58 6.89
CA LEU H 171 70.11 -9.25 5.53
C LEU H 171 68.75 -8.57 5.48
N ASN H 172 68.66 -7.49 4.72
CA ASN H 172 67.39 -6.78 4.55
C ASN H 172 66.39 -7.59 3.72
N ILE H 173 65.34 -8.07 4.38
CA ILE H 173 64.33 -8.89 3.71
C ILE H 173 63.01 -8.15 3.52
N ILE H 174 62.68 -7.87 2.26
CA ILE H 174 61.43 -7.19 1.93
C ILE H 174 60.39 -8.20 1.46
N ALA H 175 59.39 -8.45 2.31
CA ALA H 175 58.37 -9.45 2.02
C ALA H 175 57.04 -8.82 1.59
N GLY H 176 56.32 -9.52 0.71
CA GLY H 176 55.05 -9.05 0.19
C GLY H 176 54.63 -9.96 -0.96
N ASN H 177 53.47 -9.68 -1.54
CA ASN H 177 52.61 -8.58 -1.14
C ASN H 177 51.46 -8.97 -0.22
N VAL H 178 51.06 -8.04 0.63
CA VAL H 178 49.96 -8.24 1.55
C VAL H 178 49.01 -7.04 1.51
N ALA H 179 47.86 -7.18 2.14
CA ALA H 179 46.84 -6.14 2.09
C ALA H 179 46.08 -6.03 3.41
N THR H 180 46.46 -6.84 4.39
CA THR H 180 45.80 -6.82 5.69
C THR H 180 46.81 -6.69 6.83
N ALA H 181 46.32 -6.25 7.99
CA ALA H 181 47.15 -6.14 9.18
C ALA H 181 47.62 -7.50 9.69
N GLU H 182 46.72 -8.48 9.63
CA GLU H 182 47.02 -9.83 10.12
C GLU H 182 48.16 -10.45 9.31
N ALA H 183 48.23 -10.10 8.03
CA ALA H 183 49.28 -10.59 7.15
C ALA H 183 50.60 -9.86 7.42
N THR H 184 50.48 -8.57 7.70
CA THR H 184 51.66 -7.73 7.97
C THR H 184 52.39 -8.23 9.21
N LYS H 185 51.62 -8.60 10.23
CA LYS H 185 52.18 -9.13 11.46
C LYS H 185 52.87 -10.47 11.21
N ALA H 186 52.26 -11.27 10.35
CA ALA H 186 52.77 -12.61 10.03
C ALA H 186 54.15 -12.55 9.40
N LEU H 187 54.37 -11.56 8.54
CA LEU H 187 55.65 -11.40 7.86
C LEU H 187 56.71 -10.78 8.77
N ILE H 188 56.28 -9.85 9.61
CA ILE H 188 57.18 -9.23 10.58
C ILE H 188 57.67 -10.28 11.58
N GLU H 189 56.77 -11.14 12.02
CA GLU H 189 57.11 -12.21 12.94
C GLU H 189 58.00 -13.25 12.27
N ALA H 190 57.79 -13.48 10.98
CA ALA H 190 58.59 -14.44 10.24
C ALA H 190 60.04 -13.98 10.15
N GLY H 191 60.24 -12.67 10.07
CA GLY H 191 61.59 -12.11 10.08
C GLY H 191 61.78 -10.92 9.15
N ALA H 192 60.74 -10.59 8.39
CA ALA H 192 60.82 -9.49 7.44
C ALA H 192 60.90 -8.15 8.15
N ASN H 193 61.87 -7.33 7.76
CA ASN H 193 62.03 -6.00 8.35
C ASN H 193 61.39 -4.90 7.52
N VAL H 194 60.89 -5.27 6.34
CA VAL H 194 60.14 -4.37 5.48
C VAL H 194 58.96 -5.12 4.84
N VAL H 195 57.78 -4.52 4.90
CA VAL H 195 56.58 -5.16 4.36
C VAL H 195 56.06 -4.41 3.14
N LYS H 196 55.80 -5.14 2.07
CA LYS H 196 55.35 -4.52 0.83
C LYS H 196 53.86 -4.75 0.64
N VAL H 197 53.13 -3.66 0.42
CA VAL H 197 51.67 -3.72 0.38
C VAL H 197 51.13 -3.49 -1.02
N GLY H 198 50.16 -4.30 -1.42
CA GLY H 198 49.47 -4.10 -2.68
C GLY H 198 48.97 -5.40 -3.29
N ILE H 199 47.69 -5.67 -3.11
CA ILE H 199 47.05 -6.78 -3.81
C ILE H 199 46.06 -6.25 -4.84
N GLY H 200 46.51 -6.13 -6.09
CA GLY H 200 45.65 -5.71 -7.18
C GLY H 200 45.50 -4.26 -7.60
N PRO H 201 46.28 -3.31 -7.04
CA PRO H 201 46.10 -1.94 -7.52
C PRO H 201 46.84 -1.67 -8.82
N GLY H 202 47.79 -2.54 -9.16
CA GLY H 202 48.66 -2.36 -10.32
C GLY H 202 47.98 -2.02 -11.63
N SER H 203 48.61 -1.13 -12.38
CA SER H 203 48.06 -0.64 -13.64
C SER H 203 48.03 -1.73 -14.72
N ILE H 204 48.92 -2.70 -14.62
CA ILE H 204 48.92 -3.84 -15.55
C ILE H 204 48.32 -5.10 -14.91
N CYS H 205 47.67 -4.92 -13.76
CA CYS H 205 47.17 -6.04 -12.98
C CYS H 205 45.69 -6.38 -13.24
N THR H 206 45.36 -7.66 -13.17
CA THR H 206 43.99 -8.11 -13.36
C THR H 206 43.55 -9.06 -12.24
N THR H 207 44.35 -9.16 -11.20
CA THR H 207 44.09 -10.05 -10.07
C THR H 207 42.70 -9.89 -9.47
N ARG H 208 42.30 -8.64 -9.24
CA ARG H 208 40.98 -8.35 -8.69
C ARG H 208 39.87 -8.66 -9.70
N VAL H 209 40.25 -8.82 -10.96
CA VAL H 209 39.27 -9.07 -12.01
C VAL H 209 39.13 -10.57 -12.29
N VAL H 210 40.25 -11.29 -12.26
CA VAL H 210 40.23 -12.71 -12.60
C VAL H 210 40.09 -13.62 -11.37
N ALA H 211 40.54 -13.14 -10.21
CA ALA H 211 40.42 -13.90 -8.98
C ALA H 211 39.46 -13.22 -7.99
N GLY H 212 39.17 -11.95 -8.24
CA GLY H 212 38.21 -11.20 -7.43
C GLY H 212 38.72 -10.77 -6.07
N VAL H 213 40.03 -10.86 -5.86
CA VAL H 213 40.62 -10.61 -4.55
C VAL H 213 41.46 -9.33 -4.52
N GLY H 214 41.28 -8.54 -3.47
CA GLY H 214 42.07 -7.36 -3.27
C GLY H 214 41.52 -6.43 -2.20
N VAL H 215 42.28 -5.40 -1.88
CA VAL H 215 41.83 -4.34 -0.99
C VAL H 215 42.18 -3.02 -1.67
N PRO H 216 41.25 -2.05 -1.67
CA PRO H 216 41.56 -0.70 -2.19
C PRO H 216 42.86 -0.19 -1.58
N GLN H 217 43.79 0.22 -2.44
CA GLN H 217 45.19 0.40 -2.07
C GLN H 217 45.47 1.37 -0.91
N LEU H 218 44.74 2.48 -0.86
CA LEU H 218 44.95 3.45 0.22
C LEU H 218 44.54 2.89 1.58
N THR H 219 43.41 2.17 1.62
CA THR H 219 42.96 1.53 2.84
C THR H 219 43.93 0.42 3.25
N ALA H 220 44.39 -0.36 2.27
CA ALA H 220 45.34 -1.43 2.52
C ALA H 220 46.63 -0.89 3.12
N VAL H 221 47.13 0.20 2.54
CA VAL H 221 48.32 0.85 3.08
C VAL H 221 48.07 1.33 4.51
N TYR H 222 46.93 1.97 4.74
CA TYR H 222 46.58 2.44 6.07
C TYR H 222 46.44 1.28 7.06
N ASP H 223 45.79 0.20 6.63
CA ASP H 223 45.62 -0.99 7.47
C ASP H 223 46.95 -1.64 7.82
N CYS H 224 47.80 -1.83 6.82
CA CYS H 224 49.10 -2.47 7.04
C CYS H 224 50.10 -1.59 7.78
N ALA H 225 49.98 -0.27 7.61
CA ALA H 225 50.85 0.66 8.31
C ALA H 225 50.51 0.71 9.79
N THR H 226 49.22 0.66 10.09
CA THR H 226 48.74 0.66 11.48
C THR H 226 49.38 -0.49 12.27
N GLU H 227 49.48 -1.65 11.62
CA GLU H 227 50.03 -2.83 12.28
C GLU H 227 51.54 -2.78 12.37
N ALA H 228 52.20 -2.44 11.26
CA ALA H 228 53.66 -2.38 11.20
C ALA H 228 54.23 -1.26 12.09
N ARG H 229 53.43 -0.23 12.33
CA ARG H 229 53.81 0.86 13.22
C ARG H 229 54.12 0.35 14.62
N LYS H 230 53.34 -0.63 15.07
CA LYS H 230 53.50 -1.21 16.40
C LYS H 230 54.79 -2.02 16.52
N HIS H 231 55.46 -2.27 15.40
CA HIS H 231 56.69 -3.05 15.39
C HIS H 231 57.89 -2.21 14.95
N GLY H 232 57.64 -0.95 14.63
CA GLY H 232 58.70 -0.08 14.14
C GLY H 232 59.18 -0.51 12.77
N ILE H 233 58.26 -1.09 12.00
CA ILE H 233 58.56 -1.62 10.68
C ILE H 233 57.93 -0.73 9.60
N PRO H 234 58.73 -0.40 8.57
CA PRO H 234 58.24 0.43 7.46
C PRO H 234 57.46 -0.40 6.45
N VAL H 235 56.63 0.25 5.64
CA VAL H 235 55.92 -0.44 4.57
C VAL H 235 56.08 0.26 3.23
N ILE H 236 55.95 -0.52 2.16
CA ILE H 236 56.09 0.00 0.82
C ILE H 236 54.73 0.05 0.13
N ALA H 237 54.33 1.25 -0.29
CA ALA H 237 53.11 1.41 -1.06
C ALA H 237 53.39 1.01 -2.51
N ASP H 238 53.02 -0.22 -2.84
CA ASP H 238 53.36 -0.80 -4.13
C ASP H 238 52.16 -0.88 -5.08
N GLY H 239 52.15 -0.02 -6.09
CA GLY H 239 51.18 -0.10 -7.17
C GLY H 239 50.03 0.87 -7.10
N GLY H 240 49.47 1.20 -8.28
CA GLY H 240 48.26 1.99 -8.37
C GLY H 240 48.49 3.49 -8.36
N ILE H 241 49.76 3.89 -8.30
CA ILE H 241 50.11 5.30 -8.29
C ILE H 241 50.21 5.84 -9.71
N LYS H 242 49.23 6.65 -10.11
CA LYS H 242 49.13 7.16 -11.46
C LYS H 242 49.71 8.56 -11.60
N TYR H 243 49.56 9.36 -10.53
CA TYR H 243 50.10 10.71 -10.52
C TYR H 243 50.96 10.91 -9.27
N SER H 244 51.69 12.02 -9.22
CA SER H 244 52.55 12.30 -8.08
C SER H 244 51.74 12.54 -6.82
N GLY H 245 50.50 13.00 -6.99
CA GLY H 245 49.60 13.23 -5.88
C GLY H 245 49.25 11.96 -5.13
N ASP H 246 49.08 10.86 -5.88
CA ASP H 246 48.81 9.56 -5.28
C ASP H 246 49.98 9.11 -4.41
N MET H 247 51.18 9.48 -4.84
CA MET H 247 52.39 9.13 -4.10
C MET H 247 52.41 9.83 -2.74
N VAL H 248 51.94 11.07 -2.70
CA VAL H 248 51.89 11.83 -1.46
C VAL H 248 50.81 11.27 -0.53
N LYS H 249 49.65 10.95 -1.09
CA LYS H 249 48.57 10.33 -0.32
C LYS H 249 49.02 9.00 0.28
N ALA H 250 49.84 8.27 -0.48
CA ALA H 250 50.34 6.97 -0.03
C ALA H 250 51.27 7.12 1.17
N LEU H 251 52.15 8.11 1.12
CA LEU H 251 53.07 8.37 2.22
C LEU H 251 52.33 8.93 3.42
N ALA H 252 51.29 9.72 3.15
CA ALA H 252 50.49 10.29 4.22
C ALA H 252 49.60 9.22 4.86
N ALA H 253 49.39 8.13 4.12
CA ALA H 253 48.54 7.04 4.60
C ALA H 253 49.31 6.04 5.46
N GLY H 254 50.60 6.31 5.67
CA GLY H 254 51.39 5.49 6.57
C GLY H 254 52.63 4.85 5.98
N ALA H 255 52.74 4.85 4.65
CA ALA H 255 53.87 4.22 3.98
C ALA H 255 55.15 5.06 4.05
N HIS H 256 56.29 4.38 4.23
CA HIS H 256 57.58 5.05 4.24
C HIS H 256 58.03 5.40 2.83
N VAL H 257 57.86 4.44 1.93
CA VAL H 257 58.34 4.57 0.56
C VAL H 257 57.29 3.98 -0.38
N VAL H 258 57.20 4.50 -1.60
CA VAL H 258 56.31 3.95 -2.62
C VAL H 258 57.09 3.18 -3.67
N MET H 259 56.43 2.24 -4.35
CA MET H 259 57.03 1.53 -5.47
C MET H 259 56.25 1.79 -6.75
N LEU H 260 56.98 2.10 -7.83
CA LEU H 260 56.33 2.46 -9.09
C LEU H 260 56.73 1.52 -10.23
N GLY H 261 55.77 1.23 -11.10
CA GLY H 261 56.01 0.41 -12.26
C GLY H 261 55.73 1.16 -13.56
N SER H 262 54.50 1.64 -13.72
CA SER H 262 54.09 2.30 -14.95
C SER H 262 54.74 3.67 -15.13
N MET H 263 55.02 4.34 -14.02
CA MET H 263 55.61 5.67 -14.08
C MET H 263 57.11 5.66 -14.37
N PHE H 264 57.69 4.46 -14.42
CA PHE H 264 59.12 4.31 -14.69
C PHE H 264 59.37 3.55 -15.99
N ALA H 265 58.35 2.84 -16.45
CA ALA H 265 58.47 1.99 -17.62
C ALA H 265 58.79 2.75 -18.90
N GLY H 266 58.42 4.02 -18.95
CA GLY H 266 58.58 4.82 -20.14
C GLY H 266 59.89 5.56 -20.26
N VAL H 267 60.77 5.40 -19.26
CA VAL H 267 62.05 6.10 -19.28
C VAL H 267 63.09 5.38 -20.14
N ALA H 268 64.24 6.01 -20.31
CA ALA H 268 65.28 5.49 -21.20
C ALA H 268 66.11 4.38 -20.56
N GLU H 269 66.13 4.33 -19.23
CA GLU H 269 66.94 3.35 -18.50
C GLU H 269 66.20 2.04 -18.27
N SER H 270 64.93 2.00 -18.63
CA SER H 270 64.12 0.79 -18.45
C SER H 270 64.40 -0.23 -19.56
N PRO H 271 64.37 -1.52 -19.20
CA PRO H 271 64.63 -2.62 -20.14
C PRO H 271 63.62 -2.61 -21.28
N GLY H 272 64.08 -2.89 -22.48
CA GLY H 272 63.22 -2.86 -23.66
C GLY H 272 63.65 -1.76 -24.61
N GLU H 273 63.15 -1.83 -25.85
CA GLU H 273 63.52 -0.87 -26.87
C GLU H 273 62.35 0.06 -27.18
N THR H 274 62.67 1.31 -27.50
CA THR H 274 61.64 2.30 -27.82
C THR H 274 60.98 1.97 -29.15
N GLU H 275 59.65 1.91 -29.15
CA GLU H 275 58.89 1.55 -30.34
C GLU H 275 57.96 2.69 -30.75
N ILE H 276 57.70 2.81 -32.04
CA ILE H 276 56.86 3.90 -32.55
C ILE H 276 55.48 3.41 -32.98
N TYR H 277 54.45 4.07 -32.48
CA TYR H 277 53.08 3.71 -32.79
C TYR H 277 52.23 4.96 -33.00
N GLN H 278 51.58 5.03 -34.15
CA GLN H 278 50.69 6.14 -34.49
C GLN H 278 51.36 7.50 -34.38
N GLY H 279 52.65 7.56 -34.71
CA GLY H 279 53.36 8.82 -34.74
C GLY H 279 54.34 9.03 -33.61
N ARG H 280 53.90 8.76 -32.38
CA ARG H 280 54.76 8.94 -31.22
C ARG H 280 55.40 7.64 -30.75
N GLN H 281 56.41 7.77 -29.89
CA GLN H 281 57.19 6.62 -29.44
C GLN H 281 56.66 6.06 -28.13
N PHE H 282 56.71 4.74 -27.99
CA PHE H 282 56.24 4.08 -26.79
C PHE H 282 57.28 3.08 -26.27
N LYS H 283 56.90 2.30 -25.27
CA LYS H 283 57.79 1.30 -24.70
C LYS H 283 56.95 0.19 -24.06
N VAL H 284 57.41 -1.04 -24.17
CA VAL H 284 56.64 -2.19 -23.68
C VAL H 284 56.52 -2.21 -22.16
N TYR H 285 55.29 -2.33 -21.68
CA TYR H 285 55.04 -2.49 -20.25
C TYR H 285 54.01 -3.59 -20.02
N ARG H 286 54.41 -4.63 -19.29
CA ARG H 286 53.54 -5.77 -19.09
C ARG H 286 53.62 -6.26 -17.65
N GLY H 287 52.56 -6.93 -17.21
CA GLY H 287 52.54 -7.53 -15.89
C GLY H 287 53.48 -8.71 -15.82
N MET H 288 54.00 -8.96 -14.62
CA MET H 288 54.88 -10.09 -14.38
C MET H 288 54.06 -11.38 -14.36
N GLY H 289 52.74 -11.23 -14.41
CA GLY H 289 51.83 -12.35 -14.42
C GLY H 289 51.06 -12.43 -15.73
N SER H 290 51.52 -11.66 -16.71
CA SER H 290 50.96 -11.72 -18.06
C SER H 290 51.51 -12.94 -18.80
N VAL H 291 50.85 -13.32 -19.88
CA VAL H 291 51.24 -14.48 -20.66
C VAL H 291 52.69 -14.37 -21.15
N GLY H 292 53.04 -13.20 -21.67
CA GLY H 292 54.37 -12.97 -22.21
C GLY H 292 55.47 -13.09 -21.16
N ALA H 293 55.18 -12.61 -19.96
CA ALA H 293 56.17 -12.65 -18.89
C ALA H 293 56.32 -14.06 -18.33
N MET H 294 55.23 -14.82 -18.35
CA MET H 294 55.24 -16.17 -17.78
C MET H 294 55.90 -17.20 -18.70
N GLU H 295 56.06 -16.85 -19.98
CA GLU H 295 56.73 -17.73 -20.94
C GLU H 295 58.22 -17.85 -20.61
N LYS H 296 58.79 -16.78 -20.09
CA LYS H 296 60.19 -16.76 -19.70
C LYS H 296 60.33 -16.73 -18.18
N LEU H 310 49.10 -22.25 -14.00
CA LEU H 310 48.49 -21.04 -13.46
C LEU H 310 47.96 -20.12 -14.56
N VAL H 311 46.83 -19.48 -14.27
CA VAL H 311 46.16 -18.58 -15.20
C VAL H 311 46.72 -17.15 -15.05
N PRO H 312 46.72 -16.36 -16.14
CA PRO H 312 47.30 -15.01 -16.09
C PRO H 312 46.56 -14.09 -15.12
N GLU H 313 47.31 -13.19 -14.47
CA GLU H 313 46.73 -12.20 -13.58
C GLU H 313 47.29 -10.82 -13.92
N GLY H 314 47.91 -10.73 -15.09
CA GLY H 314 48.46 -9.48 -15.57
C GLY H 314 48.07 -9.24 -17.01
N ILE H 315 48.54 -8.13 -17.56
CA ILE H 315 48.22 -7.76 -18.94
C ILE H 315 49.47 -7.24 -19.64
N GLU H 316 49.45 -7.21 -20.97
CA GLU H 316 50.57 -6.67 -21.75
C GLU H 316 50.18 -5.40 -22.48
N GLY H 317 50.99 -4.35 -22.32
CA GLY H 317 50.68 -3.09 -22.96
C GLY H 317 51.89 -2.22 -23.29
N ARG H 318 51.62 -0.93 -23.48
CA ARG H 318 52.68 0.03 -23.75
C ARG H 318 52.42 1.37 -23.06
N VAL H 319 53.50 2.09 -22.77
CA VAL H 319 53.41 3.42 -22.17
C VAL H 319 54.27 4.40 -22.98
N PRO H 320 53.88 5.69 -23.00
CA PRO H 320 54.63 6.72 -23.73
C PRO H 320 56.07 6.87 -23.24
N TYR H 321 56.99 7.12 -24.16
CA TYR H 321 58.39 7.34 -23.81
C TYR H 321 58.56 8.69 -23.13
N LYS H 322 59.36 8.74 -22.07
CA LYS H 322 59.44 9.92 -21.22
C LYS H 322 60.82 10.57 -21.16
N GLY H 323 61.80 9.97 -21.83
CA GLY H 323 63.17 10.44 -21.75
C GLY H 323 63.88 9.83 -20.56
N PRO H 324 64.98 10.45 -20.10
CA PRO H 324 65.74 9.92 -18.96
C PRO H 324 64.93 9.89 -17.66
N LEU H 325 65.37 9.08 -16.70
CA LEU H 325 64.68 8.92 -15.42
C LEU H 325 64.66 10.21 -14.61
N ALA H 326 65.70 11.03 -14.80
CA ALA H 326 65.86 12.27 -14.04
C ALA H 326 64.64 13.19 -14.13
N ASP H 327 64.12 13.36 -15.34
CA ASP H 327 62.99 14.25 -15.58
C ASP H 327 61.76 13.81 -14.78
N THR H 328 61.43 12.53 -14.89
CA THR H 328 60.27 11.98 -14.18
C THR H 328 60.41 12.17 -12.68
N VAL H 329 61.57 11.79 -12.15
CA VAL H 329 61.83 11.89 -10.71
C VAL H 329 61.68 13.32 -10.19
N HIS H 330 62.24 14.28 -10.92
CA HIS H 330 62.15 15.68 -10.54
C HIS H 330 60.69 16.14 -10.42
N GLN H 331 59.83 15.62 -11.29
CA GLN H 331 58.41 15.95 -11.24
C GLN H 331 57.73 15.30 -10.04
N LEU H 332 58.09 14.04 -9.77
CA LEU H 332 57.56 13.32 -8.63
C LEU H 332 57.97 13.97 -7.31
N VAL H 333 59.26 14.20 -7.13
CA VAL H 333 59.78 14.80 -5.90
C VAL H 333 59.22 16.21 -5.70
N GLY H 334 59.16 16.97 -6.80
CA GLY H 334 58.61 18.32 -6.77
C GLY H 334 57.18 18.34 -6.29
N GLY H 335 56.37 17.40 -6.77
CA GLY H 335 54.99 17.28 -6.34
C GLY H 335 54.91 16.83 -4.90
N LEU H 336 55.86 15.99 -4.50
CA LEU H 336 55.95 15.55 -3.12
C LEU H 336 56.29 16.72 -2.20
N ARG H 337 57.21 17.58 -2.65
CA ARG H 337 57.60 18.76 -1.89
C ARG H 337 56.44 19.74 -1.75
N ALA H 338 55.66 19.89 -2.81
CA ALA H 338 54.50 20.75 -2.79
C ALA H 338 53.48 20.27 -1.76
N GLY H 339 53.20 18.97 -1.78
CA GLY H 339 52.24 18.37 -0.87
C GLY H 339 52.64 18.52 0.58
N MET H 340 53.90 18.28 0.88
CA MET H 340 54.39 18.39 2.24
C MET H 340 54.32 19.83 2.73
N GLY H 341 54.55 20.78 1.81
CA GLY H 341 54.45 22.19 2.12
C GLY H 341 53.04 22.57 2.55
N TYR H 342 52.05 22.05 1.85
CA TYR H 342 50.65 22.31 2.17
C TYR H 342 50.26 21.71 3.51
N CYS H 343 50.86 20.58 3.86
CA CYS H 343 50.49 19.82 5.04
C CYS H 343 51.31 20.19 6.28
N GLY H 344 52.35 21.00 6.07
CA GLY H 344 53.18 21.44 7.17
C GLY H 344 54.23 20.43 7.60
N ALA H 345 54.62 19.55 6.67
CA ALA H 345 55.57 18.50 6.99
C ALA H 345 56.99 18.85 6.54
N GLN H 346 57.86 19.11 7.51
CA GLN H 346 59.26 19.36 7.20
C GLN H 346 59.96 18.05 6.79
N ASP H 347 59.43 16.93 7.27
CA ASP H 347 59.95 15.62 6.90
C ASP H 347 58.81 14.61 6.75
N LEU H 348 59.14 13.43 6.24
CA LEU H 348 58.13 12.42 5.95
C LEU H 348 57.50 11.82 7.21
N GLU H 349 58.19 11.90 8.33
CA GLU H 349 57.66 11.36 9.58
C GLU H 349 56.45 12.16 10.04
N PHE H 350 56.60 13.49 10.01
CA PHE H 350 55.50 14.38 10.35
C PHE H 350 54.31 14.13 9.44
N LEU H 351 54.60 13.83 8.18
CA LEU H 351 53.55 13.56 7.20
C LEU H 351 52.72 12.35 7.60
N ARG H 352 53.40 11.27 7.97
CA ARG H 352 52.71 10.03 8.34
C ARG H 352 51.90 10.18 9.62
N GLU H 353 52.41 10.99 10.54
CA GLU H 353 51.82 11.09 11.87
C GLU H 353 50.73 12.16 11.99
N ASN H 354 50.72 13.11 11.06
CA ASN H 354 49.86 14.29 11.22
C ASN H 354 48.93 14.64 10.05
N ALA H 355 49.22 14.13 8.86
CA ALA H 355 48.43 14.49 7.69
C ALA H 355 46.99 13.99 7.80
N GLN H 356 46.06 14.82 7.36
CA GLN H 356 44.64 14.49 7.43
C GLN H 356 44.03 14.38 6.04
N PHE H 357 43.15 13.40 5.86
CA PHE H 357 42.46 13.24 4.59
C PHE H 357 41.04 13.78 4.66
N ILE H 358 40.45 14.03 3.50
CA ILE H 358 39.02 14.28 3.40
C ILE H 358 38.45 13.46 2.23
N ARG H 359 37.33 12.80 2.49
CA ARG H 359 36.73 11.91 1.49
C ARG H 359 35.83 12.70 0.53
N MET H 360 35.84 12.30 -0.74
CA MET H 360 35.02 12.97 -1.76
C MET H 360 34.42 11.96 -2.73
N SER H 361 33.43 12.41 -3.49
CA SER H 361 32.76 11.55 -4.47
C SER H 361 33.45 11.64 -5.83
N GLY H 362 32.83 11.03 -6.84
CA GLY H 362 33.32 11.10 -8.20
C GLY H 362 33.20 12.51 -8.75
N ALA H 363 32.23 13.26 -8.25
CA ALA H 363 32.06 14.66 -8.63
C ALA H 363 33.22 15.50 -8.09
N GLY H 364 33.72 15.11 -6.92
CA GLY H 364 34.88 15.77 -6.35
C GLY H 364 36.12 15.49 -7.16
N LEU H 365 36.24 14.25 -7.64
CA LEU H 365 37.38 13.86 -8.47
C LEU H 365 37.37 14.59 -9.80
N LEU H 366 36.18 14.75 -10.36
CA LEU H 366 36.01 15.45 -11.63
C LEU H 366 36.44 16.90 -11.51
N GLU H 367 36.13 17.50 -10.36
CA GLU H 367 36.52 18.87 -10.07
C GLU H 367 38.03 18.96 -9.82
N SER H 368 38.57 17.94 -9.16
CA SER H 368 39.98 17.91 -8.77
C SER H 368 40.92 17.93 -9.98
N HIS H 369 40.53 17.23 -11.04
CA HIS H 369 41.28 17.28 -12.29
C HIS H 369 40.82 18.48 -13.09
N PRO H 370 41.65 18.96 -14.04
CA PRO H 370 41.21 20.05 -14.92
C PRO H 370 39.87 19.72 -15.57
N HIS H 371 38.99 20.71 -15.70
CA HIS H 371 37.67 20.46 -16.23
C HIS H 371 37.17 21.63 -17.06
N HIS H 372 36.33 21.34 -18.06
CA HIS H 372 35.70 22.37 -18.87
C HIS H 372 36.68 23.33 -19.53
N VAL H 373 37.82 22.78 -19.95
CA VAL H 373 38.81 23.50 -20.75
C VAL H 373 39.30 22.56 -21.83
N GLN H 374 39.87 23.13 -22.88
CA GLN H 374 40.47 22.36 -23.94
C GLN H 374 41.99 22.40 -23.81
N ILE H 375 42.55 21.42 -23.12
CA ILE H 375 44.00 21.35 -22.90
C ILE H 375 44.77 21.35 -24.23
N THR H 376 45.66 22.31 -24.40
CA THR H 376 46.35 22.51 -25.67
C THR H 376 47.80 22.05 -25.63
N LYS H 377 48.42 22.15 -24.46
CA LYS H 377 49.78 21.67 -24.28
C LYS H 377 49.81 20.61 -23.19
N GLU H 378 50.65 19.60 -23.38
CA GLU H 378 50.85 18.59 -22.36
C GLU H 378 51.74 19.18 -21.28
N ALA H 379 51.51 18.77 -20.04
CA ALA H 379 52.31 19.29 -18.94
C ALA H 379 53.36 18.25 -18.56
N PRO H 380 54.51 18.70 -18.04
CA PRO H 380 55.58 17.78 -17.64
C PRO H 380 55.14 16.82 -16.53
N ASN H 381 54.03 17.11 -15.87
CA ASN H 381 53.57 16.29 -14.75
C ASN H 381 52.10 15.88 -14.85
N TYR H 382 51.44 16.27 -15.95
CA TYR H 382 50.05 15.89 -16.14
C TYR H 382 49.78 15.37 -17.55
N SER H 383 49.52 14.06 -17.63
CA SER H 383 49.26 13.36 -18.89
C SER H 383 50.40 13.56 -19.88
P IMP I . -12.37 -15.71 22.50
O1P IMP I . -12.28 -14.79 23.69
O2P IMP I . -11.14 -15.86 21.62
O3P IMP I . -13.51 -15.24 21.63
O5' IMP I . -12.78 -17.15 23.05
C5' IMP I . -11.84 -18.21 23.14
C4' IMP I . -12.50 -19.46 23.68
O4' IMP I . -13.04 -20.24 22.59
C3' IMP I . -11.62 -20.43 24.44
O3' IMP I . -11.40 -20.05 25.79
C2' IMP I . -12.38 -21.74 24.30
O2' IMP I . -13.46 -21.79 25.22
C1' IMP I . -12.95 -21.62 22.89
N9 IMP I . -12.11 -22.28 21.87
C8 IMP I . -10.75 -22.33 21.81
N7 IMP I . -10.38 -23.02 20.72
C5 IMP I . -11.50 -23.42 20.06
C6 IMP I . -11.69 -24.15 18.89
O6 IMP I . -10.74 -24.41 18.15
N1 IMP I . -12.98 -24.41 18.45
C2 IMP I . -14.05 -23.93 19.18
N3 IMP I . -13.85 -23.21 20.33
C4 IMP I . -12.59 -22.96 20.77
O C91 J . -13.48 -32.46 20.10
C13 C91 J . -13.97 -31.89 19.15
N4 C91 J . -15.34 -32.03 18.77
C4 C91 J . -16.35 -32.86 19.37
C2 C91 J . -17.64 -32.83 18.88
C5 C91 J . -18.66 -33.63 19.45
C18 C91 J . -18.34 -34.48 20.56
C25 C91 J . -19.38 -35.31 21.16
C26 C91 J . -19.06 -36.14 22.28
C27 C91 J . -17.76 -36.17 22.78
C28 C91 J . -16.76 -35.37 22.20
C16 C91 J . -17.08 -34.50 21.06
C12 C91 J . -16.06 -33.68 20.47
C17 C91 J . -13.11 -30.98 18.35
N1 C91 J . -11.76 -30.71 18.88
C6 C91 J . -11.36 -29.65 19.63
C37 C91 J . -12.23 -28.50 20.17
C38 C91 J . -11.71 -27.74 21.24
C39 C91 J . -12.47 -26.69 21.77
C40 C91 J . -13.74 -26.44 21.23
C41 C91 J . -14.20 -27.24 20.18
N42 C91 J . -13.45 -28.23 19.68
N3 C91 J . -10.04 -29.78 19.89
C11 C91 J . -9.55 -30.93 19.29
C10 C91 J . -10.63 -31.51 18.65
C1 C91 J . -10.46 -32.72 17.92
C3 C91 J . -9.19 -33.35 17.85
C14 C91 J . -8.08 -32.76 18.50
C9 C91 J . -8.24 -31.57 19.21
C1 MLI K . -33.89 -14.67 27.39
C2 MLI K . -32.77 -15.61 27.66
C3 MLI K . -34.96 -15.08 26.44
O6 MLI K . -33.00 -16.85 27.77
O7 MLI K . -31.59 -15.18 27.77
O8 MLI K . -36.06 -15.50 26.88
O9 MLI K . -34.76 -15.02 25.20
P IMP L . -24.44 13.47 18.61
O1P IMP L . -24.76 12.06 18.16
O2P IMP L . -25.48 14.40 18.01
O3P IMP L . -22.99 13.75 18.31
O5' IMP L . -24.63 13.55 20.19
C5' IMP L . -23.61 14.09 21.04
C4' IMP L . -23.96 13.91 22.50
O4' IMP L . -23.29 12.72 23.00
C3' IMP L . -23.51 15.02 23.45
O3' IMP L . -24.43 16.09 23.50
C2' IMP L . -23.38 14.29 24.77
O2' IMP L . -24.64 14.13 25.40
C1' IMP L . -22.87 12.92 24.32
N9 IMP L . -21.40 12.84 24.39
C8 IMP L . -20.47 13.80 24.05
N7 IMP L . -19.24 13.30 24.29
C5 IMP L . -19.36 12.05 24.77
C6 IMP L . -18.42 11.10 25.17
O6 IMP L . -17.23 11.26 24.88
N1 IMP L . -18.85 9.88 25.62
C2 IMP L . -20.20 9.60 25.69
N3 IMP L . -21.13 10.54 25.30
C4 IMP L . -20.72 11.74 24.84
O C91 M . -17.43 10.29 33.63
C13 C91 M . -17.17 9.31 32.95
N4 C91 M . -17.66 8.00 33.25
C4 C91 M . -18.50 7.57 34.34
C2 C91 M . -18.95 6.26 34.37
C5 C91 M . -19.78 5.81 35.43
C18 C91 M . -20.15 6.69 36.48
C25 C91 M . -20.99 6.23 37.57
C26 C91 M . -21.35 7.13 38.62
C27 C91 M . -20.90 8.46 38.60
C28 C91 M . -20.08 8.90 37.53
C16 C91 M . -19.70 7.98 36.46
C12 C91 M . -18.87 8.44 35.38
C17 C91 M . -16.30 9.50 31.77
N1 C91 M . -15.94 10.87 31.38
C6 C91 M . -16.61 11.72 30.55
C37 C91 M . -17.93 11.46 29.80
C38 C91 M . -18.57 12.55 29.21
C39 C91 M . -19.79 12.37 28.53
C40 C91 M . -20.33 11.08 28.49
C41 C91 M . -19.64 10.03 29.11
N42 C91 M . -18.49 10.23 29.75
N3 C91 M . -15.93 12.88 30.48
C11 C91 M . -14.79 12.81 31.28
C10 C91 M . -14.80 11.56 31.85
C1 C91 M . -13.75 11.18 32.73
C3 C91 M . -12.70 12.07 33.02
C14 C91 M . -12.70 13.37 32.44
C9 C91 M . -13.72 13.75 31.59
C1 MLI N . -41.95 0.49 23.32
C2 MLI N . -41.20 1.55 24.04
C3 MLI N . -41.38 -0.88 23.29
O6 MLI N . -41.30 1.65 25.29
O7 MLI N . -40.46 2.34 23.41
O8 MLI N . -42.07 -1.88 23.65
O9 MLI N . -40.20 -1.06 22.88
C1 MLI O . -37.84 28.02 36.82
C2 MLI O . -37.70 29.41 36.28
C3 MLI O . -37.35 27.75 38.19
O6 MLI O . -36.82 30.18 36.74
O7 MLI O . -38.47 29.81 35.36
O8 MLI O . -37.60 28.57 39.12
O9 MLI O . -36.71 26.70 38.44
P IMP P . -27.57 -25.23 -3.59
O1P IMP P . -27.00 -26.32 -2.73
O2P IMP P . -26.73 -24.73 -4.75
O3P IMP P . -27.87 -24.03 -2.71
O5' IMP P . -28.96 -25.76 -4.15
C5' IMP P . -29.11 -26.32 -5.45
C4' IMP P . -30.55 -26.64 -5.74
O4' IMP P . -31.22 -25.45 -6.23
C3' IMP P . -30.82 -27.69 -6.79
O3' IMP P . -30.73 -29.01 -6.29
C2' IMP P . -32.23 -27.33 -7.27
O2' IMP P . -33.21 -27.87 -6.40
C1' IMP P . -32.23 -25.81 -7.13
N9 IMP P . -31.99 -25.15 -8.43
C8 IMP P . -31.09 -25.52 -9.39
N7 IMP P . -31.18 -24.65 -10.42
C5 IMP P . -32.12 -23.73 -10.13
C6 IMP P . -32.59 -22.62 -10.81
O6 IMP P . -32.10 -22.30 -11.90
N1 IMP P . -33.57 -21.83 -10.25
C2 IMP P . -34.07 -22.15 -9.01
N3 IMP P . -33.60 -23.25 -8.32
C4 IMP P . -32.63 -24.03 -8.87
O C91 Q . -40.49 -23.34 -14.96
C13 C91 Q . -40.12 -22.38 -14.31
N4 C91 Q . -40.96 -21.66 -13.42
C4 C91 Q . -42.35 -21.90 -13.12
C2 C91 Q . -43.09 -20.93 -12.48
C5 C91 Q . -44.46 -21.15 -12.17
C18 C91 Q . -45.07 -22.40 -12.51
C25 C91 Q . -46.48 -22.64 -12.20
C26 C91 Q . -47.09 -23.87 -12.54
C27 C91 Q . -46.33 -24.86 -13.19
C28 C91 Q . -44.98 -24.63 -13.49
C16 C91 Q . -44.35 -23.35 -13.14
C12 C91 Q . -42.96 -23.12 -13.45
C17 C91 Q . -38.72 -21.94 -14.47
N1 C91 Q . -37.75 -22.90 -15.05
C6 C91 Q . -36.86 -23.69 -14.39
C37 C91 Q . -36.63 -23.83 -12.88
C38 C91 Q . -35.71 -24.79 -12.45
C39 C91 Q . -35.46 -24.95 -11.08
C40 C91 Q . -36.17 -24.15 -10.18
C41 C91 Q . -37.08 -23.20 -10.67
N42 C91 Q . -37.29 -23.06 -11.99
N3 C91 Q . -36.17 -24.41 -15.32
C11 C91 Q . -36.62 -24.08 -16.59
C10 C91 Q . -37.60 -23.13 -16.42
C1 C91 Q . -38.26 -22.58 -17.56
C3 C91 Q . -37.91 -23.01 -18.86
C14 C91 Q . -36.89 -23.98 -19.05
C9 C91 Q . -36.25 -24.51 -17.93
C1 MLI R . -40.61 -48.46 -4.47
C2 MLI R . -42.02 -48.01 -4.33
C3 MLI R . -40.18 -49.59 -3.59
O6 MLI R . -42.51 -47.85 -3.19
O7 MLI R . -42.72 -47.80 -5.35
O8 MLI R . -40.64 -50.75 -3.79
O9 MLI R . -39.36 -49.39 -2.65
C1 MLI S . -41.62 -22.24 13.28
C2 MLI S . -41.40 -23.11 12.08
C3 MLI S . -41.95 -20.80 13.11
O6 MLI S . -42.36 -23.44 11.34
O7 MLI S . -40.23 -23.50 11.79
O8 MLI S . -42.72 -20.24 13.95
O9 MLI S . -41.48 -20.12 12.16
P IMP T . -39.67 4.01 -7.48
O1P IMP T . -38.84 3.53 -6.30
O2P IMP T . -40.36 2.82 -8.08
O3P IMP T . -38.78 4.86 -8.37
O5' IMP T . -40.82 4.96 -6.91
C5' IMP T . -41.16 6.17 -7.56
C4' IMP T . -42.27 6.88 -6.83
O4' IMP T . -41.71 7.64 -5.73
C3' IMP T . -43.07 7.91 -7.62
O3' IMP T . -44.07 7.34 -8.44
C2' IMP T . -43.62 8.81 -6.52
O2' IMP T . -44.75 8.21 -5.91
C1' IMP T . -42.47 8.82 -5.52
N9 IMP T . -41.60 9.99 -5.70
C8 IMP T . -41.18 10.55 -6.87
N7 IMP T . -40.39 11.61 -6.59
C5 IMP T . -40.30 11.73 -5.24
C6 IMP T . -39.63 12.62 -4.42
O6 IMP T . -38.78 13.38 -4.89
N1 IMP T . -39.72 12.48 -3.05
C2 IMP T . -40.48 11.46 -2.51
N3 IMP T . -41.14 10.57 -3.33
C4 IMP T . -41.06 10.71 -4.68
O C91 U . -44.51 19.05 -0.85
C13 C91 U . -43.64 18.46 -0.27
N4 C91 U . -43.75 17.98 1.09
C4 C91 U . -44.87 18.12 1.98
C2 C91 U . -44.74 17.78 3.31
C5 C91 U . -45.85 17.91 4.20
C18 C91 U . -47.09 18.40 3.71
C25 C91 U . -48.23 18.55 4.61
C26 C91 U . -49.47 19.04 4.11
C27 C91 U . -49.59 19.39 2.77
C28 C91 U . -48.50 19.26 1.90
C16 C91 U . -47.23 18.75 2.41
C12 C91 U . -46.10 18.60 1.51
C17 C91 U . -42.38 18.19 -0.99
N1 C91 U . -42.43 18.33 -2.46
C6 C91 U . -42.63 17.35 -3.37
C37 C91 U . -42.89 15.86 -3.08
C38 C91 U . -43.82 15.16 -3.86
C39 C91 U . -44.08 13.82 -3.61
C40 C91 U . -43.40 13.19 -2.56
C41 C91 U . -42.48 13.95 -1.81
N42 C91 U . -42.25 15.24 -2.07
N3 C91 U . -42.60 17.90 -4.61
C11 C91 U . -42.35 19.27 -4.51
C10 C91 U . -42.24 19.53 -3.15
C1 C91 U . -41.99 20.87 -2.70
C3 C91 U . -41.85 21.92 -3.63
C14 C91 U . -41.97 21.65 -5.03
C9 C91 U . -42.21 20.36 -5.46
C1 MLI V . -49.07 -6.93 9.50
C2 MLI V . -49.43 -5.95 8.43
C3 MLI V . -48.03 -6.61 10.53
O6 MLI V . -50.00 -4.86 8.72
O7 MLI V . -49.17 -6.20 7.22
O8 MLI V . -48.37 -6.40 11.72
O9 MLI V . -46.80 -6.55 10.22
P IMP W . 10.32 14.98 -19.64
O1P IMP W . 9.26 13.94 -19.42
O2P IMP W . 10.60 15.44 -21.06
O3P IMP W . 11.62 14.47 -19.03
O5' IMP W . 9.88 16.25 -18.78
C5' IMP W . 8.99 17.24 -19.27
C4' IMP W . 8.52 18.15 -18.17
O4' IMP W . 9.54 19.14 -17.89
C3' IMP W . 7.27 18.98 -18.45
O3' IMP W . 6.07 18.26 -18.24
C2' IMP W . 7.43 20.18 -17.52
O2' IMP W . 7.01 19.86 -16.19
C1' IMP W . 8.95 20.36 -17.51
N9 IMP W . 9.38 21.41 -18.45
C8 IMP W . 8.81 21.78 -19.63
N7 IMP W . 9.53 22.79 -20.17
C5 IMP W . 10.57 23.06 -19.35
C6 IMP W . 11.60 24.00 -19.42
O6 IMP W . 11.79 24.65 -20.45
N1 IMP W . 12.54 24.05 -18.41
C2 IMP W . 12.43 23.19 -17.33
N3 IMP W . 11.41 22.27 -17.26
C4 IMP W . 10.49 22.21 -18.25
O C91 X . 9.73 31.54 -15.09
C13 C91 X . 10.81 30.98 -15.07
N4 C91 X . 11.58 30.76 -13.89
C4 C91 X . 11.24 31.15 -12.54
C2 C91 X . 12.18 31.02 -11.53
C5 C91 X . 11.87 31.39 -10.19
C18 C91 X . 10.57 31.90 -9.89
C25 C91 X . 10.25 32.28 -8.52
C26 C91 X . 8.95 32.80 -8.22
C27 C91 X . 7.99 32.93 -9.23
C28 C91 X . 8.31 32.57 -10.55
C16 C91 X . 9.65 32.03 -10.86
C12 C91 X . 9.97 31.66 -12.22
C17 C91 X . 11.33 30.48 -16.36
N1 C91 X . 10.34 30.24 -17.44
C6 C91 X . 9.75 29.07 -17.78
C37 C91 X . 9.94 27.69 -17.13
C38 C91 X . 8.94 26.73 -17.32
C39 C91 X . 9.07 25.46 -16.73
C40 C91 X . 10.21 25.20 -15.96
C41 C91 X . 11.18 26.20 -15.81
N42 C91 X . 11.03 27.41 -16.39
N3 C91 X . 8.91 29.30 -18.82
C11 C91 X . 8.95 30.64 -19.18
C10 C91 X . 9.85 31.23 -18.31
C1 C91 X . 10.12 32.63 -18.41
C3 C91 X . 9.49 33.42 -19.40
C14 C91 X . 8.56 32.81 -20.29
C9 C91 X . 8.30 31.45 -20.20
C1 MLI Y . 14.77 8.88 1.06
C2 MLI Y . 13.97 9.85 0.25
C3 MLI Y . 16.15 9.27 1.42
O6 MLI Y . 13.43 10.84 0.81
O7 MLI Y . 13.83 9.69 -0.99
O8 MLI Y . 16.47 9.46 2.62
O9 MLI Y . 17.02 9.43 0.52
P IMP Z . 37.99 28.78 -12.58
O1P IMP Z . 37.61 27.33 -12.33
O2P IMP Z . 36.74 29.62 -12.60
O3P IMP Z . 38.90 28.83 -13.78
O5' IMP Z . 38.83 29.25 -11.31
C5' IMP Z . 40.06 29.96 -11.46
C4' IMP Z . 40.78 30.11 -10.15
O4' IMP Z . 41.70 29.01 -9.98
C3' IMP Z . 41.64 31.35 -10.00
O3' IMP Z . 40.90 32.50 -9.61
C2' IMP Z . 42.66 30.93 -8.95
O2' IMP Z . 42.12 31.01 -7.65
C1' IMP Z . 42.86 29.45 -9.31
N9 IMP Z . 44.04 29.24 -10.18
C8 IMP Z . 44.46 30.03 -11.21
N7 IMP Z . 45.58 29.49 -11.74
C5 IMP Z . 45.87 28.35 -11.07
C6 IMP Z . 46.88 27.41 -11.20
O6 IMP Z . 47.58 27.39 -12.23
N1 IMP Z . 46.92 26.32 -10.36
C2 IMP Z . 45.95 26.18 -9.39
N3 IMP Z . 44.94 27.12 -9.26
C4 IMP Z . 44.90 28.18 -10.09
O C91 AA . 53.28 28.18 -5.43
C13 C91 AA . 53.02 27.09 -5.87
N4 C91 AA . 52.88 25.92 -5.06
C4 C91 AA . 53.03 25.81 -3.63
C2 C91 AA . 52.80 24.61 -2.99
C5 C91 AA . 52.93 24.50 -1.59
C18 C91 AA . 53.32 25.64 -0.81
C25 C91 AA . 53.46 25.53 0.63
C26 C91 AA . 53.84 26.68 1.39
C27 C91 AA . 54.08 27.89 0.75
C28 C91 AA . 53.94 28.00 -0.64
C16 C91 AA . 53.54 26.82 -1.43
C12 C91 AA . 53.40 26.93 -2.86
C17 C91 AA . 52.83 26.95 -7.32
N1 C91 AA . 52.64 28.19 -8.11
C6 C91 AA . 51.48 28.84 -8.37
C37 C91 AA . 50.05 28.45 -7.91
C38 C91 AA . 49.07 29.43 -7.94
C39 C91 AA . 47.76 29.12 -7.52
C40 C91 AA . 47.50 27.82 -7.08
C41 C91 AA . 48.54 26.88 -7.09
N42 C91 AA . 49.78 27.21 -7.50
N3 C91 AA . 51.75 29.94 -9.11
C11 C91 AA . 53.13 30.01 -9.34
C10 C91 AA . 53.68 28.92 -8.71
C1 C91 AA . 55.09 28.69 -8.76
C3 C91 AA . 55.93 29.60 -9.46
C14 C91 AA . 55.37 30.72 -10.11
C9 C91 AA . 53.99 30.94 -10.06
P IMP BA . 24.49 -13.70 -18.43
O1P IMP BA . 25.45 -14.64 -17.74
O2P IMP BA . 24.37 -13.78 -19.93
O3P IMP BA . 24.86 -12.29 -18.04
O5' IMP BA . 23.07 -14.05 -17.81
C5' IMP BA . 22.14 -14.86 -18.51
C4' IMP BA . 20.94 -15.20 -17.64
O4' IMP BA . 19.97 -14.12 -17.73
C3' IMP BA . 20.16 -16.44 -18.02
O3' IMP BA . 20.72 -17.62 -17.49
C2' IMP BA . 18.76 -16.15 -17.47
O2' IMP BA . 18.70 -16.42 -16.07
C1' IMP BA . 18.66 -14.63 -17.68
N9 IMP BA . 17.98 -14.30 -18.95
C8 IMP BA . 18.05 -14.97 -20.15
N7 IMP BA . 17.27 -14.34 -21.04
C5 IMP BA . 16.69 -13.27 -20.45
C6 IMP BA . 15.82 -12.31 -20.92
O6 IMP BA . 15.58 -12.19 -22.12
N1 IMP BA . 15.38 -11.32 -20.06
C2 IMP BA . 15.83 -11.31 -18.75
N3 IMP BA . 16.70 -12.27 -18.29
C4 IMP BA . 17.13 -13.24 -19.12
O C91 CA . 7.38 -13.57 -18.78
C13 C91 CA . 7.84 -12.45 -18.90
N4 C91 CA . 7.66 -11.40 -17.95
C4 C91 CA . 6.92 -11.44 -16.71
C2 C91 CA . 6.74 -10.29 -15.96
C5 C91 CA . 6.03 -10.31 -14.74
C18 C91 CA . 5.47 -11.53 -14.27
C25 C91 CA . 4.74 -11.57 -13.01
C26 C91 CA . 4.18 -12.80 -12.54
C27 C91 CA . 4.34 -13.97 -13.29
C28 C91 CA . 5.05 -13.94 -14.50
C16 C91 CA . 5.63 -12.68 -14.99
C12 C91 CA . 6.36 -12.65 -16.23
C17 C91 CA . 8.64 -12.16 -20.12
N1 C91 CA . 9.13 -13.31 -20.91
C6 C91 CA . 10.31 -13.97 -20.77
C37 C91 CA . 11.42 -13.70 -19.75
C38 C91 CA . 12.31 -14.75 -19.44
C39 C91 CA . 13.34 -14.54 -18.51
C40 C91 CA . 13.45 -13.29 -17.91
C41 C91 CA . 12.54 -12.28 -18.27
N42 C91 CA . 11.56 -12.50 -19.16
N3 C91 CA . 10.36 -14.96 -21.69
C11 C91 CA . 9.19 -14.95 -22.46
C10 C91 CA . 8.42 -13.92 -21.96
C1 C91 CA . 7.15 -13.63 -22.54
C3 C91 CA . 6.68 -14.42 -23.62
C14 C91 CA . 7.46 -15.48 -24.13
C9 C91 CA . 8.70 -15.76 -23.57
C1 MLI DA . 24.58 -5.76 2.57
C2 MLI DA . 24.20 -4.34 2.27
C3 MLI DA . 23.92 -6.82 1.77
O6 MLI DA . 23.68 -3.62 3.14
O7 MLI DA . 24.42 -3.88 1.11
O8 MLI DA . 22.80 -7.26 2.10
O9 MLI DA . 24.50 -7.29 0.75
P IMP EA . 51.93 0.14 -11.26
O1P IMP EA . 50.43 0.26 -11.35
O2P IMP EA . 52.46 1.45 -10.71
O3P IMP EA . 52.42 -0.32 -12.61
O5' IMP EA . 52.29 -0.98 -10.20
C5' IMP EA . 53.08 -2.11 -10.54
C4' IMP EA . 53.06 -3.15 -9.45
O4' IMP EA . 52.03 -4.13 -9.73
C3' IMP EA . 54.33 -3.98 -9.28
O3' IMP EA . 55.31 -3.31 -8.51
C2' IMP EA . 53.82 -5.26 -8.63
O2' IMP EA . 53.63 -5.11 -7.24
C1' IMP EA . 52.44 -5.40 -9.29
N9 IMP EA . 52.46 -6.32 -10.45
C8 IMP EA . 53.45 -6.47 -11.39
N7 IMP EA . 53.07 -7.42 -12.27
C5 IMP EA . 51.85 -7.88 -11.92
C6 IMP EA . 51.01 -8.84 -12.48
O6 IMP EA . 51.21 -9.22 -13.63
N1 IMP EA . 49.80 -9.11 -11.88
C2 IMP EA . 49.43 -8.41 -10.74
N3 IMP EA . 50.26 -7.46 -10.19
C4 IMP EA . 51.46 -7.20 -10.77
O C91 FA . 51.18 -16.54 -8.73
C13 C91 FA . 50.17 -16.05 -9.21
N4 C91 FA . 48.89 -16.07 -8.57
C4 C91 FA . 48.56 -16.65 -7.28
C2 C91 FA . 47.26 -16.59 -6.83
C5 C91 FA . 46.90 -17.14 -5.57
C18 C91 FA . 47.90 -17.78 -4.76
C25 C91 FA . 47.55 -18.35 -3.47
C26 C91 FA . 48.56 -18.97 -2.68
C27 C91 FA . 49.87 -19.04 -3.14
C28 C91 FA . 50.21 -18.48 -4.39
C16 C91 FA . 49.18 -17.83 -5.20
C12 C91 FA . 49.53 -17.26 -6.48
C17 C91 FA . 50.29 -15.38 -10.52
N1 C91 FA . 51.65 -15.07 -10.99
C6 C91 FA . 52.36 -13.91 -10.82
C37 C91 FA . 51.93 -12.62 -10.10
C38 C91 FA . 52.93 -11.69 -9.79
C39 C91 FA . 52.58 -10.50 -9.12
C40 C91 FA . 51.24 -10.29 -8.79
C41 C91 FA . 50.29 -11.26 -9.13
N42 C91 FA . 50.65 -12.39 -9.77
N3 C91 FA . 53.57 -14.07 -11.42
C11 C91 FA . 53.67 -15.34 -11.98
C10 C91 FA . 52.46 -15.96 -11.71
C1 C91 FA . 52.23 -17.29 -12.16
C3 C91 FA . 53.24 -17.99 -12.88
C14 C91 FA . 54.47 -17.34 -13.16
C9 C91 FA . 54.69 -16.04 -12.72
C1 MLI GA . 38.66 3.10 4.98
C2 MLI GA . 37.43 3.52 5.71
C3 MLI GA . 39.93 3.04 5.76
O6 MLI GA . 37.52 3.99 6.87
O7 MLI GA . 36.30 3.40 5.15
O8 MLI GA . 40.21 2.03 6.46
O9 MLI GA . 40.73 4.02 5.72
#